data_9H2P
#
_entry.id   9H2P
#
_cell.length_a   1.00
_cell.length_b   1.00
_cell.length_c   1.00
_cell.angle_alpha   90.00
_cell.angle_beta   90.00
_cell.angle_gamma   90.00
#
_symmetry.space_group_name_H-M   'P 1'
#
loop_
_entity.id
_entity.type
_entity.pdbx_description
1 polymer 'Low conductance mechanosensitive channel YnaI'
2 non-polymer DODECANE
#
_entity_poly.entity_id   1
_entity_poly.type   'polypeptide(L)'
_entity_poly.pdbx_seq_one_letter_code
;AELFTNNALNLVIIFGSCAALILMSFWFRRGNRKRKGFLFHAVQFLIYTIIISAVGSIINYVIENYKLKFITPGVIDFIC
TSLIAVILTIKLFLLINQFEKQQAAKGRDITSARIMSRIIKITIIVVLVLLYGEHFGMSLSGLLTFGGIGGLAVGMAGKD
ILSNFFSGIMLYFDRPFSIGDWIRSPDRNIEGTVAEIGWRITKITTFDNRPLYVPNSLFSSISVENPGRMTNRRITTTIG
LRYEDAAKVGVIVEAVREMLKNHPAIDQRQTLLVYFNQFADSSLNIMVYCFTKTTVWAEWLAAQQDVYLKIIDIVQSHGA
DFAFPSQTLYMD
;
_entity_poly.pdbx_strand_id   A,B,C,D,E,F,G
#
loop_
_chem_comp.id
_chem_comp.type
_chem_comp.name
_chem_comp.formula
D12 non-polymer DODECANE 'C12 H26'
#
# COMPACT_ATOMS: atom_id res chain seq x y z
N ALA A 1 32.59 -62.88 -15.37
CA ALA A 1 32.97 -63.34 -14.04
C ALA A 1 33.14 -62.15 -13.08
N GLU A 2 34.38 -61.73 -12.89
CA GLU A 2 34.64 -60.60 -12.01
C GLU A 2 33.98 -59.33 -12.53
N LEU A 3 34.05 -59.10 -13.84
CA LEU A 3 33.46 -57.93 -14.46
C LEU A 3 32.04 -58.16 -14.95
N PHE A 4 31.46 -59.33 -14.67
CA PHE A 4 30.10 -59.64 -15.07
C PHE A 4 29.13 -59.00 -14.09
N THR A 5 27.84 -59.11 -14.35
CA THR A 5 26.77 -58.54 -13.50
C THR A 5 26.87 -57.03 -13.62
N ASN A 6 26.80 -56.28 -12.52
CA ASN A 6 26.80 -54.82 -12.61
C ASN A 6 28.11 -54.30 -13.19
N ASN A 7 29.20 -55.04 -13.04
CA ASN A 7 30.48 -54.57 -13.56
C ASN A 7 30.44 -54.37 -15.07
N ALA A 8 29.73 -55.24 -15.80
CA ALA A 8 29.66 -55.10 -17.25
C ALA A 8 28.97 -53.80 -17.64
N LEU A 9 27.81 -53.52 -17.05
CA LEU A 9 27.08 -52.30 -17.39
C LEU A 9 27.86 -51.06 -16.98
N ASN A 10 28.50 -51.10 -15.81
CA ASN A 10 29.30 -49.97 -15.35
C ASN A 10 30.47 -49.73 -16.29
N LEU A 11 31.12 -50.81 -16.75
CA LEU A 11 32.25 -50.67 -17.67
C LEU A 11 31.78 -50.10 -19.00
N VAL A 12 30.61 -50.54 -19.48
CA VAL A 12 30.07 -50.01 -20.72
C VAL A 12 29.78 -48.53 -20.59
N ILE A 13 29.18 -48.14 -19.46
CA ILE A 13 28.88 -46.72 -19.24
C ILE A 13 30.17 -45.90 -19.16
N ILE A 14 31.19 -46.43 -18.49
CA ILE A 14 32.45 -45.70 -18.38
C ILE A 14 33.12 -45.58 -19.75
N PHE A 15 33.06 -46.63 -20.58
CA PHE A 15 33.61 -46.55 -21.93
C PHE A 15 32.87 -45.51 -22.76
N GLY A 16 31.54 -45.49 -22.68
CA GLY A 16 30.78 -44.46 -23.37
C GLY A 16 31.12 -43.06 -22.91
N SER A 17 31.29 -42.89 -21.59
CA SER A 17 31.69 -41.59 -21.05
C SER A 17 33.07 -41.19 -21.54
N CYS A 18 34.01 -42.12 -21.60
CA CYS A 18 35.35 -41.82 -22.10
C CYS A 18 35.29 -41.44 -23.57
N ALA A 19 34.48 -42.14 -24.35
CA ALA A 19 34.32 -41.79 -25.77
C ALA A 19 33.75 -40.38 -25.91
N ALA A 20 32.74 -40.05 -25.11
CA ALA A 20 32.16 -38.72 -25.15
C ALA A 20 33.19 -37.66 -24.75
N LEU A 21 34.01 -37.96 -23.75
CA LEU A 21 35.03 -37.04 -23.30
C LEU A 21 36.06 -36.81 -24.41
N ILE A 22 36.45 -37.88 -25.11
CA ILE A 22 37.41 -37.73 -26.20
C ILE A 22 36.81 -36.92 -27.35
N LEU A 23 35.53 -37.16 -27.64
CA LEU A 23 34.85 -36.39 -28.67
C LEU A 23 34.81 -34.92 -28.30
N MET A 24 34.52 -34.61 -27.03
CA MET A 24 34.51 -33.23 -26.59
C MET A 24 35.91 -32.61 -26.63
N SER A 25 36.94 -33.40 -26.31
CA SER A 25 38.31 -32.90 -26.41
C SER A 25 38.65 -32.53 -27.85
N PHE A 26 38.26 -33.40 -28.80
CA PHE A 26 38.45 -33.05 -30.21
C PHE A 26 37.66 -31.81 -30.60
N TRP A 27 36.41 -31.71 -30.12
CA TRP A 27 35.58 -30.56 -30.44
C TRP A 27 36.20 -29.26 -29.92
N PHE A 28 36.85 -29.33 -28.75
CA PHE A 28 37.42 -28.14 -28.14
C PHE A 28 38.66 -27.68 -28.90
N ARG A 29 38.47 -26.75 -29.84
CA ARG A 29 39.56 -26.17 -30.63
C ARG A 29 39.59 -24.68 -30.38
N ARG A 30 40.73 -24.19 -29.91
CA ARG A 30 40.87 -22.76 -29.61
C ARG A 30 39.99 -22.36 -28.45
N GLY A 31 40.13 -21.12 -27.98
CA GLY A 31 39.27 -20.61 -26.93
C GLY A 31 38.04 -19.92 -27.50
N ASN A 32 37.90 -18.62 -27.20
CA ASN A 32 36.80 -17.80 -27.70
C ASN A 32 35.49 -18.52 -27.38
N ARG A 33 34.60 -18.74 -28.35
CA ARG A 33 33.32 -19.39 -28.07
C ARG A 33 33.53 -20.83 -27.61
N LYS A 34 34.61 -21.47 -28.06
CA LYS A 34 34.87 -22.86 -27.70
C LYS A 34 34.99 -23.03 -26.18
N ARG A 35 35.71 -22.12 -25.54
CA ARG A 35 35.85 -22.15 -24.10
C ARG A 35 34.63 -21.51 -23.44
N LYS A 36 33.79 -22.33 -22.80
CA LYS A 36 32.57 -21.86 -22.16
C LYS A 36 32.71 -22.05 -20.65
N GLY A 37 32.82 -20.94 -19.92
CA GLY A 37 32.95 -21.03 -18.48
C GLY A 37 31.70 -21.57 -17.81
N PHE A 38 30.53 -21.19 -18.33
CA PHE A 38 29.26 -21.62 -17.76
C PHE A 38 28.79 -22.97 -18.26
N LEU A 39 29.23 -23.39 -19.45
CA LEU A 39 28.80 -24.63 -20.06
C LEU A 39 29.87 -25.71 -20.05
N PHE A 40 31.08 -25.38 -20.51
CA PHE A 40 32.17 -26.36 -20.50
C PHE A 40 32.53 -26.77 -19.09
N HIS A 41 32.50 -25.83 -18.14
CA HIS A 41 32.78 -26.16 -16.75
C HIS A 41 31.78 -27.20 -16.23
N ALA A 42 30.49 -26.97 -16.48
CA ALA A 42 29.48 -27.91 -16.03
C ALA A 42 29.63 -29.26 -16.72
N VAL A 43 29.94 -29.27 -18.02
CA VAL A 43 30.11 -30.52 -18.73
C VAL A 43 31.27 -31.31 -18.14
N GLN A 44 32.40 -30.63 -17.89
CA GLN A 44 33.55 -31.32 -17.31
C GLN A 44 33.24 -31.82 -15.91
N PHE A 45 32.52 -31.02 -15.12
CA PHE A 45 32.15 -31.46 -13.77
C PHE A 45 31.30 -32.72 -13.82
N LEU A 46 30.32 -32.75 -14.72
CA LEU A 46 29.48 -33.94 -14.85
C LEU A 46 30.30 -35.14 -15.31
N ILE A 47 31.23 -34.93 -16.24
CA ILE A 47 32.06 -36.03 -16.71
C ILE A 47 32.88 -36.60 -15.57
N TYR A 48 33.52 -35.73 -14.78
CA TYR A 48 34.32 -36.19 -13.66
C TYR A 48 33.46 -36.91 -12.63
N THR A 49 32.26 -36.37 -12.36
CA THR A 49 31.38 -37.01 -11.39
C THR A 49 30.99 -38.42 -11.84
N ILE A 50 30.62 -38.57 -13.12
CA ILE A 50 30.22 -39.88 -13.60
C ILE A 50 31.40 -40.84 -13.58
N ILE A 51 32.59 -40.37 -13.97
CA ILE A 51 33.76 -41.25 -13.96
C ILE A 51 34.08 -41.71 -12.55
N ILE A 52 34.05 -40.78 -11.58
CA ILE A 52 34.37 -41.15 -10.21
C ILE A 52 33.30 -42.10 -9.65
N SER A 53 32.04 -41.86 -9.98
CA SER A 53 30.99 -42.76 -9.52
C SER A 53 31.19 -44.16 -10.07
N ALA A 54 31.50 -44.27 -11.36
CA ALA A 54 31.72 -45.59 -11.95
C ALA A 54 32.92 -46.29 -11.31
N VAL A 55 34.02 -45.57 -11.13
CA VAL A 55 35.21 -46.16 -10.53
C VAL A 55 34.92 -46.63 -9.11
N GLY A 56 34.24 -45.79 -8.33
CA GLY A 56 33.90 -46.18 -6.97
C GLY A 56 32.98 -47.38 -6.92
N SER A 57 31.98 -47.43 -7.81
CA SER A 57 31.10 -48.58 -7.85
C SER A 57 31.85 -49.86 -8.17
N ILE A 58 32.73 -49.81 -9.18
CA ILE A 58 33.50 -50.99 -9.55
C ILE A 58 34.37 -51.45 -8.39
N ILE A 59 35.11 -50.51 -7.78
CA ILE A 59 36.03 -50.87 -6.71
C ILE A 59 35.27 -51.43 -5.52
N ASN A 60 34.15 -50.80 -5.16
CA ASN A 60 33.36 -51.28 -4.03
C ASN A 60 32.80 -52.68 -4.30
N TYR A 61 32.30 -52.92 -5.51
CA TYR A 61 31.75 -54.23 -5.83
C TYR A 61 32.85 -55.29 -5.76
N VAL A 62 34.04 -54.96 -6.26
CA VAL A 62 35.14 -55.92 -6.21
C VAL A 62 35.55 -56.20 -4.77
N ILE A 63 35.67 -55.15 -3.95
CA ILE A 63 36.14 -55.33 -2.59
C ILE A 63 35.14 -56.13 -1.76
N GLU A 64 33.85 -55.79 -1.87
CA GLU A 64 32.84 -56.48 -1.09
C GLU A 64 32.77 -57.96 -1.46
N ASN A 65 33.02 -58.28 -2.73
CA ASN A 65 32.99 -59.67 -3.15
C ASN A 65 34.30 -60.40 -2.83
N TYR A 66 35.33 -59.65 -2.44
CA TYR A 66 36.64 -60.23 -2.13
C TYR A 66 37.11 -59.91 -0.72
N LYS A 67 36.40 -59.04 -0.01
CA LYS A 67 36.73 -58.68 1.37
C LYS A 67 37.81 -57.61 1.39
N LEU A 68 38.04 -57.00 2.56
CA LEU A 68 39.06 -55.97 2.70
C LEU A 68 39.56 -55.90 4.14
N LYS A 69 40.88 -55.71 4.30
CA LYS A 69 41.46 -55.62 5.63
C LYS A 69 41.41 -54.18 6.15
N PHE A 70 40.22 -53.59 6.15
CA PHE A 70 40.06 -52.22 6.63
C PHE A 70 38.57 -51.95 6.86
N ILE A 71 38.27 -51.24 7.94
CA ILE A 71 36.90 -50.91 8.30
C ILE A 71 36.43 -49.73 7.47
N THR A 72 35.12 -49.64 7.29
CA THR A 72 34.50 -48.56 6.54
C THR A 72 35.10 -48.45 5.15
N PRO A 73 34.84 -49.41 4.26
CA PRO A 73 35.38 -49.31 2.89
C PRO A 73 34.87 -48.09 2.14
N GLY A 74 33.75 -47.49 2.57
CA GLY A 74 33.23 -46.33 1.88
C GLY A 74 34.12 -45.10 1.95
N VAL A 75 35.28 -45.21 2.57
CA VAL A 75 36.24 -44.10 2.65
C VAL A 75 36.61 -43.69 1.24
N ILE A 76 36.59 -44.63 0.30
CA ILE A 76 36.87 -44.29 -1.09
C ILE A 76 35.80 -43.36 -1.64
N ASP A 77 34.56 -43.53 -1.19
CA ASP A 77 33.51 -42.59 -1.55
C ASP A 77 33.85 -41.19 -1.05
N PHE A 78 34.38 -41.10 0.18
CA PHE A 78 34.83 -39.81 0.70
C PHE A 78 35.94 -39.23 -0.16
N ILE A 79 36.88 -40.07 -0.59
CA ILE A 79 37.97 -39.59 -1.44
C ILE A 79 37.43 -39.07 -2.76
N CYS A 80 36.47 -39.79 -3.35
CA CYS A 80 35.87 -39.34 -4.61
C CYS A 80 35.14 -38.02 -4.43
N THR A 81 34.40 -37.87 -3.32
CA THR A 81 33.72 -36.61 -3.06
C THR A 81 34.71 -35.48 -2.89
N SER A 82 35.82 -35.73 -2.19
CA SER A 82 36.85 -34.70 -2.03
C SER A 82 37.47 -34.32 -3.36
N LEU A 83 37.71 -35.31 -4.23
CA LEU A 83 38.26 -35.01 -5.54
C LEU A 83 37.29 -34.18 -6.36
N ILE A 84 36.00 -34.51 -6.32
CA ILE A 84 35.00 -33.73 -7.04
C ILE A 84 34.97 -32.31 -6.51
N ALA A 85 35.02 -32.15 -5.18
CA ALA A 85 34.99 -30.83 -4.57
C ALA A 85 36.21 -30.01 -5.00
N VAL A 86 37.40 -30.62 -5.00
CA VAL A 86 38.60 -29.89 -5.37
C VAL A 86 38.56 -29.51 -6.85
N ILE A 87 38.04 -30.41 -7.70
CA ILE A 87 37.92 -30.08 -9.12
C ILE A 87 36.99 -28.91 -9.32
N LEU A 88 35.84 -28.92 -8.64
CA LEU A 88 34.89 -27.82 -8.78
C LEU A 88 35.50 -26.52 -8.24
N THR A 89 36.24 -26.59 -7.13
CA THR A 89 36.87 -25.40 -6.59
C THR A 89 37.90 -24.83 -7.56
N ILE A 90 38.70 -25.71 -8.19
CA ILE A 90 39.69 -25.26 -9.15
C ILE A 90 39.00 -24.60 -10.34
N LYS A 91 37.92 -25.21 -10.83
CA LYS A 91 37.20 -24.62 -11.95
C LYS A 91 36.62 -23.26 -11.58
N LEU A 92 36.05 -23.14 -10.37
CA LEU A 92 35.50 -21.87 -9.94
C LEU A 92 36.60 -20.81 -9.81
N PHE A 93 37.76 -21.19 -9.29
CA PHE A 93 38.87 -20.24 -9.18
C PHE A 93 39.34 -19.79 -10.57
N LEU A 94 39.40 -20.71 -11.51
CA LEU A 94 39.78 -20.34 -12.87
C LEU A 94 38.76 -19.39 -13.48
N LEU A 95 37.47 -19.66 -13.27
CA LEU A 95 36.44 -18.76 -13.78
C LEU A 95 36.54 -17.38 -13.14
N ILE A 96 36.81 -17.33 -11.84
CA ILE A 96 36.96 -16.05 -11.16
C ILE A 96 38.15 -15.28 -11.71
N ASN A 97 39.27 -15.97 -11.93
CA ASN A 97 40.44 -15.31 -12.50
C ASN A 97 40.15 -14.79 -13.90
N GLN A 98 39.44 -15.57 -14.71
CA GLN A 98 39.09 -15.12 -16.05
C GLN A 98 38.20 -13.88 -15.99
N PHE A 99 37.23 -13.88 -15.06
CA PHE A 99 36.35 -12.71 -14.91
C PHE A 99 37.14 -11.49 -14.47
N GLU A 100 38.08 -11.67 -13.54
CA GLU A 100 38.92 -10.56 -13.10
C GLU A 100 39.76 -10.02 -14.25
N LYS A 101 40.33 -10.91 -15.06
CA LYS A 101 41.10 -10.46 -16.22
C LYS A 101 40.23 -9.69 -17.20
N GLN A 102 39.02 -10.19 -17.46
CA GLN A 102 38.13 -9.50 -18.37
C GLN A 102 37.76 -8.11 -17.84
N GLN A 103 37.47 -8.02 -16.54
CA GLN A 103 37.15 -6.72 -15.95
C GLN A 103 38.32 -5.76 -16.03
N ALA A 104 39.53 -6.25 -15.73
CA ALA A 104 40.71 -5.39 -15.79
C ALA A 104 40.95 -4.90 -17.21
N ALA A 105 40.79 -5.79 -18.20
CA ALA A 105 40.95 -5.38 -19.59
C ALA A 105 39.95 -4.30 -20.00
N LYS A 106 38.83 -4.20 -19.29
CA LYS A 106 37.81 -3.20 -19.58
C LYS A 106 37.85 -2.01 -18.63
N GLY A 107 38.68 -2.07 -17.59
CA GLY A 107 38.82 -0.96 -16.66
C GLY A 107 38.00 -1.11 -15.39
N ARG A 108 38.68 -1.36 -14.27
CA ARG A 108 38.03 -1.49 -12.98
C ARG A 108 39.01 -1.14 -11.88
N ASP A 109 38.49 -0.66 -10.75
CA ASP A 109 39.34 -0.32 -9.62
C ASP A 109 40.03 -1.55 -9.09
N ILE A 110 41.32 -1.41 -8.78
CA ILE A 110 42.12 -2.55 -8.34
C ILE A 110 41.62 -3.09 -7.00
N THR A 111 41.44 -2.22 -6.01
CA THR A 111 41.06 -2.65 -4.68
C THR A 111 39.62 -3.16 -4.61
N SER A 112 38.68 -2.44 -5.20
CA SER A 112 37.28 -2.83 -5.13
C SER A 112 37.04 -4.17 -5.83
N ALA A 113 37.65 -4.36 -6.99
CA ALA A 113 37.47 -5.61 -7.73
C ALA A 113 37.99 -6.79 -6.93
N ARG A 114 39.18 -6.63 -6.33
CA ARG A 114 39.75 -7.73 -5.56
C ARG A 114 38.94 -8.00 -4.29
N ILE A 115 38.43 -6.95 -3.65
CA ILE A 115 37.58 -7.15 -2.48
C ILE A 115 36.30 -7.89 -2.86
N MET A 116 35.70 -7.52 -3.99
CA MET A 116 34.49 -8.20 -4.45
C MET A 116 34.78 -9.65 -4.77
N SER A 117 35.92 -9.94 -5.40
CA SER A 117 36.29 -11.32 -5.66
C SER A 117 36.47 -12.10 -4.37
N ARG A 118 37.12 -11.48 -3.37
CA ARG A 118 37.32 -12.15 -2.09
C ARG A 118 35.98 -12.48 -1.44
N ILE A 119 35.06 -11.51 -1.45
CA ILE A 119 33.75 -11.76 -0.85
C ILE A 119 32.98 -12.82 -1.63
N ILE A 120 33.12 -12.83 -2.95
CA ILE A 120 32.45 -13.84 -3.77
C ILE A 120 32.95 -15.24 -3.41
N LYS A 121 34.27 -15.39 -3.28
CA LYS A 121 34.79 -16.72 -2.95
C LYS A 121 34.48 -17.09 -1.51
N ILE A 122 34.35 -16.10 -0.62
CA ILE A 122 33.90 -16.39 0.74
C ILE A 122 32.49 -16.95 0.72
N THR A 123 31.60 -16.31 -0.07
CA THR A 123 30.25 -16.83 -0.20
C THR A 123 30.25 -18.22 -0.82
N ILE A 124 31.13 -18.46 -1.79
CA ILE A 124 31.24 -19.78 -2.40
C ILE A 124 31.64 -20.82 -1.37
N ILE A 125 32.62 -20.48 -0.52
CA ILE A 125 33.03 -21.39 0.54
C ILE A 125 31.88 -21.67 1.49
N VAL A 126 31.12 -20.63 1.84
CA VAL A 126 29.98 -20.81 2.74
C VAL A 126 28.96 -21.76 2.12
N VAL A 127 28.64 -21.56 0.83
CA VAL A 127 27.66 -22.43 0.19
C VAL A 127 28.17 -23.85 0.08
N LEU A 128 29.48 -24.02 -0.19
CA LEU A 128 30.04 -25.36 -0.24
C LEU A 128 29.95 -26.05 1.10
N VAL A 129 30.24 -25.32 2.19
CA VAL A 129 30.11 -25.89 3.52
C VAL A 129 28.66 -26.28 3.80
N LEU A 130 27.72 -25.41 3.40
CA LEU A 130 26.31 -25.72 3.60
C LEU A 130 25.91 -26.99 2.85
N LEU A 131 26.37 -27.14 1.61
CA LEU A 131 26.03 -28.32 0.82
C LEU A 131 26.58 -29.58 1.46
N TYR A 132 27.81 -29.54 1.96
CA TYR A 132 28.44 -30.72 2.55
C TYR A 132 27.70 -31.14 3.80
N GLY A 133 27.59 -32.45 4.01
CA GLY A 133 26.92 -33.01 5.16
C GLY A 133 27.87 -33.31 6.30
N GLU A 134 27.45 -34.24 7.15
CA GLU A 134 28.28 -34.62 8.29
C GLU A 134 29.58 -35.27 7.85
N HIS A 135 29.60 -35.87 6.65
CA HIS A 135 30.83 -36.49 6.16
C HIS A 135 31.95 -35.48 5.98
N PHE A 136 31.63 -34.28 5.49
CA PHE A 136 32.61 -33.21 5.30
C PHE A 136 32.30 -32.11 6.33
N GLY A 137 32.98 -32.16 7.46
CA GLY A 137 32.74 -31.19 8.51
C GLY A 137 31.30 -31.24 8.97
N MET A 138 30.68 -30.07 9.12
CA MET A 138 29.29 -29.97 9.54
C MET A 138 28.52 -29.15 8.52
N SER A 139 27.29 -29.59 8.24
CA SER A 139 26.47 -28.89 7.25
C SER A 139 26.18 -27.45 7.65
N LEU A 140 25.90 -27.22 8.93
CA LEU A 140 25.58 -25.89 9.44
C LEU A 140 24.27 -25.37 8.85
N SER A 141 23.37 -26.29 8.48
CA SER A 141 22.08 -25.89 7.92
C SER A 141 21.27 -25.07 8.92
N GLY A 142 21.28 -25.49 10.18
CA GLY A 142 20.51 -24.77 11.19
C GLY A 142 20.96 -23.33 11.35
N LEU A 143 22.27 -23.08 11.31
CA LEU A 143 22.77 -21.72 11.43
C LEU A 143 22.24 -20.84 10.31
N LEU A 144 22.29 -21.35 9.07
CA LEU A 144 21.74 -20.59 7.94
C LEU A 144 20.23 -20.47 8.04
N THR A 145 19.55 -21.47 8.61
CA THR A 145 18.11 -21.44 8.81
C THR A 145 17.73 -21.10 10.25
N PHE A 146 18.64 -20.45 10.98
CA PHE A 146 18.36 -20.12 12.38
C PHE A 146 17.13 -19.24 12.50
N GLY A 147 17.01 -18.22 11.65
CA GLY A 147 15.85 -17.37 11.64
C GLY A 147 15.39 -17.03 10.24
N GLY A 148 15.77 -17.86 9.27
CA GLY A 148 15.46 -17.59 7.88
C GLY A 148 16.35 -16.57 7.21
N ILE A 149 17.55 -16.31 7.77
CA ILE A 149 18.44 -15.32 7.20
C ILE A 149 18.81 -15.72 5.77
N GLY A 150 19.27 -16.95 5.59
CA GLY A 150 19.61 -17.41 4.25
C GLY A 150 18.40 -17.43 3.33
N GLY A 151 17.25 -17.84 3.84
CA GLY A 151 16.04 -17.85 3.03
C GLY A 151 15.69 -16.47 2.51
N LEU A 152 15.68 -15.48 3.39
CA LEU A 152 15.38 -14.10 2.98
C LEU A 152 16.44 -13.58 2.02
N ALA A 153 17.72 -13.85 2.31
CA ALA A 153 18.79 -13.36 1.45
C ALA A 153 18.65 -13.90 0.04
N VAL A 154 18.35 -15.19 -0.09
CA VAL A 154 18.13 -15.77 -1.42
C VAL A 154 16.87 -15.19 -2.05
N GLY A 155 15.79 -15.10 -1.26
CA GLY A 155 14.51 -14.72 -1.83
C GLY A 155 14.49 -13.31 -2.41
N MET A 156 15.01 -12.34 -1.65
CA MET A 156 14.93 -10.96 -2.13
C MET A 156 15.78 -10.77 -3.39
N ALA A 157 17.01 -11.28 -3.38
CA ALA A 157 17.88 -11.14 -4.54
C ALA A 157 17.27 -11.85 -5.75
N GLY A 158 16.77 -13.07 -5.57
CA GLY A 158 16.15 -13.77 -6.67
C GLY A 158 14.95 -13.02 -7.22
N LYS A 159 14.11 -12.49 -6.32
CA LYS A 159 12.93 -11.76 -6.76
C LYS A 159 13.33 -10.55 -7.60
N ASP A 160 14.28 -9.76 -7.12
CA ASP A 160 14.71 -8.58 -7.87
C ASP A 160 15.27 -8.97 -9.24
N ILE A 161 16.21 -9.91 -9.27
CA ILE A 161 16.86 -10.29 -10.51
C ILE A 161 15.84 -10.84 -11.51
N LEU A 162 14.96 -11.74 -11.04
CA LEU A 162 13.99 -12.35 -11.93
C LEU A 162 12.98 -11.33 -12.43
N SER A 163 12.55 -10.40 -11.57
CA SER A 163 11.62 -9.38 -12.02
C SER A 163 12.23 -8.55 -13.15
N ASN A 164 13.47 -8.09 -12.98
CA ASN A 164 14.09 -7.30 -14.03
C ASN A 164 14.29 -8.12 -15.30
N PHE A 165 14.75 -9.36 -15.16
CA PHE A 165 15.00 -10.20 -16.33
C PHE A 165 13.72 -10.46 -17.11
N PHE A 166 12.65 -10.80 -16.40
CA PHE A 166 11.38 -11.09 -17.08
C PHE A 166 10.78 -9.83 -17.70
N SER A 167 10.96 -8.68 -17.05
CA SER A 167 10.52 -7.43 -17.67
C SER A 167 11.27 -7.18 -18.96
N GLY A 168 12.57 -7.44 -18.98
CA GLY A 168 13.32 -7.30 -20.23
C GLY A 168 12.85 -8.25 -21.30
N ILE A 169 12.55 -9.50 -20.92
CA ILE A 169 12.07 -10.47 -21.90
C ILE A 169 10.73 -10.02 -22.48
N MET A 170 9.84 -9.54 -21.63
CA MET A 170 8.54 -9.07 -22.11
C MET A 170 8.69 -7.84 -22.99
N LEU A 171 9.66 -6.96 -22.66
CA LEU A 171 9.94 -5.83 -23.53
C LEU A 171 10.38 -6.30 -24.91
N TYR A 172 11.24 -7.32 -24.95
CA TYR A 172 11.68 -7.85 -26.24
C TYR A 172 10.50 -8.43 -27.02
N PHE A 173 9.63 -9.17 -26.34
CA PHE A 173 8.56 -9.87 -27.05
C PHE A 173 7.45 -8.92 -27.52
N ASP A 174 7.04 -7.98 -26.66
CA ASP A 174 5.95 -7.06 -27.03
C ASP A 174 6.40 -5.99 -28.01
N ARG A 175 7.64 -5.52 -27.90
CA ARG A 175 8.20 -4.50 -28.77
C ARG A 175 7.43 -3.17 -28.69
N PRO A 176 7.24 -2.63 -27.48
CA PRO A 176 6.68 -1.28 -27.39
C PRO A 176 7.56 -0.23 -28.03
N PHE A 177 8.88 -0.43 -28.03
CA PHE A 177 9.81 0.52 -28.61
C PHE A 177 11.08 -0.20 -29.02
N SER A 178 11.88 0.46 -29.84
CA SER A 178 13.14 -0.07 -30.33
C SER A 178 14.25 0.93 -30.06
N ILE A 179 15.48 0.56 -30.41
CA ILE A 179 16.62 1.45 -30.21
C ILE A 179 16.46 2.66 -31.11
N GLY A 180 16.72 3.85 -30.54
CA GLY A 180 16.59 5.07 -31.30
C GLY A 180 15.18 5.62 -31.40
N ASP A 181 14.29 5.19 -30.52
CA ASP A 181 12.89 5.60 -30.55
C ASP A 181 12.62 6.60 -29.43
N TRP A 182 11.94 7.69 -29.77
CA TRP A 182 11.53 8.68 -28.78
C TRP A 182 10.28 8.16 -28.06
N ILE A 183 10.37 8.05 -26.74
CA ILE A 183 9.30 7.48 -25.93
C ILE A 183 9.01 8.38 -24.74
N ARG A 184 7.82 8.16 -24.15
CA ARG A 184 7.42 8.87 -22.94
C ARG A 184 6.26 8.10 -22.31
N SER A 185 5.89 8.50 -21.10
CA SER A 185 4.83 7.84 -20.36
C SER A 185 4.05 8.86 -19.55
N PRO A 186 2.71 8.85 -19.64
CA PRO A 186 1.91 9.76 -18.79
C PRO A 186 1.97 9.42 -17.31
N ASP A 187 2.39 8.21 -16.94
CA ASP A 187 2.42 7.82 -15.54
C ASP A 187 3.66 8.35 -14.83
N ARG A 188 4.84 8.03 -15.37
CA ARG A 188 6.11 8.54 -14.85
C ARG A 188 6.93 9.03 -16.04
N ASN A 189 7.85 9.96 -15.77
CA ASN A 189 8.63 10.56 -16.84
C ASN A 189 9.84 9.69 -17.18
N ILE A 190 9.93 9.32 -18.45
CA ILE A 190 11.07 8.55 -18.97
C ILE A 190 11.46 9.15 -20.32
N GLU A 191 11.00 10.36 -20.59
CA GLU A 191 11.12 10.93 -21.93
C GLU A 191 12.57 10.98 -22.39
N GLY A 192 12.77 10.64 -23.65
CA GLY A 192 14.10 10.60 -24.21
C GLY A 192 14.15 9.62 -25.36
N THR A 193 15.35 9.43 -25.89
CA THR A 193 15.59 8.50 -26.99
C THR A 193 16.26 7.25 -26.44
N VAL A 194 15.72 6.09 -26.79
CA VAL A 194 16.25 4.82 -26.29
C VAL A 194 17.64 4.62 -26.88
N ALA A 195 18.62 4.32 -26.02
CA ALA A 195 19.99 4.11 -26.44
C ALA A 195 20.39 2.64 -26.45
N GLU A 196 19.95 1.88 -25.45
CA GLU A 196 20.27 0.46 -25.39
C GLU A 196 19.31 -0.22 -24.42
N ILE A 197 19.01 -1.49 -24.70
CA ILE A 197 18.08 -2.27 -23.89
C ILE A 197 18.86 -3.46 -23.36
N GLY A 198 19.39 -3.33 -22.14
CA GLY A 198 20.13 -4.40 -21.53
C GLY A 198 19.23 -5.42 -20.86
N TRP A 199 19.85 -6.49 -20.36
CA TRP A 199 19.11 -7.54 -19.69
C TRP A 199 18.51 -7.07 -18.37
N ARG A 200 19.07 -6.04 -17.76
CA ARG A 200 18.63 -5.55 -16.46
C ARG A 200 18.20 -4.10 -16.48
N ILE A 201 18.93 -3.24 -17.20
CA ILE A 201 18.70 -1.80 -17.18
C ILE A 201 18.56 -1.30 -18.60
N THR A 202 17.63 -0.38 -18.82
CA THR A 202 17.44 0.27 -20.11
C THR A 202 17.99 1.69 -20.03
N LYS A 203 18.85 2.03 -20.98
CA LYS A 203 19.49 3.34 -21.01
C LYS A 203 18.74 4.26 -21.98
N ILE A 204 18.38 5.44 -21.51
CA ILE A 204 17.63 6.41 -22.29
C ILE A 204 18.41 7.71 -22.30
N THR A 205 18.58 8.29 -23.50
CA THR A 205 19.29 9.56 -23.66
C THR A 205 18.26 10.69 -23.69
N THR A 206 18.25 11.49 -22.63
CA THR A 206 17.32 12.61 -22.56
C THR A 206 17.66 13.64 -23.63
N PHE A 207 16.78 14.62 -23.80
CA PHE A 207 17.01 15.67 -24.78
C PHE A 207 18.04 16.70 -24.31
N ASP A 208 18.53 16.57 -23.08
CA ASP A 208 19.67 17.33 -22.61
C ASP A 208 20.99 16.65 -22.94
N ASN A 209 20.96 15.47 -23.54
CA ASN A 209 22.16 14.68 -23.81
C ASN A 209 22.77 14.15 -22.51
N ARG A 210 21.92 13.66 -21.61
CA ARG A 210 22.34 13.05 -20.38
C ARG A 210 21.79 11.64 -20.26
N PRO A 211 22.58 10.69 -19.78
CA PRO A 211 22.08 9.31 -19.63
C PRO A 211 21.00 9.24 -18.57
N LEU A 212 20.05 8.33 -18.79
CA LEU A 212 19.00 8.03 -17.83
C LEU A 212 18.83 6.53 -17.75
N TYR A 213 19.09 5.97 -16.57
CA TYR A 213 19.06 4.52 -16.37
C TYR A 213 17.75 4.12 -15.71
N VAL A 214 16.95 3.36 -16.43
CA VAL A 214 15.63 2.94 -15.98
C VAL A 214 15.64 1.42 -15.80
N PRO A 215 15.39 0.90 -14.61
CA PRO A 215 15.28 -0.55 -14.45
C PRO A 215 14.15 -1.10 -15.31
N ASN A 216 14.36 -2.30 -15.86
CA ASN A 216 13.38 -2.87 -16.78
C ASN A 216 12.03 -3.09 -16.13
N SER A 217 12.02 -3.37 -14.82
CA SER A 217 10.75 -3.65 -14.14
C SER A 217 9.83 -2.44 -14.08
N LEU A 218 10.35 -1.23 -14.28
CA LEU A 218 9.52 -0.04 -14.20
C LEU A 218 8.56 0.07 -15.39
N PHE A 219 8.83 -0.66 -16.48
CA PHE A 219 7.95 -0.68 -17.63
C PHE A 219 6.81 -1.70 -17.50
N SER A 220 6.77 -2.44 -16.40
CA SER A 220 5.84 -3.57 -16.30
C SER A 220 4.39 -3.12 -16.42
N SER A 221 3.98 -2.15 -15.61
CA SER A 221 2.59 -1.70 -15.56
C SER A 221 2.55 -0.18 -15.70
N ILE A 222 2.62 0.30 -16.94
CA ILE A 222 2.47 1.71 -17.25
C ILE A 222 2.11 1.82 -18.72
N SER A 223 1.49 2.93 -19.10
CA SER A 223 1.21 3.21 -20.49
C SER A 223 2.44 3.86 -21.13
N VAL A 224 2.91 3.29 -22.22
CA VAL A 224 4.10 3.77 -22.92
C VAL A 224 3.66 4.39 -24.23
N GLU A 225 4.04 5.64 -24.45
CA GLU A 225 3.79 6.34 -25.69
C GLU A 225 5.04 6.32 -26.55
N ASN A 226 4.86 6.25 -27.87
CA ASN A 226 5.96 6.16 -28.82
C ASN A 226 5.81 7.25 -29.87
N PRO A 227 6.19 8.49 -29.53
CA PRO A 227 6.14 9.56 -30.52
C PRO A 227 7.02 9.29 -31.74
N GLY A 228 8.09 8.50 -31.59
CA GLY A 228 8.92 8.16 -32.72
C GLY A 228 8.21 7.36 -33.79
N ARG A 229 7.04 6.80 -33.48
CA ARG A 229 6.23 6.06 -34.45
C ARG A 229 5.04 6.86 -34.94
N MET A 230 5.01 8.18 -34.70
CA MET A 230 3.88 8.98 -35.12
C MET A 230 3.78 9.02 -36.64
N THR A 231 2.55 9.18 -37.12
CA THR A 231 2.28 9.27 -38.55
C THR A 231 2.11 10.70 -39.05
N ASN A 232 1.92 11.66 -38.15
CA ASN A 232 1.72 13.05 -38.54
C ASN A 232 2.13 13.94 -37.38
N ARG A 233 2.33 15.22 -37.68
CA ARG A 233 2.60 16.24 -36.69
C ARG A 233 1.45 17.24 -36.67
N ARG A 234 0.94 17.53 -35.49
CA ARG A 234 -0.24 18.37 -35.35
C ARG A 234 0.15 19.84 -35.23
N ILE A 235 -0.73 20.70 -35.73
CA ILE A 235 -0.59 22.14 -35.64
C ILE A 235 -1.84 22.70 -35.01
N THR A 236 -1.70 23.37 -33.86
CA THR A 236 -2.83 23.96 -33.16
C THR A 236 -2.46 25.38 -32.73
N THR A 237 -3.43 26.28 -32.80
CA THR A 237 -3.23 27.65 -32.38
C THR A 237 -4.59 28.31 -32.18
N THR A 238 -4.57 29.50 -31.58
CA THR A 238 -5.77 30.27 -31.33
C THR A 238 -5.57 31.69 -31.86
N ILE A 239 -6.60 32.21 -32.51
CA ILE A 239 -6.59 33.56 -33.04
C ILE A 239 -7.54 34.39 -32.20
N GLY A 240 -7.00 35.37 -31.47
CA GLY A 240 -7.81 36.22 -30.62
C GLY A 240 -8.07 37.58 -31.22
N LEU A 241 -9.28 37.80 -31.71
CA LEU A 241 -9.65 39.06 -32.32
C LEU A 241 -10.33 39.98 -31.32
N ARG A 242 -10.29 41.28 -31.59
CA ARG A 242 -10.93 42.25 -30.73
C ARG A 242 -12.44 42.10 -30.79
N TYR A 243 -13.11 42.51 -29.70
CA TYR A 243 -14.57 42.40 -29.66
C TYR A 243 -15.22 43.29 -30.70
N GLU A 244 -14.55 44.37 -31.11
CA GLU A 244 -15.10 45.23 -32.14
C GLU A 244 -14.99 44.63 -33.54
N ASP A 245 -14.29 43.51 -33.69
CA ASP A 245 -14.12 42.84 -34.98
C ASP A 245 -15.06 41.65 -35.13
N ALA A 246 -16.23 41.69 -34.50
CA ALA A 246 -17.17 40.58 -34.56
C ALA A 246 -17.85 40.46 -35.92
N ALA A 247 -17.87 41.54 -36.72
CA ALA A 247 -18.56 41.49 -38.00
C ALA A 247 -17.77 40.76 -39.07
N LYS A 248 -16.46 40.59 -38.89
CA LYS A 248 -15.61 39.95 -39.87
C LYS A 248 -15.15 38.56 -39.46
N VAL A 249 -15.71 38.00 -38.39
CA VAL A 249 -15.28 36.70 -37.91
C VAL A 249 -15.54 35.63 -38.97
N GLY A 250 -16.72 35.65 -39.58
CA GLY A 250 -17.03 34.65 -40.59
C GLY A 250 -16.11 34.71 -41.78
N VAL A 251 -15.87 35.91 -42.29
CA VAL A 251 -14.99 36.07 -43.45
C VAL A 251 -13.58 35.63 -43.11
N ILE A 252 -13.08 36.00 -41.93
CA ILE A 252 -11.73 35.61 -41.53
C ILE A 252 -11.63 34.10 -41.42
N VAL A 253 -12.64 33.46 -40.81
CA VAL A 253 -12.61 32.01 -40.68
C VAL A 253 -12.60 31.35 -42.05
N GLU A 254 -13.45 31.82 -42.96
CA GLU A 254 -13.48 31.25 -44.30
C GLU A 254 -12.14 31.42 -45.02
N ALA A 255 -11.53 32.60 -44.90
CA ALA A 255 -10.25 32.83 -45.54
C ALA A 255 -9.17 31.92 -44.97
N VAL A 256 -9.14 31.76 -43.64
CA VAL A 256 -8.13 30.90 -43.03
C VAL A 256 -8.33 29.45 -43.46
N ARG A 257 -9.58 28.99 -43.50
CA ARG A 257 -9.84 27.62 -43.92
C ARG A 257 -9.43 27.41 -45.37
N GLU A 258 -9.74 28.37 -46.24
CA GLU A 258 -9.34 28.25 -47.63
C GLU A 258 -7.82 28.22 -47.77
N MET A 259 -7.12 29.06 -47.02
CA MET A 259 -5.66 29.05 -47.07
C MET A 259 -5.11 27.72 -46.61
N LEU A 260 -5.67 27.16 -45.53
CA LEU A 260 -5.19 25.87 -45.05
C LEU A 260 -5.45 24.76 -46.04
N LYS A 261 -6.59 24.81 -46.74
CA LYS A 261 -6.94 23.73 -47.67
C LYS A 261 -6.04 23.71 -48.90
N ASN A 262 -5.34 24.80 -49.20
CA ASN A 262 -4.50 24.90 -50.38
C ASN A 262 -3.01 24.86 -50.04
N HIS A 263 -2.65 24.62 -48.79
CA HIS A 263 -1.24 24.60 -48.41
C HIS A 263 -0.62 23.27 -48.78
N PRO A 264 0.48 23.26 -49.54
CA PRO A 264 1.08 21.98 -49.94
C PRO A 264 1.60 21.15 -48.78
N ALA A 265 1.89 21.77 -47.63
CA ALA A 265 2.45 21.04 -46.51
C ALA A 265 1.41 20.42 -45.59
N ILE A 266 0.13 20.74 -45.79
CA ILE A 266 -0.93 20.24 -44.93
C ILE A 266 -1.49 18.94 -45.50
N ASP A 267 -1.82 18.01 -44.60
CA ASP A 267 -2.39 16.72 -44.99
C ASP A 267 -3.91 16.86 -45.08
N GLN A 268 -4.45 16.70 -46.29
CA GLN A 268 -5.87 16.90 -46.51
C GLN A 268 -6.72 15.71 -46.04
N ARG A 269 -6.11 14.57 -45.75
CA ARG A 269 -6.86 13.41 -45.29
C ARG A 269 -7.06 13.39 -43.78
N GLN A 270 -6.42 14.30 -43.05
CA GLN A 270 -6.52 14.36 -41.60
C GLN A 270 -7.56 15.41 -41.19
N THR A 271 -7.73 15.58 -39.89
CA THR A 271 -8.65 16.57 -39.37
C THR A 271 -8.20 17.98 -39.75
N LEU A 272 -9.17 18.84 -40.06
CA LEU A 272 -8.88 20.22 -40.44
C LEU A 272 -10.08 21.07 -40.02
N LEU A 273 -9.93 21.77 -38.90
CA LEU A 273 -11.02 22.53 -38.29
C LEU A 273 -10.60 23.98 -38.09
N VAL A 274 -11.48 24.91 -38.46
CA VAL A 274 -11.28 26.33 -38.21
C VAL A 274 -12.66 26.93 -37.91
N TYR A 275 -12.93 27.23 -36.65
CA TYR A 275 -14.24 27.71 -36.25
C TYR A 275 -14.10 28.70 -35.10
N PHE A 276 -15.07 29.62 -35.01
CA PHE A 276 -15.19 30.50 -33.85
C PHE A 276 -15.58 29.66 -32.64
N ASN A 277 -14.67 29.59 -31.66
CA ASN A 277 -14.75 28.59 -30.60
C ASN A 277 -15.46 29.10 -29.35
N GLN A 278 -14.98 30.19 -28.75
CA GLN A 278 -15.50 30.58 -27.44
C GLN A 278 -15.25 32.05 -27.20
N PHE A 279 -16.02 32.61 -26.27
CA PHE A 279 -15.79 33.97 -25.79
C PHE A 279 -14.69 33.96 -24.74
N ALA A 280 -13.79 34.93 -24.85
CA ALA A 280 -12.70 35.09 -23.90
C ALA A 280 -12.91 36.37 -23.09
N ASP A 281 -12.01 36.61 -22.14
CA ASP A 281 -12.13 37.79 -21.29
C ASP A 281 -12.05 39.07 -22.12
N SER A 282 -11.13 39.12 -23.09
CA SER A 282 -10.96 40.34 -23.87
C SER A 282 -10.76 40.04 -25.37
N SER A 283 -11.21 38.90 -25.87
CA SER A 283 -11.05 38.59 -27.28
C SER A 283 -12.02 37.48 -27.66
N LEU A 284 -12.26 37.38 -28.97
CA LEU A 284 -13.06 36.31 -29.55
C LEU A 284 -12.11 35.30 -30.19
N ASN A 285 -12.08 34.09 -29.65
CA ASN A 285 -11.07 33.10 -30.02
C ASN A 285 -11.54 32.25 -31.18
N ILE A 286 -10.62 31.98 -32.10
CA ILE A 286 -10.83 31.09 -33.23
C ILE A 286 -9.82 29.97 -33.16
N MET A 287 -10.31 28.73 -33.22
CA MET A 287 -9.45 27.56 -33.11
C MET A 287 -8.91 27.15 -34.48
N VAL A 288 -7.68 26.66 -34.49
CA VAL A 288 -7.04 26.12 -35.69
C VAL A 288 -6.53 24.73 -35.37
N TYR A 289 -6.81 23.77 -36.24
CA TYR A 289 -6.54 22.35 -35.97
C TYR A 289 -6.27 21.67 -37.29
N CYS A 290 -5.04 21.22 -37.51
CA CYS A 290 -4.66 20.57 -38.76
C CYS A 290 -3.43 19.71 -38.51
N PHE A 291 -3.03 18.97 -39.54
CA PHE A 291 -1.88 18.09 -39.49
C PHE A 291 -0.98 18.34 -40.70
N THR A 292 0.30 18.02 -40.54
CA THR A 292 1.28 18.15 -41.61
C THR A 292 1.66 16.77 -42.12
N LYS A 293 1.99 16.70 -43.42
CA LYS A 293 2.39 15.44 -44.02
C LYS A 293 3.70 14.92 -43.42
N THR A 294 4.66 15.80 -43.20
CA THR A 294 5.97 15.40 -42.72
C THR A 294 5.96 15.17 -41.21
N THR A 295 6.87 14.31 -40.75
CA THR A 295 7.07 14.06 -39.33
C THR A 295 8.44 14.55 -38.85
N VAL A 296 9.16 15.29 -39.68
CA VAL A 296 10.49 15.77 -39.30
C VAL A 296 10.35 17.05 -38.50
N TRP A 297 11.23 17.22 -37.51
CA TRP A 297 11.13 18.35 -36.59
C TRP A 297 11.28 19.68 -37.33
N ALA A 298 12.36 19.82 -38.09
CA ALA A 298 12.64 21.10 -38.74
C ALA A 298 11.60 21.44 -39.79
N GLU A 299 11.20 20.47 -40.60
CA GLU A 299 10.19 20.73 -41.62
C GLU A 299 8.86 21.11 -41.00
N TRP A 300 8.46 20.41 -39.94
CA TRP A 300 7.23 20.76 -39.24
C TRP A 300 7.29 22.17 -38.69
N LEU A 301 8.40 22.55 -38.08
CA LEU A 301 8.53 23.89 -37.54
C LEU A 301 8.46 24.94 -38.64
N ALA A 302 9.13 24.68 -39.78
CA ALA A 302 9.08 25.63 -40.88
C ALA A 302 7.66 25.79 -41.43
N ALA A 303 6.94 24.67 -41.58
CA ALA A 303 5.57 24.75 -42.06
C ALA A 303 4.70 25.52 -41.07
N GLN A 304 4.89 25.28 -39.77
CA GLN A 304 4.12 26.02 -38.77
C GLN A 304 4.40 27.51 -38.84
N GLN A 305 5.67 27.90 -39.00
CA GLN A 305 6.00 29.31 -39.11
C GLN A 305 5.36 29.94 -40.35
N ASP A 306 5.41 29.23 -41.48
CA ASP A 306 4.78 29.74 -42.69
C ASP A 306 3.28 29.94 -42.50
N VAL A 307 2.62 28.95 -41.88
CA VAL A 307 1.19 29.05 -41.65
C VAL A 307 0.87 30.24 -40.74
N TYR A 308 1.67 30.43 -39.70
CA TYR A 308 1.43 31.55 -38.78
C TYR A 308 1.58 32.88 -39.50
N LEU A 309 2.62 33.01 -40.33
CA LEU A 309 2.80 34.26 -41.07
C LEU A 309 1.63 34.51 -42.02
N LYS A 310 1.15 33.46 -42.70
CA LYS A 310 0.01 33.62 -43.58
C LYS A 310 -1.24 34.04 -42.80
N ILE A 311 -1.45 33.46 -41.62
CA ILE A 311 -2.59 33.83 -40.80
C ILE A 311 -2.51 35.30 -40.40
N ILE A 312 -1.32 35.75 -39.99
CA ILE A 312 -1.15 37.15 -39.64
C ILE A 312 -1.48 38.04 -40.82
N ASP A 313 -0.98 37.68 -42.01
CA ASP A 313 -1.27 38.48 -43.20
C ASP A 313 -2.76 38.54 -43.48
N ILE A 314 -3.45 37.41 -43.38
CA ILE A 314 -4.89 37.39 -43.66
C ILE A 314 -5.63 38.28 -42.66
N VAL A 315 -5.32 38.14 -41.37
CA VAL A 315 -6.02 38.93 -40.36
C VAL A 315 -5.78 40.42 -40.59
N GLN A 316 -4.54 40.81 -40.89
CA GLN A 316 -4.27 42.22 -41.13
C GLN A 316 -4.99 42.71 -42.37
N SER A 317 -5.04 41.90 -43.43
CA SER A 317 -5.65 42.34 -44.68
C SER A 317 -7.16 42.48 -44.56
N HIS A 318 -7.80 41.65 -43.74
CA HIS A 318 -9.25 41.71 -43.63
C HIS A 318 -9.74 42.83 -42.73
N GLY A 319 -8.84 43.66 -42.18
CA GLY A 319 -9.23 44.81 -41.40
C GLY A 319 -9.31 44.58 -39.90
N ALA A 320 -9.17 43.34 -39.44
CA ALA A 320 -9.22 43.05 -38.02
C ALA A 320 -7.83 43.22 -37.41
N ASP A 321 -7.70 42.83 -36.14
CA ASP A 321 -6.42 42.91 -35.46
C ASP A 321 -6.45 41.99 -34.25
N PHE A 322 -5.26 41.65 -33.77
CA PHE A 322 -5.13 40.83 -32.57
C PHE A 322 -5.38 41.68 -31.33
N ALA A 323 -6.00 41.07 -30.32
CA ALA A 323 -6.44 41.77 -29.13
C ALA A 323 -5.43 41.63 -28.01
N PHE A 324 -5.04 42.74 -27.41
CA PHE A 324 -4.25 42.74 -26.20
C PHE A 324 -5.16 42.54 -24.98
N PRO A 325 -4.60 42.05 -23.87
CA PRO A 325 -5.40 41.99 -22.63
C PRO A 325 -6.01 43.35 -22.30
N SER A 326 -7.33 43.45 -22.34
CA SER A 326 -8.03 44.71 -22.21
C SER A 326 -8.56 44.88 -20.79
N GLN A 327 -9.00 46.10 -20.49
CA GLN A 327 -9.46 46.44 -19.14
C GLN A 327 -10.21 47.76 -19.21
N THR A 328 -11.30 47.86 -18.45
CA THR A 328 -12.09 49.09 -18.35
C THR A 328 -11.83 49.74 -17.00
N LEU A 329 -11.47 51.02 -17.01
CA LEU A 329 -11.08 51.73 -15.80
C LEU A 329 -12.05 52.87 -15.54
N TYR A 330 -12.53 52.95 -14.31
CA TYR A 330 -13.44 54.01 -13.86
C TYR A 330 -12.64 54.94 -12.95
N MET A 331 -12.29 56.10 -13.47
CA MET A 331 -11.45 57.03 -12.73
C MET A 331 -12.26 57.84 -11.73
N ASP A 332 -11.60 58.24 -10.65
CA ASP A 332 -12.26 59.03 -9.60
C ASP A 332 -11.33 60.11 -9.06
N ALA B 1 -3.28 -67.85 -25.56
CA ALA B 1 -2.13 -68.46 -24.92
C ALA B 1 -1.08 -67.41 -24.58
N GLU B 2 -0.07 -67.29 -25.45
CA GLU B 2 0.97 -66.30 -25.21
C GLU B 2 0.41 -64.88 -25.25
N LEU B 3 -0.50 -64.60 -26.18
CA LEU B 3 -1.11 -63.28 -26.31
C LEU B 3 -2.42 -63.17 -25.54
N PHE B 4 -2.78 -64.18 -24.76
CA PHE B 4 -4.00 -64.14 -23.97
C PHE B 4 -3.73 -63.36 -22.68
N THR B 5 -4.77 -63.16 -21.86
CA THR B 5 -4.68 -62.41 -20.61
C THR B 5 -4.42 -60.94 -20.97
N ASN B 6 -3.48 -60.26 -20.30
CA ASN B 6 -3.28 -58.84 -20.57
C ASN B 6 -2.80 -58.60 -22.00
N ASN B 7 -2.15 -59.59 -22.61
CA ASN B 7 -1.65 -59.41 -23.98
C ASN B 7 -2.78 -59.11 -24.95
N ALA B 8 -3.94 -59.75 -24.77
CA ALA B 8 -5.05 -59.52 -25.68
C ALA B 8 -5.54 -58.08 -25.61
N LEU B 9 -5.76 -57.57 -24.40
CA LEU B 9 -6.25 -56.20 -24.24
C LEU B 9 -5.21 -55.19 -24.73
N ASN B 10 -3.93 -55.44 -24.44
CA ASN B 10 -2.87 -54.56 -24.90
C ASN B 10 -2.80 -54.54 -26.42
N LEU B 11 -2.94 -55.72 -27.05
CA LEU B 11 -2.92 -55.78 -28.51
C LEU B 11 -4.11 -55.05 -29.11
N VAL B 12 -5.28 -55.19 -28.48
CA VAL B 12 -6.46 -54.49 -28.96
C VAL B 12 -6.25 -52.98 -28.87
N ILE B 13 -5.70 -52.52 -27.75
CA ILE B 13 -5.45 -51.09 -27.57
C ILE B 13 -4.43 -50.60 -28.59
N ILE B 14 -3.39 -51.38 -28.85
CA ILE B 14 -2.39 -50.97 -29.83
C ILE B 14 -2.98 -50.94 -31.23
N PHE B 15 -3.85 -51.89 -31.57
CA PHE B 15 -4.50 -51.86 -32.87
C PHE B 15 -5.40 -50.64 -33.01
N GLY B 16 -6.15 -50.31 -31.97
CA GLY B 16 -6.97 -49.10 -32.00
C GLY B 16 -6.13 -47.85 -32.15
N SER B 17 -5.00 -47.79 -31.44
CA SER B 17 -4.11 -46.65 -31.57
C SER B 17 -3.53 -46.55 -32.97
N CYS B 18 -3.16 -47.68 -33.57
CA CYS B 18 -2.64 -47.66 -34.94
C CYS B 18 -3.73 -47.19 -35.92
N ALA B 19 -4.96 -47.65 -35.72
CA ALA B 19 -6.06 -47.19 -36.57
C ALA B 19 -6.27 -45.69 -36.44
N ALA B 20 -6.23 -45.17 -35.20
CA ALA B 20 -6.36 -43.74 -34.99
C ALA B 20 -5.21 -42.98 -35.64
N LEU B 21 -4.00 -43.51 -35.55
CA LEU B 21 -2.85 -42.87 -36.17
C LEU B 21 -2.99 -42.83 -37.69
N ILE B 22 -3.49 -43.92 -38.28
CA ILE B 22 -3.68 -43.94 -39.73
C ILE B 22 -4.78 -42.95 -40.13
N LEU B 23 -5.85 -42.88 -39.34
CA LEU B 23 -6.90 -41.91 -39.61
C LEU B 23 -6.37 -40.49 -39.55
N MET B 24 -5.52 -40.20 -38.55
CA MET B 24 -4.92 -38.87 -38.45
C MET B 24 -3.97 -38.59 -39.60
N SER B 25 -3.24 -39.62 -40.06
CA SER B 25 -2.36 -39.44 -41.21
C SER B 25 -3.17 -39.09 -42.46
N PHE B 26 -4.30 -39.77 -42.66
CA PHE B 26 -5.18 -39.42 -43.77
C PHE B 26 -5.73 -38.01 -43.60
N TRP B 27 -6.13 -37.65 -42.37
CA TRP B 27 -6.67 -36.32 -42.12
C TRP B 27 -5.64 -35.23 -42.43
N PHE B 28 -4.36 -35.50 -42.15
CA PHE B 28 -3.32 -34.52 -42.34
C PHE B 28 -3.04 -34.30 -43.82
N ARG B 29 -3.68 -33.31 -44.42
CA ARG B 29 -3.50 -32.97 -45.82
C ARG B 29 -3.00 -31.53 -45.90
N ARG B 30 -1.84 -31.33 -46.52
CA ARG B 30 -1.26 -30.00 -46.63
C ARG B 30 -0.85 -29.47 -45.27
N GLY B 31 -0.17 -28.33 -45.24
CA GLY B 31 0.18 -27.70 -43.99
C GLY B 31 -0.87 -26.70 -43.54
N ASN B 32 -0.49 -25.43 -43.41
CA ASN B 32 -1.41 -24.35 -43.04
C ASN B 32 -2.12 -24.76 -41.75
N ARG B 33 -3.46 -24.72 -41.69
CA ARG B 33 -4.16 -25.07 -40.46
C ARG B 33 -3.96 -26.55 -40.12
N LYS B 34 -3.74 -27.39 -41.12
CA LYS B 34 -3.57 -28.82 -40.88
C LYS B 34 -2.39 -29.10 -39.97
N ARG B 35 -1.27 -28.41 -40.22
CA ARG B 35 -0.10 -28.55 -39.37
C ARG B 35 -0.24 -27.68 -38.13
N LYS B 36 -0.44 -28.32 -36.98
CA LYS B 36 -0.63 -27.63 -35.70
C LYS B 36 0.57 -27.92 -34.81
N GLY B 37 1.41 -26.91 -34.58
CA GLY B 37 2.56 -27.11 -33.71
C GLY B 37 2.18 -27.37 -32.27
N PHE B 38 1.13 -26.71 -31.79
CA PHE B 38 0.70 -26.87 -30.41
C PHE B 38 -0.24 -28.05 -30.20
N LEU B 39 -0.95 -28.49 -31.24
CA LEU B 39 -1.92 -29.57 -31.14
C LEU B 39 -1.43 -30.86 -31.78
N PHE B 40 -0.97 -30.79 -33.03
CA PHE B 40 -0.48 -31.99 -33.70
C PHE B 40 0.75 -32.55 -32.99
N HIS B 41 1.63 -31.68 -32.49
CA HIS B 41 2.78 -32.15 -31.74
C HIS B 41 2.36 -32.95 -30.51
N ALA B 42 1.40 -32.43 -29.75
CA ALA B 42 0.93 -33.13 -28.57
C ALA B 42 0.25 -34.44 -28.94
N VAL B 43 -0.54 -34.43 -30.01
CA VAL B 43 -1.22 -35.67 -30.44
C VAL B 43 -0.20 -36.73 -30.80
N GLN B 44 0.83 -36.35 -31.57
CA GLN B 44 1.85 -37.30 -31.96
C GLN B 44 2.63 -37.80 -30.74
N PHE B 45 2.93 -36.90 -29.80
CA PHE B 45 3.64 -37.32 -28.60
C PHE B 45 2.83 -38.34 -27.81
N LEU B 46 1.53 -38.09 -27.66
CA LEU B 46 0.68 -39.04 -26.96
C LEU B 46 0.62 -40.38 -27.70
N ILE B 47 0.53 -40.35 -29.03
CA ILE B 47 0.48 -41.58 -29.79
C ILE B 47 1.76 -42.39 -29.59
N TYR B 48 2.91 -41.72 -29.68
CA TYR B 48 4.18 -42.42 -29.47
C TYR B 48 4.28 -42.97 -28.06
N THR B 49 3.84 -42.19 -27.07
CA THR B 49 3.90 -42.65 -25.69
C THR B 49 3.05 -43.91 -25.49
N ILE B 50 1.82 -43.90 -26.03
CA ILE B 50 0.96 -45.06 -25.86
C ILE B 50 1.52 -46.27 -26.59
N ILE B 51 2.06 -46.07 -27.80
CA ILE B 51 2.63 -47.19 -28.55
C ILE B 51 3.82 -47.79 -27.80
N ILE B 52 4.70 -46.93 -27.29
CA ILE B 52 5.87 -47.43 -26.57
C ILE B 52 5.46 -48.14 -25.29
N SER B 53 4.45 -47.60 -24.58
CA SER B 53 3.98 -48.25 -23.37
C SER B 53 3.42 -49.63 -23.68
N ALA B 54 2.62 -49.75 -24.74
CA ALA B 54 2.06 -51.05 -25.11
C ALA B 54 3.16 -52.03 -25.49
N VAL B 55 4.12 -51.59 -26.29
CA VAL B 55 5.21 -52.48 -26.71
C VAL B 55 6.00 -52.94 -25.50
N GLY B 56 6.33 -52.01 -24.60
CA GLY B 56 7.08 -52.38 -23.40
C GLY B 56 6.30 -53.35 -22.52
N SER B 57 5.01 -53.12 -22.35
CA SER B 57 4.20 -54.03 -21.55
C SER B 57 4.20 -55.43 -22.15
N ILE B 58 3.98 -55.53 -23.46
CA ILE B 58 3.96 -56.83 -24.11
C ILE B 58 5.29 -57.54 -23.95
N ILE B 59 6.39 -56.83 -24.23
CA ILE B 59 7.71 -57.45 -24.17
C ILE B 59 8.04 -57.89 -22.75
N ASN B 60 7.71 -57.05 -21.76
CA ASN B 60 7.99 -57.39 -20.37
C ASN B 60 7.18 -58.61 -19.94
N TYR B 61 5.89 -58.65 -20.32
CA TYR B 61 5.06 -59.78 -19.94
C TYR B 61 5.60 -61.07 -20.56
N VAL B 62 6.02 -60.99 -21.82
CA VAL B 62 6.56 -62.18 -22.48
C VAL B 62 7.86 -62.62 -21.81
N ILE B 63 8.75 -61.68 -21.50
CA ILE B 63 10.05 -62.05 -20.95
C ILE B 63 9.90 -62.63 -19.55
N GLU B 64 9.08 -62.00 -18.71
CA GLU B 64 8.90 -62.48 -17.34
C GLU B 64 8.30 -63.88 -17.34
N ASN B 65 7.43 -64.18 -18.30
CA ASN B 65 6.82 -65.51 -18.36
C ASN B 65 7.75 -66.52 -19.01
N TYR B 66 8.83 -66.07 -19.64
CA TYR B 66 9.77 -66.95 -20.33
C TYR B 66 11.19 -66.82 -19.82
N LYS B 67 11.46 -65.84 -18.94
CA LYS B 67 12.78 -65.65 -18.34
C LYS B 67 13.68 -64.86 -19.29
N LEU B 68 14.82 -64.38 -18.78
CA LEU B 68 15.75 -63.62 -19.60
C LEU B 68 17.17 -63.74 -19.05
N LYS B 69 18.15 -63.87 -19.94
CA LYS B 69 19.55 -63.99 -19.52
C LYS B 69 20.17 -62.61 -19.35
N PHE B 70 19.54 -61.76 -18.54
CA PHE B 70 20.07 -60.42 -18.31
C PHE B 70 19.37 -59.83 -17.09
N ILE B 71 20.14 -59.13 -16.27
CA ILE B 71 19.62 -58.51 -15.05
C ILE B 71 18.91 -57.21 -15.41
N THR B 72 17.98 -56.81 -14.56
CA THR B 72 17.23 -55.57 -14.73
C THR B 72 16.57 -55.54 -16.11
N PRO B 73 15.55 -56.37 -16.35
CA PRO B 73 14.87 -56.31 -17.66
C PRO B 73 14.22 -54.97 -17.95
N GLY B 74 13.96 -54.15 -16.91
CA GLY B 74 13.33 -52.86 -17.12
C GLY B 74 14.16 -51.88 -17.92
N VAL B 75 15.35 -52.29 -18.37
CA VAL B 75 16.21 -51.44 -19.18
C VAL B 75 15.46 -51.04 -20.44
N ILE B 76 14.55 -51.91 -20.90
CA ILE B 76 13.74 -51.57 -22.07
C ILE B 76 12.84 -50.38 -21.75
N ASP B 77 12.38 -50.29 -20.51
CA ASP B 77 11.62 -49.11 -20.09
C ASP B 77 12.48 -47.85 -20.22
N PHE B 78 13.75 -47.96 -19.83
CA PHE B 78 14.68 -46.84 -20.00
C PHE B 78 14.84 -46.48 -21.47
N ILE B 79 14.93 -47.49 -22.34
CA ILE B 79 15.06 -47.23 -23.77
C ILE B 79 13.83 -46.52 -24.30
N CYS B 80 12.64 -46.97 -23.87
CA CYS B 80 11.40 -46.33 -24.31
C CYS B 80 11.33 -44.88 -23.82
N THR B 81 11.74 -44.63 -22.57
CA THR B 81 11.76 -43.27 -22.07
C THR B 81 12.71 -42.40 -22.86
N SER B 82 13.89 -42.94 -23.20
CA SER B 82 14.85 -42.18 -23.99
C SER B 82 14.30 -41.89 -25.38
N LEU B 83 13.60 -42.85 -25.99
CA LEU B 83 13.00 -42.62 -27.30
C LEU B 83 11.94 -41.54 -27.23
N ILE B 84 11.09 -41.58 -26.19
CA ILE B 84 10.08 -40.54 -26.03
C ILE B 84 10.74 -39.18 -25.85
N ALA B 85 11.80 -39.11 -25.04
CA ALA B 85 12.50 -37.86 -24.83
C ALA B 85 13.10 -37.32 -26.12
N VAL B 86 13.71 -38.19 -26.91
CA VAL B 86 14.33 -37.73 -28.16
C VAL B 86 13.26 -37.28 -29.14
N ILE B 87 12.12 -37.97 -29.18
CA ILE B 87 11.03 -37.57 -30.06
C ILE B 87 10.52 -36.19 -29.66
N LEU B 88 10.31 -35.98 -28.36
CA LEU B 88 9.83 -34.68 -27.90
C LEU B 88 10.85 -33.59 -28.18
N THR B 89 12.14 -33.89 -28.00
CA THR B 89 13.18 -32.90 -28.29
C THR B 89 13.19 -32.54 -29.78
N ILE B 90 13.06 -33.54 -30.65
CA ILE B 90 13.03 -33.27 -32.08
C ILE B 90 11.83 -32.41 -32.44
N LYS B 91 10.66 -32.73 -31.86
CA LYS B 91 9.47 -31.93 -32.13
C LYS B 91 9.65 -30.49 -31.65
N LEU B 92 10.23 -30.31 -30.46
CA LEU B 92 10.47 -28.97 -29.95
C LEU B 92 11.44 -28.20 -30.83
N PHE B 93 12.49 -28.86 -31.30
CA PHE B 93 13.44 -28.20 -32.19
C PHE B 93 12.78 -27.80 -33.50
N LEU B 94 11.93 -28.68 -34.04
CA LEU B 94 11.20 -28.32 -35.26
C LEU B 94 10.30 -27.13 -35.03
N LEU B 95 9.59 -27.10 -33.89
CA LEU B 95 8.73 -25.96 -33.58
C LEU B 95 9.55 -24.68 -33.44
N ILE B 96 10.71 -24.76 -32.79
CA ILE B 96 11.56 -23.58 -32.64
C ILE B 96 12.04 -23.08 -33.99
N ASN B 97 12.42 -24.00 -34.88
CA ASN B 97 12.86 -23.60 -36.21
C ASN B 97 11.72 -22.95 -36.98
N GLN B 98 10.51 -23.51 -36.87
CA GLN B 98 9.36 -22.90 -37.54
C GLN B 98 9.08 -21.50 -37.01
N PHE B 99 9.18 -21.33 -35.68
CA PHE B 99 8.98 -20.00 -35.10
C PHE B 99 10.03 -19.02 -35.57
N GLU B 100 11.29 -19.47 -35.64
CA GLU B 100 12.35 -18.60 -36.14
C GLU B 100 12.10 -18.21 -37.58
N LYS B 101 11.68 -19.15 -38.42
CA LYS B 101 11.38 -18.84 -39.81
C LYS B 101 10.24 -17.83 -39.91
N GLN B 102 9.19 -18.02 -39.10
CA GLN B 102 8.07 -17.10 -39.12
C GLN B 102 8.50 -15.70 -38.69
N GLN B 103 9.34 -15.61 -37.66
CA GLN B 103 9.82 -14.30 -37.20
C GLN B 103 10.68 -13.64 -38.27
N ALA B 104 11.57 -14.41 -38.90
CA ALA B 104 12.42 -13.85 -39.95
C ALA B 104 11.59 -13.35 -41.12
N ALA B 105 10.57 -14.11 -41.52
CA ALA B 105 9.70 -13.68 -42.60
C ALA B 105 8.97 -12.39 -42.27
N LYS B 106 8.83 -12.06 -40.99
CA LYS B 106 8.16 -10.84 -40.56
C LYS B 106 9.14 -9.75 -40.13
N GLY B 107 10.43 -10.05 -40.06
CA GLY B 107 11.42 -9.05 -39.72
C GLY B 107 11.85 -9.08 -38.27
N ARG B 108 13.07 -9.55 -38.01
CA ARG B 108 13.62 -9.60 -36.66
C ARG B 108 15.14 -9.54 -36.73
N ASP B 109 15.75 -9.02 -35.67
CA ASP B 109 17.21 -8.94 -35.62
C ASP B 109 17.81 -10.34 -35.62
N ILE B 110 18.88 -10.50 -36.39
CA ILE B 110 19.49 -11.82 -36.55
C ILE B 110 20.08 -12.30 -35.24
N THR B 111 20.89 -11.46 -34.58
CA THR B 111 21.58 -11.87 -33.35
C THR B 111 20.64 -12.04 -32.17
N SER B 112 19.74 -11.08 -31.95
CA SER B 112 18.84 -11.15 -30.80
C SER B 112 17.91 -12.36 -30.89
N ALA B 113 17.37 -12.62 -32.09
CA ALA B 113 16.46 -13.75 -32.25
C ALA B 113 17.17 -15.07 -31.95
N ARG B 114 18.39 -15.22 -32.47
CA ARG B 114 19.13 -16.46 -32.24
C ARG B 114 19.53 -16.60 -30.77
N ILE B 115 19.89 -15.50 -30.12
CA ILE B 115 20.21 -15.56 -28.70
C ILE B 115 18.98 -15.97 -27.90
N MET B 116 17.82 -15.40 -28.23
CA MET B 116 16.59 -15.76 -27.53
C MET B 116 16.25 -17.22 -27.76
N SER B 117 16.44 -17.72 -28.98
CA SER B 117 16.20 -19.14 -29.22
C SER B 117 17.15 -20.01 -28.40
N ARG B 118 18.43 -19.62 -28.33
CA ARG B 118 19.39 -20.38 -27.55
C ARG B 118 18.99 -20.42 -26.08
N ILE B 119 18.59 -19.28 -25.53
CA ILE B 119 18.17 -19.25 -24.13
C ILE B 119 16.90 -20.06 -23.92
N ILE B 120 15.99 -20.04 -24.89
CA ILE B 120 14.75 -20.82 -24.78
C ILE B 120 15.08 -22.30 -24.71
N LYS B 121 15.96 -22.77 -25.60
CA LYS B 121 16.29 -24.20 -25.59
C LYS B 121 17.13 -24.56 -24.36
N ILE B 122 17.90 -23.62 -23.83
CA ILE B 122 18.59 -23.87 -22.57
C ILE B 122 17.59 -24.08 -21.44
N THR B 123 16.57 -23.22 -21.39
CA THR B 123 15.51 -23.40 -20.39
C THR B 123 14.78 -24.72 -20.60
N ILE B 124 14.56 -25.11 -21.86
CA ILE B 124 13.90 -26.38 -22.14
C ILE B 124 14.74 -27.54 -21.63
N ILE B 125 16.05 -27.48 -21.86
CA ILE B 125 16.95 -28.52 -21.34
C ILE B 125 16.90 -28.57 -19.82
N VAL B 126 16.88 -27.40 -19.18
CA VAL B 126 16.81 -27.36 -17.73
C VAL B 126 15.52 -28.02 -17.23
N VAL B 127 14.39 -27.70 -17.86
CA VAL B 127 13.12 -28.26 -17.42
C VAL B 127 13.09 -29.76 -17.68
N LEU B 128 13.67 -30.21 -18.80
CA LEU B 128 13.73 -31.64 -19.08
C LEU B 128 14.56 -32.37 -18.03
N VAL B 129 15.70 -31.78 -17.65
CA VAL B 129 16.52 -32.39 -16.59
C VAL B 129 15.74 -32.44 -15.28
N LEU B 130 15.03 -31.36 -14.95
CA LEU B 130 14.24 -31.35 -13.73
C LEU B 130 13.18 -32.44 -13.75
N LEU B 131 12.51 -32.62 -14.88
CA LEU B 131 11.47 -33.65 -14.96
C LEU B 131 12.05 -35.05 -14.79
N TYR B 132 13.20 -35.31 -15.39
CA TYR B 132 13.82 -36.63 -15.30
C TYR B 132 14.23 -36.94 -13.87
N GLY B 133 14.06 -38.19 -13.48
CA GLY B 133 14.41 -38.65 -12.15
C GLY B 133 15.81 -39.23 -12.08
N GLU B 134 16.02 -40.08 -11.08
CA GLU B 134 17.33 -40.70 -10.91
C GLU B 134 17.68 -41.61 -12.08
N HIS B 135 16.67 -42.12 -12.79
CA HIS B 135 16.95 -42.98 -13.93
C HIS B 135 17.71 -42.25 -15.03
N PHE B 136 17.36 -40.99 -15.27
CA PHE B 136 18.03 -40.17 -16.27
C PHE B 136 18.82 -39.09 -15.53
N GLY B 137 20.10 -39.36 -15.31
CA GLY B 137 20.93 -38.40 -14.57
C GLY B 137 20.36 -38.15 -13.19
N MET B 138 20.33 -36.89 -12.79
CA MET B 138 19.79 -36.49 -11.50
C MET B 138 18.70 -35.45 -11.70
N SER B 139 17.62 -35.57 -10.90
CA SER B 139 16.50 -34.66 -11.04
C SER B 139 16.90 -33.23 -10.76
N LEU B 140 17.73 -33.00 -9.75
CA LEU B 140 18.17 -31.66 -9.36
C LEU B 140 17.00 -30.82 -8.84
N SER B 141 16.00 -31.48 -8.28
CA SER B 141 14.84 -30.77 -7.75
C SER B 141 15.24 -29.85 -6.60
N GLY B 142 16.13 -30.32 -5.72
CA GLY B 142 16.55 -29.50 -4.59
C GLY B 142 17.21 -28.21 -5.03
N LEU B 143 18.05 -28.28 -6.07
CA LEU B 143 18.73 -27.07 -6.56
C LEU B 143 17.71 -26.04 -7.02
N LEU B 144 16.70 -26.47 -7.77
CA LEU B 144 15.66 -25.55 -8.21
C LEU B 144 14.80 -25.08 -7.04
N THR B 145 14.62 -25.93 -6.03
CA THR B 145 13.88 -25.59 -4.83
C THR B 145 14.79 -25.25 -3.67
N PHE B 146 16.04 -24.87 -3.94
CA PHE B 146 16.99 -24.55 -2.88
C PHE B 146 16.48 -23.42 -2.00
N GLY B 147 15.95 -22.37 -2.61
CA GLY B 147 15.38 -21.27 -1.87
C GLY B 147 14.10 -20.76 -2.49
N GLY B 148 13.45 -21.59 -3.29
CA GLY B 148 12.26 -21.18 -3.99
C GLY B 148 12.50 -20.37 -5.23
N ILE B 149 13.72 -20.42 -5.79
CA ILE B 149 14.03 -19.63 -6.98
C ILE B 149 13.11 -20.02 -8.13
N GLY B 150 13.02 -21.32 -8.42
CA GLY B 150 12.13 -21.77 -9.47
C GLY B 150 10.67 -21.45 -9.17
N GLY B 151 10.26 -21.62 -7.91
CA GLY B 151 8.90 -21.31 -7.55
C GLY B 151 8.55 -19.85 -7.81
N LEU B 152 9.41 -18.93 -7.37
CA LEU B 152 9.16 -17.51 -7.61
C LEU B 152 9.19 -17.19 -9.10
N ALA B 153 10.15 -17.77 -9.82
CA ALA B 153 10.28 -17.49 -11.25
C ALA B 153 9.02 -17.91 -11.99
N VAL B 154 8.47 -19.08 -11.67
CA VAL B 154 7.23 -19.51 -12.29
C VAL B 154 6.07 -18.63 -11.84
N GLY B 155 6.00 -18.33 -10.54
CA GLY B 155 4.85 -17.65 -10.00
C GLY B 155 4.67 -16.24 -10.56
N MET B 156 5.75 -15.46 -10.59
CA MET B 156 5.60 -14.08 -11.04
C MET B 156 5.22 -14.00 -12.52
N ALA B 157 5.91 -14.79 -13.36
CA ALA B 157 5.58 -14.79 -14.78
C ALA B 157 4.15 -15.27 -15.02
N GLY B 158 3.75 -16.35 -14.36
CA GLY B 158 2.39 -16.83 -14.51
C GLY B 158 1.36 -15.80 -14.07
N LYS B 159 1.63 -15.14 -12.94
CA LYS B 159 0.69 -14.14 -12.45
C LYS B 159 0.53 -13.00 -13.45
N ASP B 160 1.65 -12.48 -13.98
CA ASP B 160 1.57 -11.39 -14.94
C ASP B 160 0.81 -11.82 -16.19
N ILE B 161 1.20 -12.96 -16.78
CA ILE B 161 0.59 -13.40 -18.03
C ILE B 161 -0.90 -13.65 -17.83
N LEU B 162 -1.27 -14.35 -16.75
CA LEU B 162 -2.67 -14.67 -16.52
C LEU B 162 -3.48 -13.42 -16.24
N SER B 163 -2.93 -12.46 -15.49
CA SER B 163 -3.65 -11.23 -15.22
C SER B 163 -3.98 -10.51 -16.53
N ASN B 164 -2.97 -10.36 -17.40
CA ASN B 164 -3.23 -9.66 -18.66
C ASN B 164 -4.22 -10.44 -19.53
N PHE B 165 -4.07 -11.77 -19.60
CA PHE B 165 -4.95 -12.57 -20.44
C PHE B 165 -6.40 -12.49 -19.95
N PHE B 166 -6.60 -12.60 -18.65
CA PHE B 166 -7.96 -12.56 -18.09
C PHE B 166 -8.56 -11.17 -18.23
N SER B 167 -7.74 -10.13 -18.10
CA SER B 167 -8.24 -8.78 -18.35
C SER B 167 -8.71 -8.64 -19.79
N GLY B 168 -7.96 -9.18 -20.74
CA GLY B 168 -8.40 -9.15 -22.13
C GLY B 168 -9.71 -9.91 -22.34
N ILE B 169 -9.83 -11.07 -21.70
CA ILE B 169 -11.06 -11.86 -21.83
C ILE B 169 -12.25 -11.08 -21.28
N MET B 170 -12.07 -10.45 -20.11
CA MET B 170 -13.15 -9.66 -19.53
C MET B 170 -13.49 -8.46 -20.39
N LEU B 171 -12.48 -7.85 -21.02
CA LEU B 171 -12.74 -6.77 -21.96
C LEU B 171 -13.60 -7.25 -23.11
N TYR B 172 -13.29 -8.43 -23.65
CA TYR B 172 -14.10 -8.98 -24.73
C TYR B 172 -15.53 -9.23 -24.28
N PHE B 173 -15.71 -9.79 -23.09
CA PHE B 173 -17.05 -10.18 -22.65
C PHE B 173 -17.90 -8.97 -22.25
N ASP B 174 -17.33 -8.01 -21.54
CA ASP B 174 -18.11 -6.86 -21.08
C ASP B 174 -18.37 -5.86 -22.21
N ARG B 175 -17.43 -5.70 -23.12
CA ARG B 175 -17.54 -4.79 -24.25
C ARG B 175 -17.70 -3.32 -23.82
N PRO B 176 -16.81 -2.82 -22.96
CA PRO B 176 -16.84 -1.38 -22.67
C PRO B 176 -16.57 -0.53 -23.90
N PHE B 177 -15.79 -1.02 -24.85
CA PHE B 177 -15.46 -0.28 -26.05
C PHE B 177 -15.11 -1.26 -27.17
N SER B 178 -15.11 -0.75 -28.39
CA SER B 178 -14.80 -1.54 -29.58
C SER B 178 -13.70 -0.82 -30.38
N ILE B 179 -13.26 -1.47 -31.46
CA ILE B 179 -12.24 -0.87 -32.31
C ILE B 179 -12.79 0.40 -32.95
N GLY B 180 -11.98 1.45 -32.94
CA GLY B 180 -12.39 2.72 -33.51
C GLY B 180 -13.24 3.57 -32.60
N ASP B 181 -13.22 3.32 -31.29
CA ASP B 181 -14.04 4.05 -30.33
C ASP B 181 -13.16 5.02 -29.55
N TRP B 182 -13.63 6.25 -29.41
CA TRP B 182 -12.97 7.25 -28.59
C TRP B 182 -13.29 7.00 -27.12
N ILE B 183 -12.26 6.80 -26.31
CA ILE B 183 -12.43 6.44 -24.90
C ILE B 183 -11.53 7.31 -24.03
N ARG B 184 -11.86 7.35 -22.75
CA ARG B 184 -11.07 8.06 -21.75
C ARG B 184 -11.46 7.54 -20.38
N SER B 185 -10.69 7.96 -19.37
CA SER B 185 -10.92 7.52 -18.00
C SER B 185 -10.61 8.64 -17.03
N PRO B 186 -11.51 8.95 -16.09
CA PRO B 186 -11.19 9.96 -15.07
C PRO B 186 -10.10 9.55 -14.10
N ASP B 187 -9.79 8.25 -14.01
CA ASP B 187 -8.78 7.78 -13.06
C ASP B 187 -7.37 7.98 -13.60
N ARG B 188 -7.10 7.42 -14.78
CA ARG B 188 -5.82 7.60 -15.47
C ARG B 188 -6.12 7.95 -16.92
N ASN B 189 -5.15 8.62 -17.56
CA ASN B 189 -5.36 9.09 -18.92
C ASN B 189 -5.03 7.99 -19.92
N ILE B 190 -6.01 7.67 -20.77
CA ILE B 190 -5.84 6.70 -21.85
C ILE B 190 -6.50 7.26 -23.10
N GLU B 191 -6.77 8.56 -23.10
CA GLU B 191 -7.60 9.16 -24.14
C GLU B 191 -7.03 8.90 -25.53
N GLY B 192 -7.91 8.59 -26.45
CA GLY B 192 -7.53 8.28 -27.82
C GLY B 192 -8.56 7.37 -28.45
N THR B 193 -8.24 6.95 -29.67
CA THR B 193 -9.10 6.05 -30.43
C THR B 193 -8.51 4.65 -30.41
N VAL B 194 -9.32 3.66 -30.05
CA VAL B 194 -8.85 2.28 -29.96
C VAL B 194 -8.48 1.79 -31.35
N ALA B 195 -7.27 1.24 -31.48
CA ALA B 195 -6.78 0.73 -32.74
C ALA B 195 -6.81 -0.78 -32.84
N GLU B 196 -6.47 -1.48 -31.76
CA GLU B 196 -6.50 -2.94 -31.76
C GLU B 196 -6.49 -3.43 -30.32
N ILE B 197 -7.14 -4.57 -30.10
CA ILE B 197 -7.25 -5.16 -28.76
C ILE B 197 -6.58 -6.52 -28.84
N GLY B 198 -5.31 -6.58 -28.46
CA GLY B 198 -4.59 -7.84 -28.45
C GLY B 198 -4.84 -8.66 -27.21
N TRP B 199 -4.28 -9.86 -27.21
CA TRP B 199 -4.44 -10.76 -26.06
C TRP B 199 -3.71 -10.23 -24.82
N ARG B 200 -2.71 -9.39 -24.99
CA ARG B 200 -1.91 -8.88 -23.88
C ARG B 200 -1.90 -7.37 -23.78
N ILE B 201 -1.83 -6.67 -24.90
CA ILE B 201 -1.69 -5.21 -24.92
C ILE B 201 -2.76 -4.62 -25.82
N THR B 202 -3.33 -3.50 -25.39
CA THR B 202 -4.31 -2.75 -26.18
C THR B 202 -3.63 -1.51 -26.74
N LYS B 203 -3.74 -1.32 -28.05
CA LYS B 203 -3.12 -0.19 -28.73
C LYS B 203 -4.15 0.92 -28.93
N ILE B 204 -3.79 2.13 -28.51
CA ILE B 204 -4.67 3.30 -28.60
C ILE B 204 -3.94 4.38 -29.38
N THR B 205 -4.63 4.96 -30.36
CA THR B 205 -4.07 6.03 -31.18
C THR B 205 -4.52 7.37 -30.58
N THR B 206 -3.57 8.10 -29.99
CA THR B 206 -3.88 9.40 -29.41
C THR B 206 -4.27 10.38 -30.52
N PHE B 207 -4.77 11.54 -30.11
CA PHE B 207 -5.18 12.57 -31.05
C PHE B 207 -3.99 13.30 -31.67
N ASP B 208 -2.78 13.00 -31.21
CA ASP B 208 -1.55 13.45 -31.86
C ASP B 208 -1.10 12.50 -32.96
N ASN B 209 -1.81 11.39 -33.17
CA ASN B 209 -1.42 10.36 -34.13
C ASN B 209 -0.14 9.65 -33.67
N ARG B 210 -0.10 9.31 -32.38
CA ARG B 210 1.00 8.55 -31.81
C ARG B 210 0.47 7.30 -31.12
N PRO B 211 1.15 6.16 -31.27
CA PRO B 211 0.68 4.95 -30.60
C PRO B 211 0.80 5.05 -29.09
N LEU B 212 -0.14 4.40 -28.40
CA LEU B 212 -0.13 4.31 -26.95
C LEU B 212 -0.46 2.87 -26.57
N TYR B 213 0.49 2.20 -25.92
CA TYR B 213 0.36 0.80 -25.57
C TYR B 213 -0.04 0.69 -24.10
N VAL B 214 -1.24 0.16 -23.85
CA VAL B 214 -1.80 0.04 -22.51
C VAL B 214 -1.95 -1.46 -22.20
N PRO B 215 -1.30 -1.97 -21.17
CA PRO B 215 -1.53 -3.36 -20.78
C PRO B 215 -2.98 -3.59 -20.41
N ASN B 216 -3.50 -4.77 -20.77
CA ASN B 216 -4.91 -5.05 -20.56
C ASN B 216 -5.30 -4.99 -19.09
N SER B 217 -4.37 -5.32 -18.18
CA SER B 217 -4.70 -5.35 -16.76
C SER B 217 -5.01 -3.97 -16.20
N LEU B 218 -4.60 -2.90 -16.89
CA LEU B 218 -4.84 -1.56 -16.38
C LEU B 218 -6.31 -1.17 -16.46
N PHE B 219 -7.11 -1.87 -17.26
CA PHE B 219 -8.54 -1.62 -17.35
C PHE B 219 -9.34 -2.36 -16.29
N SER B 220 -8.68 -3.13 -15.43
CA SER B 220 -9.39 -4.02 -14.52
C SER B 220 -10.30 -3.25 -13.57
N SER B 221 -9.76 -2.25 -12.87
CA SER B 221 -10.51 -1.50 -11.87
C SER B 221 -10.35 -0.01 -12.14
N ILE B 222 -11.15 0.51 -13.07
CA ILE B 222 -11.21 1.94 -13.35
C ILE B 222 -12.53 2.20 -14.06
N SER B 223 -12.99 3.45 -13.99
CA SER B 223 -14.17 3.86 -14.74
C SER B 223 -13.76 4.24 -16.15
N VAL B 224 -14.40 3.63 -17.14
CA VAL B 224 -14.10 3.87 -18.55
C VAL B 224 -15.25 4.65 -19.16
N GLU B 225 -14.94 5.79 -19.77
CA GLU B 225 -15.90 6.59 -20.48
C GLU B 225 -15.77 6.34 -21.98
N ASN B 226 -16.90 6.37 -22.68
CA ASN B 226 -16.95 6.09 -24.11
C ASN B 226 -17.62 7.24 -24.84
N PRO B 227 -16.90 8.34 -25.06
CA PRO B 227 -17.47 9.45 -25.84
C PRO B 227 -17.89 9.04 -27.24
N GLY B 228 -17.27 8.03 -27.82
CA GLY B 228 -17.67 7.57 -29.14
C GLY B 228 -19.08 7.01 -29.19
N ARG B 229 -19.67 6.72 -28.04
CA ARG B 229 -21.06 6.24 -27.96
C ARG B 229 -22.02 7.32 -27.50
N MET B 230 -21.60 8.58 -27.51
CA MET B 230 -22.48 9.66 -27.05
C MET B 230 -23.69 9.80 -27.96
N THR B 231 -24.79 10.27 -27.39
CA THR B 231 -26.02 10.48 -28.14
C THR B 231 -26.24 11.94 -28.53
N ASN B 232 -25.48 12.87 -27.93
CA ASN B 232 -25.64 14.29 -28.24
C ASN B 232 -24.34 15.01 -27.90
N ARG B 233 -24.20 16.22 -28.44
CA ARG B 233 -23.08 17.10 -28.14
C ARG B 233 -23.60 18.32 -27.41
N ARG B 234 -22.96 18.66 -26.30
CA ARG B 234 -23.43 19.74 -25.44
C ARG B 234 -22.82 21.07 -25.86
N ILE B 235 -23.60 22.14 -25.65
CA ILE B 235 -23.15 23.50 -25.90
C ILE B 235 -23.35 24.29 -24.63
N THR B 236 -22.27 24.85 -24.08
CA THR B 236 -22.33 25.65 -22.87
C THR B 236 -21.51 26.92 -23.06
N THR B 237 -21.99 28.01 -22.50
CA THR B 237 -21.29 29.29 -22.58
C THR B 237 -21.86 30.22 -21.52
N THR B 238 -21.17 31.33 -21.32
CA THR B 238 -21.58 32.36 -20.36
C THR B 238 -21.58 33.70 -21.05
N ILE B 239 -22.63 34.49 -20.80
CA ILE B 239 -22.76 35.83 -21.33
C ILE B 239 -22.55 36.81 -20.18
N GLY B 240 -21.49 37.60 -20.26
CA GLY B 240 -21.19 38.57 -19.22
C GLY B 240 -21.54 39.99 -19.61
N LEU B 241 -22.63 40.49 -19.05
CA LEU B 241 -23.08 41.84 -19.35
C LEU B 241 -22.56 42.83 -18.31
N ARG B 242 -22.51 44.10 -18.71
CA ARG B 242 -22.07 45.15 -17.81
C ARG B 242 -23.09 45.36 -16.70
N TYR B 243 -22.60 45.84 -15.54
CA TYR B 243 -23.50 46.07 -14.41
C TYR B 243 -24.53 47.14 -14.73
N GLU B 244 -24.22 48.05 -15.64
CA GLU B 244 -25.18 49.08 -16.03
C GLU B 244 -26.27 48.55 -16.94
N ASP B 245 -26.16 47.30 -17.41
CA ASP B 245 -27.16 46.69 -18.27
C ASP B 245 -28.09 45.75 -17.51
N ALA B 246 -28.34 46.03 -16.23
CA ALA B 246 -29.18 45.17 -15.41
C ALA B 246 -30.65 45.29 -15.76
N ALA B 247 -31.06 46.38 -16.42
CA ALA B 247 -32.48 46.56 -16.73
C ALA B 247 -32.94 45.72 -17.92
N LYS B 248 -32.01 45.25 -18.75
CA LYS B 248 -32.36 44.48 -19.94
C LYS B 248 -32.01 43.01 -19.82
N VAL B 249 -31.66 42.53 -18.62
CA VAL B 249 -31.27 41.14 -18.45
C VAL B 249 -32.44 40.22 -18.80
N GLY B 250 -33.64 40.55 -18.32
CA GLY B 250 -34.79 39.70 -18.59
C GLY B 250 -35.11 39.61 -20.07
N VAL B 251 -35.11 40.77 -20.75
CA VAL B 251 -35.42 40.77 -22.19
C VAL B 251 -34.36 40.00 -22.97
N ILE B 252 -33.08 40.19 -22.60
CA ILE B 252 -32.02 39.47 -23.31
C ILE B 252 -32.15 37.97 -23.10
N VAL B 253 -32.44 37.55 -21.87
CA VAL B 253 -32.60 36.12 -21.59
C VAL B 253 -33.76 35.56 -22.40
N GLU B 254 -34.88 36.26 -22.42
CA GLU B 254 -36.03 35.78 -23.19
C GLU B 254 -35.71 35.68 -24.67
N ALA B 255 -35.01 36.68 -25.22
CA ALA B 255 -34.65 36.65 -26.64
C ALA B 255 -33.72 35.48 -26.94
N VAL B 256 -32.73 35.25 -26.07
CA VAL B 256 -31.79 34.15 -26.31
C VAL B 256 -32.52 32.81 -26.24
N ARG B 257 -33.42 32.65 -25.26
CA ARG B 257 -34.16 31.40 -25.15
C ARG B 257 -35.04 31.18 -26.38
N GLU B 258 -35.71 32.23 -26.84
CA GLU B 258 -36.55 32.11 -28.04
C GLU B 258 -35.70 31.73 -29.25
N MET B 259 -34.54 32.35 -29.41
CA MET B 259 -33.67 32.01 -30.52
C MET B 259 -33.23 30.55 -30.45
N LEU B 260 -32.86 30.08 -29.25
CA LEU B 260 -32.44 28.69 -29.11
C LEU B 260 -33.58 27.73 -29.41
N LYS B 261 -34.80 28.08 -29.01
CA LYS B 261 -35.93 27.16 -29.21
C LYS B 261 -36.31 27.00 -30.68
N ASN B 262 -35.88 27.93 -31.55
CA ASN B 262 -36.23 27.88 -32.96
C ASN B 262 -35.06 27.49 -33.85
N HIS B 263 -33.93 27.09 -33.26
CA HIS B 263 -32.77 26.74 -34.06
C HIS B 263 -32.91 25.32 -34.59
N PRO B 264 -32.80 25.10 -35.90
CA PRO B 264 -32.97 23.74 -36.44
C PRO B 264 -31.92 22.75 -35.94
N ALA B 265 -30.76 23.22 -35.50
CA ALA B 265 -29.69 22.32 -35.09
C ALA B 265 -29.77 21.91 -33.62
N ILE B 266 -30.66 22.51 -32.85
CA ILE B 266 -30.77 22.23 -31.42
C ILE B 266 -31.79 21.13 -31.19
N ASP B 267 -31.51 20.25 -30.23
CA ASP B 267 -32.40 19.17 -29.88
C ASP B 267 -33.39 19.64 -28.83
N GLN B 268 -34.67 19.68 -29.19
CA GLN B 268 -35.69 20.22 -28.29
C GLN B 268 -36.09 19.23 -27.19
N ARG B 269 -35.70 17.97 -27.30
CA ARG B 269 -36.04 16.99 -26.27
C ARG B 269 -35.02 16.94 -25.15
N GLN B 270 -33.90 17.62 -25.27
CA GLN B 270 -32.87 17.63 -24.25
C GLN B 270 -33.00 18.86 -23.37
N THR B 271 -32.08 19.00 -22.42
CA THR B 271 -32.08 20.15 -21.53
C THR B 271 -31.81 21.43 -22.31
N LEU B 272 -32.49 22.51 -21.91
CA LEU B 272 -32.35 23.80 -22.56
C LEU B 272 -32.60 24.89 -21.53
N LEU B 273 -31.53 25.46 -20.99
CA LEU B 273 -31.61 26.42 -19.90
C LEU B 273 -30.92 27.72 -20.28
N VAL B 274 -31.56 28.84 -19.99
CA VAL B 274 -30.99 30.18 -20.17
C VAL B 274 -31.51 31.05 -19.04
N TYR B 275 -30.65 31.33 -18.06
CA TYR B 275 -31.07 32.08 -16.88
C TYR B 275 -29.94 32.96 -16.38
N PHE B 276 -30.31 34.05 -15.72
CA PHE B 276 -29.34 34.87 -15.01
C PHE B 276 -28.80 34.08 -13.82
N ASN B 277 -27.52 33.76 -13.85
CA ASN B 277 -26.95 32.75 -12.96
C ASN B 277 -26.35 33.33 -11.68
N GLN B 278 -25.39 34.25 -11.80
CA GLN B 278 -24.65 34.68 -10.62
C GLN B 278 -24.04 36.04 -10.86
N PHE B 279 -23.71 36.71 -9.75
CA PHE B 279 -22.94 37.95 -9.80
C PHE B 279 -21.46 37.64 -9.93
N ALA B 280 -20.79 38.38 -10.81
CA ALA B 280 -19.36 38.22 -11.03
C ALA B 280 -18.64 39.47 -10.53
N ASP B 281 -17.31 39.44 -10.62
CA ASP B 281 -16.51 40.57 -10.14
C ASP B 281 -16.85 41.84 -10.92
N SER B 282 -16.99 41.73 -12.24
CA SER B 282 -17.26 42.91 -13.05
C SER B 282 -18.31 42.67 -14.14
N SER B 283 -19.19 41.69 -13.95
CA SER B 283 -20.22 41.42 -14.95
C SER B 283 -21.34 40.61 -14.33
N LEU B 284 -22.50 40.63 -14.99
CA LEU B 284 -23.63 39.80 -14.62
C LEU B 284 -23.71 38.64 -15.60
N ASN B 285 -23.51 37.42 -15.10
CA ASN B 285 -23.35 36.25 -15.95
C ASN B 285 -24.70 35.60 -16.25
N ILE B 286 -24.86 35.16 -17.49
CA ILE B 286 -26.03 34.42 -17.95
C ILE B 286 -25.56 33.08 -18.49
N MET B 287 -26.14 32.00 -18.00
CA MET B 287 -25.74 30.66 -18.41
C MET B 287 -26.52 30.21 -19.63
N VAL B 288 -25.85 29.45 -20.50
CA VAL B 288 -26.47 28.85 -21.67
C VAL B 288 -26.16 27.36 -21.65
N TYR B 289 -27.19 26.55 -21.87
CA TYR B 289 -27.08 25.10 -21.71
C TYR B 289 -28.05 24.43 -22.67
N CYS B 290 -27.53 23.73 -23.66
CA CYS B 290 -28.36 23.08 -24.67
C CYS B 290 -27.57 21.95 -25.30
N PHE B 291 -28.24 21.19 -26.17
CA PHE B 291 -27.65 20.06 -26.87
C PHE B 291 -27.95 20.18 -28.36
N THR B 292 -27.10 19.55 -29.17
CA THR B 292 -27.27 19.51 -30.62
C THR B 292 -27.68 18.11 -31.04
N LYS B 293 -28.47 18.04 -32.13
CA LYS B 293 -28.91 16.75 -32.63
C LYS B 293 -27.75 15.92 -33.14
N THR B 294 -26.81 16.54 -33.85
CA THR B 294 -25.71 15.83 -34.45
C THR B 294 -24.62 15.52 -33.43
N THR B 295 -23.86 14.46 -33.69
CA THR B 295 -22.71 14.09 -32.89
C THR B 295 -21.40 14.21 -33.66
N VAL B 296 -21.43 14.81 -34.85
CA VAL B 296 -20.23 14.96 -35.66
C VAL B 296 -19.46 16.19 -35.21
N TRP B 297 -18.13 16.10 -35.24
CA TRP B 297 -17.28 17.17 -34.73
C TRP B 297 -17.49 18.46 -35.51
N ALA B 298 -17.37 18.40 -36.84
CA ALA B 298 -17.44 19.61 -37.65
C ALA B 298 -18.82 20.25 -37.59
N GLU B 299 -19.87 19.43 -37.69
CA GLU B 299 -21.22 19.97 -37.64
C GLU B 299 -21.52 20.60 -36.29
N TRP B 300 -21.08 19.97 -35.21
CA TRP B 300 -21.27 20.55 -33.89
C TRP B 300 -20.54 21.88 -33.76
N LEU B 301 -19.31 21.95 -34.25
CA LEU B 301 -18.57 23.21 -34.18
C LEU B 301 -19.25 24.30 -35.00
N ALA B 302 -19.74 23.95 -36.19
CA ALA B 302 -20.43 24.95 -37.02
C ALA B 302 -21.70 25.45 -36.34
N ALA B 303 -22.47 24.55 -35.74
CA ALA B 303 -23.67 24.97 -35.03
C ALA B 303 -23.33 25.86 -33.85
N GLN B 304 -22.26 25.52 -33.11
CA GLN B 304 -21.84 26.35 -32.00
C GLN B 304 -21.44 27.75 -32.46
N GLN B 305 -20.70 27.84 -33.56
CA GLN B 305 -20.31 29.14 -34.08
C GLN B 305 -21.52 29.96 -34.49
N ASP B 306 -22.48 29.32 -35.16
CA ASP B 306 -23.69 30.04 -35.56
C ASP B 306 -24.45 30.56 -34.34
N VAL B 307 -24.58 29.72 -33.31
CA VAL B 307 -25.28 30.14 -32.10
C VAL B 307 -24.56 31.30 -31.44
N TYR B 308 -23.24 31.25 -31.38
CA TYR B 308 -22.48 32.34 -30.76
C TYR B 308 -22.68 33.65 -31.53
N LEU B 309 -22.63 33.58 -32.86
CA LEU B 309 -22.85 34.79 -33.66
C LEU B 309 -24.24 35.35 -33.44
N LYS B 310 -25.25 34.48 -33.38
CA LYS B 310 -26.61 34.94 -33.12
C LYS B 310 -26.72 35.60 -31.75
N ILE B 311 -26.06 35.02 -30.74
CA ILE B 311 -26.09 35.60 -29.40
C ILE B 311 -25.45 36.98 -29.41
N ILE B 312 -24.31 37.12 -30.10
CA ILE B 312 -23.67 38.44 -30.19
C ILE B 312 -24.61 39.44 -30.84
N ASP B 313 -25.27 39.04 -31.93
CA ASP B 313 -26.19 39.94 -32.60
C ASP B 313 -27.32 40.36 -31.68
N ILE B 314 -27.89 39.41 -30.94
CA ILE B 314 -29.00 39.73 -30.04
C ILE B 314 -28.55 40.72 -28.97
N VAL B 315 -27.41 40.45 -28.34
CA VAL B 315 -26.92 41.31 -27.28
C VAL B 315 -26.67 42.72 -27.81
N GLN B 316 -26.03 42.83 -28.98
CA GLN B 316 -25.78 44.15 -29.55
C GLN B 316 -27.09 44.86 -29.88
N SER B 317 -28.07 44.14 -30.42
CA SER B 317 -29.32 44.79 -30.83
C SER B 317 -30.13 45.26 -29.65
N HIS B 318 -30.08 44.56 -28.52
CA HIS B 318 -30.89 44.94 -27.38
C HIS B 318 -30.29 46.10 -26.57
N GLY B 319 -29.17 46.66 -27.02
CA GLY B 319 -28.60 47.83 -26.37
C GLY B 319 -27.56 47.54 -25.31
N ALA B 320 -27.36 46.27 -24.93
CA ALA B 320 -26.37 45.93 -23.93
C ALA B 320 -25.00 45.74 -24.60
N ASP B 321 -24.04 45.27 -23.82
CA ASP B 321 -22.70 45.01 -24.34
C ASP B 321 -21.98 44.06 -23.40
N PHE B 322 -20.93 43.42 -23.93
CA PHE B 322 -20.11 42.54 -23.13
C PHE B 322 -19.16 43.35 -22.25
N ALA B 323 -18.91 42.84 -21.06
CA ALA B 323 -18.14 43.56 -20.04
C ALA B 323 -16.68 43.13 -20.06
N PHE B 324 -15.78 44.09 -20.11
CA PHE B 324 -14.37 43.84 -19.91
C PHE B 324 -14.06 43.78 -18.42
N PRO B 325 -12.96 43.13 -18.03
CA PRO B 325 -12.53 43.18 -16.63
C PRO B 325 -12.40 44.62 -16.15
N SER B 326 -13.24 45.02 -15.20
CA SER B 326 -13.33 46.40 -14.76
C SER B 326 -12.55 46.61 -13.47
N GLN B 327 -12.37 47.88 -13.12
CA GLN B 327 -11.58 48.25 -11.95
C GLN B 327 -11.84 49.71 -11.62
N THR B 328 -11.93 50.01 -10.32
CA THR B 328 -12.11 51.38 -9.84
C THR B 328 -10.80 51.87 -9.24
N LEU B 329 -10.34 53.04 -9.71
CA LEU B 329 -9.05 53.58 -9.31
C LEU B 329 -9.23 54.90 -8.58
N TYR B 330 -8.60 55.01 -7.41
CA TYR B 330 -8.61 56.23 -6.60
C TYR B 330 -7.25 56.89 -6.73
N MET B 331 -7.20 57.97 -7.50
CA MET B 331 -5.94 58.64 -7.78
C MET B 331 -5.53 59.55 -6.63
N ASP B 332 -4.22 59.75 -6.47
CA ASP B 332 -3.70 60.59 -5.42
C ASP B 332 -2.49 61.40 -5.91
N ALA C 1 -34.29 -63.81 -4.57
CA ALA C 1 -33.19 -64.70 -4.93
C ALA C 1 -32.07 -63.94 -5.64
N GLU C 2 -32.08 -64.01 -6.97
CA GLU C 2 -31.06 -63.29 -7.75
C GLU C 2 -31.16 -61.79 -7.55
N LEU C 3 -32.39 -61.26 -7.51
CA LEU C 3 -32.62 -59.84 -7.33
C LEU C 3 -32.83 -59.46 -5.86
N PHE C 4 -32.66 -60.40 -4.95
CA PHE C 4 -32.82 -60.12 -3.52
C PHE C 4 -31.53 -59.48 -3.00
N THR C 5 -31.52 -59.09 -1.72
CA THR C 5 -30.37 -58.46 -1.08
C THR C 5 -30.20 -57.08 -1.72
N ASN C 6 -28.99 -56.66 -2.07
CA ASN C 6 -28.78 -55.32 -2.61
C ASN C 6 -29.52 -55.12 -3.93
N ASN C 7 -29.78 -56.20 -4.67
CA ASN C 7 -30.45 -56.06 -5.95
C ASN C 7 -31.84 -55.46 -5.79
N ALA C 8 -32.55 -55.82 -4.72
CA ALA C 8 -33.89 -55.29 -4.51
C ALA C 8 -33.87 -53.78 -4.30
N LEU C 9 -32.99 -53.31 -3.42
CA LEU C 9 -32.91 -51.87 -3.16
C LEU C 9 -32.45 -51.11 -4.40
N ASN C 10 -31.49 -51.66 -5.12
CA ASN C 10 -31.00 -51.03 -6.34
C ASN C 10 -32.10 -50.94 -7.38
N LEU C 11 -32.89 -52.01 -7.52
CA LEU C 11 -33.99 -52.01 -8.48
C LEU C 11 -35.05 -50.99 -8.08
N VAL C 12 -35.34 -50.90 -6.78
CA VAL C 12 -36.31 -49.90 -6.32
C VAL C 12 -35.81 -48.50 -6.62
N ILE C 13 -34.53 -48.24 -6.37
CA ILE C 13 -33.97 -46.92 -6.64
C ILE C 13 -34.02 -46.61 -8.13
N ILE C 14 -33.70 -47.60 -8.97
CA ILE C 14 -33.75 -47.38 -10.41
C ILE C 14 -35.17 -47.14 -10.89
N PHE C 15 -36.15 -47.85 -10.32
CA PHE C 15 -37.54 -47.60 -10.70
C PHE C 15 -37.98 -46.20 -10.28
N GLY C 16 -37.59 -45.77 -9.08
CA GLY C 16 -37.90 -44.40 -8.67
C GLY C 16 -37.26 -43.37 -9.57
N SER C 17 -36.00 -43.61 -9.96
CA SER C 17 -35.32 -42.70 -10.88
C SER C 17 -36.00 -42.67 -12.23
N CYS C 18 -36.44 -43.81 -12.74
CA CYS C 18 -37.15 -43.84 -14.01
C CYS C 18 -38.47 -43.09 -13.91
N ALA C 19 -39.19 -43.25 -12.79
CA ALA C 19 -40.43 -42.51 -12.60
C ALA C 19 -40.17 -41.01 -12.57
N ALA C 20 -39.11 -40.59 -11.87
CA ALA C 20 -38.76 -39.17 -11.83
C ALA C 20 -38.40 -38.66 -13.22
N LEU C 21 -37.67 -39.47 -13.99
CA LEU C 21 -37.30 -39.08 -15.34
C LEU C 21 -38.53 -38.92 -16.23
N ILE C 22 -39.50 -39.83 -16.09
CA ILE C 22 -40.72 -39.73 -16.88
C ILE C 22 -41.52 -38.50 -16.47
N LEU C 23 -41.57 -38.22 -15.17
CA LEU C 23 -42.25 -37.03 -14.69
C LEU C 23 -41.60 -35.76 -15.25
N MET C 24 -40.27 -35.73 -15.28
CA MET C 24 -39.57 -34.59 -15.85
C MET C 24 -39.79 -34.48 -17.34
N SER C 25 -39.87 -35.61 -18.04
CA SER C 25 -40.16 -35.58 -19.48
C SER C 25 -41.55 -34.98 -19.73
N PHE C 26 -42.54 -35.39 -18.93
CA PHE C 26 -43.85 -34.77 -19.04
C PHE C 26 -43.81 -33.29 -18.72
N TRP C 27 -43.06 -32.92 -17.68
CA TRP C 27 -42.95 -31.52 -17.30
C TRP C 27 -42.34 -30.68 -18.42
N PHE C 28 -41.38 -31.25 -19.15
CA PHE C 28 -40.69 -30.52 -20.20
C PHE C 28 -41.58 -30.31 -21.40
N ARG C 29 -42.26 -29.15 -21.45
CA ARG C 29 -43.14 -28.78 -22.55
C ARG C 29 -42.61 -27.50 -23.17
N ARG C 30 -42.31 -27.56 -24.47
CA ARG C 30 -41.79 -26.39 -25.16
C ARG C 30 -40.39 -26.04 -24.66
N GLY C 31 -39.73 -25.08 -25.31
CA GLY C 31 -38.45 -24.61 -24.84
C GLY C 31 -38.58 -23.43 -23.90
N ASN C 32 -38.00 -22.29 -24.29
CA ASN C 32 -38.08 -21.05 -23.52
C ASN C 32 -37.63 -21.36 -22.08
N ARG C 33 -38.42 -21.00 -21.06
CA ARG C 33 -37.99 -21.26 -19.68
C ARG C 33 -37.88 -22.75 -19.40
N LYS C 34 -38.67 -23.57 -20.10
CA LYS C 34 -38.66 -25.01 -19.87
C LYS C 34 -37.28 -25.59 -20.12
N ARG C 35 -36.64 -25.17 -21.20
CA ARG C 35 -35.29 -25.64 -21.51
C ARG C 35 -34.28 -24.82 -20.71
N LYS C 36 -33.64 -25.46 -19.73
CA LYS C 36 -32.66 -24.80 -18.87
C LYS C 36 -31.30 -25.42 -19.13
N GLY C 37 -30.41 -24.64 -19.74
CA GLY C 37 -29.07 -25.14 -20.02
C GLY C 37 -28.27 -25.39 -18.75
N PHE C 38 -28.43 -24.53 -17.75
CA PHE C 38 -27.69 -24.65 -16.51
C PHE C 38 -28.34 -25.59 -15.50
N LEU C 39 -29.65 -25.80 -15.60
CA LEU C 39 -30.38 -26.63 -14.64
C LEU C 39 -30.82 -27.96 -15.24
N PHE C 40 -31.46 -27.94 -16.41
CA PHE C 40 -31.88 -29.18 -17.04
C PHE C 40 -30.68 -30.05 -17.42
N HIS C 41 -29.59 -29.44 -17.86
CA HIS C 41 -28.39 -30.20 -18.18
C HIS C 41 -27.88 -30.94 -16.95
N ALA C 42 -27.80 -30.24 -15.82
CA ALA C 42 -27.33 -30.88 -14.59
C ALA C 42 -28.28 -31.99 -14.15
N VAL C 43 -29.59 -31.74 -14.25
CA VAL C 43 -30.58 -32.75 -13.85
C VAL C 43 -30.41 -34.01 -14.70
N GLN C 44 -30.28 -33.83 -16.02
CA GLN C 44 -30.12 -34.97 -16.90
C GLN C 44 -28.81 -35.70 -16.62
N PHE C 45 -27.73 -34.95 -16.35
CA PHE C 45 -26.45 -35.58 -16.04
C PHE C 45 -26.55 -36.42 -14.79
N LEU C 46 -27.22 -35.89 -13.75
CA LEU C 46 -27.40 -36.66 -12.52
C LEU C 46 -28.24 -37.90 -12.76
N ILE C 47 -29.30 -37.77 -13.57
CA ILE C 47 -30.15 -38.93 -13.87
C ILE C 47 -29.35 -40.01 -14.57
N TYR C 48 -28.56 -39.63 -15.58
CA TYR C 48 -27.76 -40.61 -16.29
C TYR C 48 -26.73 -41.25 -15.37
N THR C 49 -26.10 -40.45 -14.50
CA THR C 49 -25.11 -40.98 -13.58
C THR C 49 -25.73 -42.01 -12.65
N ILE C 50 -26.90 -41.70 -12.08
CA ILE C 50 -27.54 -42.62 -11.16
C ILE C 50 -27.95 -43.89 -11.90
N ILE C 51 -28.50 -43.76 -13.11
CA ILE C 51 -28.92 -44.94 -13.86
C ILE C 51 -27.72 -45.83 -14.16
N ILE C 52 -26.62 -45.23 -14.61
CA ILE C 52 -25.44 -46.03 -14.95
C ILE C 52 -24.87 -46.68 -13.70
N SER C 53 -24.85 -45.97 -12.58
CA SER C 53 -24.37 -46.56 -11.34
C SER C 53 -25.21 -47.75 -10.93
N ALA C 54 -26.54 -47.63 -11.01
CA ALA C 54 -27.41 -48.74 -10.64
C ALA C 54 -27.19 -49.94 -11.57
N VAL C 55 -27.12 -49.68 -12.88
CA VAL C 55 -26.93 -50.77 -13.82
C VAL C 55 -25.60 -51.47 -13.57
N GLY C 56 -24.54 -50.70 -13.37
CA GLY C 56 -23.24 -51.29 -13.09
C GLY C 56 -23.23 -52.10 -11.81
N SER C 57 -23.87 -51.58 -10.76
CA SER C 57 -23.94 -52.31 -9.50
C SER C 57 -24.67 -53.64 -9.69
N ILE C 58 -25.81 -53.62 -10.37
CA ILE C 58 -26.58 -54.85 -10.59
C ILE C 58 -25.74 -55.85 -11.39
N ILE C 59 -25.14 -55.41 -12.49
CA ILE C 59 -24.38 -56.32 -13.34
C ILE C 59 -23.19 -56.89 -12.59
N ASN C 60 -22.47 -56.04 -11.84
CA ASN C 60 -21.32 -56.51 -11.08
C ASN C 60 -21.74 -57.53 -10.03
N TYR C 61 -22.83 -57.26 -9.32
CA TYR C 61 -23.27 -58.20 -8.28
C TYR C 61 -23.65 -59.53 -8.91
N VAL C 62 -24.33 -59.49 -10.05
CA VAL C 62 -24.72 -60.73 -10.72
C VAL C 62 -23.49 -61.51 -11.17
N ILE C 63 -22.52 -60.81 -11.79
CA ILE C 63 -21.35 -61.49 -12.34
C ILE C 63 -20.50 -62.09 -11.23
N GLU C 64 -20.25 -61.33 -10.16
CA GLU C 64 -19.43 -61.84 -9.08
C GLU C 64 -20.06 -63.06 -8.42
N ASN C 65 -21.39 -63.10 -8.36
CA ASN C 65 -22.07 -64.24 -7.75
C ASN C 65 -22.18 -65.41 -8.73
N TYR C 66 -21.88 -65.18 -10.01
CA TYR C 66 -21.99 -66.21 -11.03
C TYR C 66 -20.68 -66.45 -11.78
N LYS C 67 -19.68 -65.61 -11.54
CA LYS C 67 -18.36 -65.75 -12.16
C LYS C 67 -18.36 -65.15 -13.57
N LEU C 68 -17.18 -64.97 -14.15
CA LEU C 68 -17.07 -64.41 -15.49
C LEU C 68 -15.78 -64.88 -16.17
N LYS C 69 -15.87 -65.19 -17.46
CA LYS C 69 -14.72 -65.64 -18.21
C LYS C 69 -13.92 -64.46 -18.77
N PHE C 70 -13.55 -63.53 -17.90
CA PHE C 70 -12.79 -62.36 -18.31
C PHE C 70 -12.19 -61.69 -17.09
N ILE C 71 -10.95 -61.23 -17.23
CA ILE C 71 -10.24 -60.58 -16.14
C ILE C 71 -10.70 -59.13 -16.04
N THR C 72 -10.56 -58.58 -14.83
CA THR C 72 -10.93 -57.19 -14.56
C THR C 72 -12.37 -56.93 -14.97
N PRO C 73 -13.36 -57.48 -14.25
CA PRO C 73 -14.76 -57.21 -14.60
C PRO C 73 -15.13 -55.74 -14.49
N GLY C 74 -14.36 -54.94 -13.75
CA GLY C 74 -14.66 -53.53 -13.60
C GLY C 74 -14.55 -52.72 -14.88
N VAL C 75 -14.24 -53.38 -16.00
CA VAL C 75 -14.15 -52.70 -17.29
C VAL C 75 -15.50 -52.07 -17.61
N ILE C 76 -16.57 -52.68 -17.11
CA ILE C 76 -17.91 -52.11 -17.31
C ILE C 76 -18.01 -50.77 -16.59
N ASP C 77 -17.33 -50.63 -15.45
CA ASP C 77 -17.27 -49.32 -14.79
C ASP C 77 -16.58 -48.31 -15.69
N PHE C 78 -15.52 -48.72 -16.37
CA PHE C 78 -14.86 -47.83 -17.33
C PHE C 78 -15.80 -47.44 -18.45
N ILE C 79 -16.59 -48.40 -18.95
CA ILE C 79 -17.55 -48.11 -20.02
C ILE C 79 -18.59 -47.10 -19.54
N CYS C 80 -19.09 -47.29 -18.31
CA CYS C 80 -20.07 -46.36 -17.76
C CYS C 80 -19.47 -44.96 -17.61
N THR C 81 -18.22 -44.89 -17.13
CA THR C 81 -17.58 -43.58 -16.99
C THR C 81 -17.40 -42.92 -18.36
N SER C 82 -17.03 -43.70 -19.37
CA SER C 82 -16.89 -43.15 -20.72
C SER C 82 -18.23 -42.65 -21.25
N LEU C 83 -19.30 -43.40 -21.00
CA LEU C 83 -20.63 -42.97 -21.43
C LEU C 83 -21.04 -41.68 -20.74
N ILE C 84 -20.78 -41.56 -19.43
CA ILE C 84 -21.09 -40.34 -18.71
C ILE C 84 -20.29 -39.18 -19.29
N ALA C 85 -19.01 -39.40 -19.56
CA ALA C 85 -18.17 -38.34 -20.11
C ALA C 85 -18.66 -37.89 -21.48
N VAL C 86 -19.04 -38.84 -22.34
CA VAL C 86 -19.53 -38.47 -23.67
C VAL C 86 -20.85 -37.74 -23.57
N ILE C 87 -21.73 -38.15 -22.65
CA ILE C 87 -23.00 -37.45 -22.48
C ILE C 87 -22.75 -36.01 -22.03
N LEU C 88 -21.86 -35.83 -21.06
CA LEU C 88 -21.56 -34.49 -20.58
C LEU C 88 -20.92 -33.64 -21.68
N THR C 89 -20.04 -34.24 -22.49
CA THR C 89 -19.43 -33.51 -23.58
C THR C 89 -20.47 -33.08 -24.61
N ILE C 90 -21.41 -33.98 -24.93
CA ILE C 90 -22.46 -33.63 -25.89
C ILE C 90 -23.32 -32.50 -25.34
N LYS C 91 -23.68 -32.57 -24.05
CA LYS C 91 -24.47 -31.50 -23.45
C LYS C 91 -23.72 -30.17 -23.48
N LEU C 92 -22.41 -30.19 -23.17
CA LEU C 92 -21.62 -28.98 -23.19
C LEU C 92 -21.54 -28.40 -24.61
N PHE C 93 -21.37 -29.27 -25.60
CA PHE C 93 -21.33 -28.80 -26.99
C PHE C 93 -22.65 -28.19 -27.40
N LEU C 94 -23.77 -28.81 -26.99
CA LEU C 94 -25.07 -28.23 -27.30
C LEU C 94 -25.24 -26.87 -26.64
N LEU C 95 -24.81 -26.74 -25.38
CA LEU C 95 -24.90 -25.46 -24.70
C LEU C 95 -24.04 -24.40 -25.39
N ILE C 96 -22.84 -24.78 -25.82
CA ILE C 96 -21.96 -23.85 -26.52
C ILE C 96 -22.60 -23.41 -27.83
N ASN C 97 -23.19 -24.34 -28.57
CA ASN C 97 -23.86 -23.98 -29.82
C ASN C 97 -25.04 -23.05 -29.57
N GLN C 98 -25.81 -23.31 -28.51
CA GLN C 98 -26.92 -22.42 -28.17
C GLN C 98 -26.42 -21.03 -27.82
N PHE C 99 -25.33 -20.95 -27.05
CA PHE C 99 -24.76 -19.65 -26.70
C PHE C 99 -24.27 -18.91 -27.94
N GLU C 100 -23.62 -19.63 -28.87
CA GLU C 100 -23.18 -19.00 -30.11
C GLU C 100 -24.35 -18.49 -30.92
N LYS C 101 -25.42 -19.28 -31.01
CA LYS C 101 -26.61 -18.82 -31.73
C LYS C 101 -27.20 -17.58 -31.09
N GLN C 102 -27.28 -17.57 -29.75
CA GLN C 102 -27.82 -16.40 -29.06
C GLN C 102 -26.96 -15.17 -29.31
N GLN C 103 -25.63 -15.33 -29.27
CA GLN C 103 -24.74 -14.20 -29.52
C GLN C 103 -24.89 -13.69 -30.95
N ALA C 104 -24.96 -14.61 -31.91
CA ALA C 104 -25.11 -14.20 -33.31
C ALA C 104 -26.43 -13.47 -33.52
N ALA C 105 -27.51 -13.95 -32.91
CA ALA C 105 -28.79 -13.28 -33.02
C ALA C 105 -28.74 -11.87 -32.45
N LYS C 106 -27.81 -11.58 -31.56
CA LYS C 106 -27.67 -10.27 -30.95
C LYS C 106 -26.53 -9.46 -31.55
N GLY C 107 -25.72 -10.05 -32.44
CA GLY C 107 -24.66 -9.33 -33.10
C GLY C 107 -23.29 -9.54 -32.46
N ARG C 108 -22.43 -10.28 -33.14
CA ARG C 108 -21.07 -10.52 -32.66
C ARG C 108 -20.16 -10.81 -33.84
N ASP C 109 -18.88 -10.51 -33.69
CA ASP C 109 -17.91 -10.77 -34.75
C ASP C 109 -17.80 -12.27 -35.01
N ILE C 110 -17.76 -12.63 -36.29
CA ILE C 110 -17.73 -14.05 -36.65
C ILE C 110 -16.46 -14.72 -36.18
N THR C 111 -15.30 -14.13 -36.47
CA THR C 111 -14.02 -14.75 -36.14
C THR C 111 -13.74 -14.76 -34.64
N SER C 112 -13.96 -13.64 -33.95
CA SER C 112 -13.66 -13.55 -32.53
C SER C 112 -14.55 -14.50 -31.72
N ALA C 113 -15.83 -14.57 -32.05
CA ALA C 113 -16.74 -15.45 -31.33
C ALA C 113 -16.32 -16.91 -31.48
N ARG C 114 -15.98 -17.32 -32.70
CA ARG C 114 -15.57 -18.70 -32.93
C ARG C 114 -14.25 -19.00 -32.24
N ILE C 115 -13.31 -18.05 -32.25
CA ILE C 115 -12.05 -18.26 -31.55
C ILE C 115 -12.29 -18.42 -30.06
N MET C 116 -13.17 -17.58 -29.49
CA MET C 116 -13.47 -17.68 -28.07
C MET C 116 -14.12 -19.01 -27.75
N SER C 117 -15.03 -19.49 -28.61
CA SER C 117 -15.63 -20.79 -28.39
C SER C 117 -14.58 -21.90 -28.45
N ARG C 118 -13.66 -21.81 -29.40
CA ARG C 118 -12.61 -22.82 -29.51
C ARG C 118 -11.75 -22.84 -28.25
N ILE C 119 -11.37 -21.67 -27.75
CA ILE C 119 -10.56 -21.61 -26.54
C ILE C 119 -11.35 -22.13 -25.34
N ILE C 120 -12.66 -21.84 -25.29
CA ILE C 120 -13.49 -22.32 -24.20
C ILE C 120 -13.52 -23.83 -24.18
N LYS C 121 -13.73 -24.45 -25.35
CA LYS C 121 -13.78 -25.91 -25.38
C LYS C 121 -12.40 -26.53 -25.15
N ILE C 122 -11.34 -25.82 -25.52
CA ILE C 122 -9.99 -26.29 -25.18
C ILE C 122 -9.81 -26.32 -23.66
N THR C 123 -10.24 -25.25 -22.99
CA THR C 123 -10.18 -25.24 -21.53
C THR C 123 -11.05 -26.35 -20.93
N ILE C 124 -12.21 -26.59 -21.53
CA ILE C 124 -13.09 -27.66 -21.05
C ILE C 124 -12.39 -29.01 -21.18
N ILE C 125 -11.72 -29.25 -22.31
CA ILE C 125 -10.98 -30.49 -22.50
C ILE C 125 -9.87 -30.62 -21.46
N VAL C 126 -9.18 -29.50 -21.20
CA VAL C 126 -8.10 -29.52 -20.21
C VAL C 126 -8.65 -29.89 -18.83
N VAL C 127 -9.78 -29.28 -18.44
CA VAL C 127 -10.35 -29.57 -17.13
C VAL C 127 -10.85 -31.00 -17.05
N LEU C 128 -11.42 -31.51 -18.15
CA LEU C 128 -11.87 -32.90 -18.18
C LEU C 128 -10.69 -33.86 -18.01
N VAL C 129 -9.58 -33.57 -18.69
CA VAL C 129 -8.38 -34.40 -18.54
C VAL C 129 -7.88 -34.34 -17.10
N LEU C 130 -7.88 -33.15 -16.51
CA LEU C 130 -7.44 -33.02 -15.12
C LEU C 130 -8.32 -33.84 -14.18
N LEU C 131 -9.64 -33.79 -14.39
CA LEU C 131 -10.55 -34.55 -13.52
C LEU C 131 -10.30 -36.05 -13.65
N TYR C 132 -10.10 -36.53 -14.87
CA TYR C 132 -9.91 -37.96 -15.08
C TYR C 132 -8.62 -38.44 -14.41
N GLY C 133 -8.67 -39.65 -13.86
CA GLY C 133 -7.52 -40.23 -13.18
C GLY C 133 -6.71 -41.12 -14.11
N GLU C 134 -5.98 -42.06 -13.48
CA GLU C 134 -5.15 -42.97 -14.25
C GLU C 134 -5.99 -43.87 -15.16
N HIS C 135 -7.25 -44.10 -14.79
CA HIS C 135 -8.11 -44.95 -15.62
C HIS C 135 -8.32 -44.35 -17.00
N PHE C 136 -8.49 -43.03 -17.08
CA PHE C 136 -8.67 -42.32 -18.35
C PHE C 136 -7.42 -41.50 -18.61
N GLY C 137 -6.49 -42.07 -19.39
CA GLY C 137 -5.25 -41.37 -19.66
C GLY C 137 -4.49 -41.08 -18.37
N MET C 138 -3.99 -39.86 -18.26
CA MET C 138 -3.25 -39.41 -17.08
C MET C 138 -3.90 -38.14 -16.54
N SER C 139 -3.98 -38.05 -15.21
CA SER C 139 -4.63 -36.90 -14.59
C SER C 139 -3.88 -35.61 -14.90
N LEU C 140 -2.55 -35.65 -14.91
CA LEU C 140 -1.74 -34.46 -15.17
C LEU C 140 -1.92 -33.40 -14.07
N SER C 141 -2.24 -33.85 -12.85
CA SER C 141 -2.42 -32.91 -11.76
C SER C 141 -1.13 -32.17 -11.44
N GLY C 142 0.00 -32.88 -11.46
CA GLY C 142 1.27 -32.24 -11.17
C GLY C 142 1.61 -31.11 -12.12
N LEU C 143 1.33 -31.32 -13.42
CA LEU C 143 1.60 -30.28 -14.41
C LEU C 143 0.82 -29.01 -14.10
N LEU C 144 -0.47 -29.16 -13.77
CA LEU C 144 -1.28 -28.01 -13.41
C LEU C 144 -0.83 -27.42 -12.07
N THR C 145 -0.34 -28.25 -11.15
CA THR C 145 0.17 -27.81 -9.87
C THR C 145 1.69 -27.75 -9.85
N PHE C 146 2.33 -27.65 -11.02
CA PHE C 146 3.79 -27.63 -11.07
C PHE C 146 4.34 -26.46 -10.27
N GLY C 147 3.76 -25.27 -10.44
CA GLY C 147 4.18 -24.11 -9.68
C GLY C 147 3.00 -23.28 -9.20
N GLY C 148 1.83 -23.91 -9.11
CA GLY C 148 0.63 -23.19 -8.74
C GLY C 148 -0.01 -22.40 -9.86
N ILE C 149 0.32 -22.70 -11.11
CA ILE C 149 -0.24 -21.93 -12.22
C ILE C 149 -1.76 -22.05 -12.24
N GLY C 150 -2.27 -23.27 -12.17
CA GLY C 150 -3.71 -23.44 -12.13
C GLY C 150 -4.34 -22.82 -10.89
N GLY C 151 -3.67 -22.95 -9.76
CA GLY C 151 -4.19 -22.35 -8.54
C GLY C 151 -4.33 -20.85 -8.65
N LEU C 152 -3.28 -20.18 -9.14
CA LEU C 152 -3.36 -18.73 -9.31
C LEU C 152 -4.40 -18.34 -10.35
N ALA C 153 -4.46 -19.09 -11.45
CA ALA C 153 -5.41 -18.77 -12.51
C ALA C 153 -6.83 -18.84 -11.99
N VAL C 154 -7.16 -19.88 -11.22
CA VAL C 154 -8.48 -19.98 -10.63
C VAL C 154 -8.70 -18.88 -9.60
N GLY C 155 -7.70 -18.64 -8.75
CA GLY C 155 -7.89 -17.73 -7.63
C GLY C 155 -8.15 -16.30 -8.06
N MET C 156 -7.35 -15.78 -8.99
CA MET C 156 -7.52 -14.38 -9.38
C MET C 156 -8.86 -14.15 -10.06
N ALA C 157 -9.23 -15.03 -11.00
CA ALA C 157 -10.50 -14.88 -11.69
C ALA C 157 -11.66 -15.00 -10.72
N GLY C 158 -11.62 -15.99 -9.82
CA GLY C 158 -12.68 -16.13 -8.85
C GLY C 158 -12.79 -14.92 -7.95
N LYS C 159 -11.65 -14.39 -7.50
CA LYS C 159 -11.67 -13.23 -6.62
C LYS C 159 -12.31 -12.04 -7.32
N ASP C 160 -11.91 -11.77 -8.56
CA ASP C 160 -12.49 -10.64 -9.29
C ASP C 160 -13.99 -10.82 -9.47
N ILE C 161 -14.40 -11.98 -9.98
CA ILE C 161 -15.82 -12.20 -10.28
C ILE C 161 -16.64 -12.11 -9.00
N LEU C 162 -16.18 -12.76 -7.93
CA LEU C 162 -16.94 -12.76 -6.68
C LEU C 162 -17.00 -11.37 -6.07
N SER C 163 -15.91 -10.61 -6.13
CA SER C 163 -15.94 -9.25 -5.60
C SER C 163 -16.98 -8.42 -6.31
N ASN C 164 -16.99 -8.45 -7.64
CA ASN C 164 -17.98 -7.66 -8.38
C ASN C 164 -19.40 -8.13 -8.09
N PHE C 165 -19.61 -9.45 -8.06
CA PHE C 165 -20.95 -9.98 -7.84
C PHE C 165 -21.47 -9.60 -6.45
N PHE C 166 -20.63 -9.73 -5.43
CA PHE C 166 -21.04 -9.41 -4.07
C PHE C 166 -21.26 -7.91 -3.91
N SER C 167 -20.45 -7.09 -4.58
CA SER C 167 -20.70 -5.66 -4.56
C SER C 167 -22.05 -5.33 -5.16
N GLY C 168 -22.41 -5.99 -6.27
CA GLY C 168 -23.73 -5.78 -6.84
C GLY C 168 -24.85 -6.21 -5.91
N ILE C 169 -24.67 -7.35 -5.23
CA ILE C 169 -25.69 -7.81 -4.28
C ILE C 169 -25.85 -6.81 -3.15
N MET C 170 -24.74 -6.30 -2.61
CA MET C 170 -24.84 -5.32 -1.53
C MET C 170 -25.47 -4.02 -2.02
N LEU C 171 -25.20 -3.64 -3.27
CA LEU C 171 -25.86 -2.47 -3.84
C LEU C 171 -27.37 -2.68 -3.88
N TYR C 172 -27.80 -3.88 -4.28
CA TYR C 172 -29.23 -4.16 -4.32
C TYR C 172 -29.84 -4.10 -2.92
N PHE C 173 -29.15 -4.66 -1.93
CA PHE C 173 -29.73 -4.75 -0.59
C PHE C 173 -29.74 -3.41 0.13
N ASP C 174 -28.65 -2.64 0.04
CA ASP C 174 -28.58 -1.37 0.76
C ASP C 174 -29.40 -0.28 0.07
N ARG C 175 -29.47 -0.29 -1.25
CA ARG C 175 -30.23 0.69 -2.02
C ARG C 175 -29.71 2.12 -1.83
N PRO C 176 -28.41 2.36 -2.01
CA PRO C 176 -27.94 3.75 -2.00
C PRO C 176 -28.53 4.58 -3.13
N PHE C 177 -28.87 3.97 -4.26
CA PHE C 177 -29.43 4.68 -5.39
C PHE C 177 -30.25 3.70 -6.23
N SER C 178 -31.08 4.26 -7.11
CA SER C 178 -31.92 3.49 -8.01
C SER C 178 -31.71 3.97 -9.44
N ILE C 179 -32.38 3.31 -10.38
CA ILE C 179 -32.27 3.69 -11.78
C ILE C 179 -32.85 5.09 -11.97
N GLY C 180 -32.14 5.92 -12.71
CA GLY C 180 -32.59 7.29 -12.95
C GLY C 180 -32.26 8.26 -11.85
N ASP C 181 -31.32 7.93 -10.99
CA ASP C 181 -30.95 8.78 -9.85
C ASP C 181 -29.63 9.48 -10.13
N TRP C 182 -29.59 10.78 -9.87
CA TRP C 182 -28.37 11.55 -9.98
C TRP C 182 -27.50 11.30 -8.74
N ILE C 183 -26.28 10.83 -8.95
CA ILE C 183 -25.39 10.45 -7.86
C ILE C 183 -24.01 11.04 -8.08
N ARG C 184 -23.23 11.09 -7.00
CA ARG C 184 -21.85 11.54 -7.05
C ARG C 184 -21.15 11.05 -5.79
N SER C 185 -19.82 11.22 -5.76
CA SER C 185 -19.01 10.78 -4.64
C SER C 185 -17.87 11.75 -4.40
N PRO C 186 -17.66 12.21 -3.16
CA PRO C 186 -16.50 13.06 -2.88
C PRO C 186 -15.16 12.35 -3.01
N ASP C 187 -15.15 11.02 -3.00
CA ASP C 187 -13.89 10.28 -3.06
C ASP C 187 -13.39 10.17 -4.49
N ARG C 188 -14.21 9.63 -5.39
CA ARG C 188 -13.90 9.55 -6.80
C ARG C 188 -15.11 10.03 -7.59
N ASN C 189 -14.87 10.50 -8.81
CA ASN C 189 -15.94 11.07 -9.61
C ASN C 189 -16.70 9.98 -10.35
N ILE C 190 -18.02 9.95 -10.13
CA ILE C 190 -18.91 9.02 -10.82
C ILE C 190 -20.17 9.78 -11.22
N GLU C 191 -20.08 11.11 -11.21
CA GLU C 191 -21.27 11.93 -11.35
C GLU C 191 -22.03 11.62 -12.64
N GLY C 192 -23.34 11.57 -12.54
CA GLY C 192 -24.19 11.26 -13.67
C GLY C 192 -25.49 10.66 -13.19
N THR C 193 -26.29 10.22 -14.16
CA THR C 193 -27.57 9.59 -13.88
C THR C 193 -27.45 8.09 -14.11
N VAL C 194 -27.87 7.30 -13.13
CA VAL C 194 -27.78 5.85 -13.22
C VAL C 194 -28.68 5.36 -14.34
N ALA C 195 -28.13 4.55 -15.24
CA ALA C 195 -28.88 4.01 -16.37
C ALA C 195 -29.26 2.55 -16.19
N GLU C 196 -28.36 1.74 -15.64
CA GLU C 196 -28.66 0.33 -15.41
C GLU C 196 -27.65 -0.23 -14.41
N ILE C 197 -28.11 -1.20 -13.63
CA ILE C 197 -27.29 -1.82 -12.59
C ILE C 197 -27.18 -3.29 -12.94
N GLY C 198 -26.11 -3.66 -13.63
CA GLY C 198 -25.89 -5.05 -14.00
C GLY C 198 -25.26 -5.84 -12.88
N TRP C 199 -25.14 -7.15 -13.13
CA TRP C 199 -24.54 -8.04 -12.14
C TRP C 199 -23.05 -7.77 -11.94
N ARG C 200 -22.39 -7.17 -12.92
CA ARG C 200 -20.95 -6.93 -12.87
C ARG C 200 -20.58 -5.46 -13.02
N ILE C 201 -21.26 -4.73 -13.90
CA ILE C 201 -20.91 -3.35 -14.23
C ILE C 201 -22.15 -2.48 -14.10
N THR C 202 -21.96 -1.28 -13.55
CA THR C 202 -23.02 -0.29 -13.44
C THR C 202 -22.79 0.79 -14.48
N LYS C 203 -23.82 1.07 -15.28
CA LYS C 203 -23.73 2.06 -16.35
C LYS C 203 -24.31 3.38 -15.87
N ILE C 204 -23.55 4.46 -16.04
CA ILE C 204 -23.94 5.80 -15.61
C ILE C 204 -23.87 6.72 -16.82
N THR C 205 -24.93 7.49 -17.02
CA THR C 205 -25.00 8.46 -18.11
C THR C 205 -24.57 9.82 -17.58
N THR C 206 -23.40 10.28 -18.01
CA THR C 206 -22.91 11.59 -17.58
C THR C 206 -23.80 12.68 -18.15
N PHE C 207 -23.59 13.91 -17.67
CA PHE C 207 -24.36 15.05 -18.14
C PHE C 207 -23.94 15.51 -19.54
N ASP C 208 -22.89 14.93 -20.10
CA ASP C 208 -22.54 15.12 -21.49
C ASP C 208 -23.27 14.15 -22.42
N ASN C 209 -24.08 13.24 -21.86
CA ASN C 209 -24.76 12.21 -22.63
C ASN C 209 -23.75 11.19 -23.18
N ARG C 210 -22.80 10.79 -22.32
CA ARG C 210 -21.83 9.76 -22.66
C ARG C 210 -21.88 8.63 -21.64
N PRO C 211 -21.78 7.39 -22.08
CA PRO C 211 -21.80 6.27 -21.13
C PRO C 211 -20.56 6.27 -20.25
N LEU C 212 -20.75 5.81 -19.01
CA LEU C 212 -19.66 5.64 -18.06
C LEU C 212 -19.85 4.31 -17.36
N TYR C 213 -18.89 3.40 -17.55
CA TYR C 213 -18.97 2.04 -17.02
C TYR C 213 -18.14 1.95 -15.76
N VAL C 214 -18.79 1.71 -14.63
CA VAL C 214 -18.16 1.64 -13.32
C VAL C 214 -18.30 0.22 -12.79
N PRO C 215 -17.20 -0.49 -12.53
CA PRO C 215 -17.32 -1.82 -11.91
C PRO C 215 -17.99 -1.71 -10.55
N ASN C 216 -18.80 -2.72 -10.23
CA ASN C 216 -19.59 -2.68 -9.00
C ASN C 216 -18.70 -2.61 -7.76
N SER C 217 -17.51 -3.20 -7.82
CA SER C 217 -16.64 -3.22 -6.65
C SER C 217 -16.14 -1.85 -6.26
N LEU C 218 -16.20 -0.86 -7.16
CA LEU C 218 -15.72 0.47 -6.84
C LEU C 218 -16.62 1.20 -5.85
N PHE C 219 -17.86 0.75 -5.67
CA PHE C 219 -18.77 1.32 -4.70
C PHE C 219 -18.60 0.73 -3.31
N SER C 220 -17.68 -0.23 -3.13
CA SER C 220 -17.61 -0.98 -1.88
C SER C 220 -17.32 -0.06 -0.69
N SER C 221 -16.26 0.75 -0.79
CA SER C 221 -15.83 1.60 0.33
C SER C 221 -15.64 3.03 -0.18
N ILE C 222 -16.76 3.76 -0.26
CA ILE C 222 -16.74 5.18 -0.61
C ILE C 222 -18.05 5.78 -0.13
N SER C 223 -18.05 7.09 0.09
CA SER C 223 -19.27 7.81 0.42
C SER C 223 -20.01 8.15 -0.86
N VAL C 224 -21.28 7.77 -0.94
CA VAL C 224 -22.11 8.00 -2.11
C VAL C 224 -23.15 9.05 -1.76
N GLU C 225 -23.19 10.12 -2.56
CA GLU C 225 -24.18 11.16 -2.41
C GLU C 225 -25.29 10.96 -3.44
N ASN C 226 -26.52 11.30 -3.07
CA ASN C 226 -27.68 11.10 -3.91
C ASN C 226 -28.43 12.42 -4.05
N PRO C 227 -27.95 13.34 -4.89
CA PRO C 227 -28.68 14.58 -5.13
C PRO C 227 -30.08 14.37 -5.67
N GLY C 228 -30.33 13.27 -6.38
CA GLY C 228 -31.65 12.97 -6.86
C GLY C 228 -32.68 12.76 -5.76
N ARG C 229 -32.25 12.56 -4.53
CA ARG C 229 -33.13 12.41 -3.38
C ARG C 229 -33.19 13.66 -2.52
N MET C 230 -32.69 14.79 -3.01
CA MET C 230 -32.69 16.01 -2.21
C MET C 230 -34.11 16.47 -1.93
N THR C 231 -34.27 17.16 -0.79
CA THR C 231 -35.56 17.69 -0.39
C THR C 231 -35.72 19.18 -0.69
N ASN C 232 -34.63 19.87 -1.01
CA ASN C 232 -34.68 21.30 -1.29
C ASN C 232 -33.48 21.67 -2.14
N ARG C 233 -33.57 22.85 -2.76
CA ARG C 233 -32.47 23.42 -3.53
C ARG C 233 -32.01 24.71 -2.84
N ARG C 234 -30.70 24.82 -2.63
CA ARG C 234 -30.14 25.94 -1.88
C ARG C 234 -29.83 27.12 -2.80
N ILE C 235 -29.96 28.31 -2.25
CA ILE C 235 -29.61 29.56 -2.93
C ILE C 235 -28.62 30.31 -2.06
N THR C 236 -27.43 30.56 -2.59
CA THR C 236 -26.39 31.29 -1.88
C THR C 236 -25.78 32.33 -2.80
N THR C 237 -25.45 33.49 -2.22
CA THR C 237 -24.82 34.57 -2.98
C THR C 237 -24.21 35.55 -2.00
N THR C 238 -23.40 36.46 -2.54
CA THR C 238 -22.75 37.49 -1.76
C THR C 238 -23.02 38.85 -2.39
N ILE C 239 -23.32 39.83 -1.55
CA ILE C 239 -23.56 41.20 -2.00
C ILE C 239 -22.37 42.05 -1.54
N GLY C 240 -21.62 42.56 -2.50
CA GLY C 240 -20.46 43.37 -2.18
C GLY C 240 -20.71 44.86 -2.37
N LEU C 241 -20.87 45.58 -1.27
CA LEU C 241 -21.13 47.01 -1.32
C LEU C 241 -19.82 47.79 -1.18
N ARG C 242 -19.85 49.03 -1.65
CA ARG C 242 -18.69 49.90 -1.54
C ARG C 242 -18.44 50.28 -0.08
N TYR C 243 -17.18 50.57 0.24
CA TYR C 243 -16.84 50.94 1.60
C TYR C 243 -17.52 52.24 2.02
N GLU C 244 -17.84 53.11 1.06
CA GLU C 244 -18.54 54.34 1.37
C GLU C 244 -20.02 54.13 1.68
N ASP C 245 -20.53 52.92 1.47
CA ASP C 245 -21.93 52.59 1.75
C ASP C 245 -22.11 51.87 3.07
N ALA C 246 -21.24 52.13 4.03
CA ALA C 246 -21.31 51.44 5.32
C ALA C 246 -22.48 51.91 6.18
N ALA C 247 -23.03 53.10 5.90
CA ALA C 247 -24.11 53.62 6.73
C ALA C 247 -25.46 52.98 6.41
N LYS C 248 -25.60 52.35 5.25
CA LYS C 248 -26.85 51.74 4.84
C LYS C 248 -26.83 50.22 4.87
N VAL C 249 -25.79 49.63 5.46
CA VAL C 249 -25.69 48.17 5.48
C VAL C 249 -26.85 47.56 6.25
N GLY C 250 -27.18 48.14 7.41
CA GLY C 250 -28.27 47.59 8.21
C GLY C 250 -29.60 47.66 7.50
N VAL C 251 -29.91 48.81 6.89
CA VAL C 251 -31.17 48.97 6.20
C VAL C 251 -31.24 48.01 5.00
N ILE C 252 -30.14 47.88 4.25
CA ILE C 252 -30.15 46.98 3.11
C ILE C 252 -30.36 45.54 3.56
N VAL C 253 -29.69 45.13 4.64
CA VAL C 253 -29.85 43.76 5.13
C VAL C 253 -31.29 43.53 5.55
N GLU C 254 -31.88 44.48 6.27
CA GLU C 254 -33.27 44.32 6.70
C GLU C 254 -34.20 44.21 5.51
N ALA C 255 -34.00 45.07 4.50
CA ALA C 255 -34.85 45.02 3.31
C ALA C 255 -34.72 43.69 2.59
N VAL C 256 -33.49 43.19 2.43
CA VAL C 256 -33.29 41.91 1.75
C VAL C 256 -33.94 40.78 2.52
N ARG C 257 -33.79 40.78 3.85
CA ARG C 257 -34.42 39.73 4.65
C ARG C 257 -35.93 39.78 4.54
N GLU C 258 -36.50 40.99 4.58
CA GLU C 258 -37.95 41.12 4.45
C GLU C 258 -38.42 40.62 3.09
N MET C 259 -37.69 40.96 2.03
CA MET C 259 -38.06 40.48 0.70
C MET C 259 -38.01 38.97 0.63
N LEU C 260 -36.96 38.37 1.20
CA LEU C 260 -36.85 36.91 1.18
C LEU C 260 -37.97 36.25 1.97
N LYS C 261 -38.37 36.85 3.09
CA LYS C 261 -39.40 36.24 3.94
C LYS C 261 -40.78 36.24 3.28
N ASN C 262 -41.00 37.09 2.27
CA ASN C 262 -42.30 37.19 1.62
C ASN C 262 -42.31 36.60 0.22
N HIS C 263 -41.23 35.92 -0.19
CA HIS C 263 -41.18 35.35 -1.53
C HIS C 263 -41.93 34.02 -1.56
N PRO C 264 -42.91 33.86 -2.47
CA PRO C 264 -43.68 32.61 -2.49
C PRO C 264 -42.83 31.38 -2.81
N ALA C 265 -41.68 31.55 -3.45
CA ALA C 265 -40.88 30.40 -3.86
C ALA C 265 -39.89 29.95 -2.79
N ILE C 266 -39.75 30.69 -1.70
CA ILE C 266 -38.79 30.37 -0.67
C ILE C 266 -39.47 29.52 0.41
N ASP C 267 -38.72 28.56 0.94
CA ASP C 267 -39.22 27.68 2.00
C ASP C 267 -38.95 28.32 3.35
N GLN C 268 -40.01 28.67 4.07
CA GLN C 268 -39.87 29.38 5.33
C GLN C 268 -39.48 28.47 6.49
N ARG C 269 -39.56 27.15 6.31
CA ARG C 269 -39.18 26.23 7.37
C ARG C 269 -37.70 25.87 7.36
N GLN C 270 -36.96 26.29 6.33
CA GLN C 270 -35.54 26.00 6.22
C GLN C 270 -34.73 27.19 6.73
N THR C 271 -33.40 27.05 6.63
CA THR C 271 -32.51 28.13 7.06
C THR C 271 -32.70 29.35 6.17
N LEU C 272 -32.60 30.53 6.78
CA LEU C 272 -32.77 31.79 6.06
C LEU C 272 -31.93 32.84 6.77
N LEU C 273 -30.75 33.14 6.23
CA LEU C 273 -29.79 34.02 6.88
C LEU C 273 -29.40 35.15 5.92
N VAL C 274 -29.37 36.38 6.44
CA VAL C 274 -28.90 37.54 5.69
C VAL C 274 -28.20 38.46 6.70
N TYR C 275 -26.86 38.47 6.67
CA TYR C 275 -26.10 39.24 7.64
C TYR C 275 -24.84 39.80 6.99
N PHE C 276 -24.36 40.91 7.53
CA PHE C 276 -23.06 41.46 7.16
C PHE C 276 -21.98 40.51 7.66
N ASN C 277 -21.26 39.88 6.72
CA ASN C 277 -20.42 38.73 7.02
C ASN C 277 -18.97 39.08 7.32
N GLN C 278 -18.29 39.77 6.40
CA GLN C 278 -16.85 39.95 6.55
C GLN C 278 -16.38 41.14 5.74
N PHE C 279 -15.21 41.66 6.13
CA PHE C 279 -14.54 42.68 5.35
C PHE C 279 -13.78 42.05 4.19
N ALA C 280 -13.88 42.65 3.02
CA ALA C 280 -13.18 42.19 1.83
C ALA C 280 -12.11 43.21 1.44
N ASP C 281 -11.35 42.88 0.40
CA ASP C 281 -10.28 43.77 -0.04
C ASP C 281 -10.84 45.12 -0.49
N SER C 282 -11.96 45.12 -1.21
CA SER C 282 -12.51 46.37 -1.71
C SER C 282 -14.03 46.43 -1.59
N SER C 283 -14.63 45.67 -0.68
CA SER C 283 -16.08 45.71 -0.53
C SER C 283 -16.46 45.13 0.83
N LEU C 284 -17.68 45.46 1.26
CA LEU C 284 -18.27 44.90 2.46
C LEU C 284 -19.28 43.84 2.04
N ASN C 285 -19.01 42.59 2.40
CA ASN C 285 -19.77 41.46 1.89
C ASN C 285 -20.97 41.15 2.79
N ILE C 286 -22.10 40.83 2.16
CA ILE C 286 -23.30 40.40 2.85
C ILE C 286 -23.68 39.03 2.32
N MET C 287 -23.88 38.08 3.24
CA MET C 287 -24.19 36.71 2.86
C MET C 287 -25.69 36.52 2.72
N VAL C 288 -26.07 35.67 1.76
CA VAL C 288 -27.46 35.30 1.54
C VAL C 288 -27.53 33.77 1.54
N TYR C 289 -28.50 33.22 2.28
CA TYR C 289 -28.58 31.78 2.50
C TYR C 289 -30.04 31.41 2.70
N CYS C 290 -30.60 30.66 1.76
CA CYS C 290 -32.01 30.28 1.83
C CYS C 290 -32.21 29.03 0.97
N PHE C 291 -33.43 28.50 1.02
CA PHE C 291 -33.81 27.31 0.28
C PHE C 291 -35.10 27.56 -0.48
N THR C 292 -35.29 26.80 -1.55
CA THR C 292 -36.51 26.87 -2.36
C THR C 292 -37.36 25.64 -2.14
N LYS C 293 -38.68 25.81 -2.24
CA LYS C 293 -39.59 24.68 -2.05
C LYS C 293 -39.41 23.63 -3.14
N THR C 294 -39.23 24.07 -4.38
CA THR C 294 -39.13 23.13 -5.50
C THR C 294 -37.74 22.53 -5.60
N THR C 295 -37.67 21.34 -6.19
CA THR C 295 -36.41 20.67 -6.47
C THR C 295 -36.15 20.54 -7.96
N VAL C 296 -36.96 21.18 -8.80
CA VAL C 296 -36.80 21.10 -10.25
C VAL C 296 -35.73 22.10 -10.70
N TRP C 297 -34.95 21.69 -11.70
CA TRP C 297 -33.83 22.51 -12.16
C TRP C 297 -34.30 23.86 -12.69
N ALA C 298 -35.25 23.84 -13.64
CA ALA C 298 -35.67 25.08 -14.29
C ALA C 298 -36.37 26.01 -13.31
N GLU C 299 -37.26 25.46 -12.47
CA GLU C 299 -37.96 26.30 -11.51
C GLU C 299 -37.01 26.91 -10.50
N TRP C 300 -36.03 26.14 -10.03
CA TRP C 300 -35.04 26.67 -9.10
C TRP C 300 -34.23 27.79 -9.76
N LEU C 301 -33.83 27.60 -11.02
CA LEU C 301 -33.07 28.64 -11.70
C LEU C 301 -33.91 29.91 -11.88
N ALA C 302 -35.18 29.75 -12.23
CA ALA C 302 -36.04 30.91 -12.39
C ALA C 302 -36.22 31.67 -11.08
N ALA C 303 -36.44 30.93 -9.99
CA ALA C 303 -36.57 31.59 -8.69
C ALA C 303 -35.29 32.31 -8.31
N GLN C 304 -34.13 31.69 -8.57
CA GLN C 304 -32.86 32.34 -8.28
C GLN C 304 -32.70 33.63 -9.07
N GLN C 305 -33.05 33.61 -10.36
CA GLN C 305 -32.95 34.81 -11.18
C GLN C 305 -33.87 35.91 -10.65
N ASP C 306 -35.10 35.55 -10.28
CA ASP C 306 -36.02 36.54 -9.73
C ASP C 306 -35.48 37.15 -8.45
N VAL C 307 -34.93 36.32 -7.56
CA VAL C 307 -34.38 36.81 -6.32
C VAL C 307 -33.20 37.76 -6.58
N TYR C 308 -32.34 37.39 -7.53
CA TYR C 308 -31.20 38.25 -7.85
C TYR C 308 -31.65 39.60 -8.39
N LEU C 309 -32.64 39.59 -9.27
CA LEU C 309 -33.15 40.86 -9.81
C LEU C 309 -33.75 41.72 -8.70
N LYS C 310 -34.50 41.10 -7.79
CA LYS C 310 -35.07 41.85 -6.66
C LYS C 310 -33.97 42.44 -5.79
N ILE C 311 -32.90 41.66 -5.54
CA ILE C 311 -31.80 42.16 -4.73
C ILE C 311 -31.14 43.36 -5.41
N ILE C 312 -30.93 43.28 -6.72
CA ILE C 312 -30.34 44.40 -7.45
C ILE C 312 -31.23 45.63 -7.32
N ASP C 313 -32.54 45.45 -7.48
CA ASP C 313 -33.46 46.58 -7.35
C ASP C 313 -33.39 47.20 -5.97
N ILE C 314 -33.36 46.37 -4.93
CA ILE C 314 -33.31 46.90 -3.56
C ILE C 314 -32.04 47.69 -3.34
N VAL C 315 -30.89 47.12 -3.75
CA VAL C 315 -29.62 47.80 -3.54
C VAL C 315 -29.60 49.13 -4.27
N GLN C 316 -30.07 49.16 -5.51
CA GLN C 316 -30.09 50.41 -6.26
C GLN C 316 -31.02 51.43 -5.61
N SER C 317 -32.18 50.99 -5.13
CA SER C 317 -33.16 51.92 -4.56
C SER C 317 -32.68 52.50 -3.24
N HIS C 318 -31.92 51.74 -2.45
CA HIS C 318 -31.49 52.24 -1.16
C HIS C 318 -30.29 53.18 -1.25
N GLY C 319 -29.81 53.50 -2.45
CA GLY C 319 -28.74 54.46 -2.62
C GLY C 319 -27.34 53.89 -2.67
N ALA C 320 -27.18 52.60 -2.38
CA ALA C 320 -25.87 51.97 -2.43
C ALA C 320 -25.56 51.52 -3.85
N ASP C 321 -24.45 50.79 -4.00
CA ASP C 321 -24.05 50.27 -5.30
C ASP C 321 -23.07 49.12 -5.09
N PHE C 322 -22.95 48.29 -6.12
CA PHE C 322 -21.99 47.19 -6.09
C PHE C 322 -20.59 47.71 -6.34
N ALA C 323 -19.61 47.10 -5.68
CA ALA C 323 -18.23 47.58 -5.70
C ALA C 323 -17.42 46.81 -6.73
N PHE C 324 -16.70 47.55 -7.57
CA PHE C 324 -15.71 46.97 -8.47
C PHE C 324 -14.40 46.76 -7.72
N PRO C 325 -13.56 45.84 -8.20
CA PRO C 325 -12.21 45.72 -7.60
C PRO C 325 -11.49 47.07 -7.60
N SER C 326 -11.22 47.59 -6.41
CA SER C 326 -10.69 48.94 -6.26
C SER C 326 -9.18 48.90 -6.02
N GLN C 327 -8.56 50.07 -6.12
CA GLN C 327 -7.11 50.18 -5.99
C GLN C 327 -6.75 51.65 -5.78
N THR C 328 -5.77 51.89 -4.92
CA THR C 328 -5.25 53.23 -4.67
C THR C 328 -3.89 53.38 -5.32
N LEU C 329 -3.72 54.42 -6.13
CA LEU C 329 -2.52 54.64 -6.91
C LEU C 329 -1.83 55.92 -6.49
N TYR C 330 -0.53 55.82 -6.23
CA TYR C 330 0.31 56.96 -5.85
C TYR C 330 1.19 57.31 -7.05
N MET C 331 0.84 58.38 -7.74
CA MET C 331 1.54 58.76 -8.96
C MET C 331 2.85 59.49 -8.63
N ASP C 332 3.81 59.36 -9.54
CA ASP C 332 5.10 60.01 -9.37
C ASP C 332 5.63 60.54 -10.70
N ALA D 1 -36.96 -53.81 31.67
CA ALA D 1 -36.70 -54.92 30.75
C ALA D 1 -36.41 -54.40 29.36
N GLU D 2 -37.43 -54.39 28.50
CA GLU D 2 -37.25 -53.90 27.13
C GLU D 2 -36.88 -52.42 27.13
N LEU D 3 -37.52 -51.62 27.99
CA LEU D 3 -37.26 -50.20 28.09
C LEU D 3 -36.20 -49.86 29.13
N PHE D 4 -35.58 -50.86 29.74
CA PHE D 4 -34.55 -50.63 30.75
C PHE D 4 -33.23 -50.34 30.04
N THR D 5 -32.18 -50.03 30.81
CA THR D 5 -30.85 -49.70 30.27
C THR D 5 -30.96 -48.38 29.54
N ASN D 6 -30.40 -48.23 28.33
CA ASN D 6 -30.42 -46.95 27.64
C ASN D 6 -31.85 -46.51 27.31
N ASN D 7 -32.77 -47.46 27.17
CA ASN D 7 -34.15 -47.10 26.82
C ASN D 7 -34.77 -46.21 27.88
N ALA D 8 -34.47 -46.46 29.16
CA ALA D 8 -35.06 -45.64 30.22
C ALA D 8 -34.60 -44.19 30.12
N LEU D 9 -33.29 -43.97 29.97
CA LEU D 9 -32.76 -42.61 29.88
C LEU D 9 -33.26 -41.91 28.63
N ASN D 10 -33.32 -42.63 27.50
CA ASN D 10 -33.82 -42.06 26.26
C ASN D 10 -35.28 -41.67 26.39
N LEU D 11 -36.08 -42.53 27.04
CA LEU D 11 -37.49 -42.22 27.25
C LEU D 11 -37.66 -41.01 28.15
N VAL D 12 -36.83 -40.91 29.19
CA VAL D 12 -36.91 -39.75 30.08
C VAL D 12 -36.56 -38.47 29.32
N ILE D 13 -35.52 -38.54 28.48
CA ILE D 13 -35.12 -37.38 27.70
C ILE D 13 -36.23 -36.99 26.72
N ILE D 14 -36.86 -37.97 26.09
CA ILE D 14 -37.92 -37.68 25.14
C ILE D 14 -39.14 -37.09 25.86
N PHE D 15 -39.46 -37.57 27.06
CA PHE D 15 -40.55 -37.00 27.82
C PHE D 15 -40.25 -35.56 28.22
N GLY D 16 -39.02 -35.28 28.64
CA GLY D 16 -38.64 -33.92 28.95
C GLY D 16 -38.72 -33.01 27.73
N SER D 17 -38.28 -33.52 26.58
CA SER D 17 -38.37 -32.73 25.35
C SER D 17 -39.83 -32.47 24.97
N CYS D 18 -40.70 -33.46 25.14
CA CYS D 18 -42.12 -33.25 24.84
C CYS D 18 -42.72 -32.23 25.78
N ALA D 19 -42.35 -32.28 27.06
CA ALA D 19 -42.83 -31.29 28.01
C ALA D 19 -42.37 -29.89 27.63
N ALA D 20 -41.10 -29.76 27.24
CA ALA D 20 -40.59 -28.46 26.80
C ALA D 20 -41.31 -27.98 25.54
N LEU D 21 -41.59 -28.90 24.62
CA LEU D 21 -42.31 -28.53 23.41
C LEU D 21 -43.72 -28.04 23.73
N ILE D 22 -44.40 -28.71 24.65
CA ILE D 22 -45.74 -28.29 25.04
C ILE D 22 -45.69 -26.93 25.73
N LEU D 23 -44.68 -26.72 26.58
CA LEU D 23 -44.53 -25.42 27.23
C LEU D 23 -44.30 -24.32 26.20
N MET D 24 -43.48 -24.59 25.18
CA MET D 24 -43.25 -23.62 24.13
C MET D 24 -44.52 -23.38 23.31
N SER D 25 -45.30 -24.42 23.07
CA SER D 25 -46.56 -24.26 22.36
C SER D 25 -47.51 -23.35 23.14
N PHE D 26 -47.60 -23.55 24.45
CA PHE D 26 -48.39 -22.63 25.28
C PHE D 26 -47.83 -21.22 25.23
N TRP D 27 -46.51 -21.09 25.31
CA TRP D 27 -45.89 -19.77 25.27
C TRP D 27 -46.20 -19.04 23.97
N PHE D 28 -46.25 -19.78 22.86
CA PHE D 28 -46.48 -19.17 21.55
C PHE D 28 -47.91 -18.70 21.41
N ARG D 29 -48.15 -17.43 21.72
CA ARG D 29 -49.47 -16.81 21.61
C ARG D 29 -49.37 -15.64 20.63
N ARG D 30 -50.17 -15.69 19.57
CA ARG D 30 -50.15 -14.65 18.56
C ARG D 30 -48.83 -14.65 17.80
N GLY D 31 -48.72 -13.85 16.75
CA GLY D 31 -47.47 -13.71 16.02
C GLY D 31 -46.63 -12.58 16.57
N ASN D 32 -46.35 -11.58 15.72
CA ASN D 32 -45.57 -10.40 16.11
C ASN D 32 -44.27 -10.88 16.75
N ARG D 33 -43.91 -10.41 17.95
CA ARG D 33 -42.66 -10.83 18.57
C ARG D 33 -42.65 -12.32 18.89
N LYS D 34 -43.83 -12.89 19.13
CA LYS D 34 -43.91 -14.31 19.48
C LYS D 34 -43.36 -15.18 18.36
N ARG D 35 -43.70 -14.86 17.12
CA ARG D 35 -43.17 -15.61 15.98
C ARG D 35 -41.79 -15.10 15.62
N LYS D 36 -40.77 -15.91 15.88
CA LYS D 36 -39.37 -15.55 15.62
C LYS D 36 -38.83 -16.45 14.52
N GLY D 37 -38.60 -15.86 13.35
CA GLY D 37 -38.07 -16.65 12.24
C GLY D 37 -36.66 -17.14 12.50
N PHE D 38 -35.83 -16.32 13.15
CA PHE D 38 -34.45 -16.67 13.43
C PHE D 38 -34.28 -17.49 14.70
N LEU D 39 -35.21 -17.38 15.65
CA LEU D 39 -35.10 -18.08 16.93
C LEU D 39 -36.08 -19.24 17.05
N PHE D 40 -37.36 -19.00 16.77
CA PHE D 40 -38.34 -20.08 16.85
C PHE D 40 -38.04 -21.18 15.84
N HIS D 41 -37.58 -20.81 14.64
CA HIS D 41 -37.21 -21.81 13.64
C HIS D 41 -36.10 -22.72 14.18
N ALA D 42 -35.06 -22.12 14.75
CA ALA D 42 -33.96 -22.91 15.29
C ALA D 42 -34.43 -23.79 16.45
N VAL D 43 -35.28 -23.24 17.33
CA VAL D 43 -35.77 -24.02 18.45
C VAL D 43 -36.56 -25.23 17.96
N GLN D 44 -37.45 -25.02 16.98
CA GLN D 44 -38.22 -26.12 16.44
C GLN D 44 -37.34 -27.14 15.76
N PHE D 45 -36.32 -26.68 15.02
CA PHE D 45 -35.40 -27.60 14.36
C PHE D 45 -34.68 -28.46 15.38
N LEU D 46 -34.20 -27.85 16.47
CA LEU D 46 -33.53 -28.62 17.51
C LEU D 46 -34.48 -29.62 18.16
N ILE D 47 -35.73 -29.21 18.41
CA ILE D 47 -36.70 -30.11 19.02
C ILE D 47 -36.93 -31.32 18.11
N TYR D 48 -37.14 -31.07 16.81
CA TYR D 48 -37.36 -32.17 15.88
C TYR D 48 -36.13 -33.08 15.81
N THR D 49 -34.94 -32.49 15.79
CA THR D 49 -33.72 -33.29 15.72
C THR D 49 -33.59 -34.19 16.94
N ILE D 50 -33.84 -33.64 18.13
CA ILE D 50 -33.71 -34.45 19.35
C ILE D 50 -34.77 -35.55 19.36
N ILE D 51 -36.01 -35.23 18.96
CA ILE D 51 -37.07 -36.24 18.95
C ILE D 51 -36.72 -37.36 17.99
N ILE D 52 -36.26 -37.02 16.79
CA ILE D 52 -35.93 -38.04 15.81
C ILE D 52 -34.75 -38.88 16.28
N SER D 53 -33.75 -38.24 16.90
CA SER D 53 -32.62 -39.00 17.43
C SER D 53 -33.07 -39.99 18.50
N ALA D 54 -33.92 -39.54 19.41
CA ALA D 54 -34.41 -40.44 20.45
C ALA D 54 -35.20 -41.60 19.86
N VAL D 55 -36.10 -41.31 18.92
CA VAL D 55 -36.91 -42.37 18.32
C VAL D 55 -36.01 -43.37 17.59
N GLY D 56 -35.05 -42.87 16.82
CA GLY D 56 -34.14 -43.76 16.12
C GLY D 56 -33.32 -44.62 17.06
N SER D 57 -32.82 -44.01 18.15
CA SER D 57 -32.06 -44.79 19.12
C SER D 57 -32.90 -45.89 19.73
N ILE D 58 -34.13 -45.57 20.13
CA ILE D 58 -35.00 -46.58 20.73
C ILE D 58 -35.27 -47.70 19.75
N ILE D 59 -35.65 -47.35 18.51
CA ILE D 59 -36.00 -48.37 17.53
C ILE D 59 -34.79 -49.23 17.20
N ASN D 60 -33.62 -48.62 17.04
CA ASN D 60 -32.42 -49.39 16.74
C ASN D 60 -32.07 -50.34 17.87
N TYR D 61 -32.15 -49.86 19.12
CA TYR D 61 -31.82 -50.71 20.25
C TYR D 61 -32.79 -51.89 20.33
N VAL D 62 -34.08 -51.64 20.07
CA VAL D 62 -35.05 -52.72 20.11
C VAL D 62 -34.78 -53.72 19.00
N ILE D 63 -34.50 -53.24 17.78
CA ILE D 63 -34.33 -54.14 16.65
C ILE D 63 -33.07 -54.99 16.82
N GLU D 64 -31.96 -54.36 17.23
CA GLU D 64 -30.71 -55.11 17.39
C GLU D 64 -30.85 -56.18 18.46
N ASN D 65 -31.64 -55.91 19.50
CA ASN D 65 -31.82 -56.89 20.56
C ASN D 65 -32.84 -57.96 20.17
N TYR D 66 -33.59 -57.73 19.09
CA TYR D 66 -34.63 -58.66 18.65
C TYR D 66 -34.42 -59.15 17.22
N LYS D 67 -33.45 -58.58 16.50
CA LYS D 67 -33.13 -58.99 15.14
C LYS D 67 -34.08 -58.33 14.15
N LEU D 68 -33.75 -58.40 12.85
CA LEU D 68 -34.59 -57.81 11.82
C LEU D 68 -34.40 -58.53 10.49
N LYS D 69 -35.49 -58.74 9.75
CA LYS D 69 -35.42 -59.40 8.47
C LYS D 69 -35.12 -58.41 7.35
N PHE D 70 -34.05 -57.64 7.50
CA PHE D 70 -33.68 -56.66 6.50
C PHE D 70 -32.24 -56.21 6.75
N ILE D 71 -31.49 -56.04 5.67
CA ILE D 71 -30.10 -55.63 5.76
C ILE D 71 -30.03 -54.13 5.97
N THR D 72 -28.93 -53.67 6.57
CA THR D 72 -28.69 -52.26 6.82
C THR D 72 -29.85 -51.65 7.60
N PRO D 73 -30.02 -52.00 8.87
CA PRO D 73 -31.11 -51.39 9.65
C PRO D 73 -30.98 -49.89 9.79
N GLY D 74 -29.79 -49.32 9.58
CA GLY D 74 -29.59 -47.89 9.71
C GLY D 74 -30.35 -47.07 8.68
N VAL D 75 -31.12 -47.71 7.81
CA VAL D 75 -31.91 -47.01 6.81
C VAL D 75 -32.88 -46.07 7.52
N ILE D 76 -33.29 -46.44 8.74
CA ILE D 76 -34.16 -45.57 9.51
C ILE D 76 -33.43 -44.27 9.86
N ASP D 77 -32.11 -44.36 10.08
CA ASP D 77 -31.33 -43.14 10.28
C ASP D 77 -31.39 -42.26 9.04
N PHE D 78 -31.32 -42.87 7.86
CA PHE D 78 -31.46 -42.12 6.62
C PHE D 78 -32.84 -41.46 6.54
N ILE D 79 -33.88 -42.18 6.93
CA ILE D 79 -35.23 -41.62 6.91
C ILE D 79 -35.33 -40.43 7.85
N CYS D 80 -34.75 -40.56 9.06
CA CYS D 80 -34.76 -39.46 10.01
C CYS D 80 -34.00 -38.24 9.47
N THR D 81 -32.85 -38.48 8.84
CA THR D 81 -32.10 -37.38 8.25
C THR D 81 -32.90 -36.70 7.15
N SER D 82 -33.58 -37.49 6.32
CA SER D 82 -34.41 -36.91 5.26
C SER D 82 -35.55 -36.10 5.84
N LEU D 83 -36.17 -36.59 6.92
CA LEU D 83 -37.25 -35.84 7.57
C LEU D 83 -36.73 -34.52 8.13
N ILE D 84 -35.57 -34.55 8.77
CA ILE D 84 -34.99 -33.32 9.30
C ILE D 84 -34.70 -32.35 8.17
N ALA D 85 -34.14 -32.85 7.07
CA ALA D 85 -33.84 -31.99 5.92
C ALA D 85 -35.10 -31.36 5.34
N VAL D 86 -36.17 -32.15 5.20
CA VAL D 86 -37.41 -31.61 4.64
C VAL D 86 -38.03 -30.59 5.59
N ILE D 87 -37.95 -30.84 6.89
CA ILE D 87 -38.47 -29.88 7.86
C ILE D 87 -37.71 -28.56 7.76
N LEU D 88 -36.38 -28.64 7.70
CA LEU D 88 -35.57 -27.43 7.60
C LEU D 88 -35.86 -26.70 6.29
N THR D 89 -36.03 -27.44 5.20
CA THR D 89 -36.34 -26.82 3.92
C THR D 89 -37.69 -26.11 3.97
N ILE D 90 -38.69 -26.74 4.59
CA ILE D 90 -40.00 -26.11 4.70
C ILE D 90 -39.91 -24.84 5.54
N LYS D 91 -39.17 -24.89 6.65
CA LYS D 91 -39.01 -23.71 7.48
C LYS D 91 -38.31 -22.59 6.71
N LEU D 92 -37.26 -22.94 5.95
CA LEU D 92 -36.55 -21.93 5.17
C LEU D 92 -37.46 -21.31 4.11
N PHE D 93 -38.27 -22.15 3.45
CA PHE D 93 -39.21 -21.63 2.45
C PHE D 93 -40.23 -20.70 3.08
N LEU D 94 -40.74 -21.07 4.27
CA LEU D 94 -41.67 -20.19 4.96
C LEU D 94 -41.02 -18.86 5.32
N LEU D 95 -39.77 -18.91 5.80
CA LEU D 95 -39.06 -17.67 6.12
C LEU D 95 -38.86 -16.81 4.89
N ILE D 96 -38.51 -17.44 3.76
CA ILE D 96 -38.31 -16.69 2.52
C ILE D 96 -39.62 -16.05 2.08
N ASN D 97 -40.73 -16.77 2.18
CA ASN D 97 -42.02 -16.21 1.82
C ASN D 97 -42.39 -15.04 2.72
N GLN D 98 -42.12 -15.17 4.03
CA GLN D 98 -42.39 -14.07 4.95
C GLN D 98 -41.54 -12.85 4.61
N PHE D 99 -40.27 -13.07 4.27
CA PHE D 99 -39.41 -11.96 3.90
C PHE D 99 -39.89 -11.28 2.62
N GLU D 100 -40.33 -12.08 1.64
CA GLU D 100 -40.86 -11.51 0.40
C GLU D 100 -42.12 -10.70 0.68
N LYS D 101 -43.00 -11.21 1.53
CA LYS D 101 -44.21 -10.46 1.88
C LYS D 101 -43.86 -9.15 2.57
N GLN D 102 -42.90 -9.19 3.49
CA GLN D 102 -42.48 -7.96 4.18
C GLN D 102 -41.91 -6.96 3.20
N GLN D 103 -41.07 -7.41 2.27
CA GLN D 103 -40.49 -6.51 1.28
C GLN D 103 -41.57 -5.91 0.38
N ALA D 104 -42.52 -6.74 -0.07
CA ALA D 104 -43.59 -6.23 -0.91
C ALA D 104 -44.43 -5.20 -0.18
N ALA D 105 -44.74 -5.46 1.09
CA ALA D 105 -45.50 -4.50 1.89
C ALA D 105 -44.77 -3.17 2.02
N LYS D 106 -43.44 -3.17 1.87
CA LYS D 106 -42.66 -1.95 1.96
C LYS D 106 -42.24 -1.39 0.60
N GLY D 107 -42.53 -2.11 -0.48
CA GLY D 107 -42.22 -1.62 -1.81
C GLY D 107 -40.93 -2.17 -2.38
N ARG D 108 -41.05 -3.06 -3.37
CA ARG D 108 -39.88 -3.63 -4.03
C ARG D 108 -40.27 -4.06 -5.44
N ASP D 109 -39.29 -4.06 -6.34
CA ASP D 109 -39.54 -4.48 -7.71
C ASP D 109 -39.95 -5.95 -7.75
N ILE D 110 -40.96 -6.25 -8.56
CA ILE D 110 -41.49 -7.61 -8.62
C ILE D 110 -40.47 -8.59 -9.16
N THR D 111 -39.84 -8.27 -10.30
CA THR D 111 -38.91 -9.18 -10.95
C THR D 111 -37.61 -9.34 -10.18
N SER D 112 -37.01 -8.22 -9.73
CA SER D 112 -35.73 -8.29 -9.04
C SER D 112 -35.85 -9.05 -7.73
N ALA D 113 -36.92 -8.80 -6.97
CA ALA D 113 -37.10 -9.50 -5.70
C ALA D 113 -37.22 -10.99 -5.90
N ARG D 114 -38.03 -11.40 -6.89
CA ARG D 114 -38.21 -12.83 -7.14
C ARG D 114 -36.92 -13.47 -7.64
N ILE D 115 -36.15 -12.76 -8.48
CA ILE D 115 -34.88 -13.29 -8.94
C ILE D 115 -33.92 -13.47 -7.77
N MET D 116 -33.88 -12.48 -6.86
CA MET D 116 -33.02 -12.58 -5.70
C MET D 116 -33.43 -13.74 -4.81
N SER D 117 -34.74 -13.95 -4.63
CA SER D 117 -35.20 -15.09 -3.86
C SER D 117 -34.80 -16.40 -4.51
N ARG D 118 -34.93 -16.48 -5.83
CA ARG D 118 -34.54 -17.70 -6.55
C ARG D 118 -33.06 -17.98 -6.37
N ILE D 119 -32.22 -16.96 -6.49
CA ILE D 119 -30.78 -17.16 -6.32
C ILE D 119 -30.47 -17.54 -4.87
N ILE D 120 -31.19 -16.95 -3.90
CA ILE D 120 -30.97 -17.29 -2.50
C ILE D 120 -31.27 -18.75 -2.25
N LYS D 121 -32.39 -19.25 -2.77
CA LYS D 121 -32.74 -20.65 -2.54
C LYS D 121 -31.82 -21.57 -3.33
N ILE D 122 -31.29 -21.11 -4.47
CA ILE D 122 -30.29 -21.90 -5.19
C ILE D 122 -29.03 -22.05 -4.34
N THR D 123 -28.59 -20.95 -3.72
CA THR D 123 -27.44 -21.03 -2.82
C THR D 123 -27.74 -21.93 -1.63
N ILE D 124 -28.97 -21.88 -1.12
CA ILE D 124 -29.34 -22.74 0.00
C ILE D 124 -29.27 -24.20 -0.40
N ILE D 125 -29.75 -24.52 -1.60
CA ILE D 125 -29.66 -25.90 -2.10
C ILE D 125 -28.21 -26.32 -2.24
N VAL D 126 -27.36 -25.42 -2.75
CA VAL D 126 -25.95 -25.74 -2.90
C VAL D 126 -25.33 -26.04 -1.54
N VAL D 127 -25.61 -25.22 -0.54
CA VAL D 127 -25.03 -25.43 0.78
C VAL D 127 -25.56 -26.71 1.41
N LEU D 128 -26.84 -27.01 1.19
CA LEU D 128 -27.40 -28.25 1.71
C LEU D 128 -26.73 -29.46 1.07
N VAL D 129 -26.49 -29.41 -0.24
CA VAL D 129 -25.79 -30.50 -0.91
C VAL D 129 -24.37 -30.64 -0.36
N LEU D 130 -23.70 -29.51 -0.15
CA LEU D 130 -22.35 -29.55 0.41
C LEU D 130 -22.34 -30.20 1.79
N LEU D 131 -23.31 -29.84 2.63
CA LEU D 131 -23.37 -30.40 3.98
C LEU D 131 -23.60 -31.92 3.94
N TYR D 132 -24.48 -32.37 3.06
CA TYR D 132 -24.79 -33.80 2.98
C TYR D 132 -23.58 -34.59 2.52
N GLY D 133 -23.41 -35.77 3.09
CA GLY D 133 -22.30 -36.65 2.76
C GLY D 133 -22.65 -37.65 1.68
N GLU D 134 -21.91 -38.75 1.67
CA GLU D 134 -22.15 -39.80 0.68
C GLU D 134 -23.52 -40.43 0.84
N HIS D 135 -24.09 -40.38 2.06
CA HIS D 135 -25.41 -40.96 2.28
C HIS D 135 -26.47 -40.25 1.46
N PHE D 136 -26.38 -38.93 1.34
CA PHE D 136 -27.32 -38.13 0.56
C PHE D 136 -26.59 -37.62 -0.67
N GLY D 137 -26.70 -38.33 -1.78
CA GLY D 137 -26.00 -37.93 -2.99
C GLY D 137 -24.50 -37.89 -2.75
N MET D 138 -23.87 -36.83 -3.24
CA MET D 138 -22.43 -36.62 -3.08
C MET D 138 -22.18 -35.28 -2.43
N SER D 139 -21.20 -35.25 -1.51
CA SER D 139 -20.92 -34.01 -0.79
C SER D 139 -20.45 -32.90 -1.73
N LEU D 140 -19.62 -33.25 -2.72
CA LEU D 140 -19.09 -32.26 -3.66
C LEU D 140 -18.17 -31.26 -2.97
N SER D 141 -17.54 -31.68 -1.87
CA SER D 141 -16.64 -30.79 -1.15
C SER D 141 -15.46 -30.38 -2.03
N GLY D 142 -14.91 -31.34 -2.78
CA GLY D 142 -13.77 -31.02 -3.62
C GLY D 142 -14.07 -29.95 -4.66
N LEU D 143 -15.26 -30.02 -5.26
CA LEU D 143 -15.63 -29.03 -6.26
C LEU D 143 -15.65 -27.63 -5.65
N LEU D 144 -16.25 -27.49 -4.47
CA LEU D 144 -16.25 -26.20 -3.79
C LEU D 144 -14.86 -25.80 -3.33
N THR D 145 -14.01 -26.78 -2.98
CA THR D 145 -12.63 -26.53 -2.60
C THR D 145 -11.65 -26.83 -3.72
N PHE D 146 -12.12 -26.82 -4.97
CA PHE D 146 -11.25 -27.13 -6.09
C PHE D 146 -10.07 -26.16 -6.16
N GLY D 147 -10.33 -24.86 -5.99
CA GLY D 147 -9.29 -23.87 -5.99
C GLY D 147 -9.50 -22.83 -4.91
N GLY D 148 -10.28 -23.17 -3.90
CA GLY D 148 -10.61 -22.22 -2.85
C GLY D 148 -11.70 -21.23 -3.21
N ILE D 149 -12.51 -21.54 -4.24
CA ILE D 149 -13.55 -20.60 -4.66
C ILE D 149 -14.53 -20.36 -3.52
N GLY D 150 -15.04 -21.44 -2.92
CA GLY D 150 -15.94 -21.27 -1.79
C GLY D 150 -15.27 -20.59 -0.61
N GLY D 151 -14.01 -20.93 -0.35
CA GLY D 151 -13.30 -20.29 0.75
C GLY D 151 -13.20 -18.79 0.57
N LEU D 152 -12.78 -18.35 -0.62
CA LEU D 152 -12.68 -16.93 -0.89
C LEU D 152 -14.05 -16.25 -0.84
N ALA D 153 -15.06 -16.90 -1.41
CA ALA D 153 -16.39 -16.32 -1.44
C ALA D 153 -16.91 -16.09 -0.02
N VAL D 154 -16.72 -17.06 0.87
CA VAL D 154 -17.12 -16.88 2.25
C VAL D 154 -16.27 -15.82 2.94
N GLY D 155 -14.96 -15.87 2.70
CA GLY D 155 -14.05 -14.99 3.44
C GLY D 155 -14.27 -13.53 3.15
N MET D 156 -14.37 -13.15 1.87
CA MET D 156 -14.51 -11.73 1.55
C MET D 156 -15.82 -11.16 2.07
N ALA D 157 -16.93 -11.88 1.86
CA ALA D 157 -18.23 -11.41 2.34
C ALA D 157 -18.24 -11.30 3.86
N GLY D 158 -17.72 -12.33 4.55
CA GLY D 158 -17.67 -12.27 6.00
C GLY D 158 -16.81 -11.12 6.50
N LYS D 159 -15.67 -10.89 5.86
CA LYS D 159 -14.80 -9.80 6.28
C LYS D 159 -15.50 -8.46 6.13
N ASP D 160 -16.14 -8.22 4.99
CA ASP D 160 -16.83 -6.96 4.79
C ASP D 160 -17.95 -6.77 5.82
N ILE D 161 -18.81 -7.78 5.96
CA ILE D 161 -19.96 -7.65 6.85
C ILE D 161 -19.49 -7.44 8.28
N LEU D 162 -18.52 -8.23 8.73
CA LEU D 162 -18.05 -8.12 10.11
C LEU D 162 -17.36 -6.79 10.35
N SER D 163 -16.58 -6.30 9.38
CA SER D 163 -15.93 -5.00 9.56
C SER D 163 -16.97 -3.92 9.76
N ASN D 164 -17.99 -3.88 8.90
CA ASN D 164 -19.01 -2.83 9.05
C ASN D 164 -19.77 -2.99 10.37
N PHE D 165 -20.13 -4.22 10.73
CA PHE D 165 -20.89 -4.44 11.96
C PHE D 165 -20.09 -4.02 13.19
N PHE D 166 -18.82 -4.40 13.24
CA PHE D 166 -17.99 -4.05 14.40
C PHE D 166 -17.72 -2.56 14.44
N SER D 167 -17.57 -1.92 13.28
CA SER D 167 -17.44 -0.46 13.28
C SER D 167 -18.68 0.20 13.86
N GLY D 168 -19.86 -0.30 13.49
CA GLY D 168 -21.08 0.24 14.07
C GLY D 168 -21.15 0.03 15.58
N ILE D 169 -20.73 -1.15 16.04
CA ILE D 169 -20.75 -1.42 17.48
C ILE D 169 -19.80 -0.47 18.21
N MET D 170 -18.61 -0.25 17.66
CA MET D 170 -17.67 0.66 18.28
C MET D 170 -18.18 2.09 18.25
N LEU D 171 -18.88 2.47 17.19
CA LEU D 171 -19.51 3.78 17.15
C LEU D 171 -20.52 3.94 18.27
N TYR D 172 -21.33 2.89 18.50
CA TYR D 172 -22.29 2.95 19.58
C TYR D 172 -21.60 3.07 20.94
N PHE D 173 -20.53 2.32 21.15
CA PHE D 173 -19.89 2.30 22.46
C PHE D 173 -19.09 3.57 22.76
N ASP D 174 -18.33 4.07 21.77
CA ASP D 174 -17.51 5.25 22.00
C ASP D 174 -18.33 6.53 22.02
N ARG D 175 -19.39 6.60 21.21
CA ARG D 175 -20.26 7.77 21.13
C ARG D 175 -19.53 9.03 20.67
N PRO D 176 -18.80 8.97 19.55
CA PRO D 176 -18.24 10.21 19.00
C PRO D 176 -19.30 11.22 18.60
N PHE D 177 -20.48 10.76 18.19
CA PHE D 177 -21.56 11.64 17.79
C PHE D 177 -22.88 10.92 17.98
N SER D 178 -23.97 11.70 17.95
CA SER D 178 -25.32 11.20 18.11
C SER D 178 -26.18 11.70 16.95
N ILE D 179 -27.44 11.25 16.93
CA ILE D 179 -28.36 11.67 15.89
C ILE D 179 -28.61 13.17 16.00
N GLY D 180 -28.56 13.86 14.86
CA GLY D 180 -28.77 15.29 14.85
C GLY D 180 -27.55 16.12 15.19
N ASP D 181 -26.36 15.53 15.08
CA ASP D 181 -25.12 16.21 15.44
C ASP D 181 -24.36 16.60 14.17
N TRP D 182 -23.90 17.84 14.13
CA TRP D 182 -23.06 18.31 13.02
C TRP D 182 -21.63 17.81 13.23
N ILE D 183 -21.11 17.07 12.23
CA ILE D 183 -19.81 16.44 12.34
C ILE D 183 -19.01 16.71 11.08
N ARG D 184 -17.69 16.52 11.19
CA ARG D 184 -16.77 16.64 10.07
C ARG D 184 -15.48 15.94 10.44
N SER D 185 -14.60 15.80 9.44
CA SER D 185 -13.32 15.12 9.63
C SER D 185 -12.25 15.78 8.80
N PRO D 186 -11.09 16.11 9.38
CA PRO D 186 -10.00 16.66 8.57
C PRO D 186 -9.39 15.67 7.59
N ASP D 187 -9.62 14.37 7.78
CA ASP D 187 -9.02 13.37 6.91
C ASP D 187 -9.81 13.21 5.61
N ARG D 188 -11.10 12.93 5.72
CA ARG D 188 -12.00 12.86 4.58
C ARG D 188 -13.27 13.64 4.90
N ASN D 189 -13.95 14.11 3.87
CA ASN D 189 -15.12 14.95 4.07
C ASN D 189 -16.37 14.10 4.30
N ILE D 190 -17.03 14.37 5.43
CA ILE D 190 -18.27 13.71 5.79
C ILE D 190 -19.22 14.76 6.35
N GLU D 191 -18.91 16.03 6.11
CA GLU D 191 -19.61 17.12 6.79
C GLU D 191 -21.11 17.05 6.55
N GLY D 192 -21.86 17.30 7.60
CA GLY D 192 -23.31 17.25 7.55
C GLY D 192 -23.87 16.94 8.92
N THR D 193 -25.18 16.76 8.94
CA THR D 193 -25.90 16.42 10.17
C THR D 193 -26.28 14.95 10.15
N VAL D 194 -25.95 14.23 11.22
CA VAL D 194 -26.24 12.81 11.29
C VAL D 194 -27.74 12.60 11.31
N ALA D 195 -28.23 11.73 10.42
CA ALA D 195 -29.65 11.44 10.32
C ALA D 195 -30.04 10.10 10.93
N GLU D 196 -29.22 9.07 10.74
CA GLU D 196 -29.49 7.77 11.31
C GLU D 196 -28.21 6.94 11.29
N ILE D 197 -28.09 6.06 12.27
CA ILE D 197 -26.90 5.22 12.42
C ILE D 197 -27.38 3.77 12.33
N GLY D 198 -27.31 3.20 11.12
CA GLY D 198 -27.71 1.83 10.93
C GLY D 198 -26.62 0.84 11.29
N TRP D 199 -26.98 -0.44 11.23
CA TRP D 199 -26.02 -1.50 11.55
C TRP D 199 -24.90 -1.58 10.53
N ARG D 200 -25.11 -1.10 9.32
CA ARG D 200 -24.12 -1.20 8.25
C ARG D 200 -23.73 0.15 7.66
N ILE D 201 -24.69 1.05 7.49
CA ILE D 201 -24.46 2.33 6.81
C ILE D 201 -24.97 3.46 7.71
N THR D 202 -24.22 4.55 7.76
CA THR D 202 -24.60 5.75 8.48
C THR D 202 -25.04 6.81 7.47
N LYS D 203 -26.24 7.36 7.67
CA LYS D 203 -26.80 8.35 6.78
C LYS D 203 -26.55 9.75 7.33
N ILE D 204 -26.00 10.62 6.50
CA ILE D 204 -25.66 11.98 6.88
C ILE D 204 -26.36 12.94 5.91
N THR D 205 -27.02 13.95 6.45
CA THR D 205 -27.71 14.96 5.66
C THR D 205 -26.78 16.16 5.48
N THR D 206 -26.29 16.36 4.28
CA THR D 206 -25.42 17.49 4.00
C THR D 206 -26.19 18.79 4.14
N PHE D 207 -25.46 19.90 4.11
CA PHE D 207 -26.08 21.21 4.23
C PHE D 207 -26.79 21.64 2.95
N ASP D 208 -26.68 20.85 1.88
CA ASP D 208 -27.47 21.03 0.68
C ASP D 208 -28.81 20.31 0.76
N ASN D 209 -29.08 19.59 1.86
CA ASN D 209 -30.27 18.77 2.00
C ASN D 209 -30.25 17.58 1.04
N ARG D 210 -29.10 16.93 0.95
CA ARG D 210 -28.94 15.73 0.15
C ARG D 210 -28.41 14.59 1.01
N PRO D 211 -28.92 13.37 0.83
CA PRO D 211 -28.42 12.24 1.62
C PRO D 211 -26.98 11.91 1.27
N LEU D 212 -26.24 11.45 2.27
CA LEU D 212 -24.87 10.99 2.12
C LEU D 212 -24.72 9.69 2.89
N TYR D 213 -24.43 8.60 2.19
CA TYR D 213 -24.34 7.28 2.79
C TYR D 213 -22.88 6.92 3.00
N VAL D 214 -22.48 6.78 4.26
CA VAL D 214 -21.10 6.50 4.64
C VAL D 214 -21.06 5.12 5.29
N PRO D 215 -20.31 4.16 4.74
CA PRO D 215 -20.17 2.87 5.42
C PRO D 215 -19.53 3.05 6.80
N ASN D 216 -20.00 2.25 7.76
CA ASN D 216 -19.54 2.40 9.13
C ASN D 216 -18.04 2.20 9.27
N SER D 217 -17.45 1.36 8.42
CA SER D 217 -16.02 1.07 8.54
C SER D 217 -15.15 2.27 8.24
N LEU D 218 -15.69 3.29 7.55
CA LEU D 218 -14.89 4.46 7.21
C LEU D 218 -14.56 5.32 8.42
N PHE D 219 -15.29 5.15 9.52
CA PHE D 219 -15.01 5.87 10.76
C PHE D 219 -13.97 5.19 11.62
N SER D 220 -13.44 4.04 11.19
CA SER D 220 -12.59 3.24 12.06
C SER D 220 -11.34 3.99 12.47
N SER D 221 -10.59 4.53 11.50
CA SER D 221 -9.32 5.21 11.79
C SER D 221 -9.32 6.58 11.12
N ILE D 222 -9.93 7.54 11.79
CA ILE D 222 -9.91 8.94 11.36
C ILE D 222 -10.25 9.80 12.55
N SER D 223 -9.84 11.06 12.51
CA SER D 223 -10.22 12.02 13.54
C SER D 223 -11.58 12.59 13.20
N VAL D 224 -12.50 12.52 14.16
CA VAL D 224 -13.87 13.00 13.98
C VAL D 224 -14.06 14.25 14.83
N GLU D 225 -14.47 15.33 14.19
CA GLU D 225 -14.80 16.57 14.88
C GLU D 225 -16.30 16.68 15.05
N ASN D 226 -16.72 17.27 16.17
CA ASN D 226 -18.14 17.40 16.52
C ASN D 226 -18.45 18.86 16.81
N PRO D 227 -18.61 19.68 15.76
CA PRO D 227 -19.01 21.07 15.99
C PRO D 227 -20.34 21.21 16.70
N GLY D 228 -21.24 20.24 16.58
CA GLY D 228 -22.49 20.28 17.30
C GLY D 228 -22.34 20.26 18.82
N ARG D 229 -21.16 19.90 19.32
CA ARG D 229 -20.89 19.90 20.75
C ARG D 229 -20.02 21.08 21.18
N MET D 230 -19.87 22.09 20.33
CA MET D 230 -19.03 23.23 20.67
C MET D 230 -19.62 24.00 21.84
N THR D 231 -18.73 24.63 22.60
CA THR D 231 -19.13 25.43 23.75
C THR D 231 -19.18 26.93 23.46
N ASN D 232 -18.60 27.37 22.35
CA ASN D 232 -18.57 28.78 22.00
C ASN D 232 -18.40 28.92 20.50
N ARG D 233 -18.71 30.11 19.99
CA ARG D 233 -18.49 30.45 18.59
C ARG D 233 -17.45 31.55 18.52
N ARG D 234 -16.44 31.36 17.66
CA ARG D 234 -15.32 32.27 17.57
C ARG D 234 -15.58 33.39 16.57
N ILE D 235 -15.02 34.56 16.85
CA ILE D 235 -15.09 35.71 15.97
C ILE D 235 -13.66 36.17 15.69
N THR D 236 -13.28 36.17 14.42
CA THR D 236 -11.95 36.60 14.02
C THR D 236 -12.06 37.53 12.81
N THR D 237 -11.21 38.54 12.77
CA THR D 237 -11.19 39.48 11.66
C THR D 237 -9.87 40.23 11.70
N THR D 238 -9.61 40.97 10.62
CA THR D 238 -8.41 41.78 10.49
C THR D 238 -8.79 43.20 10.09
N ILE D 239 -8.16 44.18 10.71
CA ILE D 239 -8.39 45.58 10.41
C ILE D 239 -7.16 46.10 9.71
N GLY D 240 -7.31 46.49 8.44
CA GLY D 240 -6.18 46.99 7.67
C GLY D 240 -6.20 48.50 7.52
N LEU D 241 -5.33 49.18 8.25
CA LEU D 241 -5.25 50.63 8.21
C LEU D 241 -4.18 51.08 7.22
N ARG D 242 -4.33 52.32 6.76
CA ARG D 242 -3.35 52.89 5.84
C ARG D 242 -2.02 53.12 6.55
N TYR D 243 -0.94 53.09 5.77
CA TYR D 243 0.38 53.30 6.35
C TYR D 243 0.51 54.70 6.94
N GLU D 244 -0.25 55.68 6.44
CA GLU D 244 -0.22 57.02 6.99
C GLU D 244 -0.94 57.13 8.32
N ASP D 245 -1.66 56.09 8.74
CA ASP D 245 -2.38 56.08 10.01
C ASP D 245 -1.63 55.34 11.11
N ALA D 246 -0.30 55.34 11.06
CA ALA D 246 0.50 54.62 12.04
C ALA D 246 0.50 55.31 13.40
N ALA D 247 0.19 56.61 13.46
CA ALA D 247 0.23 57.32 14.73
C ALA D 247 -0.97 57.02 15.62
N LYS D 248 -2.06 56.49 15.06
CA LYS D 248 -3.27 56.23 15.82
C LYS D 248 -3.53 54.75 16.04
N VAL D 249 -2.55 53.90 15.72
CA VAL D 249 -2.74 52.45 15.87
C VAL D 249 -2.99 52.09 17.33
N GLY D 250 -2.21 52.67 18.25
CA GLY D 250 -2.39 52.34 19.65
C GLY D 250 -3.75 52.75 20.18
N VAL D 251 -4.18 53.97 19.84
CA VAL D 251 -5.47 54.46 20.31
C VAL D 251 -6.60 53.61 19.73
N ILE D 252 -6.51 53.27 18.44
CA ILE D 252 -7.54 52.45 17.83
C ILE D 252 -7.61 51.08 18.47
N VAL D 253 -6.45 50.47 18.74
CA VAL D 253 -6.44 49.16 19.38
C VAL D 253 -7.06 49.24 20.77
N GLU D 254 -6.70 50.25 21.54
CA GLU D 254 -7.27 50.40 22.87
C GLU D 254 -8.78 50.58 22.81
N ALA D 255 -9.26 51.40 21.87
CA ALA D 255 -10.70 51.62 21.75
C ALA D 255 -11.43 50.34 21.36
N VAL D 256 -10.86 49.57 20.42
CA VAL D 256 -11.50 48.33 20.00
C VAL D 256 -11.53 47.33 21.15
N ARG D 257 -10.44 47.23 21.91
CA ARG D 257 -10.42 46.32 23.05
C ARG D 257 -11.44 46.73 24.10
N GLU D 258 -11.53 48.02 24.38
CA GLU D 258 -12.51 48.49 25.35
C GLU D 258 -13.93 48.20 24.89
N MET D 259 -14.21 48.41 23.60
CA MET D 259 -15.54 48.10 23.09
C MET D 259 -15.85 46.62 23.22
N LEU D 260 -14.88 45.76 22.89
CA LEU D 260 -15.11 44.32 23.01
C LEU D 260 -15.33 43.90 24.45
N LYS D 261 -14.62 44.51 25.40
CA LYS D 261 -14.74 44.11 26.79
C LYS D 261 -16.09 44.47 27.39
N ASN D 262 -16.83 45.39 26.79
CA ASN D 262 -18.11 45.84 27.31
C ASN D 262 -19.29 45.33 26.49
N HIS D 263 -19.06 44.45 25.53
CA HIS D 263 -20.15 43.95 24.70
C HIS D 263 -20.90 42.84 25.43
N PRO D 264 -22.22 42.95 25.58
CA PRO D 264 -22.96 41.91 26.32
C PRO D 264 -22.91 40.55 25.66
N ALA D 265 -22.64 40.48 24.35
CA ALA D 265 -22.67 39.20 23.66
C ALA D 265 -21.33 38.47 23.68
N ILE D 266 -20.27 39.11 24.17
CA ILE D 266 -18.95 38.51 24.18
C ILE D 266 -18.72 37.79 25.49
N ASP D 267 -18.03 36.65 25.43
CA ASP D 267 -17.72 35.86 26.61
C ASP D 267 -16.40 36.35 27.20
N GLN D 268 -16.45 36.90 28.41
CA GLN D 268 -15.27 37.48 29.04
C GLN D 268 -14.32 36.44 29.62
N ARG D 269 -14.76 35.19 29.75
CA ARG D 269 -13.89 34.15 30.29
C ARG D 269 -13.04 33.47 29.22
N GLN D 270 -13.27 33.76 27.95
CA GLN D 270 -12.53 33.16 26.86
C GLN D 270 -11.41 34.09 26.41
N THR D 271 -10.68 33.66 25.38
CA THR D 271 -9.60 34.47 24.83
C THR D 271 -10.16 35.75 24.23
N LEU D 272 -9.41 36.85 24.38
CA LEU D 272 -9.83 38.14 23.86
C LEU D 272 -8.56 38.94 23.55
N LEU D 273 -8.18 38.97 22.28
CA LEU D 273 -6.93 39.58 21.85
C LEU D 273 -7.19 40.63 20.79
N VAL D 274 -6.55 41.79 20.92
CA VAL D 274 -6.60 42.86 19.92
C VAL D 274 -5.22 43.52 19.92
N TYR D 275 -4.41 43.24 18.90
CA TYR D 275 -3.06 43.76 18.86
C TYR D 275 -2.65 44.04 17.42
N PHE D 276 -1.73 44.99 17.25
CA PHE D 276 -1.09 45.23 15.96
C PHE D 276 -0.22 44.04 15.61
N ASN D 277 -0.60 43.31 14.56
CA ASN D 277 -0.07 41.98 14.29
C ASN D 277 1.13 41.97 13.34
N GLN D 278 0.98 42.52 12.15
CA GLN D 278 2.03 42.37 11.15
C GLN D 278 1.94 43.46 10.10
N PHE D 279 3.05 43.67 9.40
CA PHE D 279 3.09 44.55 8.25
C PHE D 279 2.57 43.81 7.02
N ALA D 280 1.73 44.49 6.25
CA ALA D 280 1.18 43.95 5.02
C ALA D 280 1.74 44.71 3.83
N ASP D 281 1.36 44.26 2.63
CA ASP D 281 1.86 44.91 1.42
C ASP D 281 1.45 46.36 1.35
N SER D 282 0.19 46.66 1.70
CA SER D 282 -0.30 48.04 1.62
C SER D 282 -1.15 48.44 2.82
N SER D 283 -0.97 47.79 3.97
CA SER D 283 -1.76 48.15 5.14
C SER D 283 -1.08 47.61 6.39
N LEU D 284 -1.44 48.19 7.53
CA LEU D 284 -1.02 47.72 8.84
C LEU D 284 -2.16 46.94 9.47
N ASN D 285 -1.96 45.65 9.68
CA ASN D 285 -3.04 44.75 10.08
C ASN D 285 -3.16 44.68 11.60
N ILE D 286 -4.40 44.67 12.08
CA ILE D 286 -4.71 44.50 13.49
C ILE D 286 -5.61 43.28 13.63
N MET D 287 -5.21 42.35 14.50
CA MET D 287 -5.96 41.11 14.69
C MET D 287 -7.04 41.28 15.73
N VAL D 288 -8.16 40.60 15.52
CA VAL D 288 -9.27 40.55 16.46
C VAL D 288 -9.61 39.09 16.74
N TYR D 289 -9.75 38.76 18.01
CA TYR D 289 -9.89 37.36 18.42
C TYR D 289 -10.74 37.33 19.69
N CYS D 290 -11.94 36.78 19.61
CA CYS D 290 -12.85 36.72 20.75
C CYS D 290 -13.85 35.60 20.53
N PHE D 291 -14.68 35.37 21.55
CA PHE D 291 -15.70 34.33 21.52
C PHE D 291 -17.04 34.91 21.95
N THR D 292 -18.12 34.29 21.50
CA THR D 292 -19.47 34.68 21.88
C THR D 292 -20.07 33.66 22.83
N LYS D 293 -20.94 34.14 23.73
CA LYS D 293 -21.58 33.24 24.68
C LYS D 293 -22.48 32.24 23.99
N THR D 294 -23.24 32.68 22.98
CA THR D 294 -24.20 31.81 22.32
C THR D 294 -23.52 30.91 21.31
N THR D 295 -24.15 29.77 21.04
CA THR D 295 -23.70 28.84 20.01
C THR D 295 -24.70 28.73 18.86
N VAL D 296 -25.71 29.59 18.83
CA VAL D 296 -26.73 29.55 17.78
C VAL D 296 -26.21 30.30 16.55
N TRP D 297 -26.56 29.78 15.38
CA TRP D 297 -26.05 30.33 14.12
C TRP D 297 -26.49 31.78 13.94
N ALA D 298 -27.80 32.03 14.02
CA ALA D 298 -28.32 33.37 13.74
C ALA D 298 -27.84 34.38 14.77
N GLU D 299 -27.87 34.01 16.05
CA GLU D 299 -27.42 34.93 17.10
C GLU D 299 -25.94 35.26 16.95
N TRP D 300 -25.12 34.25 16.64
CA TRP D 300 -23.70 34.50 16.42
C TRP D 300 -23.49 35.44 15.24
N LEU D 301 -24.22 35.22 14.14
CA LEU D 301 -24.07 36.09 12.99
C LEU D 301 -24.49 37.52 13.31
N ALA D 302 -25.58 37.69 14.06
CA ALA D 302 -26.03 39.02 14.43
C ALA D 302 -25.00 39.72 15.31
N ALA D 303 -24.44 39.00 16.28
CA ALA D 303 -23.41 39.60 17.13
C ALA D 303 -22.18 39.99 16.32
N GLN D 304 -21.78 39.14 15.38
CA GLN D 304 -20.64 39.45 14.52
C GLN D 304 -20.90 40.72 13.71
N GLN D 305 -22.11 40.84 13.14
CA GLN D 305 -22.43 42.03 12.36
C GLN D 305 -22.40 43.28 13.23
N ASP D 306 -22.95 43.19 14.44
CA ASP D 306 -22.93 44.34 15.34
C ASP D 306 -21.50 44.74 15.68
N VAL D 307 -20.64 43.76 15.97
CA VAL D 307 -19.25 44.05 16.30
C VAL D 307 -18.55 44.70 15.11
N TYR D 308 -18.79 44.20 13.90
CA TYR D 308 -18.16 44.79 12.73
C TYR D 308 -18.60 46.23 12.51
N LEU D 309 -19.89 46.50 12.68
CA LEU D 309 -20.36 47.88 12.54
C LEU D 309 -19.74 48.79 13.58
N LYS D 310 -19.62 48.31 14.82
CA LYS D 310 -18.99 49.12 15.86
C LYS D 310 -17.53 49.39 15.54
N ILE D 311 -16.82 48.39 15.01
CA ILE D 311 -15.43 48.57 14.64
C ILE D 311 -15.30 49.61 13.54
N ILE D 312 -16.18 49.55 12.53
CA ILE D 312 -16.15 50.55 11.48
C ILE D 312 -16.37 51.94 12.04
N ASP D 313 -17.34 52.08 12.95
CA ASP D 313 -17.61 53.38 13.55
C ASP D 313 -16.40 53.89 14.31
N ILE D 314 -15.75 53.03 15.09
CA ILE D 314 -14.59 53.45 15.86
C ILE D 314 -13.47 53.92 14.93
N VAL D 315 -13.18 53.13 13.90
CA VAL D 315 -12.10 53.48 12.99
C VAL D 315 -12.39 54.81 12.31
N GLN D 316 -13.62 55.00 11.85
CA GLN D 316 -13.97 56.27 11.20
C GLN D 316 -13.84 57.43 12.18
N SER D 317 -14.30 57.24 13.42
CA SER D 317 -14.30 58.34 14.38
C SER D 317 -12.89 58.74 14.80
N HIS D 318 -11.97 57.78 14.85
CA HIS D 318 -10.61 58.10 15.30
C HIS D 318 -9.76 58.75 14.22
N GLY D 319 -10.31 59.01 13.03
CA GLY D 319 -9.60 59.70 11.98
C GLY D 319 -8.87 58.82 11.00
N ALA D 320 -8.79 57.51 11.23
CA ALA D 320 -8.12 56.61 10.32
C ALA D 320 -9.09 56.16 9.23
N ASP D 321 -8.65 55.21 8.40
CA ASP D 321 -9.49 54.67 7.35
C ASP D 321 -8.94 53.32 6.91
N PHE D 322 -9.79 52.54 6.26
CA PHE D 322 -9.38 51.26 5.73
C PHE D 322 -8.60 51.46 4.44
N ALA D 323 -7.60 50.59 4.23
CA ALA D 323 -6.66 50.74 3.12
C ALA D 323 -7.08 49.86 1.95
N PHE D 324 -7.13 50.45 0.77
CA PHE D 324 -7.30 49.71 -0.46
C PHE D 324 -5.96 49.17 -0.94
N PRO D 325 -5.96 48.11 -1.75
CA PRO D 325 -4.70 47.65 -2.35
C PRO D 325 -4.00 48.78 -3.07
N SER D 326 -2.82 49.18 -2.58
CA SER D 326 -2.11 50.35 -3.07
C SER D 326 -1.01 49.95 -4.02
N GLN D 327 -0.47 50.95 -4.72
CA GLN D 327 0.56 50.72 -5.73
C GLN D 327 1.21 52.03 -6.08
N THR D 328 2.53 52.00 -6.29
CA THR D 328 3.29 53.18 -6.70
C THR D 328 3.68 53.04 -8.16
N LEU D 329 3.37 54.06 -8.95
CA LEU D 329 3.57 54.03 -10.39
C LEU D 329 4.56 55.10 -10.82
N TYR D 330 5.56 54.69 -11.60
CA TYR D 330 6.58 55.58 -12.15
C TYR D 330 6.28 55.77 -13.62
N MET D 331 5.76 56.94 -13.97
CA MET D 331 5.34 57.20 -15.35
C MET D 331 6.53 57.59 -16.21
N ASP D 332 6.42 57.30 -17.50
CA ASP D 332 7.49 57.62 -18.45
C ASP D 332 6.91 58.08 -19.78
N ALA E 1 -9.32 -45.40 55.84
CA ALA E 1 -10.07 -46.48 55.20
C ALA E 1 -10.84 -45.97 54.00
N GLU E 2 -12.13 -45.69 54.20
CA GLU E 2 -12.96 -45.18 53.11
C GLU E 2 -12.44 -43.83 52.62
N LEU E 3 -12.05 -42.95 53.54
CA LEU E 3 -11.53 -41.63 53.20
C LEU E 3 -10.01 -41.60 53.05
N PHE E 4 -9.36 -42.75 53.12
CA PHE E 4 -7.91 -42.82 52.98
C PHE E 4 -7.57 -42.81 51.48
N THR E 5 -6.27 -42.79 51.17
CA THR E 5 -5.79 -42.75 49.78
C THR E 5 -6.16 -41.39 49.20
N ASN E 6 -6.68 -41.33 47.97
CA ASN E 6 -6.98 -40.03 47.36
C ASN E 6 -8.04 -39.26 48.14
N ASN E 7 -8.91 -39.96 48.88
CA ASN E 7 -9.96 -39.28 49.62
C ASN E 7 -9.38 -38.32 50.65
N ALA E 8 -8.27 -38.70 51.29
CA ALA E 8 -7.68 -37.82 52.30
C ALA E 8 -7.19 -36.52 51.69
N LEU E 9 -6.45 -36.60 50.59
CA LEU E 9 -5.92 -35.40 49.95
C LEU E 9 -7.05 -34.53 49.40
N ASN E 10 -8.08 -35.16 48.81
CA ASN E 10 -9.22 -34.43 48.29
C ASN E 10 -9.96 -33.72 49.42
N LEU E 11 -10.13 -34.40 50.55
CA LEU E 11 -10.80 -33.78 51.70
C LEU E 11 -9.99 -32.61 52.25
N VAL E 12 -8.67 -32.76 52.29
CA VAL E 12 -7.82 -31.67 52.75
C VAL E 12 -7.94 -30.47 51.81
N ILE E 13 -7.94 -30.72 50.50
CA ILE E 13 -8.06 -29.64 49.53
C ILE E 13 -9.42 -28.96 49.67
N ILE E 14 -10.48 -29.74 49.87
CA ILE E 14 -11.80 -29.16 50.01
C ILE E 14 -11.91 -28.35 51.29
N PHE E 15 -11.30 -28.81 52.38
CA PHE E 15 -11.28 -28.03 53.62
C PHE E 15 -10.52 -26.73 53.44
N GLY E 16 -9.38 -26.76 52.76
CA GLY E 16 -8.66 -25.54 52.49
C GLY E 16 -9.46 -24.58 51.62
N SER E 17 -10.14 -25.10 50.61
CA SER E 17 -10.99 -24.27 49.77
C SER E 17 -12.13 -23.65 50.56
N CYS E 18 -12.75 -24.42 51.47
CA CYS E 18 -13.81 -23.88 52.31
C CYS E 18 -13.28 -22.79 53.22
N ALA E 19 -12.08 -22.99 53.78
CA ALA E 19 -11.49 -21.96 54.63
C ALA E 19 -11.22 -20.69 53.82
N ALA E 20 -10.70 -20.84 52.61
CA ALA E 20 -10.46 -19.67 51.76
C ALA E 20 -11.77 -18.97 51.41
N LEU E 21 -12.82 -19.74 51.15
CA LEU E 21 -14.12 -19.16 50.84
C LEU E 21 -14.67 -18.38 52.03
N ILE E 22 -14.50 -18.93 53.24
CA ILE E 22 -14.98 -18.22 54.44
C ILE E 22 -14.17 -16.96 54.66
N LEU E 23 -12.85 -17.02 54.42
CA LEU E 23 -12.02 -15.83 54.54
C LEU E 23 -12.44 -14.76 53.55
N MET E 24 -12.76 -15.17 52.32
CA MET E 24 -13.23 -14.21 51.32
C MET E 24 -14.59 -13.65 51.68
N SER E 25 -15.46 -14.47 52.28
CA SER E 25 -16.76 -13.97 52.72
C SER E 25 -16.58 -12.91 53.81
N PHE E 26 -15.68 -13.15 54.75
CA PHE E 26 -15.38 -12.13 55.76
C PHE E 26 -14.80 -10.89 55.11
N TRP E 27 -13.89 -11.06 54.15
CA TRP E 27 -13.28 -9.92 53.48
C TRP E 27 -14.32 -9.07 52.76
N PHE E 28 -15.33 -9.72 52.18
CA PHE E 28 -16.35 -9.02 51.41
C PHE E 28 -17.27 -8.20 52.33
N ARG E 29 -16.93 -6.93 52.52
CA ARG E 29 -17.72 -6.02 53.34
C ARG E 29 -18.18 -4.87 52.46
N ARG E 30 -19.50 -4.67 52.38
CA ARG E 30 -20.06 -3.60 51.55
C ARG E 30 -19.80 -3.89 50.09
N GLY E 31 -20.38 -3.07 49.20
CA GLY E 31 -20.13 -3.19 47.78
C GLY E 31 -18.96 -2.32 47.35
N ASN E 32 -19.24 -1.37 46.44
CA ASN E 32 -18.24 -0.42 45.95
C ASN E 32 -17.04 -1.22 45.47
N ARG E 33 -15.81 -0.91 45.91
CA ARG E 33 -14.63 -1.63 45.43
C ARG E 33 -14.68 -3.09 45.85
N LYS E 34 -15.34 -3.40 46.97
CA LYS E 34 -15.40 -4.77 47.46
C LYS E 34 -16.06 -5.69 46.45
N ARG E 35 -17.15 -5.24 45.84
CA ARG E 35 -17.83 -6.01 44.82
C ARG E 35 -17.13 -5.82 43.48
N LYS E 36 -16.46 -6.86 43.00
CA LYS E 36 -15.72 -6.82 41.75
C LYS E 36 -16.38 -7.76 40.75
N GLY E 37 -17.01 -7.19 39.72
CA GLY E 37 -17.66 -8.01 38.72
C GLY E 37 -16.68 -8.83 37.92
N PHE E 38 -15.52 -8.25 37.60
CA PHE E 38 -14.51 -8.94 36.80
C PHE E 38 -13.60 -9.84 37.61
N LEU E 39 -13.43 -9.57 38.91
CA LEU E 39 -12.53 -10.33 39.77
C LEU E 39 -13.27 -11.25 40.74
N PHE E 40 -14.24 -10.70 41.48
CA PHE E 40 -15.00 -11.52 42.41
C PHE E 40 -15.78 -12.61 41.68
N HIS E 41 -16.34 -12.29 40.52
CA HIS E 41 -17.05 -13.30 39.73
C HIS E 41 -16.13 -14.46 39.37
N ALA E 42 -14.92 -14.16 38.90
CA ALA E 42 -13.98 -15.21 38.54
C ALA E 42 -13.55 -16.01 39.76
N VAL E 43 -13.32 -15.34 40.89
CA VAL E 43 -12.93 -16.03 42.11
C VAL E 43 -14.02 -17.01 42.54
N GLN E 44 -15.27 -16.54 42.54
CA GLN E 44 -16.38 -17.40 42.92
C GLN E 44 -16.54 -18.57 41.95
N PHE E 45 -16.38 -18.31 40.65
CA PHE E 45 -16.48 -19.38 39.67
C PHE E 45 -15.42 -20.44 39.92
N LEU E 46 -14.19 -20.02 40.18
CA LEU E 46 -13.12 -20.97 40.47
C LEU E 46 -13.40 -21.76 41.74
N ILE E 47 -13.92 -21.08 42.77
CA ILE E 47 -14.24 -21.77 44.02
C ILE E 47 -15.30 -22.84 43.78
N TYR E 48 -16.36 -22.48 43.06
CA TYR E 48 -17.41 -23.45 42.78
C TYR E 48 -16.88 -24.61 41.95
N THR E 49 -16.03 -24.31 40.96
CA THR E 49 -15.48 -25.37 40.12
C THR E 49 -14.65 -26.34 40.95
N ILE E 50 -13.79 -25.82 41.83
CA ILE E 50 -12.95 -26.69 42.64
C ILE E 50 -13.81 -27.52 43.59
N ILE E 51 -14.82 -26.90 44.20
CA ILE E 51 -15.68 -27.63 45.13
C ILE E 51 -16.40 -28.75 44.41
N ILE E 52 -16.96 -28.46 43.23
CA ILE E 52 -17.70 -29.48 42.49
C ILE E 52 -16.76 -30.59 42.04
N SER E 53 -15.54 -30.24 41.61
CA SER E 53 -14.58 -31.26 41.21
C SER E 53 -14.23 -32.17 42.38
N ALA E 54 -13.99 -31.59 43.56
CA ALA E 54 -13.67 -32.41 44.73
C ALA E 54 -14.84 -33.33 45.09
N VAL E 55 -16.06 -32.78 45.11
CA VAL E 55 -17.22 -33.59 45.47
C VAL E 55 -17.40 -34.72 44.48
N GLY E 56 -17.29 -34.42 43.17
CA GLY E 56 -17.42 -35.46 42.17
C GLY E 56 -16.36 -36.53 42.29
N SER E 57 -15.11 -36.13 42.54
CA SER E 57 -14.05 -37.11 42.72
C SER E 57 -14.32 -38.02 43.90
N ILE E 58 -14.72 -37.44 45.04
CA ILE E 58 -15.01 -38.25 46.22
C ILE E 58 -16.14 -39.23 45.94
N ILE E 59 -17.23 -38.73 45.37
CA ILE E 59 -18.40 -39.58 45.13
C ILE E 59 -18.06 -40.69 44.14
N ASN E 60 -17.32 -40.36 43.08
CA ASN E 60 -16.95 -41.37 42.09
C ASN E 60 -16.05 -42.43 42.71
N TYR E 61 -15.07 -42.01 43.51
CA TYR E 61 -14.17 -42.97 44.13
C TYR E 61 -14.94 -43.90 45.06
N VAL E 62 -15.89 -43.34 45.82
CA VAL E 62 -16.67 -44.17 46.73
C VAL E 62 -17.54 -45.15 45.94
N ILE E 63 -18.20 -44.67 44.87
CA ILE E 63 -19.12 -45.54 44.14
C ILE E 63 -18.35 -46.65 43.43
N GLU E 64 -17.24 -46.33 42.78
CA GLU E 64 -16.48 -47.34 42.05
C GLU E 64 -15.96 -48.42 43.00
N ASN E 65 -15.61 -48.03 44.24
CA ASN E 65 -15.11 -49.00 45.20
C ASN E 65 -16.25 -49.76 45.87
N TYR E 66 -17.49 -49.33 45.69
CA TYR E 66 -18.65 -49.96 46.30
C TYR E 66 -19.69 -50.41 45.29
N LYS E 67 -19.52 -50.03 44.02
CA LYS E 67 -20.43 -50.44 42.95
C LYS E 67 -21.65 -49.53 42.91
N LEU E 68 -22.44 -49.60 41.84
CA LEU E 68 -23.63 -48.78 41.71
C LEU E 68 -24.65 -49.45 40.80
N LYS E 69 -25.93 -49.36 41.16
CA LYS E 69 -26.99 -49.96 40.37
C LYS E 69 -27.46 -49.01 39.28
N PHE E 70 -26.53 -48.51 38.47
CA PHE E 70 -26.88 -47.60 37.40
C PHE E 70 -25.69 -47.51 36.43
N ILE E 71 -26.01 -47.46 35.15
CA ILE E 71 -25.00 -47.39 34.10
C ILE E 71 -24.51 -45.95 33.98
N THR E 72 -23.28 -45.80 33.48
CA THR E 72 -22.68 -44.49 33.27
C THR E 72 -22.71 -43.67 34.55
N PRO E 73 -21.91 -44.04 35.55
CA PRO E 73 -21.88 -43.24 36.79
C PRO E 73 -21.41 -41.81 36.56
N GLY E 74 -20.71 -41.53 35.46
CA GLY E 74 -20.23 -40.20 35.19
C GLY E 74 -21.32 -39.17 34.97
N VAL E 75 -22.58 -39.57 35.07
CA VAL E 75 -23.70 -38.65 34.92
C VAL E 75 -23.59 -37.55 35.96
N ILE E 76 -22.99 -37.88 37.11
CA ILE E 76 -22.78 -36.86 38.15
C ILE E 76 -21.82 -35.80 37.65
N ASP E 77 -20.84 -36.20 36.82
CA ASP E 77 -19.98 -35.21 36.18
C ASP E 77 -20.78 -34.27 35.29
N PHE E 78 -21.75 -34.82 34.57
CA PHE E 78 -22.64 -33.99 33.76
C PHE E 78 -23.43 -33.03 34.63
N ILE E 79 -23.92 -33.51 35.78
CA ILE E 79 -24.67 -32.64 36.69
C ILE E 79 -23.78 -31.52 37.21
N CYS E 80 -22.55 -31.85 37.57
CA CYS E 80 -21.62 -30.81 38.05
C CYS E 80 -21.33 -29.79 36.96
N THR E 81 -21.13 -30.25 35.72
CA THR E 81 -20.90 -29.33 34.63
C THR E 81 -22.11 -28.42 34.41
N SER E 82 -23.31 -28.99 34.49
CA SER E 82 -24.51 -28.18 34.33
C SER E 82 -24.63 -27.15 35.46
N LEU E 83 -24.30 -27.54 36.68
CA LEU E 83 -24.34 -26.59 37.80
C LEU E 83 -23.34 -25.47 37.60
N ILE E 84 -22.13 -25.80 37.15
CA ILE E 84 -21.13 -24.77 36.88
C ILE E 84 -21.63 -23.82 35.79
N ALA E 85 -22.22 -24.38 34.73
CA ALA E 85 -22.72 -23.56 33.64
C ALA E 85 -23.83 -22.63 34.11
N VAL E 86 -24.75 -23.14 34.93
CA VAL E 86 -25.85 -22.31 35.41
C VAL E 86 -25.32 -21.22 36.34
N ILE E 87 -24.33 -21.54 37.18
CA ILE E 87 -23.75 -20.54 38.05
C ILE E 87 -23.09 -19.44 37.24
N LEU E 88 -22.32 -19.81 36.22
CA LEU E 88 -21.67 -18.81 35.37
C LEU E 88 -22.70 -17.97 34.63
N THR E 89 -23.78 -18.60 34.16
CA THR E 89 -24.82 -17.85 33.46
C THR E 89 -25.49 -16.86 34.40
N ILE E 90 -25.77 -17.27 35.64
CA ILE E 90 -26.38 -16.36 36.60
C ILE E 90 -25.45 -15.20 36.91
N LYS E 91 -24.16 -15.48 37.08
CA LYS E 91 -23.20 -14.40 37.33
C LYS E 91 -23.13 -13.44 36.15
N LEU E 92 -23.12 -13.97 34.93
CA LEU E 92 -23.08 -13.11 33.74
C LEU E 92 -24.33 -12.26 33.64
N PHE E 93 -25.51 -12.84 33.94
CA PHE E 93 -26.73 -12.07 33.90
C PHE E 93 -26.72 -10.96 34.95
N LEU E 94 -26.21 -11.26 36.15
CA LEU E 94 -26.10 -10.24 37.18
C LEU E 94 -25.17 -9.12 36.74
N LEU E 95 -24.04 -9.47 36.12
CA LEU E 95 -23.11 -8.46 35.63
C LEU E 95 -23.76 -7.60 34.54
N ILE E 96 -24.51 -8.23 33.65
CA ILE E 96 -25.19 -7.49 32.59
C ILE E 96 -26.21 -6.53 33.18
N ASN E 97 -26.97 -6.99 34.17
CA ASN E 97 -27.95 -6.12 34.82
C ASN E 97 -27.26 -4.95 35.52
N GLN E 98 -26.14 -5.21 36.19
CA GLN E 98 -25.40 -4.13 36.83
C GLN E 98 -24.90 -3.11 35.81
N PHE E 99 -24.39 -3.61 34.67
CA PHE E 99 -23.93 -2.70 33.62
C PHE E 99 -25.07 -1.87 33.06
N GLU E 100 -26.24 -2.50 32.86
CA GLU E 100 -27.40 -1.76 32.37
C GLU E 100 -27.83 -0.69 33.37
N LYS E 101 -27.83 -1.02 34.66
CA LYS E 101 -28.18 -0.04 35.68
C LYS E 101 -27.18 1.13 35.68
N GLN E 102 -25.89 0.82 35.57
CA GLN E 102 -24.88 1.87 35.54
C GLN E 102 -25.07 2.76 34.32
N GLN E 103 -25.34 2.17 33.15
CA GLN E 103 -25.56 2.98 31.95
C GLN E 103 -26.80 3.85 32.09
N ALA E 104 -27.88 3.29 32.63
CA ALA E 104 -29.10 4.07 32.80
C ALA E 104 -28.87 5.23 33.76
N ALA E 105 -28.15 4.99 34.86
CA ALA E 105 -27.85 6.06 35.79
C ALA E 105 -27.04 7.17 35.16
N LYS E 106 -26.32 6.88 34.07
CA LYS E 106 -25.52 7.88 33.36
C LYS E 106 -26.19 8.39 32.09
N GLY E 107 -27.33 7.81 31.70
CA GLY E 107 -28.04 8.29 30.53
C GLY E 107 -27.78 7.49 29.28
N ARG E 108 -28.76 6.71 28.84
CA ARG E 108 -28.65 5.91 27.63
C ARG E 108 -30.04 5.66 27.06
N ASP E 109 -30.10 5.47 25.75
CA ASP E 109 -31.38 5.20 25.11
C ASP E 109 -31.95 3.87 25.59
N ILE E 110 -33.26 3.85 25.86
CA ILE E 110 -33.88 2.66 26.42
C ILE E 110 -33.84 1.50 25.43
N THR E 111 -34.25 1.73 24.18
CA THR E 111 -34.33 0.66 23.19
C THR E 111 -32.96 0.17 22.75
N SER E 112 -32.05 1.09 22.43
CA SER E 112 -30.74 0.69 21.94
C SER E 112 -29.96 -0.10 22.99
N ALA E 113 -30.00 0.36 24.24
CA ALA E 113 -29.28 -0.33 25.31
C ALA E 113 -29.81 -1.76 25.48
N ARG E 114 -31.13 -1.92 25.49
CA ARG E 114 -31.71 -3.25 25.66
C ARG E 114 -31.40 -4.14 24.47
N ILE E 115 -31.43 -3.58 23.26
CA ILE E 115 -31.07 -4.37 22.08
C ILE E 115 -29.62 -4.82 22.16
N MET E 116 -28.73 -3.93 22.57
CA MET E 116 -27.32 -4.29 22.70
C MET E 116 -27.12 -5.36 23.76
N SER E 117 -27.85 -5.26 24.87
CA SER E 117 -27.77 -6.31 25.89
C SER E 117 -28.27 -7.64 25.35
N ARG E 118 -29.36 -7.62 24.59
CA ARG E 118 -29.89 -8.86 24.02
C ARG E 118 -28.88 -9.49 23.07
N ILE E 119 -28.25 -8.68 22.21
CA ILE E 119 -27.26 -9.22 21.28
C ILE E 119 -26.04 -9.72 22.04
N ILE E 120 -25.66 -9.05 23.12
CA ILE E 120 -24.52 -9.50 23.92
C ILE E 120 -24.79 -10.87 24.52
N LYS E 121 -25.98 -11.05 25.09
CA LYS E 121 -26.29 -12.35 25.69
C LYS E 121 -26.49 -13.43 24.62
N ILE E 122 -26.94 -13.04 23.43
CA ILE E 122 -27.00 -13.99 22.32
C ILE E 122 -25.60 -14.47 21.96
N THR E 123 -24.65 -13.55 21.87
CA THR E 123 -23.26 -13.93 21.61
C THR E 123 -22.71 -14.80 22.74
N ILE E 124 -23.08 -14.49 23.99
CA ILE E 124 -22.64 -15.29 25.12
C ILE E 124 -23.17 -16.72 25.00
N ILE E 125 -24.45 -16.86 24.62
CA ILE E 125 -25.03 -18.19 24.43
C ILE E 125 -24.31 -18.92 23.32
N VAL E 126 -23.99 -18.22 22.24
CA VAL E 126 -23.28 -18.85 21.12
C VAL E 126 -21.92 -19.36 21.58
N VAL E 127 -21.19 -18.55 22.33
CA VAL E 127 -19.86 -18.95 22.79
C VAL E 127 -19.96 -20.11 23.78
N LEU E 128 -20.99 -20.09 24.64
CA LEU E 128 -21.19 -21.20 25.57
C LEU E 128 -21.47 -22.50 24.82
N VAL E 129 -22.30 -22.43 23.78
CA VAL E 129 -22.58 -23.62 22.98
C VAL E 129 -21.31 -24.11 22.30
N LEU E 130 -20.51 -23.18 21.78
CA LEU E 130 -19.25 -23.56 21.13
C LEU E 130 -18.33 -24.26 22.12
N LEU E 131 -18.23 -23.74 23.34
CA LEU E 131 -17.36 -24.34 24.35
C LEU E 131 -17.81 -25.75 24.70
N TYR E 132 -19.12 -25.95 24.85
CA TYR E 132 -19.64 -27.26 25.23
C TYR E 132 -19.38 -28.28 24.13
N GLY E 133 -19.07 -29.50 24.55
CA GLY E 133 -18.79 -30.59 23.64
C GLY E 133 -20.02 -31.43 23.34
N GLU E 134 -19.77 -32.67 22.93
CA GLU E 134 -20.87 -33.57 22.61
C GLU E 134 -21.73 -33.87 23.84
N HIS E 135 -21.15 -33.77 25.04
CA HIS E 135 -21.91 -34.03 26.25
C HIS E 135 -23.07 -33.06 26.41
N PHE E 136 -22.86 -31.78 26.09
CA PHE E 136 -23.89 -30.75 26.16
C PHE E 136 -24.25 -30.36 24.73
N GLY E 137 -25.30 -30.97 24.20
CA GLY E 137 -25.71 -30.68 22.83
C GLY E 137 -24.58 -31.00 21.86
N MET E 138 -24.35 -30.08 20.92
CA MET E 138 -23.29 -30.23 19.92
C MET E 138 -22.39 -29.02 19.98
N SER E 139 -21.08 -29.25 19.85
CA SER E 139 -20.11 -28.16 19.92
C SER E 139 -20.32 -27.14 18.80
N LEU E 140 -20.63 -27.61 17.59
CA LEU E 140 -20.82 -26.73 16.44
C LEU E 140 -19.53 -26.01 16.06
N SER E 141 -18.39 -26.62 16.36
CA SER E 141 -17.11 -26.00 16.03
C SER E 141 -16.95 -25.83 14.53
N GLY E 142 -17.36 -26.85 13.76
CA GLY E 142 -17.22 -26.76 12.31
C GLY E 142 -17.99 -25.60 11.72
N LEU E 143 -19.21 -25.35 12.22
CA LEU E 143 -20.00 -24.25 11.71
C LEU E 143 -19.29 -22.92 11.93
N LEU E 144 -18.74 -22.71 13.12
CA LEU E 144 -17.99 -21.49 13.38
C LEU E 144 -16.69 -21.45 12.57
N THR E 145 -16.08 -22.61 12.31
CA THR E 145 -14.88 -22.71 11.51
C THR E 145 -15.18 -23.17 10.08
N PHE E 146 -16.42 -22.98 9.61
CA PHE E 146 -16.78 -23.43 8.28
C PHE E 146 -15.91 -22.76 7.22
N GLY E 147 -15.71 -21.45 7.35
CA GLY E 147 -14.86 -20.73 6.42
C GLY E 147 -13.98 -19.72 7.12
N GLY E 148 -13.77 -19.92 8.43
CA GLY E 148 -13.00 -18.98 9.21
C GLY E 148 -13.76 -17.75 9.65
N ILE E 149 -15.10 -17.80 9.63
CA ILE E 149 -15.90 -16.63 10.01
C ILE E 149 -15.60 -16.23 11.44
N GLY E 150 -15.66 -17.19 12.37
CA GLY E 150 -15.33 -16.88 13.75
C GLY E 150 -13.90 -16.44 13.92
N GLY E 151 -12.98 -17.07 13.20
CA GLY E 151 -11.58 -16.67 13.29
C GLY E 151 -11.37 -15.24 12.88
N LEU E 152 -11.93 -14.84 11.74
CA LEU E 152 -11.80 -13.46 11.29
C LEU E 152 -12.50 -12.50 12.24
N ALA E 153 -13.68 -12.86 12.71
CA ALA E 153 -14.42 -11.99 13.61
C ALA E 153 -13.63 -11.72 14.88
N VAL E 154 -13.01 -12.75 15.46
CA VAL E 154 -12.19 -12.56 16.64
C VAL E 154 -10.93 -11.76 16.29
N GLY E 155 -10.29 -12.10 15.16
CA GLY E 155 -9.01 -11.50 14.85
C GLY E 155 -9.08 -10.01 14.62
N MET E 156 -10.05 -9.55 13.81
CA MET E 156 -10.11 -8.12 13.50
C MET E 156 -10.42 -7.30 14.74
N ALA E 157 -11.41 -7.73 15.52
CA ALA E 157 -11.76 -6.99 16.74
C ALA E 157 -10.60 -6.97 17.72
N GLY E 158 -9.95 -8.12 17.93
CA GLY E 158 -8.81 -8.15 18.82
C GLY E 158 -7.69 -7.25 18.35
N LYS E 159 -7.41 -7.26 17.04
CA LYS E 159 -6.34 -6.43 16.51
C LYS E 159 -6.63 -4.95 16.76
N ASP E 160 -7.85 -4.52 16.45
CA ASP E 160 -8.21 -3.12 16.66
C ASP E 160 -8.09 -2.73 18.13
N ILE E 161 -8.71 -3.52 19.01
CA ILE E 161 -8.73 -3.17 20.43
C ILE E 161 -7.31 -3.15 20.99
N LEU E 162 -6.51 -4.18 20.66
CA LEU E 162 -5.16 -4.25 21.19
C LEU E 162 -4.28 -3.13 20.65
N SER E 163 -4.44 -2.78 19.37
CA SER E 163 -3.65 -1.68 18.82
C SER E 163 -3.94 -0.40 19.57
N ASN E 164 -5.22 -0.07 19.76
CA ASN E 164 -5.55 1.16 20.46
C ASN E 164 -5.05 1.13 21.92
N PHE E 165 -5.24 -0.01 22.60
CA PHE E 165 -4.83 -0.10 24.00
C PHE E 165 -3.32 0.05 24.14
N PHE E 166 -2.55 -0.62 23.28
CA PHE E 166 -1.10 -0.54 23.37
C PHE E 166 -0.61 0.85 22.99
N SER E 167 -1.27 1.50 22.03
CA SER E 167 -0.91 2.88 21.71
C SER E 167 -1.13 3.79 22.92
N GLY E 168 -2.24 3.59 23.64
CA GLY E 168 -2.46 4.36 24.85
C GLY E 168 -1.40 4.10 25.91
N ILE E 169 -1.01 2.84 26.08
CA ILE E 169 0.02 2.50 27.06
C ILE E 169 1.34 3.17 26.70
N MET E 170 1.71 3.12 25.41
CA MET E 170 2.95 3.77 24.98
C MET E 170 2.88 5.27 25.15
N LEU E 171 1.70 5.86 24.92
CA LEU E 171 1.53 7.28 25.18
C LEU E 171 1.77 7.60 26.64
N TYR E 172 1.24 6.77 27.53
CA TYR E 172 1.48 6.99 28.96
C TYR E 172 2.95 6.88 29.30
N PHE E 173 3.64 5.88 28.74
CA PHE E 173 5.03 5.65 29.14
C PHE E 173 5.99 6.68 28.54
N ASP E 174 5.82 7.04 27.28
CA ASP E 174 6.73 7.99 26.64
C ASP E 174 6.47 9.42 27.08
N ARG E 175 5.22 9.78 27.32
CA ARG E 175 4.83 11.11 27.76
C ARG E 175 5.18 12.20 26.74
N PRO E 176 4.78 12.03 25.47
CA PRO E 176 4.94 13.14 24.52
C PRO E 176 4.17 14.38 24.91
N PHE E 177 3.03 14.23 25.59
CA PHE E 177 2.22 15.36 26.01
C PHE E 177 1.41 14.96 27.23
N SER E 178 0.86 15.97 27.89
CA SER E 178 0.03 15.78 29.08
C SER E 178 -1.29 16.52 28.89
N ILE E 179 -2.17 16.38 29.89
CA ILE E 179 -3.46 17.06 29.84
C ILE E 179 -3.24 18.57 29.87
N GLY E 180 -3.95 19.29 29.01
CA GLY E 180 -3.82 20.73 28.94
C GLY E 180 -2.64 21.22 28.14
N ASP E 181 -2.08 20.39 27.27
CA ASP E 181 -0.90 20.74 26.47
C ASP E 181 -1.33 21.01 25.04
N TRP E 182 -0.82 22.11 24.47
CA TRP E 182 -1.05 22.43 23.07
C TRP E 182 -0.11 21.60 22.21
N ILE E 183 -0.67 20.82 21.29
CA ILE E 183 0.11 19.90 20.47
C ILE E 183 -0.30 20.05 19.01
N ARG E 184 0.57 19.55 18.14
CA ARG E 184 0.32 19.51 16.70
C ARG E 184 1.28 18.51 16.07
N SER E 185 1.04 18.23 14.79
CA SER E 185 1.85 17.26 14.06
C SER E 185 2.02 17.70 12.62
N PRO E 186 3.25 17.72 12.09
CA PRO E 186 3.43 18.05 10.67
C PRO E 186 2.88 16.99 9.72
N ASP E 187 2.62 15.77 10.20
CA ASP E 187 2.15 14.70 9.32
C ASP E 187 0.64 14.81 9.10
N ARG E 188 -0.13 14.83 10.17
CA ARG E 188 -1.57 15.03 10.11
C ARG E 188 -1.97 16.06 11.14
N ASN E 189 -3.10 16.73 10.92
CA ASN E 189 -3.52 17.81 11.79
C ASN E 189 -4.27 17.27 13.00
N ILE E 190 -3.78 17.61 14.20
CA ILE E 190 -4.42 17.24 15.45
C ILE E 190 -4.39 18.45 16.38
N GLU E 191 -4.12 19.62 15.80
CA GLU E 191 -3.83 20.80 16.61
C GLU E 191 -4.97 21.10 17.59
N GLY E 192 -4.60 21.46 18.80
CA GLY E 192 -5.56 21.75 19.84
C GLY E 192 -4.93 21.51 21.20
N THR E 193 -5.77 21.64 22.22
CA THR E 193 -5.35 21.41 23.60
C THR E 193 -5.88 20.07 24.08
N VAL E 194 -5.01 19.24 24.64
CA VAL E 194 -5.40 17.92 25.09
C VAL E 194 -6.36 18.06 26.26
N ALA E 195 -7.51 17.38 26.17
CA ALA E 195 -8.53 17.43 27.21
C ALA E 195 -8.56 16.18 28.08
N GLU E 196 -8.39 15.01 27.49
CA GLU E 196 -8.38 13.77 28.25
C GLU E 196 -7.75 12.67 27.40
N ILE E 197 -7.09 11.73 28.07
CA ILE E 197 -6.40 10.63 27.41
C ILE E 197 -7.05 9.35 27.91
N GLY E 198 -8.01 8.84 27.16
CA GLY E 198 -8.68 7.60 27.52
C GLY E 198 -7.90 6.38 27.09
N TRP E 199 -8.42 5.22 27.49
CA TRP E 199 -7.78 3.96 27.14
C TRP E 199 -7.87 3.66 25.65
N ARG E 200 -8.84 4.24 24.95
CA ARG E 200 -9.05 3.98 23.54
C ARG E 200 -8.99 5.23 22.66
N ILE E 201 -9.55 6.35 23.14
CA ILE E 201 -9.66 7.56 22.35
C ILE E 201 -9.10 8.72 23.14
N THR E 202 -8.38 9.61 22.46
CA THR E 202 -7.85 10.83 23.05
C THR E 202 -8.68 12.01 22.57
N LYS E 203 -9.17 12.81 23.51
CA LYS E 203 -10.01 13.95 23.21
C LYS E 203 -9.17 15.22 23.19
N ILE E 204 -9.29 15.99 22.10
CA ILE E 204 -8.53 17.22 21.90
C ILE E 204 -9.52 18.35 21.67
N THR E 205 -9.33 19.46 22.37
CA THR E 205 -10.17 20.65 22.23
C THR E 205 -9.49 21.60 21.25
N THR E 206 -10.07 21.74 20.07
CA THR E 206 -9.51 22.65 19.08
C THR E 206 -9.64 24.09 19.55
N PHE E 207 -9.00 25.01 18.84
CA PHE E 207 -9.05 26.41 19.18
C PHE E 207 -10.38 27.06 18.82
N ASP E 208 -11.27 26.34 18.15
CA ASP E 208 -12.65 26.75 17.94
C ASP E 208 -13.55 26.35 19.10
N ASN E 209 -13.03 25.65 20.10
CA ASN E 209 -13.82 25.13 21.22
C ASN E 209 -14.76 24.03 20.75
N ARG E 210 -14.23 23.13 19.91
CA ARG E 210 -14.96 21.97 19.45
C ARG E 210 -14.20 20.69 19.78
N PRO E 211 -14.89 19.64 20.21
CA PRO E 211 -14.19 18.39 20.51
C PRO E 211 -13.62 17.74 19.25
N LEU E 212 -12.49 17.07 19.43
CA LEU E 212 -11.84 16.31 18.36
C LEU E 212 -11.39 14.98 18.93
N TYR E 213 -11.96 13.89 18.42
CA TYR E 213 -11.70 12.55 18.93
C TYR E 213 -10.69 11.86 18.03
N VAL E 214 -9.52 11.56 18.57
CA VAL E 214 -8.42 10.95 17.83
C VAL E 214 -8.16 9.57 18.43
N PRO E 215 -8.29 8.49 17.64
CA PRO E 215 -7.93 7.17 18.16
C PRO E 215 -6.46 7.13 18.56
N ASN E 216 -6.18 6.40 19.64
CA ASN E 216 -4.83 6.37 20.18
C ASN E 216 -3.83 5.82 19.17
N SER E 217 -4.25 4.91 18.30
CA SER E 217 -3.32 4.30 17.36
C SER E 217 -2.78 5.28 16.34
N LEU E 218 -3.45 6.43 16.15
CA LEU E 218 -2.99 7.39 15.16
C LEU E 218 -1.70 8.09 15.59
N PHE E 219 -1.35 8.04 16.86
CA PHE E 219 -0.11 8.61 17.37
C PHE E 219 1.08 7.66 17.25
N SER E 220 0.85 6.45 16.73
CA SER E 220 1.89 5.42 16.77
C SER E 220 3.14 5.84 16.00
N SER E 221 2.97 6.25 14.75
CA SER E 221 4.11 6.59 13.88
C SER E 221 3.86 7.96 13.25
N ILE E 222 4.17 9.00 14.01
CA ILE E 222 4.12 10.38 13.51
C ILE E 222 4.97 11.23 14.43
N SER E 223 5.43 12.36 13.92
CA SER E 223 6.17 13.33 14.73
C SER E 223 5.17 14.22 15.44
N VAL E 224 5.30 14.31 16.76
CA VAL E 224 4.40 15.10 17.59
C VAL E 224 5.17 16.31 18.11
N GLU E 225 4.63 17.49 17.86
CA GLU E 225 5.18 18.74 18.37
C GLU E 225 4.40 19.18 19.59
N ASN E 226 5.09 19.79 20.54
CA ASN E 226 4.50 20.22 21.81
C ASN E 226 4.79 21.70 22.02
N PRO E 227 4.06 22.59 21.34
CA PRO E 227 4.25 24.03 21.58
C PRO E 227 3.99 24.43 23.03
N GLY E 228 3.14 23.70 23.76
CA GLY E 228 2.92 24.00 25.15
C GLY E 228 4.15 23.86 26.03
N ARG E 229 5.19 23.20 25.53
CA ARG E 229 6.46 23.06 26.26
C ARG E 229 7.54 23.99 25.72
N MET E 230 7.19 24.98 24.91
CA MET E 230 8.18 25.88 24.35
C MET E 230 8.86 26.69 25.45
N THR E 231 10.10 27.07 25.18
CA THR E 231 10.87 27.88 26.12
C THR E 231 10.91 29.35 25.74
N ASN E 232 10.52 29.71 24.53
CA ASN E 232 10.53 31.09 24.09
C ASN E 232 9.53 31.27 22.95
N ARG E 233 9.19 32.53 22.69
CA ARG E 233 8.32 32.89 21.57
C ARG E 233 9.13 33.71 20.58
N ARG E 234 9.07 33.34 19.30
CA ARG E 234 9.87 33.96 18.28
C ARG E 234 9.17 35.16 17.67
N ILE E 235 9.96 36.16 17.26
CA ILE E 235 9.47 37.34 16.58
C ILE E 235 10.24 37.47 15.27
N THR E 236 9.51 37.45 14.16
CA THR E 236 10.11 37.58 12.83
C THR E 236 9.31 38.57 12.00
N THR E 237 10.01 39.36 11.19
CA THR E 237 9.36 40.33 10.33
C THR E 237 10.35 40.76 9.26
N THR E 238 9.84 41.46 8.25
CA THR E 238 10.64 41.98 7.17
C THR E 238 10.36 43.47 6.99
N ILE E 239 11.41 44.24 6.79
CA ILE E 239 11.32 45.68 6.56
C ILE E 239 11.66 45.92 5.10
N GLY E 240 10.67 46.40 4.34
CA GLY E 240 10.88 46.68 2.93
C GLY E 240 11.04 48.15 2.63
N LEU E 241 12.27 48.56 2.36
CA LEU E 241 12.57 49.97 2.07
C LEU E 241 12.57 50.21 0.56
N ARG E 242 12.36 51.47 0.19
CA ARG E 242 12.38 51.84 -1.22
C ARG E 242 13.79 51.73 -1.78
N TYR E 243 13.88 51.49 -3.08
CA TYR E 243 15.19 51.36 -3.72
C TYR E 243 15.99 52.65 -3.64
N GLU E 244 15.31 53.79 -3.53
CA GLU E 244 16.01 55.07 -3.40
C GLU E 244 16.58 55.28 -2.00
N ASP E 245 16.26 54.41 -1.04
CA ASP E 245 16.75 54.50 0.33
C ASP E 245 17.92 53.55 0.59
N ALA E 246 18.71 53.25 -0.44
CA ALA E 246 19.82 52.32 -0.29
C ALA E 246 20.99 52.91 0.49
N ALA E 247 21.08 54.24 0.58
CA ALA E 247 22.20 54.85 1.28
C ALA E 247 22.06 54.79 2.79
N LYS E 248 20.86 54.56 3.31
CA LYS E 248 20.62 54.55 4.75
C LYS E 248 20.36 53.15 5.29
N VAL E 249 20.57 52.12 4.48
CA VAL E 249 20.29 50.75 4.93
C VAL E 249 21.17 50.38 6.11
N GLY E 250 22.45 50.71 6.05
CA GLY E 250 23.34 50.36 7.14
C GLY E 250 22.97 51.05 8.44
N VAL E 251 22.68 52.35 8.37
CA VAL E 251 22.32 53.09 9.56
C VAL E 251 21.01 52.56 10.14
N ILE E 252 20.04 52.28 9.28
CA ILE E 252 18.76 51.75 9.77
C ILE E 252 18.95 50.40 10.44
N VAL E 253 19.76 49.53 9.83
CA VAL E 253 20.01 48.21 10.42
C VAL E 253 20.68 48.36 11.78
N GLU E 254 21.68 49.24 11.88
CA GLU E 254 22.36 49.43 13.15
C GLU E 254 21.40 49.96 14.21
N ALA E 255 20.55 50.92 13.84
CA ALA E 255 19.60 51.48 14.80
C ALA E 255 18.62 50.42 15.27
N VAL E 256 18.11 49.59 14.35
CA VAL E 256 17.16 48.55 14.73
C VAL E 256 17.82 47.53 15.65
N ARG E 257 19.06 47.14 15.33
CA ARG E 257 19.76 46.19 16.19
C ARG E 257 19.99 46.76 17.58
N GLU E 258 20.39 48.03 17.66
CA GLU E 258 20.61 48.66 18.95
C GLU E 258 19.31 48.73 19.74
N MET E 259 18.21 49.07 19.09
CA MET E 259 16.92 49.10 19.78
C MET E 259 16.55 47.73 20.31
N LEU E 260 16.74 46.68 19.50
CA LEU E 260 16.41 45.33 19.94
C LEU E 260 17.28 44.90 21.11
N LYS E 261 18.56 45.29 21.10
CA LYS E 261 19.47 44.85 22.16
C LYS E 261 19.15 45.48 23.51
N ASN E 262 18.41 46.58 23.53
CA ASN E 262 18.08 47.27 24.77
C ASN E 262 16.63 47.10 25.19
N HIS E 263 15.88 46.24 24.51
CA HIS E 263 14.47 46.05 24.86
C HIS E 263 14.35 45.11 26.05
N PRO E 264 13.66 45.52 27.12
CA PRO E 264 13.56 44.64 28.29
C PRO E 264 12.83 43.33 28.03
N ALA E 265 11.99 43.27 26.99
CA ALA E 265 11.21 42.07 26.74
C ALA E 265 11.93 41.05 25.86
N ILE E 266 13.08 41.40 25.30
CA ILE E 266 13.81 40.52 24.39
C ILE E 266 14.81 39.70 25.19
N ASP E 267 14.96 38.43 24.80
CA ASP E 267 15.91 37.53 25.43
C ASP E 267 17.27 37.66 24.77
N GLN E 268 18.26 38.15 25.52
CA GLN E 268 19.58 38.41 24.96
C GLN E 268 20.41 37.15 24.79
N ARG E 269 20.00 36.03 25.37
CA ARG E 269 20.76 34.79 25.23
C ARG E 269 20.35 33.99 24.00
N GLN E 270 19.30 34.39 23.30
CA GLN E 270 18.82 33.69 22.12
C GLN E 270 19.36 34.36 20.86
N THR E 271 18.96 33.83 19.71
CA THR E 271 19.37 34.40 18.43
C THR E 271 18.80 35.80 18.27
N LEU E 272 19.59 36.69 17.67
CA LEU E 272 19.18 38.07 17.45
C LEU E 272 19.90 38.57 16.18
N LEU E 273 19.19 38.58 15.06
CA LEU E 273 19.75 38.90 13.76
C LEU E 273 18.97 40.03 13.11
N VAL E 274 19.70 41.01 12.56
CA VAL E 274 19.12 42.11 11.80
C VAL E 274 20.10 42.43 10.68
N TYR E 275 19.78 42.03 9.45
CA TYR E 275 20.70 42.22 8.33
C TYR E 275 19.91 42.48 7.05
N PHE E 276 20.54 43.19 6.12
CA PHE E 276 20.01 43.35 4.79
C PHE E 276 20.06 42.01 4.07
N ASN E 277 18.89 41.45 3.77
CA ASN E 277 18.76 40.04 3.39
C ASN E 277 18.80 39.81 1.89
N GLN E 278 17.91 40.44 1.12
CA GLN E 278 17.78 40.10 -0.28
C GLN E 278 17.13 41.24 -1.05
N PHE E 279 17.34 41.22 -2.36
CA PHE E 279 16.65 42.13 -3.27
C PHE E 279 15.26 41.60 -3.57
N ALA E 280 14.27 42.49 -3.55
CA ALA E 280 12.90 42.16 -3.86
C ALA E 280 12.49 42.83 -5.16
N ASP E 281 11.26 42.54 -5.60
CA ASP E 281 10.78 43.12 -6.85
C ASP E 281 10.74 44.63 -6.78
N SER E 282 10.28 45.20 -5.66
CA SER E 282 10.17 46.64 -5.55
C SER E 282 10.63 47.17 -4.19
N SER E 283 11.48 46.44 -3.48
CA SER E 283 11.96 46.91 -2.19
C SER E 283 13.23 46.17 -1.80
N LEU E 284 13.97 46.75 -0.86
CA LEU E 284 15.14 46.13 -0.27
C LEU E 284 14.75 45.60 1.10
N ASN E 285 14.79 44.29 1.27
CA ASN E 285 14.25 43.65 2.47
C ASN E 285 15.31 43.52 3.55
N ILE E 286 14.89 43.77 4.79
CA ILE E 286 15.73 43.60 5.98
C ILE E 286 15.05 42.62 6.90
N MET E 287 15.78 41.58 7.31
CA MET E 287 15.23 40.53 8.16
C MET E 287 15.37 40.90 9.63
N VAL E 288 14.38 40.50 10.42
CA VAL E 288 14.39 40.67 11.87
C VAL E 288 14.11 39.31 12.50
N TYR E 289 14.92 38.95 13.49
CA TYR E 289 14.88 37.61 14.06
C TYR E 289 15.31 37.70 15.52
N CYS E 290 14.39 37.45 16.45
CA CYS E 290 14.68 37.55 17.87
C CYS E 290 13.67 36.71 18.63
N PHE E 291 13.88 36.61 19.96
CA PHE E 291 13.02 35.84 20.84
C PHE E 291 12.62 36.71 22.03
N THR E 292 11.50 36.36 22.64
CA THR E 292 11.01 37.04 23.83
C THR E 292 11.16 36.13 25.05
N LYS E 293 11.38 36.75 26.21
CA LYS E 293 11.54 35.98 27.44
C LYS E 293 10.25 35.25 27.80
N THR E 294 9.12 35.91 27.64
CA THR E 294 7.84 35.33 28.05
C THR E 294 7.32 34.34 27.01
N THR E 295 6.51 33.39 27.47
CA THR E 295 5.84 32.45 26.60
C THR E 295 4.32 32.63 26.61
N VAL E 296 3.82 33.70 27.23
CA VAL E 296 2.39 33.95 27.30
C VAL E 296 1.93 34.62 26.02
N TRP E 297 0.71 34.26 25.58
CA TRP E 297 0.19 34.75 24.31
C TRP E 297 0.05 36.27 24.32
N ALA E 298 -0.65 36.81 25.31
CA ALA E 298 -0.94 38.24 25.32
C ALA E 298 0.33 39.06 25.50
N GLU E 299 1.22 38.64 26.40
CA GLU E 299 2.47 39.38 26.61
C GLU E 299 3.34 39.36 25.36
N TRP E 300 3.43 38.21 24.70
CA TRP E 300 4.19 38.12 23.46
C TRP E 300 3.61 39.05 22.40
N LEU E 301 2.28 39.07 22.26
CA LEU E 301 1.66 39.95 21.27
C LEU E 301 1.92 41.41 21.60
N ALA E 302 1.83 41.78 22.88
CA ALA E 302 2.09 43.17 23.25
C ALA E 302 3.53 43.56 22.96
N ALA E 303 4.48 42.69 23.28
CA ALA E 303 5.88 42.98 22.99
C ALA E 303 6.11 43.11 21.49
N GLN E 304 5.48 42.24 20.69
CA GLN E 304 5.61 42.33 19.25
C GLN E 304 5.07 43.66 18.72
N GLN E 305 3.91 44.09 19.23
CA GLN E 305 3.35 45.36 18.80
C GLN E 305 4.26 46.52 19.16
N ASP E 306 4.81 46.50 20.37
CA ASP E 306 5.73 47.57 20.77
C ASP E 306 6.95 47.61 19.88
N VAL E 307 7.52 46.44 19.56
CA VAL E 307 8.69 46.39 18.70
C VAL E 307 8.37 46.92 17.31
N TYR E 308 7.19 46.55 16.78
CA TYR E 308 6.81 47.03 15.46
C TYR E 308 6.65 48.55 15.44
N LEU E 309 6.03 49.10 16.48
CA LEU E 309 5.88 50.56 16.55
C LEU E 309 7.24 51.24 16.62
N LYS E 310 8.15 50.70 17.42
CA LYS E 310 9.49 51.27 17.51
C LYS E 310 10.20 51.22 16.16
N ILE E 311 10.06 50.10 15.44
CA ILE E 311 10.68 49.98 14.13
C ILE E 311 10.13 51.03 13.17
N ILE E 312 8.81 51.22 13.19
CA ILE E 312 8.21 52.24 12.33
C ILE E 312 8.77 53.61 12.67
N ASP E 313 8.87 53.92 13.96
CA ASP E 313 9.41 55.21 14.37
C ASP E 313 10.84 55.39 13.89
N ILE E 314 11.68 54.36 14.03
CA ILE E 314 13.06 54.46 13.61
C ILE E 314 13.16 54.71 12.10
N VAL E 315 12.40 53.92 11.33
CA VAL E 315 12.45 54.06 9.88
C VAL E 315 12.01 55.46 9.46
N GLN E 316 10.92 55.95 10.05
CA GLN E 316 10.46 57.30 9.71
C GLN E 316 11.49 58.36 10.08
N SER E 317 12.12 58.21 11.27
CA SER E 317 13.05 59.22 11.73
C SER E 317 14.32 59.26 10.89
N HIS E 318 14.76 58.12 10.38
CA HIS E 318 16.01 58.09 9.62
C HIS E 318 15.84 58.57 8.18
N GLY E 319 14.65 59.02 7.78
CA GLY E 319 14.43 59.58 6.48
C GLY E 319 13.98 58.61 5.41
N ALA E 320 13.96 57.31 5.70
CA ALA E 320 13.51 56.32 4.73
C ALA E 320 11.99 56.17 4.80
N ASP E 321 11.47 55.19 4.08
CA ASP E 321 10.03 54.92 4.09
C ASP E 321 9.80 53.50 3.58
N PHE E 322 8.62 52.98 3.91
CA PHE E 322 8.22 51.66 3.44
C PHE E 322 7.78 51.74 1.98
N ALA E 323 8.08 50.68 1.23
CA ALA E 323 7.85 50.67 -0.21
C ALA E 323 6.54 49.97 -0.54
N PHE E 324 5.72 50.62 -1.36
CA PHE E 324 4.54 50.01 -1.92
C PHE E 324 4.92 49.20 -3.15
N PRO E 325 4.11 48.21 -3.52
CA PRO E 325 4.35 47.50 -4.80
C PRO E 325 4.47 48.48 -5.96
N SER E 326 5.64 48.56 -6.56
CA SER E 326 5.94 49.57 -7.57
C SER E 326 5.83 48.97 -8.97
N GLN E 327 5.83 49.86 -9.97
CA GLN E 327 5.65 49.45 -11.36
C GLN E 327 6.05 50.59 -12.27
N THR E 328 6.71 50.27 -13.37
CA THR E 328 7.11 51.26 -14.37
C THR E 328 6.21 51.11 -15.60
N LEU E 329 5.61 52.21 -16.02
CA LEU E 329 4.63 52.21 -17.10
C LEU E 329 5.13 53.03 -18.27
N TYR E 330 5.09 52.45 -19.47
CA TYR E 330 5.48 53.11 -20.70
C TYR E 330 4.22 53.44 -21.48
N MET E 331 3.85 54.72 -21.48
CA MET E 331 2.60 55.15 -22.10
C MET E 331 2.76 55.30 -23.60
N ASP E 332 1.66 55.09 -24.32
CA ASP E 332 1.67 55.22 -25.77
C ASP E 332 0.39 55.87 -26.28
N ALA F 1 27.84 -44.90 49.75
CA ALA F 1 26.69 -45.74 50.06
C ALA F 1 25.39 -45.00 49.78
N GLU F 2 24.80 -44.44 50.83
CA GLU F 2 23.55 -43.69 50.66
C GLU F 2 23.76 -42.47 49.77
N LEU F 3 24.87 -41.77 49.94
CA LEU F 3 25.18 -40.58 49.15
C LEU F 3 26.02 -40.90 47.92
N PHE F 4 26.27 -42.16 47.65
CA PHE F 4 27.05 -42.56 46.48
C PHE F 4 26.14 -42.55 45.24
N THR F 5 26.71 -42.82 44.07
CA THR F 5 25.97 -42.82 42.81
C THR F 5 25.55 -41.38 42.51
N ASN F 6 24.31 -41.12 42.09
CA ASN F 6 23.91 -39.77 41.73
C ASN F 6 23.98 -38.82 42.92
N ASN F 7 23.86 -39.34 44.15
CA ASN F 7 23.90 -38.47 45.31
C ASN F 7 25.23 -37.73 45.42
N ALA F 8 26.33 -38.38 45.06
CA ALA F 8 27.63 -37.73 45.16
C ALA F 8 27.72 -36.54 44.20
N LEU F 9 27.33 -36.74 42.95
CA LEU F 9 27.40 -35.65 41.97
C LEU F 9 26.45 -34.52 42.33
N ASN F 10 25.24 -34.87 42.80
CA ASN F 10 24.28 -33.86 43.21
C ASN F 10 24.81 -33.05 44.40
N LEU F 11 25.43 -33.73 45.36
CA LEU F 11 25.99 -33.04 46.52
C LEU F 11 27.14 -32.12 46.10
N VAL F 12 27.97 -32.59 45.17
CA VAL F 12 29.06 -31.74 44.68
C VAL F 12 28.50 -30.50 43.99
N ILE F 13 27.46 -30.68 43.16
CA ILE F 13 26.86 -29.55 42.48
C ILE F 13 26.24 -28.57 43.48
N ILE F 14 25.58 -29.10 44.51
CA ILE F 14 24.96 -28.24 45.51
C ILE F 14 26.03 -27.48 46.30
N PHE F 15 27.15 -28.14 46.62
CA PHE F 15 28.23 -27.45 47.31
C PHE F 15 28.83 -26.34 46.44
N GLY F 16 29.02 -26.62 45.15
CA GLY F 16 29.50 -25.57 44.26
C GLY F 16 28.53 -24.41 44.16
N SER F 17 27.23 -24.72 44.08
CA SER F 17 26.23 -23.66 44.05
C SER F 17 26.23 -22.84 45.34
N CYS F 18 26.38 -23.49 46.49
CA CYS F 18 26.46 -22.77 47.75
C CYS F 18 27.69 -21.87 47.79
N ALA F 19 28.82 -22.38 47.30
CA ALA F 19 30.03 -21.56 47.25
C ALA F 19 29.84 -20.35 46.36
N ALA F 20 29.21 -20.54 45.19
CA ALA F 20 28.92 -19.43 44.30
C ALA F 20 27.99 -18.43 44.95
N LEU F 21 26.98 -18.92 45.67
CA LEU F 21 26.05 -18.03 46.36
C LEU F 21 26.75 -17.21 47.43
N ILE F 22 27.67 -17.84 48.17
CA ILE F 22 28.41 -17.12 49.20
C ILE F 22 29.33 -16.08 48.56
N LEU F 23 29.96 -16.44 47.43
CA LEU F 23 30.80 -15.49 46.72
C LEU F 23 29.98 -14.29 46.25
N MET F 24 28.79 -14.55 45.73
CA MET F 24 27.91 -13.46 45.29
C MET F 24 27.45 -12.61 46.47
N SER F 25 27.19 -13.24 47.63
CA SER F 25 26.82 -12.48 48.82
C SER F 25 27.95 -11.55 49.24
N PHE F 26 29.18 -12.04 49.22
CA PHE F 26 30.32 -11.18 49.49
C PHE F 26 30.44 -10.06 48.46
N TRP F 27 30.24 -10.39 47.19
CA TRP F 27 30.33 -9.40 46.13
C TRP F 27 29.29 -8.29 46.32
N PHE F 28 28.10 -8.65 46.80
CA PHE F 28 27.02 -7.69 46.95
C PHE F 28 27.30 -6.74 48.11
N ARG F 29 27.89 -5.60 47.81
CA ARG F 29 28.19 -4.57 48.81
C ARG F 29 27.45 -3.30 48.41
N ARG F 30 26.60 -2.80 49.31
CA ARG F 30 25.85 -1.59 49.03
C ARG F 30 24.82 -1.83 47.93
N GLY F 31 23.96 -0.86 47.67
CA GLY F 31 23.02 -0.96 46.57
C GLY F 31 23.58 -0.36 45.30
N ASN F 32 22.90 0.67 44.78
CA ASN F 32 23.33 1.39 43.58
C ASN F 32 23.57 0.36 42.48
N ARG F 33 24.72 0.35 41.82
CA ARG F 33 24.96 -0.60 40.73
C ARG F 33 24.97 -2.03 41.24
N LYS F 34 25.35 -2.23 42.50
CA LYS F 34 25.43 -3.58 43.06
C LYS F 34 24.07 -4.27 43.02
N ARG F 35 23.02 -3.53 43.39
CA ARG F 35 21.67 -4.09 43.33
C ARG F 35 21.13 -3.99 41.91
N LYS F 36 20.99 -5.13 41.24
CA LYS F 36 20.52 -5.19 39.87
C LYS F 36 19.16 -5.90 39.85
N GLY F 37 18.10 -5.14 39.58
CA GLY F 37 16.77 -5.74 39.53
C GLY F 37 16.61 -6.72 38.38
N PHE F 38 17.22 -6.41 37.23
CA PHE F 38 17.11 -7.27 36.06
C PHE F 38 18.14 -8.39 36.04
N LEU F 39 19.27 -8.24 36.72
CA LEU F 39 20.33 -9.24 36.71
C LEU F 39 20.43 -10.00 38.02
N PHE F 40 20.49 -9.29 39.15
CA PHE F 40 20.57 -9.97 40.44
C PHE F 40 19.32 -10.80 40.71
N HIS F 41 18.15 -10.30 40.32
CA HIS F 41 16.92 -11.08 40.48
C HIS F 41 17.01 -12.40 39.72
N ALA F 42 17.45 -12.35 38.47
CA ALA F 42 17.57 -13.58 37.68
C ALA F 42 18.61 -14.52 38.28
N VAL F 43 19.74 -13.97 38.74
CA VAL F 43 20.77 -14.81 39.34
C VAL F 43 20.23 -15.51 40.57
N GLN F 44 19.54 -14.77 41.44
CA GLN F 44 18.98 -15.38 42.64
C GLN F 44 17.92 -16.42 42.29
N PHE F 45 17.09 -16.14 41.29
CA PHE F 45 16.08 -17.11 40.88
C PHE F 45 16.72 -18.41 40.39
N LEU F 46 17.78 -18.29 39.59
CA LEU F 46 18.48 -19.47 39.11
C LEU F 46 19.11 -20.23 40.27
N ILE F 47 19.70 -19.51 41.22
CA ILE F 47 20.32 -20.17 42.38
C ILE F 47 19.27 -20.95 43.16
N TYR F 48 18.12 -20.33 43.43
CA TYR F 48 17.07 -21.02 44.17
C TYR F 48 16.55 -22.21 43.39
N THR F 49 16.38 -22.07 42.07
CA THR F 49 15.90 -23.18 41.27
C THR F 49 16.86 -24.36 41.33
N ILE F 50 18.16 -24.10 41.19
CA ILE F 50 19.13 -25.19 41.21
C ILE F 50 19.17 -25.84 42.60
N ILE F 51 19.12 -25.03 43.66
CA ILE F 51 19.14 -25.59 45.00
C ILE F 51 17.93 -26.48 45.24
N ILE F 52 16.74 -26.00 44.85
CA ILE F 52 15.52 -26.78 45.05
C ILE F 52 15.56 -28.06 44.22
N SER F 53 16.06 -27.97 42.98
CA SER F 53 16.17 -29.17 42.15
C SER F 53 17.10 -30.19 42.79
N ALA F 54 18.25 -29.75 43.30
CA ALA F 54 19.17 -30.69 43.93
C ALA F 54 18.55 -31.32 45.17
N VAL F 55 17.91 -30.51 46.01
CA VAL F 55 17.30 -31.05 47.23
C VAL F 55 16.21 -32.05 46.88
N GLY F 56 15.37 -31.72 45.91
CA GLY F 56 14.32 -32.65 45.50
C GLY F 56 14.88 -33.94 44.93
N SER F 57 15.93 -33.85 44.11
CA SER F 57 16.54 -35.04 43.57
C SER F 57 17.08 -35.94 44.68
N ILE F 58 17.80 -35.34 45.63
CA ILE F 58 18.37 -36.13 46.73
C ILE F 58 17.26 -36.80 47.52
N ILE F 59 16.24 -36.03 47.90
CA ILE F 59 15.17 -36.58 48.73
C ILE F 59 14.43 -37.68 47.99
N ASN F 60 14.14 -37.47 46.70
CA ASN F 60 13.43 -38.49 45.93
C ASN F 60 14.26 -39.75 45.81
N TYR F 61 15.56 -39.61 45.54
CA TYR F 61 16.40 -40.80 45.41
C TYR F 61 16.46 -41.57 46.73
N VAL F 62 16.55 -40.84 47.85
CA VAL F 62 16.58 -41.51 49.14
C VAL F 62 15.26 -42.23 49.41
N ILE F 63 14.14 -41.56 49.14
CA ILE F 63 12.84 -42.14 49.46
C ILE F 63 12.56 -43.37 48.60
N GLU F 64 12.84 -43.27 47.30
CA GLU F 64 12.57 -44.40 46.40
C GLU F 64 13.41 -45.60 46.78
N ASN F 65 14.63 -45.37 47.28
CA ASN F 65 15.50 -46.49 47.67
C ASN F 65 15.14 -47.01 49.05
N TYR F 66 14.31 -46.28 49.80
CA TYR F 66 13.94 -46.66 51.16
C TYR F 66 12.43 -46.80 51.34
N LYS F 67 11.64 -46.41 50.34
CA LYS F 67 10.18 -46.54 50.37
C LYS F 67 9.57 -45.36 51.12
N LEU F 68 8.25 -45.21 51.03
CA LEU F 68 7.57 -44.12 51.72
C LEU F 68 6.11 -44.50 51.98
N LYS F 69 5.60 -44.12 53.16
CA LYS F 69 4.22 -44.42 53.52
C LYS F 69 3.28 -43.32 53.02
N PHE F 70 3.35 -43.01 51.73
CA PHE F 70 2.50 -41.99 51.16
C PHE F 70 2.51 -42.13 49.65
N ILE F 71 1.36 -41.94 49.03
CA ILE F 71 1.22 -42.05 47.59
C ILE F 71 1.69 -40.76 46.95
N THR F 72 2.11 -40.87 45.68
CA THR F 72 2.58 -39.73 44.91
C THR F 72 3.69 -38.99 45.64
N PRO F 73 4.87 -39.58 45.76
CA PRO F 73 5.99 -38.87 46.42
C PRO F 73 6.38 -37.59 45.73
N GLY F 74 6.03 -37.43 44.45
CA GLY F 74 6.39 -36.23 43.72
C GLY F 74 5.73 -34.97 44.24
N VAL F 75 4.94 -35.07 45.30
CA VAL F 75 4.30 -33.91 45.91
C VAL F 75 5.37 -32.92 46.35
N ILE F 76 6.56 -33.43 46.70
CA ILE F 76 7.65 -32.55 47.07
C ILE F 76 8.09 -31.72 45.87
N ASP F 77 7.99 -32.28 44.67
CA ASP F 77 8.25 -31.50 43.47
C ASP F 77 7.24 -30.35 43.36
N PHE F 78 5.97 -30.62 43.68
CA PHE F 78 4.97 -29.56 43.70
C PHE F 78 5.33 -28.49 44.73
N ILE F 79 5.80 -28.91 45.90
CA ILE F 79 6.18 -27.94 46.93
C ILE F 79 7.33 -27.08 46.46
N CYS F 80 8.33 -27.70 45.80
CA CYS F 80 9.46 -26.94 45.29
C CYS F 80 9.02 -25.96 44.21
N THR F 81 8.12 -26.39 43.32
CA THR F 81 7.60 -25.48 42.30
C THR F 81 6.85 -24.31 42.93
N SER F 82 6.06 -24.58 43.97
CA SER F 82 5.34 -23.51 44.65
C SER F 82 6.30 -22.54 45.32
N LEU F 83 7.38 -23.07 45.92
CA LEU F 83 8.37 -22.20 46.55
C LEU F 83 9.06 -21.33 45.51
N ILE F 84 9.42 -21.91 44.36
CA ILE F 84 10.03 -21.12 43.30
C ILE F 84 9.07 -20.03 42.82
N ALA F 85 7.79 -20.38 42.65
CA ALA F 85 6.81 -19.41 42.21
C ALA F 85 6.66 -18.28 43.20
N VAL F 86 6.60 -18.59 44.50
CA VAL F 86 6.44 -17.56 45.51
C VAL F 86 7.67 -16.67 45.56
N ILE F 87 8.87 -17.26 45.42
CA ILE F 87 10.09 -16.47 45.42
C ILE F 87 10.09 -15.49 44.24
N LEU F 88 9.72 -16.00 43.04
CA LEU F 88 9.68 -15.13 41.88
C LEU F 88 8.64 -14.04 42.03
N THR F 89 7.48 -14.37 42.61
CA THR F 89 6.45 -13.37 42.84
C THR F 89 6.93 -12.29 43.81
N ILE F 90 7.62 -12.69 44.88
CA ILE F 90 8.14 -11.72 45.83
C ILE F 90 9.17 -10.82 45.17
N LYS F 91 10.05 -11.40 44.35
CA LYS F 91 11.04 -10.59 43.65
C LYS F 91 10.38 -9.61 42.69
N LEU F 92 9.36 -10.07 41.97
CA LEU F 92 8.65 -9.18 41.05
C LEU F 92 7.95 -8.06 41.80
N PHE F 93 7.34 -8.37 42.94
CA PHE F 93 6.69 -7.33 43.73
C PHE F 93 7.70 -6.31 44.24
N LEU F 94 8.87 -6.79 44.69
CA LEU F 94 9.92 -5.86 45.13
C LEU F 94 10.37 -4.97 43.99
N LEU F 95 10.55 -5.54 42.79
CA LEU F 95 10.95 -4.75 41.65
C LEU F 95 9.88 -3.71 41.30
N ILE F 96 8.62 -4.10 41.36
CA ILE F 96 7.53 -3.17 41.07
C ILE F 96 7.52 -2.03 42.09
N ASN F 97 7.71 -2.36 43.36
CA ASN F 97 7.75 -1.32 44.39
C ASN F 97 8.93 -0.38 44.17
N GLN F 98 10.10 -0.92 43.80
CA GLN F 98 11.25 -0.08 43.52
C GLN F 98 10.98 0.84 42.33
N PHE F 99 10.34 0.31 41.28
CA PHE F 99 10.00 1.14 40.13
C PHE F 99 9.02 2.24 40.50
N GLU F 100 8.03 1.91 41.32
CA GLU F 100 7.08 2.92 41.77
C GLU F 100 7.77 4.01 42.58
N LYS F 101 8.68 3.62 43.47
CA LYS F 101 9.42 4.61 44.24
C LYS F 101 10.26 5.49 43.34
N GLN F 102 10.93 4.90 42.35
CA GLN F 102 11.73 5.69 41.43
C GLN F 102 10.87 6.68 40.65
N GLN F 103 9.70 6.23 40.17
CA GLN F 103 8.80 7.11 39.44
C GLN F 103 8.30 8.25 40.33
N ALA F 104 7.92 7.93 41.57
CA ALA F 104 7.45 8.96 42.49
C ALA F 104 8.53 9.99 42.77
N ALA F 105 9.77 9.52 42.99
CA ALA F 105 10.87 10.44 43.22
C ALA F 105 11.10 11.37 42.03
N LYS F 106 10.67 10.97 40.83
CA LYS F 106 10.82 11.79 39.64
C LYS F 106 9.55 12.52 39.24
N GLY F 107 8.42 12.24 39.91
CA GLY F 107 7.19 12.93 39.62
C GLY F 107 6.25 12.16 38.71
N ARG F 108 5.16 11.65 39.29
CA ARG F 108 4.16 10.91 38.52
C ARG F 108 2.81 11.02 39.22
N ASP F 109 1.74 10.93 38.44
CA ASP F 109 0.41 10.99 39.02
C ASP F 109 0.16 9.80 39.94
N ILE F 110 -0.45 10.08 41.10
CA ILE F 110 -0.65 9.02 42.10
C ILE F 110 -1.59 7.94 41.58
N THR F 111 -2.75 8.33 41.05
CA THR F 111 -3.75 7.37 40.62
C THR F 111 -3.33 6.59 39.38
N SER F 112 -2.82 7.28 38.35
CA SER F 112 -2.45 6.62 37.12
C SER F 112 -1.32 5.63 37.33
N ALA F 113 -0.31 6.00 38.12
CA ALA F 113 0.81 5.11 38.37
C ALA F 113 0.36 3.85 39.07
N ARG F 114 -0.50 4.00 40.09
CA ARG F 114 -0.98 2.83 40.82
C ARG F 114 -1.86 1.95 39.94
N ILE F 115 -2.69 2.57 39.10
CA ILE F 115 -3.51 1.78 38.18
C ILE F 115 -2.64 1.00 37.21
N MET F 116 -1.59 1.65 36.68
CA MET F 116 -0.68 0.97 35.77
C MET F 116 0.03 -0.19 36.47
N SER F 117 0.44 0.02 37.72
CA SER F 117 1.06 -1.07 38.47
C SER F 117 0.09 -2.22 38.67
N ARG F 118 -1.16 -1.90 39.00
CA ARG F 118 -2.16 -2.95 39.20
C ARG F 118 -2.37 -3.76 37.91
N ILE F 119 -2.47 -3.06 36.78
CA ILE F 119 -2.65 -3.77 35.51
C ILE F 119 -1.41 -4.58 35.17
N ILE F 120 -0.22 -4.07 35.48
CA ILE F 120 1.00 -4.81 35.21
C ILE F 120 1.03 -6.12 36.01
N LYS F 121 0.67 -6.05 37.29
CA LYS F 121 0.70 -7.27 38.09
C LYS F 121 -0.44 -8.20 37.71
N ILE F 122 -1.56 -7.66 37.20
CA ILE F 122 -2.61 -8.52 36.67
C ILE F 122 -2.10 -9.30 35.46
N THR F 123 -1.40 -8.61 34.56
CA THR F 123 -0.81 -9.29 33.41
C THR F 123 0.23 -10.32 33.86
N ILE F 124 1.00 -10.00 34.90
CA ILE F 124 1.98 -10.95 35.42
C ILE F 124 1.29 -12.19 35.95
N ILE F 125 0.18 -12.01 36.68
CA ILE F 125 -0.58 -13.17 37.17
C ILE F 125 -1.12 -13.99 36.02
N VAL F 126 -1.60 -13.32 34.97
CA VAL F 126 -2.13 -14.04 33.81
C VAL F 126 -1.02 -14.88 33.17
N VAL F 127 0.16 -14.29 32.99
CA VAL F 127 1.26 -15.01 32.35
C VAL F 127 1.72 -16.17 33.24
N LEU F 128 1.74 -15.96 34.56
CA LEU F 128 2.11 -17.04 35.46
C LEU F 128 1.12 -18.20 35.38
N VAL F 129 -0.18 -17.89 35.32
CA VAL F 129 -1.18 -18.93 35.16
C VAL F 129 -1.00 -19.66 33.85
N LEU F 130 -0.72 -18.92 32.77
CA LEU F 130 -0.49 -19.55 31.47
C LEU F 130 0.70 -20.50 31.53
N LEU F 131 1.79 -20.08 32.17
CA LEU F 131 2.98 -20.92 32.25
C LEU F 131 2.69 -22.20 33.03
N TYR F 132 1.95 -22.09 34.14
CA TYR F 132 1.66 -23.26 34.96
C TYR F 132 0.80 -24.26 34.19
N GLY F 133 1.09 -25.55 34.41
CA GLY F 133 0.36 -26.61 33.76
C GLY F 133 -0.80 -27.12 34.60
N GLU F 134 -1.18 -28.37 34.33
CA GLU F 134 -2.28 -28.98 35.07
C GLU F 134 -1.94 -29.14 36.55
N HIS F 135 -0.66 -29.23 36.88
CA HIS F 135 -0.26 -29.38 38.28
C HIS F 135 -0.68 -28.17 39.11
N PHE F 136 -0.56 -26.97 38.55
CA PHE F 136 -0.95 -25.73 39.23
C PHE F 136 -2.18 -25.18 38.52
N GLY F 137 -3.35 -25.51 39.04
CA GLY F 137 -4.59 -25.06 38.40
C GLY F 137 -4.69 -25.58 36.99
N MET F 138 -5.08 -24.70 36.07
CA MET F 138 -5.19 -25.03 34.65
C MET F 138 -4.36 -24.06 33.84
N SER F 139 -3.69 -24.58 32.81
CA SER F 139 -2.83 -23.75 31.98
C SER F 139 -3.61 -22.66 31.27
N LEU F 140 -4.81 -22.98 30.77
CA LEU F 140 -5.64 -22.02 30.04
C LEU F 140 -4.98 -21.59 28.73
N SER F 141 -4.15 -22.47 28.16
CA SER F 141 -3.48 -22.13 26.91
C SER F 141 -4.49 -21.94 25.78
N GLY F 142 -5.52 -22.78 25.73
CA GLY F 142 -6.51 -22.66 24.68
C GLY F 142 -7.22 -21.32 24.70
N LEU F 143 -7.56 -20.83 25.89
CA LEU F 143 -8.23 -19.54 26.00
C LEU F 143 -7.38 -18.42 25.42
N LEU F 144 -6.08 -18.42 25.75
CA LEU F 144 -5.18 -17.42 25.19
C LEU F 144 -4.97 -17.64 23.69
N THR F 145 -5.01 -18.89 23.24
CA THR F 145 -4.90 -19.23 21.83
C THR F 145 -6.25 -19.52 21.19
N PHE F 146 -7.34 -19.03 21.78
CA PHE F 146 -8.66 -19.32 21.24
C PHE F 146 -8.79 -18.81 19.82
N GLY F 147 -8.32 -17.58 19.56
CA GLY F 147 -8.35 -17.04 18.22
C GLY F 147 -7.08 -16.30 17.88
N GLY F 148 -6.00 -16.61 18.59
CA GLY F 148 -4.75 -15.91 18.41
C GLY F 148 -4.66 -14.57 19.09
N ILE F 149 -5.52 -14.31 20.08
CA ILE F 149 -5.51 -13.01 20.74
C ILE F 149 -4.15 -12.76 21.40
N GLY F 150 -3.68 -13.73 22.19
CA GLY F 150 -2.37 -13.58 22.80
C GLY F 150 -1.25 -13.48 21.79
N GLY F 151 -1.35 -14.28 20.71
CA GLY F 151 -0.34 -14.22 19.67
C GLY F 151 -0.23 -12.85 19.04
N LEU F 152 -1.38 -12.27 18.66
CA LEU F 152 -1.37 -10.94 18.07
C LEU F 152 -0.90 -9.89 19.07
N ALA F 153 -1.36 -10.00 20.32
CA ALA F 153 -0.97 -9.03 21.33
C ALA F 153 0.54 -9.01 21.53
N VAL F 154 1.16 -10.19 21.59
CA VAL F 154 2.61 -10.26 21.71
C VAL F 154 3.28 -9.75 20.44
N GLY F 155 2.76 -10.17 19.28
CA GLY F 155 3.44 -9.87 18.03
C GLY F 155 3.50 -8.39 17.72
N MET F 156 2.37 -7.68 17.86
CA MET F 156 2.37 -6.26 17.49
C MET F 156 3.27 -5.45 18.42
N ALA F 157 3.17 -5.68 19.73
CA ALA F 157 4.00 -4.95 20.67
C ALA F 157 5.48 -5.25 20.44
N GLY F 158 5.82 -6.53 20.25
CA GLY F 158 7.20 -6.87 19.99
C GLY F 158 7.72 -6.24 18.72
N LYS F 159 6.91 -6.24 17.66
CA LYS F 159 7.34 -5.65 16.40
C LYS F 159 7.61 -4.16 16.57
N ASP F 160 6.70 -3.44 17.22
CA ASP F 160 6.91 -2.01 17.42
C ASP F 160 8.17 -1.74 18.23
N ILE F 161 8.29 -2.41 19.38
CA ILE F 161 9.43 -2.14 20.26
C ILE F 161 10.73 -2.48 19.57
N LEU F 162 10.80 -3.64 18.91
CA LEU F 162 12.03 -4.05 18.25
C LEU F 162 12.37 -3.14 17.09
N SER F 163 11.38 -2.70 16.32
CA SER F 163 11.65 -1.78 15.22
C SER F 163 12.29 -0.51 15.75
N ASN F 164 11.69 0.09 16.78
CA ASN F 164 12.27 1.33 17.30
C ASN F 164 13.66 1.11 17.88
N PHE F 165 13.84 0.01 18.62
CA PHE F 165 15.14 -0.25 19.25
C PHE F 165 16.22 -0.46 18.19
N PHE F 166 15.93 -1.24 17.15
CA PHE F 166 16.91 -1.50 16.12
C PHE F 166 17.19 -0.25 15.30
N SER F 167 16.17 0.59 15.08
CA SER F 167 16.43 1.86 14.42
C SER F 167 17.38 2.73 15.23
N GLY F 168 17.20 2.76 16.56
CA GLY F 168 18.12 3.50 17.40
C GLY F 168 19.53 2.94 17.33
N ILE F 169 19.66 1.62 17.34
CA ILE F 169 20.98 0.99 17.25
C ILE F 169 21.66 1.36 15.93
N MET F 170 20.91 1.30 14.83
CA MET F 170 21.49 1.66 13.54
C MET F 170 21.85 3.13 13.48
N LEU F 171 21.05 3.98 14.13
CA LEU F 171 21.42 5.39 14.22
C LEU F 171 22.74 5.57 14.95
N TYR F 172 22.92 4.84 16.04
CA TYR F 172 24.19 4.92 16.76
C TYR F 172 25.36 4.45 15.90
N PHE F 173 25.17 3.35 15.16
CA PHE F 173 26.28 2.78 14.42
C PHE F 173 26.63 3.60 13.17
N ASP F 174 25.64 4.06 12.42
CA ASP F 174 25.91 4.80 11.19
C ASP F 174 26.35 6.23 11.47
N ARG F 175 25.82 6.85 12.51
CA ARG F 175 26.16 8.21 12.89
C ARG F 175 25.81 9.24 11.81
N PRO F 176 24.57 9.24 11.32
CA PRO F 176 24.16 10.32 10.41
C PRO F 176 24.21 11.69 11.07
N PHE F 177 23.99 11.77 12.38
CA PHE F 177 24.00 13.03 13.09
C PHE F 177 24.35 12.77 14.55
N SER F 178 24.70 13.85 15.26
CA SER F 178 25.05 13.78 16.67
C SER F 178 24.22 14.82 17.43
N ILE F 179 24.39 14.84 18.75
CA ILE F 179 23.68 15.81 19.58
C ILE F 179 24.13 17.21 19.23
N GLY F 180 23.17 18.12 19.10
CA GLY F 180 23.49 19.49 18.74
C GLY F 180 23.70 19.74 17.28
N ASP F 181 23.23 18.84 16.40
CA ASP F 181 23.43 18.96 14.97
C ASP F 181 22.13 19.40 14.31
N TRP F 182 22.23 20.38 13.41
CA TRP F 182 21.09 20.82 12.63
C TRP F 182 20.86 19.84 11.48
N ILE F 183 19.67 19.26 11.40
CA ILE F 183 19.36 18.23 10.43
C ILE F 183 18.02 18.53 9.75
N ARG F 184 17.81 17.90 8.60
CA ARG F 184 16.56 18.00 7.87
C ARG F 184 16.49 16.84 6.89
N SER F 185 15.33 16.69 6.26
CA SER F 185 15.09 15.60 5.33
C SER F 185 14.19 16.06 4.20
N PRO F 186 14.56 15.82 2.94
CA PRO F 186 13.65 16.17 1.83
C PRO F 186 12.40 15.33 1.77
N ASP F 187 12.37 14.18 2.45
CA ASP F 187 11.20 13.30 2.39
C ASP F 187 10.11 13.76 3.34
N ARG F 188 10.44 13.90 4.63
CA ARG F 188 9.54 14.42 5.63
C ARG F 188 10.27 15.47 6.45
N ASN F 189 9.51 16.40 7.05
CA ASN F 189 10.13 17.49 7.78
C ASN F 189 10.47 17.08 9.21
N ILE F 190 11.74 17.23 9.57
CA ILE F 190 12.22 16.95 10.91
C ILE F 190 13.18 18.07 11.31
N GLU F 191 13.13 19.19 10.59
CA GLU F 191 14.14 20.22 10.73
C GLU F 191 14.22 20.72 12.16
N GLY F 192 15.44 20.92 12.63
CA GLY F 192 15.69 21.37 13.98
C GLY F 192 17.07 20.92 14.43
N THR F 193 17.35 21.18 15.69
CA THR F 193 18.60 20.79 16.32
C THR F 193 18.38 19.59 17.22
N VAL F 194 19.20 18.54 17.04
CA VAL F 194 19.04 17.33 17.82
C VAL F 194 19.35 17.63 19.28
N ALA F 195 18.44 17.23 20.17
CA ALA F 195 18.60 17.47 21.60
C ALA F 195 19.00 16.22 22.36
N GLU F 196 18.44 15.07 22.02
CA GLU F 196 18.78 13.82 22.69
C GLU F 196 18.33 12.66 21.82
N ILE F 197 19.07 11.55 21.89
CA ILE F 197 18.79 10.36 21.11
C ILE F 197 18.51 9.24 22.10
N GLY F 198 17.24 9.01 22.41
CA GLY F 198 16.87 7.94 23.31
C GLY F 198 16.79 6.60 22.63
N TRP F 199 16.56 5.57 23.45
CA TRP F 199 16.45 4.22 22.92
C TRP F 199 15.21 4.03 22.06
N ARG F 200 14.20 4.85 22.24
CA ARG F 200 12.93 4.71 21.50
C ARG F 200 12.55 5.96 20.73
N ILE F 201 12.77 7.15 21.28
CA ILE F 201 12.33 8.40 20.68
C ILE F 201 13.51 9.36 20.62
N THR F 202 13.61 10.09 19.51
CA THR F 202 14.61 11.12 19.33
C THR F 202 13.96 12.49 19.47
N LYS F 203 14.52 13.32 20.33
CA LYS F 203 13.98 14.66 20.60
C LYS F 203 14.72 15.69 19.78
N ILE F 204 13.98 16.52 19.06
CA ILE F 204 14.54 17.55 18.18
C ILE F 204 13.96 18.89 18.60
N THR F 205 14.82 19.88 18.76
CA THR F 205 14.41 21.24 19.12
C THR F 205 14.28 22.06 17.85
N THR F 206 13.04 22.39 17.49
CA THR F 206 12.81 23.20 16.30
C THR F 206 13.37 24.60 16.51
N PHE F 207 13.40 25.38 15.43
CA PHE F 207 13.90 26.74 15.50
C PHE F 207 12.92 27.70 16.15
N ASP F 208 11.72 27.23 16.48
CA ASP F 208 10.77 27.97 17.31
C ASP F 208 11.01 27.73 18.80
N ASN F 209 11.97 26.87 19.16
CA ASN F 209 12.22 26.49 20.55
C ASN F 209 11.06 25.66 21.10
N ARG F 210 10.59 24.71 20.29
CA ARG F 210 9.56 23.77 20.70
C ARG F 210 10.05 22.34 20.53
N PRO F 211 9.74 21.46 21.47
CA PRO F 211 10.16 20.06 21.33
C PRO F 211 9.45 19.37 20.17
N LEU F 212 10.16 18.45 19.54
CA LEU F 212 9.62 17.62 18.48
C LEU F 212 10.07 16.19 18.71
N TYR F 213 9.13 15.29 18.94
CA TYR F 213 9.42 13.90 19.27
C TYR F 213 9.24 13.04 18.03
N VAL F 214 10.33 12.45 17.56
CA VAL F 214 10.33 11.64 16.34
C VAL F 214 10.68 10.21 16.73
N PRO F 215 9.80 9.24 16.48
CA PRO F 215 10.17 7.84 16.73
C PRO F 215 11.38 7.44 15.90
N ASN F 216 12.24 6.61 16.49
CA ASN F 216 13.48 6.24 15.84
C ASN F 216 13.25 5.53 14.51
N SER F 217 12.15 4.79 14.40
CA SER F 217 11.89 4.03 13.18
C SER F 217 11.64 4.91 11.97
N LEU F 218 11.31 6.19 12.18
CA LEU F 218 11.03 7.07 11.06
C LEU F 218 12.29 7.43 10.27
N PHE F 219 13.47 7.23 10.85
CA PHE F 219 14.73 7.47 10.17
C PHE F 219 15.19 6.28 9.35
N SER F 220 14.43 5.18 9.34
CA SER F 220 14.92 3.94 8.75
C SER F 220 15.20 4.10 7.26
N SER F 221 14.22 4.60 6.51
CA SER F 221 14.34 4.71 5.05
C SER F 221 13.97 6.13 4.63
N ILE F 222 14.94 7.04 4.74
CA ILE F 222 14.78 8.42 4.27
C ILE F 222 16.18 8.99 4.09
N SER F 223 16.29 10.02 3.26
CA SER F 223 17.54 10.74 3.10
C SER F 223 17.63 11.80 4.19
N VAL F 224 18.73 11.78 4.93
CA VAL F 224 18.95 12.72 6.04
C VAL F 224 20.05 13.69 5.63
N GLU F 225 19.74 14.98 5.69
CA GLU F 225 20.72 16.03 5.44
C GLU F 225 21.24 16.58 6.75
N ASN F 226 22.51 16.96 6.77
CA ASN F 226 23.18 17.46 7.97
C ASN F 226 23.80 18.81 7.68
N PRO F 227 23.00 19.88 7.66
CA PRO F 227 23.57 21.21 7.48
C PRO F 227 24.58 21.59 8.55
N GLY F 228 24.47 21.04 9.75
CA GLY F 228 25.44 21.31 10.79
C GLY F 228 26.84 20.85 10.46
N ARG F 229 27.00 19.99 9.45
CA ARG F 229 28.31 19.53 9.01
C ARG F 229 28.75 20.20 7.71
N MET F 230 28.11 21.29 7.31
CA MET F 230 28.47 21.96 6.08
C MET F 230 29.88 22.54 6.17
N THR F 231 30.54 22.63 5.02
CA THR F 231 31.89 23.18 4.93
C THR F 231 31.90 24.63 4.45
N ASN F 232 30.80 25.13 3.91
CA ASN F 232 30.74 26.50 3.40
C ASN F 232 29.29 26.96 3.40
N ARG F 233 29.11 28.27 3.30
CA ARG F 233 27.79 28.88 3.17
C ARG F 233 27.70 29.55 1.80
N ARG F 234 26.63 29.27 1.07
CA ARG F 234 26.47 29.74 -0.29
C ARG F 234 25.80 31.11 -0.33
N ILE F 235 26.17 31.90 -1.33
CA ILE F 235 25.57 33.21 -1.58
C ILE F 235 25.09 33.23 -3.01
N THR F 236 23.78 33.43 -3.20
CA THR F 236 23.19 33.49 -4.53
C THR F 236 22.24 34.67 -4.60
N THR F 237 22.22 35.32 -5.76
CA THR F 237 21.33 36.47 -5.98
C THR F 237 21.23 36.71 -7.48
N THR F 238 20.28 37.57 -7.85
CA THR F 238 20.06 37.94 -9.24
C THR F 238 20.03 39.45 -9.35
N ILE F 239 20.69 39.98 -10.37
CA ILE F 239 20.73 41.40 -10.65
C ILE F 239 19.88 41.65 -11.89
N GLY F 240 18.77 42.37 -11.73
CA GLY F 240 17.89 42.68 -12.83
C GLY F 240 18.04 44.08 -13.36
N LEU F 241 18.68 44.22 -14.51
CA LEU F 241 18.92 45.52 -15.12
C LEU F 241 17.83 45.83 -16.14
N ARG F 242 17.64 47.12 -16.40
CA ARG F 242 16.68 47.57 -17.39
C ARG F 242 17.11 47.16 -18.80
N TYR F 243 16.12 46.98 -19.68
CA TYR F 243 16.43 46.58 -21.04
C TYR F 243 17.25 47.64 -21.77
N GLU F 244 17.12 48.91 -21.35
CA GLU F 244 17.90 49.98 -21.97
C GLU F 244 19.35 49.97 -21.51
N ASP F 245 19.71 49.15 -20.53
CA ASP F 245 21.07 49.05 -20.03
C ASP F 245 21.82 47.85 -20.60
N ALA F 246 21.48 47.42 -21.81
CA ALA F 246 22.10 46.26 -22.40
C ALA F 246 23.54 46.52 -22.85
N ALA F 247 23.91 47.78 -23.04
CA ALA F 247 25.26 48.09 -23.52
C ALA F 247 26.32 47.98 -22.43
N LYS F 248 25.92 48.01 -21.16
CA LYS F 248 26.85 47.97 -20.04
C LYS F 248 26.82 46.64 -19.29
N VAL F 249 26.15 45.63 -19.83
CA VAL F 249 26.05 44.35 -19.14
C VAL F 249 27.43 43.73 -18.97
N GLY F 250 28.24 43.74 -20.01
CA GLY F 250 29.56 43.14 -19.91
C GLY F 250 30.44 43.83 -18.90
N VAL F 251 30.46 45.16 -18.91
CA VAL F 251 31.29 45.90 -17.96
C VAL F 251 30.81 45.67 -16.53
N ILE F 252 29.48 45.66 -16.32
CA ILE F 252 28.96 45.42 -14.98
C ILE F 252 29.33 44.02 -14.50
N VAL F 253 29.21 43.02 -15.37
CA VAL F 253 29.56 41.66 -14.98
C VAL F 253 31.04 41.57 -14.62
N GLU F 254 31.90 42.18 -15.44
CA GLU F 254 33.33 42.15 -15.14
C GLU F 254 33.63 42.84 -13.81
N ALA F 255 33.00 43.98 -13.55
CA ALA F 255 33.24 44.68 -12.30
C ALA F 255 32.78 43.85 -11.11
N VAL F 256 31.61 43.23 -11.21
CA VAL F 256 31.10 42.42 -10.11
C VAL F 256 32.02 41.23 -9.86
N ARG F 257 32.48 40.57 -10.92
CA ARG F 257 33.38 39.44 -10.76
C ARG F 257 34.69 39.87 -10.11
N GLU F 258 35.24 41.01 -10.54
CA GLU F 258 36.48 41.50 -9.95
C GLU F 258 36.28 41.82 -8.48
N MET F 259 35.16 42.45 -8.13
CA MET F 259 34.89 42.74 -6.73
C MET F 259 34.80 41.46 -5.90
N LEU F 260 34.11 40.45 -6.43
CA LEU F 260 33.98 39.19 -5.70
C LEU F 260 35.33 38.51 -5.53
N LYS F 261 36.19 38.58 -6.54
CA LYS F 261 37.48 37.89 -6.47
C LYS F 261 38.42 38.50 -5.45
N ASN F 262 38.17 39.74 -5.02
CA ASN F 262 39.05 40.43 -4.08
C ASN F 262 38.42 40.58 -2.69
N HIS F 263 37.28 39.95 -2.46
CA HIS F 263 36.62 40.07 -1.16
C HIS F 263 37.27 39.12 -0.16
N PRO F 264 37.73 39.63 1.00
CA PRO F 264 38.38 38.73 1.97
C PRO F 264 37.48 37.64 2.52
N ALA F 265 36.16 37.83 2.48
CA ALA F 265 35.25 36.86 3.06
C ALA F 265 34.84 35.76 2.10
N ILE F 266 35.20 35.86 0.84
CA ILE F 266 34.80 34.88 -0.18
C ILE F 266 35.88 33.80 -0.28
N ASP F 267 35.44 32.56 -0.49
CA ASP F 267 36.35 31.43 -0.63
C ASP F 267 36.71 31.29 -2.11
N GLN F 268 37.99 31.48 -2.42
CA GLN F 268 38.44 31.46 -3.81
C GLN F 268 38.59 30.06 -4.38
N ARG F 269 38.56 29.04 -3.52
CA ARG F 269 38.68 27.66 -3.99
C ARG F 269 37.35 27.04 -4.38
N GLN F 270 36.24 27.71 -4.11
CA GLN F 270 34.92 27.20 -4.43
C GLN F 270 34.42 27.81 -5.73
N THR F 271 33.20 27.44 -6.12
CA THR F 271 32.60 27.96 -7.33
C THR F 271 32.38 29.46 -7.22
N LEU F 272 32.60 30.17 -8.33
CA LEU F 272 32.44 31.62 -8.36
C LEU F 272 32.02 32.00 -9.78
N LEU F 273 30.73 32.24 -9.98
CA LEU F 273 30.16 32.50 -11.29
C LEU F 273 29.40 33.81 -11.30
N VAL F 274 29.62 34.62 -12.34
CA VAL F 274 28.88 35.85 -12.56
C VAL F 274 28.71 36.01 -14.06
N TYR F 275 27.51 35.76 -14.57
CA TYR F 275 27.27 35.79 -16.00
C TYR F 275 25.86 36.29 -16.29
N PHE F 276 25.69 36.89 -17.46
CA PHE F 276 24.37 37.23 -17.97
C PHE F 276 23.60 35.95 -18.27
N ASN F 277 22.53 35.70 -17.52
CA ASN F 277 21.91 34.38 -17.47
C ASN F 277 20.74 34.23 -18.45
N GLN F 278 19.73 35.09 -18.36
CA GLN F 278 18.52 34.85 -19.14
C GLN F 278 17.75 36.15 -19.31
N PHE F 279 16.88 36.16 -20.32
CA PHE F 279 15.94 37.24 -20.52
C PHE F 279 14.74 37.07 -19.61
N ALA F 280 14.31 38.17 -18.99
CA ALA F 280 13.16 38.17 -18.11
C ALA F 280 12.04 38.98 -18.75
N ASP F 281 10.89 39.02 -18.08
CA ASP F 281 9.74 39.75 -18.61
C ASP F 281 10.06 41.24 -18.76
N SER F 282 10.73 41.82 -17.77
CA SER F 282 11.02 43.25 -17.82
C SER F 282 12.43 43.59 -17.36
N SER F 283 13.37 42.65 -17.43
CA SER F 283 14.74 42.92 -17.00
C SER F 283 15.67 41.89 -17.59
N LEU F 284 16.96 42.23 -17.63
CA LEU F 284 18.02 41.32 -18.02
C LEU F 284 18.72 40.83 -16.76
N ASN F 285 18.63 39.53 -16.49
CA ASN F 285 19.07 38.98 -15.22
C ASN F 285 20.53 38.55 -15.28
N ILE F 286 21.26 38.82 -14.21
CA ILE F 286 22.65 38.41 -14.03
C ILE F 286 22.73 37.54 -12.79
N MET F 287 23.29 36.36 -12.91
CA MET F 287 23.39 35.43 -11.79
C MET F 287 24.67 35.67 -11.00
N VAL F 288 24.57 35.47 -9.69
CA VAL F 288 25.72 35.56 -8.78
C VAL F 288 25.77 34.27 -7.97
N TYR F 289 26.95 33.68 -7.88
CA TYR F 289 27.10 32.35 -7.27
C TYR F 289 28.49 32.27 -6.67
N CYS F 290 28.57 32.19 -5.35
CA CYS F 290 29.85 32.13 -4.65
C CYS F 290 29.63 31.51 -3.27
N PHE F 291 30.74 31.30 -2.56
CA PHE F 291 30.73 30.71 -1.23
C PHE F 291 31.56 31.56 -0.29
N THR F 292 31.24 31.47 1.00
CA THR F 292 31.97 32.17 2.05
C THR F 292 32.81 31.20 2.85
N LYS F 293 33.95 31.69 3.35
CA LYS F 293 34.83 30.83 4.14
C LYS F 293 34.17 30.40 5.45
N THR F 294 33.47 31.32 6.11
CA THR F 294 32.87 31.02 7.40
C THR F 294 31.57 30.24 7.25
N THR F 295 31.22 29.48 8.28
CA THR F 295 29.96 28.77 8.35
C THR F 295 29.06 29.29 9.47
N VAL F 296 29.42 30.41 10.08
CA VAL F 296 28.63 30.98 11.17
C VAL F 296 27.49 31.81 10.58
N TRP F 297 26.34 31.76 11.26
CA TRP F 297 25.14 32.42 10.75
C TRP F 297 25.35 33.93 10.64
N ALA F 298 25.76 34.57 11.73
CA ALA F 298 25.87 36.03 11.75
C ALA F 298 26.94 36.52 10.81
N GLU F 299 28.11 35.86 10.78
CA GLU F 299 29.19 36.28 9.89
C GLU F 299 28.78 36.12 8.43
N TRP F 300 28.11 35.02 8.10
CA TRP F 300 27.64 34.83 6.74
C TRP F 300 26.65 35.92 6.34
N LEU F 301 25.71 36.25 7.24
CA LEU F 301 24.74 37.30 6.93
C LEU F 301 25.43 38.64 6.74
N ALA F 302 26.41 38.96 7.58
CA ALA F 302 27.12 40.22 7.44
C ALA F 302 27.88 40.29 6.12
N ALA F 303 28.55 39.20 5.75
CA ALA F 303 29.26 39.18 4.47
C ALA F 303 28.29 39.34 3.31
N GLN F 304 27.12 38.68 3.39
CA GLN F 304 26.13 38.81 2.33
C GLN F 304 25.65 40.26 2.21
N GLN F 305 25.40 40.91 3.34
CA GLN F 305 24.95 42.30 3.30
C GLN F 305 26.02 43.20 2.68
N ASP F 306 27.28 42.99 3.07
CA ASP F 306 28.35 43.78 2.50
C ASP F 306 28.45 43.59 0.99
N VAL F 307 28.34 42.34 0.53
CA VAL F 307 28.42 42.06 -0.90
C VAL F 307 27.26 42.73 -1.63
N TYR F 308 26.05 42.67 -1.06
CA TYR F 308 24.90 43.30 -1.69
C TYR F 308 25.08 44.81 -1.80
N LEU F 309 25.59 45.44 -0.74
CA LEU F 309 25.82 46.88 -0.80
C LEU F 309 26.85 47.23 -1.86
N LYS F 310 27.93 46.44 -1.94
CA LYS F 310 28.94 46.69 -2.96
C LYS F 310 28.35 46.53 -4.36
N ILE F 311 27.51 45.53 -4.57
CA ILE F 311 26.88 45.34 -5.87
C ILE F 311 26.01 46.53 -6.23
N ILE F 312 25.23 47.02 -5.26
CA ILE F 312 24.39 48.19 -5.51
C ILE F 312 25.27 49.38 -5.91
N ASP F 313 26.37 49.60 -5.19
CA ASP F 313 27.25 50.70 -5.51
C ASP F 313 27.82 50.57 -6.91
N ILE F 314 28.25 49.37 -7.30
CA ILE F 314 28.83 49.16 -8.62
C ILE F 314 27.79 49.46 -9.69
N VAL F 315 26.58 48.92 -9.54
CA VAL F 315 25.53 49.12 -10.54
C VAL F 315 25.21 50.60 -10.68
N GLN F 316 25.08 51.30 -9.55
CA GLN F 316 24.78 52.73 -9.62
C GLN F 316 25.91 53.49 -10.29
N SER F 317 27.16 53.15 -9.98
CA SER F 317 28.29 53.90 -10.51
C SER F 317 28.46 53.67 -12.01
N HIS F 318 28.14 52.50 -12.51
CA HIS F 318 28.33 52.22 -13.93
C HIS F 318 27.23 52.80 -14.81
N GLY F 319 26.27 53.52 -14.24
CA GLY F 319 25.25 54.19 -15.01
C GLY F 319 23.97 53.41 -15.23
N ALA F 320 23.93 52.14 -14.84
CA ALA F 320 22.73 51.33 -14.99
C ALA F 320 21.81 51.54 -13.79
N ASP F 321 20.74 50.75 -13.73
CA ASP F 321 19.81 50.82 -12.62
C ASP F 321 19.01 49.52 -12.57
N PHE F 322 18.42 49.27 -11.40
CA PHE F 322 17.56 48.10 -11.23
C PHE F 322 16.20 48.35 -11.86
N ALA F 323 15.61 47.31 -12.42
CA ALA F 323 14.38 47.41 -13.19
C ALA F 323 13.18 47.06 -12.32
N PHE F 324 12.18 47.93 -12.34
CA PHE F 324 10.89 47.63 -11.74
C PHE F 324 10.04 46.81 -12.71
N PRO F 325 9.06 46.07 -12.20
CA PRO F 325 8.12 45.40 -13.11
C PRO F 325 7.50 46.38 -14.09
N SER F 326 7.79 46.22 -15.38
CA SER F 326 7.40 47.17 -16.40
C SER F 326 6.16 46.70 -17.13
N GLN F 327 5.57 47.60 -17.91
CA GLN F 327 4.33 47.32 -18.62
C GLN F 327 4.11 48.39 -19.69
N THR F 328 3.63 47.99 -20.84
CA THR F 328 3.29 48.90 -21.93
C THR F 328 1.78 49.04 -22.05
N LEU F 329 1.30 50.28 -22.03
CA LEU F 329 -0.14 50.55 -22.01
C LEU F 329 -0.55 51.30 -23.26
N TYR F 330 -1.59 50.80 -23.91
CA TYR F 330 -2.16 51.42 -25.11
C TYR F 330 -3.48 52.08 -24.71
N MET F 331 -3.46 53.41 -24.62
CA MET F 331 -4.63 54.14 -24.15
C MET F 331 -5.64 54.33 -25.28
N ASP F 332 -6.91 54.43 -24.90
CA ASP F 332 -7.98 54.62 -25.86
C ASP F 332 -9.05 55.58 -25.33
N ALA G 1 46.54 -52.69 18.00
CA ALA G 1 45.89 -53.25 19.17
C ALA G 1 45.01 -52.22 19.86
N GLU G 2 45.54 -51.59 20.91
CA GLU G 2 44.78 -50.57 21.62
C GLU G 2 44.46 -49.39 20.71
N LEU G 3 45.43 -48.97 19.90
CA LEU G 3 45.25 -47.85 18.99
C LEU G 3 44.78 -48.28 17.60
N PHE G 4 44.48 -49.57 17.41
CA PHE G 4 44.01 -50.07 16.14
C PHE G 4 42.51 -49.77 16.01
N THR G 5 41.93 -50.10 14.86
CA THR G 5 40.50 -49.87 14.58
C THR G 5 40.29 -48.36 14.49
N ASN G 6 39.25 -47.81 15.12
CA ASN G 6 38.98 -46.37 14.99
C ASN G 6 40.11 -45.52 15.58
N ASN G 7 40.87 -46.08 16.53
CA ASN G 7 41.94 -45.30 17.15
C ASN G 7 42.99 -44.89 16.12
N ALA G 8 43.29 -45.76 15.16
CA ALA G 8 44.29 -45.43 14.15
C ALA G 8 43.86 -44.25 13.30
N LEU G 9 42.62 -44.28 12.79
CA LEU G 9 42.13 -43.19 11.95
C LEU G 9 42.03 -41.90 12.74
N ASN G 10 41.56 -41.97 13.99
CA ASN G 10 41.46 -40.79 14.84
C ASN G 10 42.84 -40.20 15.10
N LEU G 11 43.83 -41.06 15.36
CA LEU G 11 45.19 -40.58 15.60
C LEU G 11 45.76 -39.93 14.34
N VAL G 12 45.49 -40.51 13.17
CA VAL G 12 45.96 -39.92 11.93
C VAL G 12 45.32 -38.55 11.72
N ILE G 13 44.02 -38.44 11.98
CA ILE G 13 43.34 -37.16 11.82
C ILE G 13 43.89 -36.13 12.80
N ILE G 14 44.15 -36.54 14.04
CA ILE G 14 44.70 -35.61 15.02
C ILE G 14 46.11 -35.17 14.64
N PHE G 15 46.92 -36.08 14.09
CA PHE G 15 48.25 -35.70 13.64
C PHE G 15 48.18 -34.72 12.48
N GLY G 16 47.27 -34.96 11.54
CA GLY G 16 47.08 -34.01 10.45
C GLY G 16 46.63 -32.65 10.94
N SER G 17 45.70 -32.64 11.91
CA SER G 17 45.25 -31.38 12.48
C SER G 17 46.38 -30.65 13.20
N CYS G 18 47.23 -31.39 13.93
CA CYS G 18 48.37 -30.76 14.59
C CYS G 18 49.35 -30.18 13.57
N ALA G 19 49.58 -30.91 12.48
CA ALA G 19 50.45 -30.39 11.43
C ALA G 19 49.87 -29.13 10.82
N ALA G 20 48.56 -29.11 10.56
CA ALA G 20 47.93 -27.90 10.02
C ALA G 20 48.03 -26.75 11.01
N LEU G 21 47.85 -27.03 12.30
CA LEU G 21 47.96 -25.99 13.31
C LEU G 21 49.36 -25.42 13.36
N ILE G 22 50.38 -26.28 13.26
CA ILE G 22 51.76 -25.80 13.26
C ILE G 22 52.04 -24.98 12.02
N LEU G 23 51.52 -25.41 10.87
CA LEU G 23 51.69 -24.63 9.65
C LEU G 23 51.04 -23.26 9.78
N MET G 24 49.85 -23.21 10.37
CA MET G 24 49.19 -21.92 10.58
C MET G 24 49.95 -21.06 11.58
N SER G 25 50.54 -21.67 12.60
CA SER G 25 51.36 -20.91 13.56
C SER G 25 52.56 -20.28 12.85
N PHE G 26 53.22 -21.05 11.98
CA PHE G 26 54.31 -20.49 11.20
C PHE G 26 53.81 -19.38 10.28
N TRP G 27 52.65 -19.58 9.64
CA TRP G 27 52.10 -18.58 8.75
C TRP G 27 51.80 -17.29 9.49
N PHE G 28 51.36 -17.38 10.73
CA PHE G 28 50.98 -16.21 11.51
C PHE G 28 52.20 -15.41 11.92
N ARG G 29 52.58 -14.41 11.12
CA ARG G 29 53.71 -13.54 11.39
C ARG G 29 53.19 -12.11 11.50
N ARG G 30 53.43 -11.48 12.65
CA ARG G 30 52.98 -10.11 12.88
C ARG G 30 51.46 -10.07 12.95
N GLY G 31 50.91 -8.90 13.29
CA GLY G 31 49.47 -8.72 13.29
C GLY G 31 48.97 -8.19 11.96
N ASN G 32 48.36 -7.01 11.98
CA ASN G 32 47.85 -6.35 10.77
C ASN G 32 46.96 -7.34 10.02
N ARG G 33 47.18 -7.59 8.73
CA ARG G 33 46.33 -8.50 7.98
C ARG G 33 46.45 -9.93 8.51
N LYS G 34 47.61 -10.28 9.08
CA LYS G 34 47.82 -11.63 9.58
C LYS G 34 46.81 -11.99 10.67
N ARG G 35 46.57 -11.06 11.58
CA ARG G 35 45.58 -11.27 12.63
C ARG G 35 44.18 -10.98 12.09
N LYS G 36 43.37 -12.02 11.92
CA LYS G 36 42.02 -11.90 11.40
C LYS G 36 41.03 -12.27 12.50
N GLY G 37 40.30 -11.27 13.00
CA GLY G 37 39.33 -11.55 14.03
C GLY G 37 38.18 -12.40 13.55
N PHE G 38 37.74 -12.18 12.31
CA PHE G 38 36.62 -12.93 11.74
C PHE G 38 37.03 -14.25 11.13
N LEU G 39 38.28 -14.41 10.70
CA LEU G 39 38.75 -15.61 10.05
C LEU G 39 39.66 -16.46 10.93
N PHE G 40 40.68 -15.83 11.53
CA PHE G 40 41.59 -16.58 12.40
C PHE G 40 40.85 -17.11 13.62
N HIS G 41 39.91 -16.34 14.17
CA HIS G 41 39.12 -16.82 15.30
C HIS G 41 38.35 -18.08 14.94
N ALA G 42 37.69 -18.06 13.78
CA ALA G 42 36.94 -19.25 13.36
C ALA G 42 37.87 -20.43 13.10
N VAL G 43 39.02 -20.18 12.49
CA VAL G 43 39.96 -21.27 12.22
C VAL G 43 40.42 -21.90 13.53
N GLN G 44 40.78 -21.07 14.50
CA GLN G 44 41.22 -21.59 15.79
C GLN G 44 40.10 -22.34 16.50
N PHE G 45 38.87 -21.82 16.42
CA PHE G 45 37.75 -22.50 17.05
C PHE G 45 37.54 -23.88 16.44
N LEU G 46 37.61 -23.97 15.11
CA LEU G 46 37.47 -25.25 14.45
C LEU G 46 38.60 -26.20 14.84
N ILE G 47 39.82 -25.70 14.92
CA ILE G 47 40.96 -26.54 15.30
C ILE G 47 40.74 -27.10 16.71
N TYR G 48 40.36 -26.24 17.65
CA TYR G 48 40.12 -26.70 19.01
C TYR G 48 38.98 -27.70 19.06
N THR G 49 37.91 -27.46 18.31
CA THR G 49 36.78 -28.38 18.30
C THR G 49 37.20 -29.76 17.78
N ILE G 50 37.95 -29.79 16.70
CA ILE G 50 38.38 -31.07 16.14
C ILE G 50 39.32 -31.79 17.10
N ILE G 51 40.25 -31.05 17.72
CA ILE G 51 41.18 -31.67 18.66
C ILE G 51 40.43 -32.26 19.84
N ILE G 52 39.48 -31.51 20.40
CA ILE G 52 38.73 -31.99 21.55
C ILE G 52 37.88 -33.20 21.17
N SER G 53 37.27 -33.16 19.98
CA SER G 53 36.49 -34.30 19.53
C SER G 53 37.35 -35.55 19.40
N ALA G 54 38.53 -35.41 18.81
CA ALA G 54 39.42 -36.57 18.66
C ALA G 54 39.85 -37.11 20.02
N VAL G 55 40.23 -36.22 20.93
CA VAL G 55 40.68 -36.66 22.25
C VAL G 55 39.54 -37.37 22.98
N GLY G 56 38.33 -36.80 22.93
CA GLY G 56 37.20 -37.43 23.58
C GLY G 56 36.87 -38.78 22.98
N SER G 57 36.92 -38.89 21.65
CA SER G 57 36.67 -40.18 21.01
C SER G 57 37.68 -41.22 21.45
N ILE G 58 38.97 -40.86 21.44
CA ILE G 58 40.00 -41.82 21.85
C ILE G 58 39.78 -42.26 23.29
N ILE G 59 39.57 -41.29 24.19
CA ILE G 59 39.43 -41.62 25.61
C ILE G 59 38.20 -42.48 25.84
N ASN G 60 37.08 -42.14 25.18
CA ASN G 60 35.86 -42.92 25.35
C ASN G 60 36.05 -44.34 24.83
N TYR G 61 36.68 -44.49 23.67
CA TYR G 61 36.89 -45.83 23.12
C TYR G 61 37.76 -46.66 24.05
N VAL G 62 38.81 -46.04 24.61
CA VAL G 62 39.68 -46.76 25.52
C VAL G 62 38.93 -47.17 26.79
N ILE G 63 38.15 -46.24 27.35
CA ILE G 63 37.47 -46.52 28.62
C ILE G 63 36.41 -47.60 28.43
N GLU G 64 35.61 -47.50 27.37
CA GLU G 64 34.56 -48.49 27.15
C GLU G 64 35.14 -49.89 26.93
N ASN G 65 36.32 -49.96 26.31
CA ASN G 65 36.94 -51.27 26.08
C ASN G 65 37.67 -51.76 27.32
N TYR G 66 37.86 -50.90 28.33
CA TYR G 66 38.57 -51.25 29.55
C TYR G 66 37.75 -51.05 30.81
N LYS G 67 36.57 -50.44 30.69
CA LYS G 67 35.67 -50.23 31.81
C LYS G 67 36.07 -48.98 32.59
N LEU G 68 35.21 -48.52 33.49
CA LEU G 68 35.50 -47.35 34.29
C LEU G 68 34.73 -47.38 35.61
N LYS G 69 35.37 -46.97 36.70
CA LYS G 69 34.73 -46.96 38.00
C LYS G 69 33.97 -45.65 38.22
N PHE G 70 33.09 -45.30 37.29
CA PHE G 70 32.32 -44.07 37.40
C PHE G 70 31.16 -44.12 36.42
N ILE G 71 30.01 -43.65 36.87
CA ILE G 71 28.80 -43.64 36.05
C ILE G 71 28.85 -42.46 35.08
N THR G 72 28.15 -42.61 33.97
CA THR G 72 28.06 -41.57 32.95
C THR G 72 29.45 -41.14 32.50
N PRO G 73 30.17 -42.00 31.77
CA PRO G 73 31.51 -41.60 31.27
C PRO G 73 31.47 -40.41 30.35
N GLY G 74 30.31 -40.11 29.75
CA GLY G 74 30.21 -38.97 28.84
C GLY G 74 30.44 -37.62 29.49
N VAL G 75 30.73 -37.60 30.79
CA VAL G 75 31.01 -36.36 31.50
C VAL G 75 32.20 -35.67 30.84
N ILE G 76 33.10 -36.46 30.27
CA ILE G 76 34.24 -35.88 29.55
C ILE G 76 33.77 -35.11 28.34
N ASP G 77 32.69 -35.57 27.70
CA ASP G 77 32.08 -34.80 26.62
C ASP G 77 31.59 -33.45 27.14
N PHE G 78 30.99 -33.43 28.33
CA PHE G 78 30.58 -32.17 28.94
C PHE G 78 31.78 -31.27 29.20
N ILE G 79 32.89 -31.84 29.66
CA ILE G 79 34.09 -31.06 29.92
C ILE G 79 34.61 -30.46 28.62
N CYS G 80 34.63 -31.25 27.54
CA CYS G 80 35.09 -30.75 26.25
C CYS G 80 34.18 -29.64 25.74
N THR G 81 32.86 -29.80 25.90
CA THR G 81 31.94 -28.74 25.48
C THR G 81 32.17 -27.47 26.29
N SER G 82 32.40 -27.60 27.59
CA SER G 82 32.68 -26.44 28.43
C SER G 82 33.97 -25.75 28.00
N LEU G 83 35.00 -26.54 27.67
CA LEU G 83 36.25 -25.96 27.22
C LEU G 83 36.07 -25.22 25.90
N ILE G 84 35.31 -25.81 24.97
CA ILE G 84 35.04 -25.13 23.70
C ILE G 84 34.29 -23.82 23.95
N ALA G 85 33.29 -23.86 24.84
CA ALA G 85 32.52 -22.65 25.15
C ALA G 85 33.41 -21.58 25.76
N VAL G 86 34.29 -21.94 26.69
CA VAL G 86 35.15 -20.95 27.32
C VAL G 86 36.14 -20.38 26.31
N ILE G 87 36.65 -21.22 25.41
CA ILE G 87 37.57 -20.73 24.37
C ILE G 87 36.86 -19.73 23.48
N LEU G 88 35.63 -20.06 23.04
CA LEU G 88 34.89 -19.15 22.19
C LEU G 88 34.56 -17.85 22.92
N THR G 89 34.22 -17.94 24.20
CA THR G 89 33.94 -16.74 24.97
C THR G 89 35.17 -15.85 25.10
N ILE G 90 36.33 -16.47 25.33
CA ILE G 90 37.57 -15.69 25.43
C ILE G 90 37.88 -15.02 24.10
N LYS G 91 37.71 -15.74 23.00
CA LYS G 91 37.95 -15.15 21.69
C LYS G 91 37.00 -13.99 21.42
N LEU G 92 35.71 -14.16 21.77
CA LEU G 92 34.75 -13.09 21.57
C LEU G 92 35.09 -11.88 22.42
N PHE G 93 35.52 -12.10 23.67
CA PHE G 93 35.91 -10.98 24.52
C PHE G 93 37.12 -10.25 23.96
N LEU G 94 38.10 -11.01 23.44
CA LEU G 94 39.26 -10.38 22.82
C LEU G 94 38.84 -9.55 21.60
N LEU G 95 37.95 -10.10 20.78
CA LEU G 95 37.47 -9.35 19.62
C LEU G 95 36.75 -8.08 20.04
N ILE G 96 35.92 -8.16 21.09
CA ILE G 96 35.20 -6.99 21.57
C ILE G 96 36.19 -5.94 22.08
N ASN G 97 37.22 -6.37 22.81
CA ASN G 97 38.21 -5.42 23.30
C ASN G 97 38.96 -4.77 22.14
N GLN G 98 39.30 -5.55 21.11
CA GLN G 98 39.97 -4.98 19.94
C GLN G 98 39.07 -3.96 19.25
N PHE G 99 37.78 -4.27 19.11
CA PHE G 99 36.85 -3.33 18.50
C PHE G 99 36.73 -2.05 19.31
N GLU G 100 36.67 -2.18 20.63
CA GLU G 100 36.61 -1.01 21.50
C GLU G 100 37.86 -0.15 21.35
N LYS G 101 39.03 -0.79 21.31
CA LYS G 101 40.27 -0.04 21.12
C LYS G 101 40.28 0.67 19.78
N GLN G 102 39.84 0.00 18.73
CA GLN G 102 39.79 0.63 17.41
C GLN G 102 38.84 1.83 17.41
N GLN G 103 37.68 1.68 18.03
CA GLN G 103 36.73 2.79 18.10
C GLN G 103 37.30 3.96 18.88
N ALA G 104 37.94 3.67 20.03
CA ALA G 104 38.53 4.73 20.84
C ALA G 104 39.62 5.47 20.06
N ALA G 105 40.47 4.71 19.35
CA ALA G 105 41.51 5.34 18.54
C ALA G 105 40.93 6.25 17.46
N LYS G 106 39.68 6.03 17.06
CA LYS G 106 39.03 6.86 16.05
C LYS G 106 38.07 7.88 16.64
N GLY G 107 37.82 7.83 17.96
CA GLY G 107 36.95 8.81 18.59
C GLY G 107 35.54 8.32 18.81
N ARG G 108 35.19 8.05 20.07
CA ARG G 108 33.85 7.60 20.43
C ARG G 108 33.56 7.98 21.86
N ASP G 109 32.28 8.18 22.18
CA ASP G 109 31.89 8.52 23.53
C ASP G 109 32.21 7.37 24.48
N ILE G 110 32.75 7.72 25.66
CA ILE G 110 33.19 6.69 26.60
C ILE G 110 32.01 5.88 27.12
N THR G 111 30.96 6.56 27.58
CA THR G 111 29.82 5.87 28.19
C THR G 111 28.99 5.09 27.17
N SER G 112 28.67 5.70 26.03
CA SER G 112 27.83 5.04 25.05
C SER G 112 28.52 3.80 24.48
N ALA G 113 29.81 3.89 24.18
CA ALA G 113 30.54 2.75 23.64
C ALA G 113 30.55 1.59 24.62
N ARG G 114 30.81 1.88 25.90
CA ARG G 114 30.84 0.82 26.89
C ARG G 114 29.46 0.21 27.12
N ILE G 115 28.41 1.05 27.09
CA ILE G 115 27.05 0.53 27.22
C ILE G 115 26.72 -0.39 26.04
N MET G 116 27.10 0.03 24.83
CA MET G 116 26.84 -0.80 23.65
C MET G 116 27.60 -2.12 23.74
N SER G 117 28.85 -2.08 24.22
CA SER G 117 29.60 -3.32 24.40
C SER G 117 28.92 -4.22 25.42
N ARG G 118 28.45 -3.64 26.52
CA ARG G 118 27.77 -4.44 27.55
C ARG G 118 26.52 -5.11 26.97
N ILE G 119 25.73 -4.35 26.22
CA ILE G 119 24.52 -4.92 25.63
C ILE G 119 24.88 -5.99 24.59
N ILE G 120 25.95 -5.78 23.84
CA ILE G 120 26.38 -6.77 22.85
C ILE G 120 26.75 -8.08 23.54
N LYS G 121 27.51 -8.00 24.63
CA LYS G 121 27.90 -9.24 25.31
C LYS G 121 26.71 -9.86 26.04
N ILE G 122 25.74 -9.05 26.46
CA ILE G 122 24.52 -9.61 27.02
C ILE G 122 23.77 -10.42 25.97
N THR G 123 23.66 -9.86 24.76
CA THR G 123 23.03 -10.61 23.67
C THR G 123 23.83 -11.87 23.34
N ILE G 124 25.15 -11.79 23.39
CA ILE G 124 25.98 -12.97 23.13
C ILE G 124 25.70 -14.04 24.18
N ILE G 125 25.60 -13.65 25.45
CA ILE G 125 25.29 -14.61 26.49
C ILE G 125 23.92 -15.24 26.26
N VAL G 126 22.95 -14.41 25.85
CA VAL G 126 21.61 -14.93 25.58
C VAL G 126 21.65 -15.96 24.46
N VAL G 127 22.37 -15.66 23.38
CA VAL G 127 22.43 -16.59 22.25
C VAL G 127 23.17 -17.86 22.65
N LEU G 128 24.22 -17.73 23.47
CA LEU G 128 24.94 -18.92 23.93
C LEU G 128 24.03 -19.81 24.78
N VAL G 129 23.23 -19.19 25.66
CA VAL G 129 22.30 -19.97 26.47
C VAL G 129 21.27 -20.66 25.57
N LEU G 130 20.78 -19.94 24.55
CA LEU G 130 19.81 -20.55 23.64
C LEU G 130 20.42 -21.73 22.90
N LEU G 131 21.67 -21.61 22.46
CA LEU G 131 22.31 -22.72 21.74
C LEU G 131 22.47 -23.93 22.65
N TYR G 132 22.87 -23.71 23.90
CA TYR G 132 23.09 -24.83 24.82
C TYR G 132 21.79 -25.56 25.10
N GLY G 133 21.88 -26.88 25.23
CA GLY G 133 20.73 -27.72 25.49
C GLY G 133 20.55 -27.99 26.97
N GLU G 134 19.87 -29.10 27.26
CA GLU G 134 19.62 -29.47 28.64
C GLU G 134 20.92 -29.79 29.38
N HIS G 135 21.96 -30.20 28.65
CA HIS G 135 23.24 -30.50 29.29
C HIS G 135 23.83 -29.28 29.97
N PHE G 136 23.72 -28.11 29.34
CA PHE G 136 24.22 -26.85 29.90
C PHE G 136 23.02 -26.00 30.27
N GLY G 137 22.62 -26.07 31.54
CA GLY G 137 21.45 -25.32 31.98
C GLY G 137 20.22 -25.72 31.19
N MET G 138 19.44 -24.73 30.77
CA MET G 138 18.24 -24.95 29.98
C MET G 138 18.32 -24.15 28.69
N SER G 139 17.87 -24.76 27.60
CA SER G 139 17.94 -24.10 26.29
C SER G 139 17.12 -22.83 26.26
N LEU G 140 15.93 -22.83 26.88
CA LEU G 140 15.04 -21.68 26.89
C LEU G 140 14.55 -21.34 25.48
N SER G 141 14.46 -22.36 24.62
CA SER G 141 13.99 -22.12 23.25
C SER G 141 12.55 -21.64 23.25
N GLY G 142 11.70 -22.22 24.10
CA GLY G 142 10.31 -21.81 24.13
C GLY G 142 10.14 -20.35 24.49
N LEU G 143 10.93 -19.86 25.46
CA LEU G 143 10.84 -18.45 25.84
C LEU G 143 11.14 -17.54 24.66
N LEU G 144 12.21 -17.85 23.91
CA LEU G 144 12.53 -17.06 22.73
C LEU G 144 11.48 -17.24 21.64
N THR G 145 10.88 -18.43 21.55
CA THR G 145 9.82 -18.70 20.58
C THR G 145 8.43 -18.64 21.22
N PHE G 146 8.30 -17.95 22.35
CA PHE G 146 7.00 -17.88 23.03
C PHE G 146 5.94 -17.28 22.13
N GLY G 147 6.26 -16.19 21.44
CA GLY G 147 5.34 -15.58 20.50
C GLY G 147 6.03 -15.14 19.22
N GLY G 148 7.18 -15.73 18.93
CA GLY G 148 7.95 -15.33 17.77
C GLY G 148 8.78 -14.08 17.97
N ILE G 149 9.03 -13.68 19.21
CA ILE G 149 9.79 -12.46 19.45
C ILE G 149 11.19 -12.56 18.84
N GLY G 150 11.89 -13.65 19.13
CA GLY G 150 13.20 -13.85 18.53
C GLY G 150 13.15 -13.96 17.02
N GLY G 151 12.13 -14.65 16.51
CA GLY G 151 11.99 -14.77 15.08
C GLY G 151 11.84 -13.42 14.40
N LEU G 152 10.94 -12.59 14.91
CA LEU G 152 10.75 -11.26 14.34
C LEU G 152 11.99 -10.40 14.49
N ALA G 153 12.64 -10.47 15.66
CA ALA G 153 13.84 -9.66 15.88
C ALA G 153 14.93 -10.01 14.89
N VAL G 154 15.14 -11.31 14.64
CA VAL G 154 16.12 -11.71 13.64
C VAL G 154 15.67 -11.31 12.24
N GLY G 155 14.39 -11.54 11.93
CA GLY G 155 13.93 -11.34 10.57
C GLY G 155 14.02 -9.90 10.12
N MET G 156 13.55 -8.95 10.94
CA MET G 156 13.53 -7.56 10.51
C MET G 156 14.96 -7.03 10.32
N ALA G 157 15.85 -7.30 11.29
CA ALA G 157 17.22 -6.83 11.17
C ALA G 157 17.91 -7.45 9.96
N GLY G 158 17.74 -8.76 9.77
CA GLY G 158 18.34 -9.40 8.61
C GLY G 158 17.81 -8.84 7.30
N LYS G 159 16.51 -8.59 7.23
CA LYS G 159 15.93 -8.05 6.00
C LYS G 159 16.51 -6.68 5.69
N ASP G 160 16.57 -5.80 6.70
CA ASP G 160 17.12 -4.47 6.47
C ASP G 160 18.58 -4.54 6.02
N ILE G 161 19.41 -5.28 6.77
CA ILE G 161 20.83 -5.33 6.47
C ILE G 161 21.06 -5.93 5.08
N LEU G 162 20.37 -7.03 4.78
CA LEU G 162 20.57 -7.68 3.49
C LEU G 162 20.08 -6.81 2.34
N SER G 163 18.96 -6.11 2.53
CA SER G 163 18.47 -5.23 1.47
C SER G 163 19.51 -4.16 1.15
N ASN G 164 20.03 -3.50 2.19
CA ASN G 164 21.02 -2.46 1.92
C ASN G 164 22.29 -3.02 1.29
N PHE G 165 22.76 -4.17 1.79
CA PHE G 165 23.99 -4.76 1.27
C PHE G 165 23.83 -5.16 -0.19
N PHE G 166 22.71 -5.79 -0.54
CA PHE G 166 22.49 -6.22 -1.90
C PHE G 166 22.29 -5.02 -2.83
N SER G 167 21.64 -3.96 -2.33
CA SER G 167 21.54 -2.75 -3.13
C SER G 167 22.91 -2.17 -3.44
N GLY G 168 23.81 -2.17 -2.44
CA GLY G 168 25.16 -1.71 -2.69
C GLY G 168 25.90 -2.58 -3.70
N ILE G 169 25.71 -3.89 -3.61
CA ILE G 169 26.36 -4.80 -4.56
C ILE G 169 25.86 -4.53 -5.97
N MET G 170 24.55 -4.36 -6.12
CA MET G 170 23.99 -4.07 -7.44
C MET G 170 24.45 -2.72 -7.97
N LEU G 171 24.61 -1.75 -7.07
CA LEU G 171 25.17 -0.46 -7.48
C LEU G 171 26.59 -0.64 -8.02
N TYR G 172 27.40 -1.46 -7.35
CA TYR G 172 28.75 -1.70 -7.83
C TYR G 172 28.73 -2.39 -9.19
N PHE G 173 27.85 -3.37 -9.38
CA PHE G 173 27.88 -4.14 -10.61
C PHE G 173 27.30 -3.36 -11.80
N ASP G 174 26.19 -2.65 -11.61
CA ASP G 174 25.58 -1.92 -12.71
C ASP G 174 26.34 -0.65 -13.07
N ARG G 175 26.91 0.02 -12.08
CA ARG G 175 27.67 1.25 -12.29
C ARG G 175 26.83 2.38 -12.87
N PRO G 176 25.68 2.70 -12.27
CA PRO G 176 24.95 3.89 -12.71
C PRO G 176 25.73 5.17 -12.51
N PHE G 177 26.60 5.23 -11.50
CA PHE G 177 27.40 6.42 -11.23
C PHE G 177 28.67 6.00 -10.50
N SER G 178 29.62 6.92 -10.45
CA SER G 178 30.90 6.72 -9.79
C SER G 178 31.16 7.87 -8.83
N ILE G 179 32.27 7.78 -8.09
CA ILE G 179 32.63 8.84 -7.16
C ILE G 179 32.92 10.13 -7.92
N GLY G 180 32.39 11.23 -7.43
CA GLY G 180 32.58 12.51 -8.08
C GLY G 180 31.65 12.78 -9.24
N ASP G 181 30.52 12.07 -9.32
CA ASP G 181 29.58 12.21 -10.43
C ASP G 181 28.35 12.97 -9.95
N TRP G 182 27.92 13.95 -10.75
CA TRP G 182 26.69 14.68 -10.47
C TRP G 182 25.51 13.84 -10.91
N ILE G 183 24.59 13.56 -9.98
CA ILE G 183 23.46 12.68 -10.24
C ILE G 183 22.18 13.32 -9.73
N ARG G 184 21.06 12.81 -10.23
CA ARG G 184 19.73 13.24 -9.79
C ARG G 184 18.73 12.18 -10.21
N SER G 185 17.49 12.34 -9.72
CA SER G 185 16.43 11.38 -10.01
C SER G 185 15.10 12.10 -10.13
N PRO G 186 14.33 11.85 -11.19
CA PRO G 186 12.99 12.46 -11.29
C PRO G 186 12.00 11.93 -10.27
N ASP G 187 12.28 10.78 -9.64
CA ASP G 187 11.34 10.20 -8.69
C ASP G 187 11.47 10.85 -7.32
N ARG G 188 12.67 10.84 -6.76
CA ARG G 188 12.97 11.52 -5.49
C ARG G 188 14.25 12.32 -5.66
N ASN G 189 14.41 13.35 -4.85
CA ASN G 189 15.55 14.24 -4.98
C ASN G 189 16.76 13.69 -4.24
N ILE G 190 17.86 13.52 -4.97
CA ILE G 190 19.12 13.07 -4.42
C ILE G 190 20.24 13.91 -5.02
N GLU G 191 19.87 15.04 -5.62
CA GLU G 191 20.80 15.80 -6.44
C GLU G 191 22.05 16.20 -5.64
N GLY G 192 23.19 16.09 -6.28
CA GLY G 192 24.45 16.39 -5.64
C GLY G 192 25.57 15.61 -6.31
N THR G 193 26.75 15.73 -5.73
CA THR G 193 27.94 15.03 -6.21
C THR G 193 28.24 13.87 -5.28
N VAL G 194 28.42 12.67 -5.86
CA VAL G 194 28.69 11.49 -5.06
C VAL G 194 30.05 11.63 -4.39
N ALA G 195 30.08 11.41 -3.07
CA ALA G 195 31.30 11.53 -2.29
C ALA G 195 31.89 10.18 -1.91
N GLU G 196 31.07 9.21 -1.55
CA GLU G 196 31.54 7.88 -1.20
C GLU G 196 30.38 6.90 -1.26
N ILE G 197 30.70 5.66 -1.60
CA ILE G 197 29.69 4.60 -1.74
C ILE G 197 30.06 3.52 -0.74
N GLY G 198 29.45 3.58 0.45
CA GLY G 198 29.71 2.58 1.47
C GLY G 198 28.89 1.33 1.27
N TRP G 199 29.16 0.34 2.12
CA TRP G 199 28.44 -0.92 2.05
C TRP G 199 26.97 -0.77 2.44
N ARG G 200 26.63 0.25 3.20
CA ARG G 200 25.27 0.45 3.68
C ARG G 200 24.68 1.79 3.28
N ILE G 201 25.46 2.87 3.31
CA ILE G 201 24.97 4.22 3.07
C ILE G 201 25.83 4.88 2.01
N THR G 202 25.20 5.63 1.11
CA THR G 202 25.88 6.40 0.10
C THR G 202 25.84 7.87 0.49
N LYS G 203 27.01 8.51 0.52
CA LYS G 203 27.12 9.92 0.90
C LYS G 203 27.16 10.79 -0.34
N ILE G 204 26.30 11.81 -0.38
CA ILE G 204 26.19 12.72 -1.50
C ILE G 204 26.39 14.14 -0.98
N THR G 205 27.25 14.89 -1.66
CA THR G 205 27.53 16.29 -1.31
C THR G 205 26.63 17.18 -2.16
N THR G 206 25.65 17.81 -1.52
CA THR G 206 24.76 18.71 -2.25
C THR G 206 25.54 19.93 -2.72
N PHE G 207 24.89 20.74 -3.56
CA PHE G 207 25.51 21.95 -4.08
C PHE G 207 25.57 23.07 -3.06
N ASP G 208 24.98 22.87 -1.88
CA ASP G 208 25.17 23.77 -0.75
C ASP G 208 26.39 23.40 0.09
N ASN G 209 27.10 22.33 -0.28
CA ASN G 209 28.24 21.82 0.50
C ASN G 209 27.77 21.25 1.84
N ARG G 210 26.68 20.48 1.79
CA ARG G 210 26.17 19.79 2.97
C ARG G 210 26.07 18.29 2.70
N PRO G 211 26.43 17.46 3.66
CA PRO G 211 26.32 16.01 3.44
C PRO G 211 24.87 15.57 3.33
N LEU G 212 24.65 14.54 2.51
CA LEU G 212 23.35 13.91 2.35
C LEU G 212 23.54 12.41 2.36
N TYR G 213 22.96 11.74 3.35
CA TYR G 213 23.13 10.30 3.55
C TYR G 213 21.91 9.58 3.00
N VAL G 214 22.11 8.78 1.96
CA VAL G 214 21.05 8.06 1.27
C VAL G 214 21.29 6.57 1.48
N PRO G 215 20.36 5.85 2.10
CA PRO G 215 20.51 4.38 2.18
C PRO G 215 20.56 3.76 0.80
N ASN G 216 21.39 2.72 0.68
CA ASN G 216 21.61 2.10 -0.64
C ASN G 216 20.33 1.54 -1.22
N SER G 217 19.40 1.08 -0.37
CA SER G 217 18.18 0.46 -0.86
C SER G 217 17.28 1.45 -1.59
N LEU G 218 17.46 2.75 -1.38
CA LEU G 218 16.61 3.74 -2.04
C LEU G 218 16.87 3.83 -3.53
N PHE G 219 18.01 3.34 -4.01
CA PHE G 219 18.33 3.31 -5.43
C PHE G 219 17.77 2.09 -6.14
N SER G 220 17.09 1.20 -5.42
CA SER G 220 16.70 -0.08 -5.99
C SER G 220 15.78 0.09 -7.19
N SER G 221 14.68 0.84 -7.02
CA SER G 221 13.68 1.01 -8.08
C SER G 221 13.40 2.49 -8.28
N ILE G 222 14.26 3.14 -9.06
CA ILE G 222 14.07 4.54 -9.44
C ILE G 222 14.92 4.78 -10.68
N SER G 223 14.55 5.79 -11.46
CA SER G 223 15.35 6.22 -12.59
C SER G 223 16.44 7.17 -12.10
N VAL G 224 17.68 6.85 -12.44
CA VAL G 224 18.83 7.66 -12.01
C VAL G 224 19.40 8.37 -13.24
N GLU G 225 19.50 9.69 -13.15
CA GLU G 225 20.12 10.49 -14.19
C GLU G 225 21.54 10.83 -13.79
N ASN G 226 22.42 10.92 -14.79
CA ASN G 226 23.84 11.18 -14.57
C ASN G 226 24.27 12.36 -15.43
N PRO G 227 23.96 13.59 -14.99
CA PRO G 227 24.43 14.76 -15.73
C PRO G 227 25.94 14.84 -15.84
N GLY G 228 26.68 14.26 -14.89
CA GLY G 228 28.13 14.24 -14.98
C GLY G 228 28.67 13.48 -16.17
N ARG G 229 27.83 12.68 -16.82
CA ARG G 229 28.21 11.95 -18.02
C ARG G 229 27.65 12.57 -19.29
N MET G 230 27.15 13.79 -19.23
CA MET G 230 26.57 14.43 -20.40
C MET G 230 27.63 14.66 -21.47
N THR G 231 27.19 14.66 -22.73
CA THR G 231 28.06 14.89 -23.87
C THR G 231 27.99 16.32 -24.39
N ASN G 232 26.99 17.09 -24.00
CA ASN G 232 26.83 18.45 -24.47
C ASN G 232 26.00 19.24 -23.46
N ARG G 233 26.06 20.55 -23.58
CA ARG G 233 25.25 21.46 -22.77
C ARG G 233 24.29 22.21 -23.68
N ARG G 234 23.02 22.21 -23.32
CA ARG G 234 21.97 22.79 -24.16
C ARG G 234 21.79 24.27 -23.87
N ILE G 235 21.42 25.01 -24.92
CA ILE G 235 21.10 26.43 -24.81
C ILE G 235 19.71 26.64 -25.39
N THR G 236 18.80 27.15 -24.57
CA THR G 236 17.43 27.41 -24.99
C THR G 236 17.00 28.78 -24.51
N THR G 237 16.24 29.48 -25.34
CA THR G 237 15.74 30.81 -24.99
C THR G 237 14.59 31.15 -25.91
N THR G 238 13.87 32.22 -25.57
CA THR G 238 12.76 32.71 -26.37
C THR G 238 12.94 34.19 -26.63
N ILE G 239 12.67 34.60 -27.87
CA ILE G 239 12.75 35.99 -28.28
C ILE G 239 11.34 36.50 -28.49
N GLY G 240 10.91 37.45 -27.66
CA GLY G 240 9.57 38.00 -27.77
C GLY G 240 9.54 39.35 -28.42
N LEU G 241 9.10 39.40 -29.67
CA LEU G 241 9.02 40.64 -30.42
C LEU G 241 7.63 41.26 -30.32
N ARG G 242 7.57 42.57 -30.54
CA ARG G 242 6.29 43.27 -30.52
C ARG G 242 5.43 42.85 -31.70
N TYR G 243 4.11 42.95 -31.51
CA TYR G 243 3.19 42.56 -32.57
C TYR G 243 3.36 43.45 -33.80
N GLU G 244 3.82 44.68 -33.62
CA GLU G 244 4.05 45.57 -34.75
C GLU G 244 5.30 45.21 -35.55
N ASP G 245 6.12 44.27 -35.04
CA ASP G 245 7.33 43.84 -35.73
C ASP G 245 7.14 42.53 -36.48
N ALA G 246 5.92 42.26 -36.95
CA ALA G 246 5.65 41.01 -37.64
C ALA G 246 6.26 40.96 -39.04
N ALA G 247 6.58 42.10 -39.63
CA ALA G 247 7.12 42.12 -40.98
C ALA G 247 8.58 41.71 -41.04
N LYS G 248 9.31 41.76 -39.92
CA LYS G 248 10.72 41.45 -39.89
C LYS G 248 11.03 40.12 -39.19
N VAL G 249 10.00 39.33 -38.89
CA VAL G 249 10.23 38.07 -38.18
C VAL G 249 11.10 37.14 -39.02
N GLY G 250 10.81 37.02 -40.31
CA GLY G 250 11.60 36.13 -41.14
C GLY G 250 13.05 36.54 -41.24
N VAL G 251 13.31 37.83 -41.44
CA VAL G 251 14.68 38.31 -41.54
C VAL G 251 15.41 38.11 -40.23
N ILE G 252 14.75 38.39 -39.10
CA ILE G 252 15.39 38.22 -37.81
C ILE G 252 15.73 36.75 -37.57
N VAL G 253 14.79 35.85 -37.91
CA VAL G 253 15.05 34.43 -37.72
C VAL G 253 16.23 33.98 -38.57
N GLU G 254 16.27 34.42 -39.83
CA GLU G 254 17.38 34.04 -40.70
C GLU G 254 18.70 34.57 -40.16
N ALA G 255 18.72 35.81 -39.69
CA ALA G 255 19.96 36.37 -39.14
C ALA G 255 20.41 35.61 -37.91
N VAL G 256 19.49 35.28 -37.02
CA VAL G 256 19.86 34.55 -35.80
C VAL G 256 20.38 33.17 -36.15
N ARG G 257 19.74 32.48 -37.10
CA ARG G 257 20.22 31.16 -37.50
C ARG G 257 21.60 31.24 -38.12
N GLU G 258 21.84 32.24 -38.98
CA GLU G 258 23.15 32.40 -39.58
C GLU G 258 24.21 32.68 -38.52
N MET G 259 23.89 33.53 -37.54
CA MET G 259 24.84 33.81 -36.47
C MET G 259 25.16 32.54 -35.69
N LEU G 260 24.14 31.75 -35.37
CA LEU G 260 24.37 30.51 -34.62
C LEU G 260 25.20 29.52 -35.41
N LYS G 261 25.00 29.45 -36.74
CA LYS G 261 25.73 28.48 -37.54
C LYS G 261 27.21 28.80 -37.66
N ASN G 262 27.61 30.05 -37.39
CA ASN G 262 29.01 30.46 -37.52
C ASN G 262 29.68 30.67 -36.17
N HIS G 263 29.04 30.31 -35.08
CA HIS G 263 29.63 30.52 -33.76
C HIS G 263 30.61 29.39 -33.46
N PRO G 264 31.86 29.71 -33.12
CA PRO G 264 32.84 28.64 -32.85
C PRO G 264 32.48 27.77 -31.66
N ALA G 265 31.66 28.26 -30.74
CA ALA G 265 31.36 27.49 -29.53
C ALA G 265 30.16 26.56 -29.69
N ILE G 266 29.45 26.64 -30.81
CA ILE G 266 28.26 25.84 -31.03
C ILE G 266 28.63 24.55 -31.74
N ASP G 267 27.98 23.46 -31.37
CA ASP G 267 28.20 22.16 -31.98
C ASP G 267 27.29 22.01 -33.20
N GLN G 268 27.89 21.93 -34.39
CA GLN G 268 27.12 21.88 -35.62
C GLN G 268 26.52 20.51 -35.89
N ARG G 269 26.95 19.46 -35.18
CA ARG G 269 26.41 18.14 -35.39
C ARG G 269 25.16 17.86 -34.55
N GLN G 270 24.81 18.75 -33.64
CA GLN G 270 23.65 18.58 -32.78
C GLN G 270 22.46 19.35 -33.35
N THR G 271 21.34 19.29 -32.63
CA THR G 271 20.14 20.01 -33.06
C THR G 271 20.37 21.52 -33.04
N LEU G 272 19.80 22.20 -34.02
CA LEU G 272 19.95 23.66 -34.13
C LEU G 272 18.69 24.20 -34.79
N LEU G 273 17.78 24.75 -33.99
CA LEU G 273 16.48 25.19 -34.47
C LEU G 273 16.25 26.65 -34.09
N VAL G 274 15.75 27.43 -35.04
CA VAL G 274 15.36 28.81 -34.81
C VAL G 274 14.14 29.09 -35.69
N TYR G 275 12.96 29.15 -35.08
CA TYR G 275 11.72 29.31 -35.84
C TYR G 275 10.72 30.14 -35.04
N PHE G 276 9.84 30.82 -35.78
CA PHE G 276 8.71 31.48 -35.16
C PHE G 276 7.75 30.43 -34.60
N ASN G 277 7.60 30.40 -33.28
CA ASN G 277 7.00 29.26 -32.60
C ASN G 277 5.50 29.43 -32.35
N GLN G 278 5.09 30.49 -31.65
CA GLN G 278 3.71 30.59 -31.22
C GLN G 278 3.35 32.03 -30.95
N PHE G 279 2.04 32.30 -30.96
CA PHE G 279 1.50 33.59 -30.54
C PHE G 279 1.41 33.64 -29.03
N ALA G 280 1.82 34.77 -28.46
CA ALA G 280 1.76 35.00 -27.02
C ALA G 280 0.73 36.08 -26.73
N ASP G 281 0.54 36.35 -25.44
CA ASP G 281 -0.45 37.34 -25.04
C ASP G 281 -0.08 38.73 -25.58
N SER G 282 1.20 39.09 -25.52
CA SER G 282 1.62 40.41 -25.97
C SER G 282 2.91 40.39 -26.77
N SER G 283 3.27 39.26 -27.37
CA SER G 283 4.49 39.19 -28.15
C SER G 283 4.44 38.00 -29.10
N LEU G 284 5.29 38.04 -30.12
CA LEU G 284 5.47 36.93 -31.05
C LEU G 284 6.77 36.22 -30.68
N ASN G 285 6.67 34.97 -30.24
CA ASN G 285 7.81 34.26 -29.68
C ASN G 285 8.58 33.51 -30.74
N ILE G 286 9.91 33.54 -30.62
CA ILE G 286 10.82 32.82 -31.49
C ILE G 286 11.66 31.89 -30.61
N MET G 287 11.70 30.61 -30.95
CA MET G 287 12.42 29.63 -30.17
C MET G 287 13.86 29.52 -30.63
N VAL G 288 14.76 29.29 -29.68
CA VAL G 288 16.18 29.06 -29.95
C VAL G 288 16.58 27.75 -29.27
N TYR G 289 17.28 26.89 -30.01
CA TYR G 289 17.58 25.54 -29.55
C TYR G 289 18.89 25.11 -30.17
N CYS G 290 19.92 24.94 -29.36
CA CYS G 290 21.24 24.56 -29.85
C CYS G 290 22.03 23.93 -28.71
N PHE G 291 23.22 23.44 -29.04
CA PHE G 291 24.11 22.79 -28.08
C PHE G 291 25.50 23.38 -28.20
N THR G 292 26.27 23.30 -27.12
CA THR G 292 27.64 23.75 -27.08
C THR G 292 28.59 22.57 -27.04
N LYS G 293 29.78 22.75 -27.64
CA LYS G 293 30.77 21.69 -27.66
C LYS G 293 31.26 21.35 -26.26
N THR G 294 31.48 22.36 -25.44
CA THR G 294 32.03 22.14 -24.10
C THR G 294 30.96 21.70 -23.12
N THR G 295 31.40 20.98 -22.09
CA THR G 295 30.52 20.57 -20.99
C THR G 295 30.90 21.24 -19.67
N VAL G 296 31.80 22.21 -19.70
CA VAL G 296 32.24 22.89 -18.49
C VAL G 296 31.24 23.99 -18.13
N TRP G 297 31.02 24.17 -16.83
CA TRP G 297 30.02 25.12 -16.36
C TRP G 297 30.35 26.54 -16.80
N ALA G 298 31.56 27.00 -16.49
CA ALA G 298 31.91 28.39 -16.76
C ALA G 298 31.97 28.67 -18.26
N GLU G 299 32.55 27.76 -19.04
CA GLU G 299 32.63 27.97 -20.48
C GLU G 299 31.23 27.99 -21.11
N TRP G 300 30.36 27.08 -20.67
CA TRP G 300 29.00 27.09 -21.18
C TRP G 300 28.28 28.40 -20.85
N LEU G 301 28.44 28.89 -19.61
CA LEU G 301 27.80 30.14 -19.25
C LEU G 301 28.34 31.30 -20.07
N ALA G 302 29.65 31.34 -20.30
CA ALA G 302 30.24 32.41 -21.10
C ALA G 302 29.72 32.37 -22.53
N ALA G 303 29.65 31.17 -23.12
CA ALA G 303 29.12 31.05 -24.48
C ALA G 303 27.66 31.50 -24.53
N GLN G 304 26.86 31.12 -23.53
CA GLN G 304 25.48 31.54 -23.48
C GLN G 304 25.36 33.06 -23.42
N GLN G 305 26.17 33.69 -22.58
CA GLN G 305 26.13 35.15 -22.47
C GLN G 305 26.51 35.81 -23.80
N ASP G 306 27.55 35.29 -24.45
CA ASP G 306 27.94 35.85 -25.75
C ASP G 306 26.82 35.71 -26.76
N VAL G 307 26.17 34.55 -26.81
CA VAL G 307 25.07 34.33 -27.75
C VAL G 307 23.93 35.29 -27.47
N TYR G 308 23.59 35.49 -26.18
CA TYR G 308 22.51 36.39 -25.83
C TYR G 308 22.83 37.82 -26.25
N LEU G 309 24.07 38.26 -26.02
CA LEU G 309 24.44 39.62 -26.43
C LEU G 309 24.36 39.77 -27.95
N LYS G 310 24.82 38.76 -28.69
CA LYS G 310 24.72 38.82 -30.14
C LYS G 310 23.26 38.88 -30.60
N ILE G 311 22.39 38.10 -29.95
CA ILE G 311 20.97 38.13 -30.31
C ILE G 311 20.38 39.51 -30.06
N ILE G 312 20.72 40.12 -28.93
CA ILE G 312 20.24 41.46 -28.64
C ILE G 312 20.71 42.44 -29.71
N ASP G 313 21.98 42.35 -30.08
CA ASP G 313 22.51 43.25 -31.11
C ASP G 313 21.76 43.06 -32.43
N ILE G 314 21.51 41.81 -32.83
CA ILE G 314 20.83 41.55 -34.10
C ILE G 314 19.42 42.13 -34.06
N VAL G 315 18.69 41.87 -32.98
CA VAL G 315 17.32 42.37 -32.89
C VAL G 315 17.29 43.89 -32.95
N GLN G 316 18.19 44.54 -32.21
CA GLN G 316 18.22 46.01 -32.24
C GLN G 316 18.57 46.52 -33.63
N SER G 317 19.53 45.88 -34.31
CA SER G 317 19.97 46.37 -35.60
C SER G 317 18.91 46.20 -36.68
N HIS G 318 18.09 45.15 -36.59
CA HIS G 318 17.08 44.92 -37.62
C HIS G 318 15.84 45.78 -37.45
N GLY G 319 15.81 46.67 -36.47
CA GLY G 319 14.71 47.60 -36.30
C GLY G 319 13.60 47.15 -35.38
N ALA G 320 13.62 45.91 -34.92
CA ALA G 320 12.61 45.40 -34.01
C ALA G 320 12.98 45.76 -32.58
N ASP G 321 12.21 45.23 -31.62
CA ASP G 321 12.48 45.45 -30.21
C ASP G 321 11.77 44.38 -29.40
N PHE G 322 12.24 44.20 -28.16
CA PHE G 322 11.61 43.26 -27.24
C PHE G 322 10.34 43.86 -26.68
N ALA G 323 9.35 43.00 -26.46
CA ALA G 323 8.02 43.44 -26.05
C ALA G 323 7.85 43.32 -24.55
N PHE G 324 7.38 44.40 -23.92
CA PHE G 324 6.97 44.38 -22.53
C PHE G 324 5.56 43.84 -22.41
N PRO G 325 5.18 43.31 -21.25
CA PRO G 325 3.78 42.92 -21.05
C PRO G 325 2.83 44.06 -21.36
N SER G 326 2.02 43.91 -22.39
CA SER G 326 1.17 44.99 -22.90
C SER G 326 -0.25 44.85 -22.38
N GLN G 327 -1.03 45.91 -22.59
CA GLN G 327 -2.40 45.96 -22.08
C GLN G 327 -3.13 47.10 -22.76
N THR G 328 -4.40 46.88 -23.09
CA THR G 328 -5.25 47.91 -23.69
C THR G 328 -6.26 48.39 -22.65
N LEU G 329 -6.31 49.71 -22.45
CA LEU G 329 -7.13 50.30 -21.41
C LEU G 329 -8.20 51.20 -22.03
N TYR G 330 -9.44 50.99 -21.61
CA TYR G 330 -10.58 51.79 -22.05
C TYR G 330 -10.98 52.70 -20.90
N MET G 331 -10.65 53.98 -21.04
CA MET G 331 -10.89 54.95 -19.96
C MET G 331 -12.33 55.42 -19.97
N ASP G 332 -12.82 55.79 -18.80
CA ASP G 332 -14.18 56.27 -18.65
C ASP G 332 -14.27 57.42 -17.65
C1 D12 H . 30.55 -11.34 -24.08
C2 D12 H . 30.41 -12.08 -22.75
C3 D12 H . 29.20 -13.02 -22.73
C4 D12 H . 29.03 -13.73 -21.39
C5 D12 H . 27.75 -14.55 -21.30
C6 D12 H . 27.55 -15.18 -19.93
C7 D12 H . 26.20 -15.86 -19.75
C8 D12 H . 25.95 -16.30 -18.32
C9 D12 H . 24.63 -17.05 -18.13
C10 D12 H . 24.40 -17.48 -16.69
C11 D12 H . 23.10 -18.26 -16.50
C12 D12 H . 22.87 -18.64 -15.04
H11 D12 H . 29.77 -10.78 -24.26
H12 D12 H . 31.32 -10.77 -24.09
H13 D12 H . 30.63 -11.96 -24.82
H21 D12 H . 31.21 -12.59 -22.59
H22 D12 H . 30.32 -11.44 -22.03
H31 D12 H . 28.40 -12.52 -22.94
H32 D12 H . 29.29 -13.68 -23.43
H41 D12 H . 29.79 -14.30 -21.24
H42 D12 H . 29.05 -13.07 -20.69
H51 D12 H . 26.99 -13.98 -21.51
H52 D12 H . 27.76 -15.24 -21.98
H61 D12 H . 28.25 -15.84 -19.78
H62 D12 H . 27.66 -14.51 -19.24
H71 D12 H . 25.50 -15.25 -20.03
H72 D12 H . 26.14 -16.62 -20.35
H81 D12 H . 26.68 -16.87 -18.03
H82 D12 H . 25.97 -15.53 -17.73
H91 D12 H . 23.90 -16.49 -18.43
H92 D12 H . 24.61 -17.82 -18.71
H101 D12 H . 25.13 -18.02 -16.39
H102 D12 H . 24.39 -16.70 -16.13
H111 D12 H . 22.35 -17.73 -16.81
H112 D12 H . 23.11 -19.05 -17.05
H121 D12 H . 22.02 -19.11 -14.92
H122 D12 H . 23.58 -19.23 -14.72
H123 D12 H . 22.85 -17.86 -14.47
C1 D12 I . 22.53 -10.79 -22.49
C2 D12 I . 22.91 -12.21 -22.12
C3 D12 I . 21.79 -12.95 -21.39
C4 D12 I . 21.86 -12.80 -19.87
C5 D12 I . 20.94 -13.77 -19.14
C6 D12 I . 21.09 -13.72 -17.62
C7 D12 I . 20.14 -14.66 -16.90
C8 D12 I . 20.26 -14.60 -15.38
C9 D12 I . 19.28 -15.50 -14.65
C10 D12 I . 19.54 -15.58 -13.16
C11 D12 I . 18.50 -16.38 -12.39
C12 D12 I . 18.78 -16.45 -10.90
H11 D12 I . 21.77 -10.77 -23.08
H12 D12 I . 22.31 -10.26 -21.71
H13 D12 I . 23.26 -10.34 -22.95
H21 D12 I . 23.15 -12.70 -22.92
H22 D12 I . 23.70 -12.21 -21.56
H31 D12 I . 20.93 -12.62 -21.70
H32 D12 I . 21.81 -13.88 -21.62
H41 D12 I . 22.77 -12.94 -19.57
H42 D12 I . 21.64 -11.90 -19.61
H51 D12 I . 20.02 -13.57 -19.37
H52 D12 I . 21.10 -14.67 -19.45
H61 D12 I . 22.00 -13.95 -17.38
H62 D12 I . 20.94 -12.81 -17.32
H71 D12 I . 19.22 -14.45 -17.16
H72 D12 I . 20.29 -15.57 -17.20
H81 D12 I . 21.17 -14.84 -15.13
H82 D12 I . 20.14 -13.68 -15.09
H91 D12 I . 18.38 -15.19 -14.81
H92 D12 I . 19.32 -16.39 -15.03
H101 D12 I . 20.42 -15.96 -13.00
H102 D12 I . 19.58 -14.67 -12.79
H111 D12 I . 17.63 -16.00 -12.54
H112 D12 I . 18.47 -17.28 -12.75
H121 D12 I . 19.64 -16.84 -10.71
H122 D12 I . 18.78 -15.56 -10.50
H123 D12 I . 18.11 -16.97 -10.43
C1 D12 J . 25.61 -8.54 -23.07
C2 D12 J . 26.05 -8.71 -21.62
C3 D12 J . 25.22 -9.75 -20.89
C4 D12 J . 25.69 -10.01 -19.46
C5 D12 J . 24.85 -11.07 -18.74
C6 D12 J . 25.24 -11.27 -17.28
C7 D12 J . 24.35 -12.28 -16.56
C8 D12 J . 24.66 -12.42 -15.08
C9 D12 J . 23.80 -13.47 -14.39
C10 D12 J . 23.93 -13.46 -12.87
C11 D12 J . 23.15 -14.57 -12.19
C12 D12 J . 23.15 -14.45 -10.67
H11 D12 J . 24.69 -8.24 -23.13
H12 D12 J . 26.16 -7.90 -23.54
H13 D12 J . 25.66 -9.38 -23.56
H21 D12 J . 26.98 -8.97 -21.60
H22 D12 J . 25.98 -7.86 -21.17
H31 D12 J . 24.29 -9.47 -20.86
H32 D12 J . 25.23 -10.59 -21.39
H41 D12 J . 26.62 -10.29 -19.47
H42 D12 J . 25.67 -9.18 -18.95
H51 D12 J . 23.92 -10.81 -18.79
H52 D12 J . 24.92 -11.91 -19.21
H61 D12 J . 26.16 -11.56 -17.23
H62 D12 J . 25.20 -10.42 -16.82
H71 D12 J . 23.43 -12.03 -16.67
H72 D12 J . 24.44 -13.14 -16.99
H81 D12 J . 25.59 -12.64 -14.97
H82 D12 J . 24.53 -11.56 -14.64
H91 D12 J . 22.88 -13.34 -14.63
H92 D12 J . 24.04 -14.35 -14.72
H101 D12 J . 24.86 -13.52 -12.63
H102 D12 J . 23.63 -12.60 -12.53
H111 D12 J . 22.24 -14.57 -12.51
H112 D12 J . 23.53 -15.42 -12.44
H121 D12 J . 22.55 -15.10 -10.25
H122 D12 J . 24.03 -14.60 -10.31
H123 D12 J . 22.86 -13.57 -10.39
C1 D12 K . 1.66 -9.97 -32.93
C2 D12 K . 2.80 -10.85 -32.43
C3 D12 K . 2.64 -11.23 -30.96
C4 D12 K . 3.69 -12.23 -30.47
C5 D12 K . 3.51 -12.61 -29.01
C6 D12 K . 4.48 -13.70 -28.56
C7 D12 K . 4.34 -14.05 -27.09
C8 D12 K . 5.45 -14.98 -26.59
C9 D12 K . 5.35 -15.28 -25.09
C10 D12 K . 6.59 -15.97 -24.53
C11 D12 K . 6.53 -16.22 -23.04
C12 D12 K . 7.85 -16.72 -22.47
H11 D12 K . 1.80 -9.72 -33.85
H12 D12 K . 0.81 -10.41 -32.87
H13 D12 K . 1.61 -9.15 -32.41
H21 D12 K . 2.83 -11.67 -32.96
H22 D12 K . 3.65 -10.41 -32.56
H31 D12 K . 2.70 -10.42 -30.41
H32 D12 K . 1.76 -11.58 -30.81
H41 D12 K . 3.64 -13.02 -31.02
H42 D12 K . 4.58 -11.86 -30.61
H51 D12 K . 3.62 -11.82 -28.46
H52 D12 K . 2.61 -12.91 -28.86
H61 D12 K . 4.35 -14.49 -29.09
H62 D12 K . 5.39 -13.40 -28.73
H71 D12 K . 4.34 -13.24 -26.56
H72 D12 K . 3.48 -14.47 -26.93
H81 D12 K . 5.42 -15.80 -27.08
H82 D12 K . 6.31 -14.58 -26.78
H91 D12 K . 5.20 -14.46 -24.60
H92 D12 K . 4.58 -15.83 -24.92
H101 D12 K . 6.73 -16.81 -25.00
H102 D12 K . 7.37 -15.43 -24.74
H111 D12 K . 6.27 -15.40 -22.59
H112 D12 K . 5.83 -16.86 -22.85
H121 D12 K . 7.79 -16.88 -21.51
H122 D12 K . 8.12 -17.56 -22.88
H123 D12 K . 8.57 -16.08 -22.62
C1 D12 L . 7.07 -4.07 -8.94
C2 D12 L . 7.83 -5.14 -9.71
C3 D12 L . 6.98 -5.83 -10.77
C4 D12 L . 7.74 -6.82 -11.62
C5 D12 L . 6.85 -7.66 -12.53
C6 D12 L . 7.63 -8.54 -13.49
C7 D12 L . 6.74 -9.28 -14.49
C8 D12 L . 7.52 -10.11 -15.49
C9 D12 L . 6.65 -10.89 -16.47
C10 D12 L . 7.43 -11.92 -17.26
C11 D12 L . 6.58 -12.75 -18.21
C12 D12 L . 7.35 -13.92 -18.81
H11 D12 L . 6.31 -4.46 -8.47
H12 D12 L . 7.62 -3.64 -8.29
H13 D12 L . 6.72 -3.39 -9.53
H21 D12 L . 8.60 -4.72 -10.15
H22 D12 L . 8.19 -5.80 -9.11
H31 D12 L . 6.23 -6.29 -10.32
H32 D12 L . 6.56 -5.16 -11.34
H41 D12 L . 8.40 -6.35 -12.16
H42 D12 L . 8.25 -7.41 -11.05
H51 D12 L . 6.27 -8.21 -11.99
H52 D12 L . 6.27 -7.07 -13.04
H61 D12 L . 8.27 -8.00 -13.98
H62 D12 L . 8.15 -9.19 -13.00
H71 D12 L . 6.13 -9.84 -14.01
H72 D12 L . 6.19 -8.63 -14.96
H81 D12 L . 8.12 -9.53 -15.99
H82 D12 L . 8.09 -10.72 -15.01
H91 D12 L . 5.94 -11.32 -15.98
H92 D12 L . 6.22 -10.27 -17.07
H101 D12 L . 8.13 -11.47 -17.77
H102 D12 L . 7.88 -12.52 -16.64
H111 D12 L . 5.80 -13.08 -17.73
H112 D12 L . 6.23 -12.19 -18.91
H121 D12 L . 7.66 -14.53 -18.12
H122 D12 L . 8.12 -13.61 -19.30
H123 D12 L . 6.79 -14.43 -19.41
C1 D12 M . 37.44 -8.19 3.34
C2 D12 M . 36.33 -8.92 4.10
C3 D12 M . 35.17 -9.31 3.19
C4 D12 M . 34.06 -10.07 3.92
C5 D12 M . 32.87 -10.40 3.02
C6 D12 M . 31.76 -11.16 3.75
C7 D12 M . 30.60 -11.55 2.84
C8 D12 M . 29.43 -12.16 3.60
C9 D12 M . 28.26 -12.53 2.70
C10 D12 M . 27.03 -13.01 3.47
C11 D12 M . 25.86 -13.39 2.57
C12 D12 M . 24.65 -13.90 3.35
H11 D12 M . 37.10 -7.39 2.91
H12 D12 M . 38.16 -7.93 3.95
H13 D12 M . 37.83 -8.76 2.66
H21 D12 M . 36.68 -9.70 4.52
H22 D12 M . 36.00 -8.35 4.81
H31 D12 M . 34.79 -8.52 2.77
H32 D12 M . 35.50 -9.86 2.46
H41 D12 M . 34.42 -10.89 4.29
H42 D12 M . 33.75 -9.54 4.68
H51 D12 M . 32.51 -9.58 2.65
H52 D12 M . 33.17 -10.93 2.27
H61 D12 M . 32.12 -11.96 4.17
H62 D12 M . 31.42 -10.61 4.49
H71 D12 M . 30.30 -10.77 2.36
H72 D12 M . 30.92 -12.18 2.18
H81 D12 M . 29.73 -12.96 4.08
H82 D12 M . 29.12 -11.54 4.28
H91 D12 M . 28.01 -11.78 2.15
H92 D12 M . 28.54 -13.23 2.08
H101 D12 M . 27.27 -13.78 4.02
H102 D12 M . 26.76 -12.33 4.09
H111 D12 M . 25.61 -12.62 2.04
H112 D12 M . 26.14 -14.06 1.93
H121 D12 M . 23.91 -14.10 2.77
H122 D12 M . 24.87 -14.70 3.85
H123 D12 M . 24.35 -13.24 3.99
C1 D12 N . 24.32 -16.77 -24.51
C2 D12 N . 24.05 -17.25 -23.09
C3 D12 N . 22.57 -17.32 -22.76
C4 D12 N . 22.28 -17.83 -21.35
C5 D12 N . 20.80 -17.84 -20.99
C6 D12 N . 20.52 -18.34 -19.59
C7 D12 N . 19.03 -18.41 -19.26
C8 D12 N . 18.75 -18.77 -17.81
C9 D12 N . 17.27 -18.82 -17.47
C10 D12 N . 16.99 -19.03 -15.99
C11 D12 N . 15.51 -19.07 -15.64
C12 D12 N . 15.25 -19.33 -14.16
H11 D12 N . 23.93 -15.89 -24.66
H12 D12 N . 25.27 -16.70 -24.69
H13 D12 N . 23.94 -17.37 -25.17
H21 D12 N . 24.45 -18.13 -22.96
H22 D12 N . 24.50 -16.66 -22.45
H31 D12 N . 22.18 -16.44 -22.87
H32 D12 N . 22.12 -17.89 -23.41
H41 D12 N . 22.63 -18.73 -21.26
H42 D12 N . 22.76 -17.29 -20.71
H51 D12 N . 20.45 -16.94 -21.09
H52 D12 N . 20.33 -18.38 -21.64
H61 D12 N . 20.90 -19.23 -19.48
H62 D12 N . 20.96 -17.77 -18.94
H71 D12 N . 18.62 -17.56 -19.46
H72 D12 N . 18.61 -19.06 -19.84
H81 D12 N . 19.15 -19.63 -17.61
H82 D12 N . 19.20 -18.13 -17.23
H91 D12 N . 16.84 -17.99 -17.75
H92 D12 N . 16.83 -19.52 -17.98
H101 D12 N . 17.41 -19.86 -15.70
H102 D12 N . 17.42 -18.33 -15.47
H111 D12 N . 15.10 -18.24 -15.91
H112 D12 N . 15.08 -19.76 -16.17
H121 D12 N . 14.30 -19.33 -13.96
H122 D12 N . 15.60 -20.19 -13.89
H123 D12 N . 15.67 -18.64 -13.62
C1 D12 O . -1.34 -16.83 -36.92
C2 D12 O . -0.56 -17.60 -35.85
C3 D12 O . -1.48 -18.23 -34.80
C4 D12 O . -0.70 -18.95 -33.71
C5 D12 O . -1.59 -19.45 -32.57
C6 D12 O . -0.80 -20.10 -31.46
C7 D12 O . -1.63 -20.46 -30.23
C8 D12 O . -0.80 -20.92 -29.05
C9 D12 O . -1.61 -21.34 -27.84
C10 D12 O . -0.76 -21.79 -26.67
C11 D12 O . -1.56 -22.25 -25.45
C12 D12 O . -0.68 -22.66 -24.28
H11 D12 O . -1.85 -16.11 -36.53
H12 D12 O . -0.75 -16.45 -37.59
H13 D12 O . -1.97 -17.41 -37.38
H21 D12 O . -0.03 -18.29 -36.27
H22 D12 O . 0.06 -16.99 -35.41
H31 D12 O . -2.03 -17.54 -34.41
H32 D12 O . -2.08 -18.85 -35.24
H41 D12 O . -0.22 -19.70 -34.10
H42 D12 O . -0.03 -18.35 -33.35
H51 D12 O . -2.11 -18.72 -32.21
H52 D12 O . -2.23 -20.09 -32.93
H61 D12 O . -0.37 -20.91 -31.78
H62 D12 O . -0.09 -19.51 -31.18
H71 D12 O . -2.17 -19.69 -29.97
H72 D12 O . -2.27 -21.15 -30.46
H81 D12 O . -0.23 -21.65 -29.32
H82 D12 O . -0.19 -20.19 -28.79
H91 D12 O . -2.18 -20.61 -27.56
H92 D12 O . -2.21 -22.07 -28.10
H101 D12 O . -0.17 -22.50 -26.95
H102 D12 O . -0.18 -21.05 -26.40
H111 D12 O . -2.16 -21.55 -25.19
H112 D12 O . -2.13 -23.00 -25.73
H121 D12 O . -1.21 -22.93 -23.52
H122 D12 O . -0.11 -23.40 -24.52
H123 D12 O . -0.11 -21.93 -24.01
C1 D12 P . -5.04 -14.53 -29.98
C2 D12 P . -4.78 -16.03 -29.82
C3 D12 P . -5.06 -16.53 -28.40
C4 D12 P . -3.85 -16.48 -27.50
C5 D12 P . -4.06 -17.25 -26.20
C6 D12 P . -2.81 -17.32 -25.33
C7 D12 P . -3.03 -18.06 -24.02
C8 D12 P . -1.80 -18.11 -23.14
C9 D12 P . -2.02 -18.80 -21.79
C10 D12 P . -0.75 -19.02 -21.01
C11 D12 P . -0.97 -19.60 -19.62
C12 D12 P . 0.33 -19.80 -18.85
H11 D12 P . -5.96 -14.31 -29.80
H12 D12 P . -4.48 -14.01 -29.38
H13 D12 P . -4.84 -14.25 -30.89
H21 D12 P . -5.34 -16.52 -30.45
H22 D12 P . -3.87 -16.23 -30.06
H31 D12 P . -5.77 -15.99 -28.02
H32 D12 P . -5.41 -17.43 -28.45
H41 D12 P . -3.08 -16.85 -27.96
H42 D12 P . -3.63 -15.57 -27.29
H51 D12 P . -4.77 -16.83 -25.70
H52 D12 P . -4.36 -18.15 -26.40
H61 D12 P . -2.10 -17.76 -25.83
H62 D12 P . -2.49 -16.43 -25.14
H71 D12 P . -3.76 -17.63 -23.52
H72 D12 P . -3.34 -18.96 -24.20
H81 D12 P . -1.08 -18.57 -23.61
H82 D12 P . -1.47 -17.21 -22.97
H91 D12 P . -2.64 -18.27 -21.27
H92 D12 P . -2.46 -19.65 -21.95
H101 D12 P . -0.15 -19.60 -21.50
H102 D12 P . -0.28 -18.17 -20.92
H111 D12 P . -1.56 -19.01 -19.12
H112 D12 P . -1.44 -20.45 -19.70
H121 D12 P . 0.93 -20.41 -19.31
H122 D12 P . 0.80 -18.97 -18.72
H123 D12 P . 0.16 -20.19 -17.97
C1 D12 Q . -3.12 -13.03 -32.98
C2 D12 Q . -1.78 -13.38 -32.34
C3 D12 Q . -1.94 -14.24 -31.09
C4 D12 Q . -0.62 -14.68 -30.47
C5 D12 Q . -0.80 -15.55 -29.24
C6 D12 Q . 0.51 -15.91 -28.55
C7 D12 Q . 0.31 -16.73 -27.27
C8 D12 Q . 1.60 -17.02 -26.52
C9 D12 Q . 1.39 -17.88 -25.28
C10 D12 Q . 2.62 -17.98 -24.39
C11 D12 Q . 2.44 -18.92 -23.21
C12 D12 Q . 3.61 -18.89 -22.24
H11 D12 Q . -3.68 -12.52 -32.37
H12 D12 Q . -3.02 -12.51 -33.79
H13 D12 Q . -3.62 -13.84 -33.21
H21 D12 Q . -1.22 -13.85 -32.98
H22 D12 Q . -1.31 -12.57 -32.10
H31 D12 Q . -2.45 -13.74 -30.42
H32 D12 Q . -2.47 -15.02 -31.30
H41 D12 Q . -0.10 -15.17 -31.13
H42 D12 Q . -0.09 -13.90 -30.24
H51 D12 Q . -1.37 -15.08 -28.60
H52 D12 Q . -1.27 -16.35 -29.48
H61 D12 Q . 1.07 -16.41 -29.16
H62 D12 Q . 1.00 -15.11 -28.33
H71 D12 Q . -0.31 -16.26 -26.69
H72 D12 Q . -0.12 -17.57 -27.50
H81 D12 Q . 2.23 -17.46 -27.11
H82 D12 Q . 2.01 -16.18 -26.26
H91 D12 Q . 0.65 -17.53 -24.76
H92 D12 Q . 1.13 -18.77 -25.55
H101 D12 Q . 3.37 -18.27 -24.92
H102 D12 Q . 2.85 -17.10 -24.06
H111 D12 Q . 1.62 -18.69 -22.74
H112 D12 Q . 2.31 -19.82 -23.54
H121 D12 Q . 3.42 -19.41 -21.44
H122 D12 Q . 4.41 -19.25 -22.65
H123 D12 Q . 3.81 -17.98 -21.96
C1 D12 R . -25.78 -8.32 -21.27
C2 D12 R . -24.86 -9.48 -21.66
C3 D12 R . -23.91 -9.87 -20.53
C4 D12 R . -23.08 -11.11 -20.85
C5 D12 R . -22.16 -11.52 -19.72
C6 D12 R . -21.42 -12.82 -19.99
C7 D12 R . -20.45 -13.22 -18.88
C8 D12 R . -19.56 -14.39 -19.24
C9 D12 R . -18.55 -14.75 -18.16
C10 D12 R . -17.49 -15.73 -18.63
C11 D12 R . -16.43 -16.04 -17.57
C12 D12 R . -15.27 -16.87 -18.11
H11 D12 R . -26.35 -8.06 -22.01
H12 D12 R . -26.35 -8.56 -20.53
H13 D12 R . -25.27 -7.54 -21.01
H21 D12 R . -25.39 -10.24 -21.91
H22 D12 R . -24.35 -9.23 -22.44
H31 D12 R . -23.32 -9.14 -20.34
H32 D12 R . -24.43 -10.03 -19.72
H41 D12 R . -23.68 -11.85 -21.06
H42 D12 R . -22.57 -10.95 -21.66
H51 D12 R . -21.52 -10.81 -19.56
H52 D12 R . -22.67 -11.61 -18.91
H61 D12 R . -22.05 -13.53 -20.13
H62 D12 R . -20.92 -12.75 -20.83
H71 D12 R . -19.90 -12.46 -18.65
H72 D12 R . -20.96 -13.43 -18.09
H81 D12 R . -20.12 -15.17 -19.42
H82 D12 R . -19.09 -14.20 -20.08
H91 D12 R . -18.12 -13.94 -17.84
H92 D12 R . -19.01 -15.12 -17.39
H101 D12 R . -17.91 -16.56 -18.91
H102 D12 R . -17.05 -15.38 -19.42
H111 D12 R . -16.09 -15.22 -17.20
H112 D12 R . -16.85 -16.51 -16.83
H121 D12 R . -14.61 -17.06 -17.44
H122 D12 R . -15.58 -17.72 -18.46
H123 D12 R . -14.82 -16.40 -18.84
C1 D12 S . -3.12 -5.12 -10.52
C2 D12 S . -3.43 -6.28 -11.45
C3 D12 S . -4.89 -6.70 -11.39
C4 D12 S . -5.24 -7.80 -12.38
C5 D12 S . -6.65 -8.35 -12.19
C6 D12 S . -7.06 -9.35 -13.27
C7 D12 S . -8.52 -9.80 -13.15
C8 D12 S . -8.93 -10.74 -14.27
C9 D12 S . -10.37 -11.23 -14.14
C10 D12 S . -10.68 -12.38 -15.09
C11 D12 S . -12.09 -12.95 -14.95
C12 D12 S . -12.28 -14.22 -15.75
H11 D12 S . -3.31 -5.35 -9.60
H12 D12 S . -2.18 -4.86 -10.57
H13 D12 S . -3.66 -4.34 -10.74
H21 D12 S . -3.20 -6.04 -12.35
H22 D12 S . -2.87 -7.04 -11.23
H31 D12 S . -5.10 -7.00 -10.49
H32 D12 S . -5.46 -5.93 -11.55
H41 D12 S . -5.15 -7.46 -13.28
H42 D12 S . -4.60 -8.52 -12.30
H51 D12 S . -6.70 -8.79 -11.32
H52 D12 S . -7.28 -7.62 -12.16
H61 D12 S . -6.92 -8.94 -14.14
H62 D12 S . -6.48 -10.12 -13.24
H71 D12 S . -8.64 -10.24 -12.29
H72 D12 S . -9.09 -9.03 -13.14
H81 D12 S . -8.83 -10.28 -15.13
H82 D12 S . -8.34 -11.50 -14.30
H91 D12 S . -10.54 -11.53 -13.23
H92 D12 S . -10.99 -10.50 -14.31
H101 D12 S . -10.55 -12.09 -16.00
H102 D12 S . -10.04 -13.09 -14.95
H111 D12 S . -12.28 -13.11 -14.01
H112 D12 S . -12.73 -12.27 -15.24
H121 D12 S . -11.68 -14.92 -15.45
H122 D12 S . -12.12 -14.08 -16.69
H123 D12 S . -13.19 -14.55 -15.67
C1 D12 T . -6.59 -20.65 -31.80
C2 D12 T . -5.77 -21.14 -30.61
C3 D12 T . -6.46 -20.88 -29.27
C4 D12 T . -5.67 -21.39 -28.07
C5 D12 T . -6.33 -21.07 -26.74
C6 D12 T . -5.53 -21.58 -25.54
C7 D12 T . -6.23 -21.32 -24.20
C8 D12 T . -5.37 -21.68 -22.99
C9 D12 T . -6.05 -21.39 -21.66
C10 D12 T . -5.14 -21.63 -20.47
C11 D12 T . -5.81 -21.35 -19.13
C12 D12 T . -4.90 -21.61 -17.94
H11 D12 T . -6.77 -19.70 -31.73
H12 D12 T . -6.12 -20.79 -32.63
H13 D12 T . -7.43 -21.12 -31.85
H21 D12 T . -5.60 -22.08 -30.70
H22 D12 T . -4.90 -20.70 -30.61
H31 D12 T . -6.62 -19.92 -29.17
H32 D12 T . -7.33 -21.30 -29.28
H41 D12 T . -5.55 -22.35 -28.15
H42 D12 T . -4.77 -21.01 -28.09
H51 D12 T . -6.44 -20.10 -26.66
H52 D12 T . -7.21 -21.44 -26.71
H61 D12 T . -5.38 -22.53 -25.63
H62 D12 T . -4.66 -21.16 -25.53
H71 D12 T . -6.47 -20.38 -24.15
H72 D12 T . -7.05 -21.81 -24.17
H81 D12 T . -5.13 -22.62 -23.05
H82 D12 T . -4.54 -21.19 -23.04
H91 D12 T . -6.37 -20.48 -21.65
H92 D12 T . -6.84 -21.96 -21.57
H101 D12 T . -4.82 -22.55 -20.47
H102 D12 T . -4.35 -21.08 -20.55
H111 D12 T . -6.11 -20.42 -19.10
H112 D12 T . -6.61 -21.88 -19.05
H121 D12 T . -5.34 -21.40 -17.09
H122 D12 T . -4.63 -22.54 -17.90
H123 D12 T . -4.09 -21.08 -17.98
C1 D12 U . -31.98 -14.09 -20.65
C2 D12 U . -30.84 -15.06 -20.43
C3 D12 U . -30.73 -15.52 -18.98
C4 D12 U . -29.55 -16.47 -18.73
C5 D12 U . -29.35 -16.81 -17.26
C6 D12 U . -28.12 -17.68 -17.03
C7 D12 U . -27.79 -17.90 -15.56
C8 D12 U . -26.45 -18.59 -15.35
C9 D12 U . -26.13 -18.89 -13.89
C10 D12 U . -24.79 -19.58 -13.70
C11 D12 U . -24.46 -19.92 -12.26
C12 D12 U . -23.11 -20.57 -12.09
H11 D12 U . -31.87 -13.28 -20.12
H12 D12 U . -32.04 -13.81 -21.58
H13 D12 U . -32.83 -14.48 -20.40
H21 D12 U . -30.94 -15.83 -21.00
H22 D12 U . -30.00 -14.65 -20.68
H31 D12 U . -30.66 -14.75 -18.40
H32 D12 U . -31.56 -15.97 -18.72
H41 D12 U . -29.69 -17.28 -19.23
H42 D12 U . -28.75 -16.06 -19.09
H51 D12 U . -29.27 -15.99 -16.74
H52 D12 U . -30.14 -17.25 -16.92
H61 D12 U . -28.26 -18.54 -17.45
H62 D12 U . -27.35 -17.28 -17.47
H71 D12 U . -27.78 -17.04 -15.10
H72 D12 U . -28.50 -18.41 -15.14
H81 D12 U . -26.45 -19.43 -15.85
H82 D12 U . -25.75 -18.05 -15.73
H91 D12 U . -26.14 -18.05 -13.39
H92 D12 U . -26.84 -19.44 -13.51
H101 D12 U . -24.77 -20.39 -14.23
H102 D12 U . -24.09 -19.02 -14.07
H111 D12 U . -24.51 -19.10 -11.73
H112 D12 U . -25.16 -20.49 -11.90
H121 D12 U . -22.90 -20.75 -11.16
H122 D12 U . -23.07 -21.42 -12.57
H123 D12 U . -22.40 -20.01 -12.44
C1 D12 V . -28.60 -11.37 -13.70
C2 D12 V . -28.61 -12.88 -13.58
C3 D12 V . -27.80 -13.37 -12.38
C4 D12 V . -26.35 -13.67 -12.69
C5 D12 V . -25.64 -14.44 -11.58
C6 D12 V . -24.21 -14.84 -11.94
C7 D12 V . -23.50 -15.57 -10.81
C8 D12 V . -22.06 -15.96 -11.15
C9 D12 V . -21.33 -16.64 -10.01
C10 D12 V . -19.97 -17.19 -10.43
C11 D12 V . -19.17 -17.78 -9.27
C12 D12 V . -17.82 -18.32 -9.71
H11 D12 V . -28.99 -10.95 -12.93
H12 D12 V . -27.70 -11.02 -13.80
H13 D12 V . -29.11 -11.09 -14.48
H21 D12 V . -29.53 -13.20 -13.50
H22 D12 V . -28.25 -13.29 -14.38
H31 D12 V . -27.85 -12.71 -11.67
H32 D12 V . -28.22 -14.18 -12.01
H41 D12 V . -26.29 -14.18 -13.52
H42 D12 V . -25.88 -12.83 -12.86
H51 D12 V . -25.63 -13.89 -10.78
H52 D12 V . -26.15 -15.23 -11.36
H61 D12 V . -24.22 -15.40 -12.73
H62 D12 V . -23.70 -14.05 -12.19
H71 D12 V . -23.50 -15.02 -10.02
H72 D12 V . -24.00 -16.37 -10.58
H81 D12 V . -22.07 -16.53 -11.93
H82 D12 V . -21.58 -15.16 -11.42
H91 D12 V . -21.22 -16.02 -9.28
H92 D12 V . -21.87 -17.36 -9.67
H101 D12 V . -20.09 -17.87 -11.11
H102 D12 V . -19.46 -16.49 -10.84
H111 D12 V . -19.05 -17.10 -8.59
H112 D12 V . -19.69 -18.49 -8.85
H121 D12 V . -17.90 -19.02 -10.38
H122 D12 V . -17.27 -17.62 -10.09
H123 D12 V . -17.33 -18.69 -8.96
C1 D12 W . -29.39 -10.19 -17.28
C2 D12 W . -28.13 -10.87 -17.82
C3 D12 W . -27.45 -11.73 -16.77
C4 D12 W . -26.24 -12.51 -17.30
C5 D12 W . -25.58 -13.37 -16.23
C6 D12 W . -24.31 -14.07 -16.71
C7 D12 W . -23.63 -14.88 -15.61
C8 D12 W . -22.31 -15.50 -16.04
C9 D12 W . -21.66 -16.35 -14.96
C10 D12 W . -20.24 -16.78 -15.28
C11 D12 W . -19.64 -17.72 -14.24
C12 D12 W . -18.16 -18.00 -14.49
H11 D12 W . -29.18 -9.60 -16.55
H12 D12 W . -29.84 -9.67 -17.97
H13 D12 W . -30.03 -10.85 -16.96
H21 D12 W . -28.36 -11.41 -18.59
H22 D12 W . -27.51 -10.20 -18.14
H31 D12 W . -27.17 -11.18 -16.03
H32 D12 W . -28.09 -12.37 -16.41
H41 D12 W . -26.51 -13.06 -18.04
H42 D12 W . -25.59 -11.88 -17.65
H51 D12 W . -25.37 -12.82 -15.46
H52 D12 W . -26.22 -14.04 -15.92
H61 D12 W . -24.52 -14.64 -17.46
H62 D12 W . -23.68 -13.41 -17.05
H71 D12 W . -23.48 -14.32 -14.83
H72 D12 W . -24.23 -15.58 -15.32
H81 D12 W . -22.44 -16.03 -16.84
H82 D12 W . -21.69 -14.79 -16.30
H91 D12 W . -21.66 -15.86 -14.13
H92 D12 W . -22.20 -17.14 -14.81
H101 D12 W . -20.22 -17.22 -16.15
H102 D12 W . -19.67 -16.00 -15.37
H111 D12 W . -19.75 -17.32 -13.36
H112 D12 W . -20.13 -18.55 -14.24
H121 D12 W . -17.77 -18.50 -13.76
H122 D12 W . -18.04 -18.52 -15.30
H123 D12 W . -17.66 -17.18 -14.59
C1 D12 X . -33.77 -1.00 6.58
C2 D12 X . -33.72 -2.31 5.80
C3 D12 X . -32.35 -2.98 5.89
C4 D12 X . -32.31 -4.36 5.24
C5 D12 X . -30.95 -5.03 5.34
C6 D12 X . -30.94 -6.45 4.80
C7 D12 X . -29.57 -7.11 4.85
C8 D12 X . -29.51 -8.45 4.12
C9 D12 X . -28.12 -9.08 4.12
C10 D12 X . -28.00 -10.26 3.16
C11 D12 X . -26.60 -10.86 3.11
C12 D12 X . -26.45 -11.90 2.00
H11 D12 X . -34.64 -0.58 6.48
H12 D12 X . -33.62 -1.13 7.52
H13 D12 X . -33.11 -0.38 6.25
H21 D12 X . -34.39 -2.92 6.14
H22 D12 X . -33.93 -2.15 4.88
H31 D12 X . -31.69 -2.41 5.47
H32 D12 X . -32.08 -3.06 6.82
H41 D12 X . -32.98 -4.93 5.65
H42 D12 X . -32.56 -4.28 4.30
H51 D12 X . -30.29 -4.50 4.87
H52 D12 X . -30.67 -5.04 6.26
H61 D12 X . -31.58 -6.98 5.29
H62 D12 X . -31.25 -6.44 3.87
H71 D12 X . -28.90 -6.52 4.49
H72 D12 X . -29.32 -7.25 5.79
H81 D12 X . -30.14 -9.06 4.52
H82 D12 X . -29.81 -8.33 3.20
H91 D12 X . -27.47 -8.41 3.89
H92 D12 X . -27.90 -9.37 5.01
H101 D12 X . -28.64 -10.94 3.41
H102 D12 X . -28.26 -9.97 2.27
H111 D12 X . -25.96 -10.15 2.98
H112 D12 X . -26.39 -11.26 3.97
H121 D12 X . -25.55 -12.27 1.99
H122 D12 X . -27.07 -12.63 2.14
H123 D12 X . -26.62 -11.51 1.14
C1 D12 Y . -10.86 -3.69 -3.79
C2 D12 Y . -11.99 -4.70 -3.99
C3 D12 Y . -12.94 -4.78 -2.80
C4 D12 Y . -14.12 -5.71 -3.04
C5 D12 Y . -14.95 -5.93 -1.78
C6 D12 Y . -16.23 -6.74 -2.03
C7 D12 Y . -17.13 -6.85 -0.82
C8 D12 Y . -18.41 -7.61 -1.09
C9 D12 Y . -19.30 -7.77 0.13
C10 D12 Y . -20.43 -8.76 -0.09
C11 D12 Y . -21.31 -8.99 1.13
C12 D12 Y . -22.28 -10.15 0.94
H11 D12 Y . -10.33 -3.92 -3.02
H12 D12 Y . -10.28 -3.65 -4.55
H13 D12 Y . -11.22 -2.80 -3.65
H21 D12 Y . -12.49 -4.47 -4.79
H22 D12 Y . -11.61 -5.58 -4.16
H31 D12 Y . -12.44 -5.07 -2.02
H32 D12 Y . -13.27 -3.89 -2.61
H41 D12 Y . -14.68 -5.35 -3.74
H42 D12 Y . -13.80 -6.56 -3.36
H51 D12 Y . -14.42 -6.39 -1.11
H52 D12 Y . -15.19 -5.08 -1.40
H61 D12 Y . -16.72 -6.33 -2.77
H62 D12 Y . -15.98 -7.62 -2.34
H71 D12 Y . -16.64 -7.30 -0.10
H72 D12 Y . -17.33 -5.97 -0.49
H81 D12 Y . -18.91 -7.15 -1.78
H82 D12 Y . -18.20 -8.48 -1.44
H91 D12 Y . -18.77 -8.06 0.89
H92 D12 Y . -19.68 -6.91 0.37
H101 D12 Y . -20.99 -8.45 -0.83
H102 D12 Y . -20.06 -9.61 -0.37
H111 D12 Y . -20.75 -9.15 1.91
H112 D12 Y . -21.80 -8.17 1.32
H121 D12 Y . -21.82 -10.98 0.78
H122 D12 Y . -22.87 -9.99 0.18
H123 D12 Y . -22.85 -10.26 1.72
C1 D12 Z . -32.10 -16.85 -12.86
C2 D12 Z . -30.79 -17.57 -12.62
C3 D12 Z . -30.15 -17.24 -11.27
C4 D12 Z . -28.85 -17.99 -11.02
C5 D12 Z . -28.18 -17.59 -9.70
C6 D12 Z . -26.88 -18.33 -9.43
C7 D12 Z . -26.25 -17.99 -8.09
C8 D12 Z . -24.88 -18.60 -7.89
C9 D12 Z . -24.23 -18.24 -6.56
C10 D12 Z . -22.80 -18.74 -6.42
C11 D12 Z . -22.15 -18.38 -5.09
C12 D12 Z . -20.74 -18.92 -4.95
H11 D12 Z . -31.99 -15.90 -12.81
H12 D12 Z . -32.47 -17.06 -13.73
H13 D12 Z . -32.76 -17.10 -12.19
H21 D12 Z . -30.92 -18.53 -12.68
H22 D12 Z . -30.16 -17.35 -13.33
H31 D12 Z . -30.00 -16.28 -11.23
H32 D12 Z . -30.78 -17.44 -10.57
H41 D12 Z . -29.02 -18.94 -11.02
H42 D12 Z . -28.23 -17.82 -11.75
H51 D12 Z . -28.02 -16.63 -9.70
H52 D12 Z . -28.80 -17.75 -8.97
H61 D12 Z . -27.04 -19.29 -9.48
H62 D12 Z . -26.25 -18.13 -10.14
H71 D12 Z . -26.19 -17.03 -8.00
H72 D12 Z . -26.84 -18.28 -7.37
H81 D12 Z . -24.95 -19.57 -7.96
H82 D12 Z . -24.29 -18.32 -8.61
H91 D12 Z . -24.25 -17.28 -6.44
H92 D12 Z . -24.77 -18.61 -5.83
H101 D12 Z . -22.78 -19.71 -6.53
H102 D12 Z . -22.27 -18.38 -7.14
H111 D12 Z . -22.15 -17.42 -4.99
H112 D12 Z . -22.70 -18.72 -4.37
H121 D12 Z . -20.34 -18.66 -4.11
H122 D12 Z . -20.72 -19.89 -5.00
H123 D12 Z . -20.17 -18.58 -5.67
C1 D12 AA . -38.27 -5.19 12.43
C2 D12 AA . -37.57 -6.42 11.86
C3 D12 AA . -36.49 -6.97 12.79
C4 D12 AA . -35.76 -8.17 12.20
C5 D12 AA . -34.57 -8.63 13.06
C6 D12 AA . -33.80 -9.77 12.42
C7 D12 AA . -32.51 -10.13 13.15
C8 D12 AA . -31.66 -11.14 12.40
C9 D12 AA . -30.41 -11.57 13.15
C10 D12 AA . -29.56 -12.56 12.36
C11 D12 AA . -28.32 -13.03 13.11
C12 D12 AA . -27.47 -14.00 12.30
H11 D12 AA . -37.65 -4.47 12.57
H12 D12 AA . -38.97 -4.87 11.83
H13 D12 AA . -38.69 -5.40 13.28
H21 D12 AA . -38.21 -7.12 11.68
H22 D12 AA . -37.17 -6.20 11.00
H31 D12 AA . -35.86 -6.26 13.00
H32 D12 AA . -36.90 -7.22 13.63
H41 D12 AA . -36.37 -8.90 12.08
H42 D12 AA . -35.43 -7.95 11.32
H51 D12 AA . -33.98 -7.88 13.21
H52 D12 AA . -34.89 -8.90 13.93
H61 D12 AA . -34.37 -10.56 12.36
H62 D12 AA . -33.58 -9.55 11.50
H71 D12 AA . -32.01 -9.33 13.32
H72 D12 AA . -32.74 -10.49 14.03
H81 D12 AA . -32.19 -11.91 12.18
H82 D12 AA . -31.40 -10.74 11.54
H91 D12 AA . -29.87 -10.79 13.36
H92 D12 AA . -30.66 -11.96 13.99
H101 D12 AA . -30.10 -13.34 12.12
H102 D12 AA . -29.29 -12.16 11.53
H111 D12 AA . -27.79 -12.27 13.36
H112 D12 AA . -28.60 -13.46 13.95
H121 D12 AA . -26.67 -14.27 12.77
H122 D12 AA . -27.97 -14.80 12.08
H123 D12 AA . -27.19 -13.60 11.46
C1 D12 BA . -30.39 -3.70 14.04
C2 D12 BA . -30.57 -5.19 14.34
C3 D12 BA . -29.25 -5.91 14.60
C4 D12 BA . -28.65 -6.52 13.34
C5 D12 BA . -27.51 -7.48 13.64
C6 D12 BA . -26.96 -8.18 12.40
C7 D12 BA . -25.80 -9.12 12.71
C8 D12 BA . -25.24 -9.81 11.47
C9 D12 BA . -24.04 -10.70 11.77
C10 D12 BA . -23.61 -11.53 10.56
C11 D12 BA . -22.35 -12.34 10.80
C12 D12 BA . -21.94 -13.16 9.58
H11 D12 BA . -29.96 -3.25 14.78
H12 D12 BA . -29.83 -3.58 13.25
H13 D12 BA . -31.24 -3.28 13.87
H21 D12 BA . -31.15 -5.28 15.13
H22 D12 BA . -31.04 -5.62 13.61
H31 D12 BA . -28.62 -5.30 15.00
H32 D12 BA . -29.40 -6.61 15.25
H41 D12 BA . -29.33 -6.97 12.83
H42 D12 BA . -28.32 -5.81 12.77
H51 D12 BA . -26.79 -7.01 14.07
H52 D12 BA . -27.81 -8.14 14.28
H61 D12 BA . -27.68 -8.68 11.99
H62 D12 BA . -26.68 -7.52 11.75
H71 D12 BA . -25.10 -8.62 13.15
H72 D12 BA . -26.09 -9.79 13.34
H81 D12 BA . -25.94 -10.33 11.05
H82 D12 BA . -24.98 -9.13 10.82
H91 D12 BA . -23.30 -10.16 12.07
H92 D12 BA . -24.26 -11.29 12.50
H101 D12 BA . -24.33 -12.12 10.30
H102 D12 BA . -23.47 -10.94 9.81
H111 D12 BA . -21.63 -11.75 11.05
H112 D12 BA . -22.49 -12.94 11.56
H121 D12 BA . -22.64 -13.78 9.31
H122 D12 BA . -21.75 -12.59 8.82
H123 D12 BA . -21.13 -13.68 9.76
C1 D12 CA . -33.36 -2.20 12.13
C2 D12 CA . -33.12 -3.11 10.94
C3 D12 CA . -32.06 -4.17 11.24
C4 D12 CA . -31.85 -5.16 10.10
C5 D12 CA . -30.79 -6.22 10.43
C6 D12 CA . -30.49 -7.16 9.27
C7 D12 CA . -29.40 -8.17 9.59
C8 D12 CA . -29.01 -9.05 8.41
C9 D12 CA . -27.95 -10.08 8.76
C10 D12 CA . -27.38 -10.82 7.54
C11 D12 CA . -26.40 -11.92 7.90
C12 D12 CA . -25.72 -12.53 6.69
H11 D12 CA . -32.56 -1.70 12.36
H12 D12 CA . -34.06 -1.54 11.94
H13 D12 CA . -33.63 -2.70 12.91
H21 D12 CA . -33.95 -3.55 10.69
H22 D12 CA . -32.85 -2.59 10.17
H31 D12 CA . -31.22 -3.73 11.43
H32 D12 CA . -32.30 -4.65 12.04
H41 D12 CA . -32.68 -5.60 9.90
H42 D12 CA . -31.59 -4.69 9.30
H51 D12 CA . -29.98 -5.78 10.70
H52 D12 CA . -31.08 -6.74 11.19
H61 D12 CA . -31.30 -7.64 9.02
H62 D12 CA . -30.24 -6.64 8.48
H71 D12 CA . -28.60 -7.69 9.90
H72 D12 CA . -29.67 -8.73 10.33
H81 D12 CA . -29.80 -9.50 8.07
H82 D12 CA . -28.69 -8.49 7.68
H91 D12 CA . -27.22 -9.66 9.23
H92 D12 CA . -28.32 -10.73 9.37
H101 D12 CA . -28.11 -11.19 7.03
H102 D12 CA . -26.95 -10.18 6.95
H111 D12 CA . -25.73 -11.56 8.51
H112 D12 CA . -26.86 -12.60 8.40
H121 D12 CA . -25.01 -13.14 6.93
H122 D12 CA . -26.35 -13.01 6.14
H123 D12 CA . -25.32 -11.84 6.13
C1 D12 DA . -16.30 6.49 29.61
C2 D12 DA . -17.10 5.25 29.25
C3 D12 DA . -16.31 4.27 28.37
C4 D12 DA . -17.04 2.96 28.12
C5 D12 DA . -16.23 1.99 27.27
C6 D12 DA . -16.91 0.63 27.11
C7 D12 DA . -16.14 -0.33 26.23
C8 D12 DA . -16.90 -1.60 25.89
C9 D12 DA . -16.17 -2.53 24.94
C10 D12 DA . -17.04 -3.65 24.40
C11 D12 DA . -16.31 -4.56 23.40
C12 D12 DA . -17.25 -5.55 22.71
H11 D12 DA . -16.83 7.11 30.14
H12 D12 DA . -15.51 6.28 30.13
H13 D12 DA . -16.01 6.96 28.82
H21 D12 DA . -17.37 4.79 30.05
H22 D12 DA . -17.91 5.50 28.78
H31 D12 DA . -16.10 4.70 27.53
H32 D12 DA . -15.45 4.10 28.80
H41 D12 DA . -17.26 2.55 28.97
H42 D12 DA . -17.88 3.14 27.69
H51 D12 DA . -16.08 2.38 26.40
H52 D12 DA . -15.36 1.86 27.66
H61 D12 DA . -17.05 0.24 27.99
H62 D12 DA . -17.80 0.77 26.74
H71 D12 DA . -15.89 0.12 25.40
H72 D12 DA . -15.31 -0.57 26.66
H81 D12 DA . -17.12 -2.07 26.71
H82 D12 DA . -17.76 -1.36 25.50
H91 D12 DA . -15.80 -2.02 24.21
H92 D12 DA . -15.40 -2.91 25.41
H101 D12 DA . -17.37 -4.19 25.13
H102 D12 DA . -17.82 -3.27 23.97
H111 D12 DA . -15.88 -4.01 22.74
H112 D12 DA . -15.61 -5.04 23.87
H121 D12 DA . -16.78 -6.11 22.09
H122 D12 DA . -17.68 -6.12 23.37
H123 D12 DA . -17.95 -5.09 22.23
C1 D12 EA . -10.35 -0.87 6.16
C2 D12 EA . -11.39 -1.58 7.01
C3 D12 EA . -11.11 -1.50 8.50
C4 D12 EA . -12.19 -2.12 9.37
C5 D12 EA . -11.81 -2.21 10.84
C6 D12 EA . -12.94 -2.69 11.73
C7 D12 EA . -12.60 -2.65 13.21
C8 D12 EA . -13.76 -3.07 14.10
C9 D12 EA . -13.41 -3.09 15.59
C10 D12 EA . -14.49 -3.78 16.42
C11 D12 EA . -14.15 -3.86 17.91
C12 D12 EA . -15.12 -4.74 18.67
H11 D12 EA . -9.47 -1.26 6.30
H12 D12 EA . -10.55 -0.93 5.22
H13 D12 EA . -10.29 0.07 6.40
H21 D12 EA . -12.27 -1.20 6.83
H22 D12 EA . -11.45 -2.51 6.74
H31 D12 EA . -10.25 -1.94 8.69
H32 D12 EA . -10.98 -0.57 8.75
H41 D12 EA . -13.00 -1.60 9.28
H42 D12 EA . -12.40 -3.01 9.03
H51 D12 EA . -11.05 -2.81 10.94
H52 D12 EA . -11.50 -1.35 11.14
H61 D12 EA . -13.73 -2.14 11.57
H62 D12 EA . -13.19 -3.59 11.48
H71 D12 EA . -11.84 -3.24 13.38
H72 D12 EA . -12.32 -1.76 13.46
H81 D12 EA . -14.51 -2.48 13.96
H82 D12 EA . -14.07 -3.95 13.84
H91 D12 EA . -12.56 -3.54 15.72
H92 D12 EA . -13.30 -2.18 15.90
H101 D12 EA . -15.33 -3.32 16.31
H102 D12 EA . -14.62 -4.67 16.09
H111 D12 EA . -13.25 -4.19 18.02
H112 D12 EA . -14.16 -2.97 18.28
H121 D12 EA . -15.11 -5.66 18.34
H122 D12 EA . -16.04 -4.42 18.60
H123 D12 EA . -14.91 -4.78 19.61
C1 D12 FA . -32.98 -8.27 17.98
C2 D12 FA . -32.11 -9.29 17.25
C3 D12 FA . -30.63 -9.18 17.61
C4 D12 FA . -29.75 -10.21 16.91
C5 D12 FA . -28.27 -10.06 17.22
C6 D12 FA . -27.39 -11.09 16.52
C7 D12 FA . -25.92 -10.97 16.88
C8 D12 FA . -25.03 -11.91 16.07
C9 D12 FA . -23.55 -11.78 16.41
C10 D12 FA . -22.64 -12.59 15.50
C11 D12 FA . -21.16 -12.46 15.83
C12 D12 FA . -20.27 -13.32 14.93
H11 D12 FA . -32.68 -7.36 17.80
H12 D12 FA . -33.90 -8.34 17.72
H13 D12 FA . -32.92 -8.40 18.94
H21 D12 FA . -32.42 -10.19 17.46
H22 D12 FA . -32.21 -9.18 16.29
H31 D12 FA . -30.31 -8.29 17.39
H32 D12 FA . -30.53 -9.26 18.57
H41 D12 FA . -30.04 -11.10 17.18
H42 D12 FA . -29.89 -10.16 15.96
H51 D12 FA . -27.98 -9.17 16.96
H52 D12 FA . -28.13 -10.11 18.17
H61 D12 FA . -27.71 -11.98 16.74
H62 D12 FA . -27.50 -11.00 15.56
H71 D12 FA . -25.63 -10.06 16.75
H72 D12 FA . -25.80 -11.16 17.82
H81 D12 FA . -25.31 -12.82 16.21
H82 D12 FA . -25.15 -11.72 15.13
H91 D12 FA . -23.29 -10.84 16.36
H92 D12 FA . -23.40 -12.04 17.33
H101 D12 FA . -22.89 -13.53 15.54
H102 D12 FA . -22.79 -12.33 14.58
H111 D12 FA . -20.90 -11.53 15.76
H112 D12 FA . -21.02 -12.71 16.76
H121 D12 FA . -19.33 -13.20 15.14
H122 D12 FA . -20.48 -14.26 15.03
H123 D12 FA . -20.39 -13.09 14.00
C1 D12 GA . -15.48 3.15 37.37
C2 D12 GA . -15.70 1.82 36.65
C3 D12 GA . -14.43 0.99 36.53
C4 D12 GA . -14.64 -0.31 35.77
C5 D12 GA . -13.35 -1.08 35.51
C6 D12 GA . -13.56 -2.33 34.68
C7 D12 GA . -12.27 -3.02 34.25
C8 D12 GA . -12.50 -4.15 33.26
C9 D12 GA . -11.24 -4.90 32.88
C10 D12 GA . -11.49 -6.02 31.88
C11 D12 GA . -10.23 -6.81 31.51
C12 D12 GA . -10.50 -7.89 30.49
H11 D12 GA . -14.83 3.70 36.89
H12 D12 GA . -16.30 3.65 37.45
H13 D12 GA . -15.13 3.00 38.26
H21 D12 GA . -16.38 1.31 37.11
H22 D12 GA . -16.06 2.00 35.76
H31 D12 GA . -13.74 1.52 36.10
H32 D12 GA . -14.10 0.80 37.42
H41 D12 GA . -15.25 -0.87 36.27
H42 D12 GA . -15.07 -0.12 34.92
H51 D12 GA . -12.71 -0.50 35.06
H52 D12 GA . -12.94 -1.31 36.36
H61 D12 GA . -14.11 -2.96 35.18
H62 D12 GA . -14.08 -2.10 33.89
H71 D12 GA . -11.67 -2.36 33.87
H72 D12 GA . -11.82 -3.36 35.04
H81 D12 GA . -13.15 -4.77 33.63
H82 D12 GA . -12.91 -3.79 32.46
H91 D12 GA . -10.59 -4.28 32.51
H92 D12 GA . -10.82 -5.27 33.68
H101 D12 GA . -12.15 -6.62 32.24
H102 D12 GA . -11.88 -5.64 31.07
H111 D12 GA . -9.56 -6.20 31.17
H112 D12 GA . -9.86 -7.19 32.31
H121 D12 GA . -9.70 -8.37 30.24
H122 D12 GA . -11.13 -8.55 30.83
H123 D12 GA . -10.88 -7.53 29.68
C1 D12 HA . -9.05 2.69 32.33
C2 D12 HA . -9.22 1.27 32.87
C3 D12 HA . -8.34 0.25 32.16
C4 D12 HA . -9.02 -0.40 30.97
C5 D12 HA . -8.26 -1.63 30.46
C6 D12 HA . -9.00 -2.37 29.35
C7 D12 HA . -8.22 -3.56 28.81
C8 D12 HA . -8.94 -4.30 27.69
C9 D12 HA . -8.14 -5.46 27.11
C10 D12 HA . -8.94 -6.30 26.12
C11 D12 HA . -8.12 -7.39 25.46
C12 D12 HA . -8.94 -8.21 24.47
H11 D12 HA . -8.13 3.00 32.42
H12 D12 HA . -9.28 2.73 31.38
H13 D12 HA . -9.62 3.31 32.79
H21 D12 HA . -9.01 1.27 33.82
H22 D12 HA . -10.14 1.01 32.81
H31 D12 HA . -7.53 0.68 31.87
H32 D12 HA . -8.06 -0.43 32.80
H41 D12 HA . -9.92 -0.67 31.23
H42 D12 HA . -9.11 0.23 30.26
H51 D12 HA . -7.40 -1.34 30.13
H52 D12 HA . -8.10 -2.23 31.20
H61 D12 HA . -9.85 -2.67 29.68
H62 D12 HA . -9.19 -1.76 28.62
H71 D12 HA . -7.35 -3.27 28.50
H72 D12 HA . -8.04 -4.18 29.54
H81 D12 HA . -9.78 -4.62 28.00
H82 D12 HA . -9.13 -3.67 26.97
H91 D12 HA . -7.34 -5.12 26.68
H92 D12 HA . -7.83 -6.02 27.84
H101 D12 HA . -9.69 -6.69 26.57
H102 D12 HA . -9.31 -5.72 25.44
H111 D12 HA . -7.37 -6.99 25.00
H112 D12 HA . -7.75 -7.98 26.13
H121 D12 HA . -9.70 -8.65 24.90
H122 D12 HA . -9.29 -7.66 23.76
H123 D12 HA . -8.40 -8.91 24.07
C1 D12 IA . -12.07 4.95 33.09
C2 D12 IA . -12.98 4.06 32.26
C3 D12 IA . -12.30 2.77 31.82
C4 D12 IA . -13.22 1.81 31.06
C5 D12 IA . -12.52 0.53 30.64
C6 D12 IA . -13.38 -0.39 29.79
C7 D12 IA . -12.65 -1.65 29.32
C8 D12 IA . -13.46 -2.53 28.39
C9 D12 IA . -12.74 -3.80 27.97
C10 D12 IA . -13.45 -4.57 26.86
C11 D12 IA . -12.76 -5.89 26.52
C12 D12 IA . -13.38 -6.57 25.31
H11 D12 IA . -11.30 5.22 32.57
H12 D12 IA . -12.52 5.75 33.40
H13 D12 IA . -11.74 4.47 33.87
H21 D12 IA . -13.78 3.83 32.77
H22 D12 IA . -13.30 4.54 31.48
H31 D12 IA . -11.54 3.00 31.25
H32 D12 IA . -11.93 2.32 32.59
H41 D12 IA . -13.98 1.59 31.61
H42 D12 IA . -13.57 2.26 30.28
H51 D12 IA . -11.71 0.76 30.13
H52 D12 IA . -12.21 0.06 31.42
H61 D12 IA . -14.16 -0.65 30.30
H62 D12 IA . -13.72 0.09 29.02
H71 D12 IA . -11.82 -1.38 28.87
H72 D12 IA . -12.37 -2.16 30.10
H81 D12 IA . -14.29 -2.77 28.83
H82 D12 IA . -13.71 -2.02 27.61
H91 D12 IA . -11.84 -3.57 27.68
H92 D12 IA . -12.63 -4.38 28.74
H101 D12 IA . -14.36 -4.74 27.13
H102 D12 IA . -13.49 -4.02 26.07
H111 D12 IA . -11.82 -5.73 26.36
H112 D12 IA . -12.81 -6.48 27.29
H121 D12 IA . -12.86 -7.35 25.04
H122 D12 IA . -14.27 -6.87 25.49
H123 D12 IA . -13.42 -5.97 24.56
C1 D12 JA . 13.48 8.51 30.52
C2 D12 JA . 12.48 7.51 31.05
C3 D12 JA . 12.12 6.43 30.04
C4 D12 JA . 11.22 5.34 30.60
C5 D12 JA . 10.89 4.25 29.59
C6 D12 JA . 10.09 3.11 30.18
C7 D12 JA . 9.72 2.03 29.16
C8 D12 JA . 8.74 0.99 29.70
C9 D12 JA . 8.31 -0.03 28.66
C10 D12 JA . 7.14 -0.89 29.11
C11 D12 JA . 6.67 -1.89 28.06
C12 D12 JA . 5.38 -2.60 28.45
H11 D12 JA . 13.66 9.20 31.17
H12 D12 JA . 14.33 8.09 30.29
H13 D12 JA . 13.16 8.94 29.71
H21 D12 JA . 12.83 7.09 31.85
H22 D12 JA . 11.67 7.97 31.32
H31 D12 JA . 11.69 6.84 29.26
H32 D12 JA . 12.93 6.03 29.70
H41 D12 JA . 11.65 4.94 31.37
H42 D12 JA . 10.41 5.74 30.93
H51 D12 JA . 10.40 4.64 28.84
H52 D12 JA . 11.72 3.91 29.20
H61 D12 JA . 10.60 2.70 30.90
H62 D12 JA . 9.28 3.45 30.58
H71 D12 JA . 9.34 2.45 28.37
H72 D12 JA . 10.53 1.59 28.86
H81 D12 JA . 9.15 0.54 30.45
H82 D12 JA . 7.96 1.45 30.05
H91 D12 JA . 8.09 0.42 27.83
H92 D12 JA . 9.07 -0.61 28.45
H101 D12 JA . 7.39 -1.38 29.92
H102 D12 JA . 6.40 -0.32 29.37
H111 D12 JA . 6.55 -1.43 27.22
H112 D12 JA . 7.37 -2.54 27.90
H121 D12 JA . 5.09 -3.22 27.78
H122 D12 JA . 5.50 -3.09 29.28
H123 D12 JA . 4.66 -1.96 28.58
C1 D12 KA . -1.96 1.22 11.87
C2 D12 KA . -2.11 0.73 13.30
C3 D12 KA . -0.78 0.67 14.04
C4 D12 KA . -0.92 0.27 15.50
C5 D12 KA . 0.42 0.02 16.18
C6 D12 KA . 0.29 -0.24 17.68
C7 D12 KA . 1.63 -0.36 18.38
C8 D12 KA . 1.51 -0.54 19.90
C9 D12 KA . 2.85 -0.71 20.60
C10 D12 KA . 2.68 -1.18 22.04
C11 D12 KA . 4.00 -1.42 22.78
C12 D12 KA . 3.80 -2.10 24.12
H11 D12 KA . -1.38 0.64 11.35
H12 D12 KA . -2.81 1.27 11.41
H13 D12 KA . -1.57 2.11 11.84
H21 D12 KA . -2.72 1.31 13.78
H22 D12 KA . -2.52 -0.14 13.30
H31 D12 KA . -0.19 0.04 13.59
H32 D12 KA . -0.34 1.53 13.98
H41 D12 KA . -1.39 0.96 15.98
H42 D12 KA . -1.47 -0.53 15.57
H51 D12 KA . 0.84 -0.75 15.77
H52 D12 KA . 1.00 0.77 16.03
H61 D12 KA . -0.21 0.49 18.09
H62 D12 KA . -0.22 -1.04 17.83
H71 D12 KA . 2.13 -1.11 18.01
H72 D12 KA . 2.16 0.43 18.21
H81 D12 KA . 1.04 0.22 20.27
H82 D12 KA . 0.95 -1.32 20.07
H91 D12 KA . 3.39 -1.36 20.12
H92 D12 KA . 3.33 0.12 20.59
H101 D12 KA . 2.15 -0.54 22.53
H102 D12 KA . 2.16 -2.00 22.05
H111 D12 KA . 4.57 -1.96 22.22
H112 D12 KA . 4.45 -0.57 22.89
H121 D12 KA . 3.39 -2.97 24.02
H122 D12 KA . 3.23 -1.57 24.70
H123 D12 KA . 4.64 -2.22 24.58
C1 D12 LA . -8.54 -1.36 37.46
C2 D12 LA . -8.74 -2.51 36.49
C3 D12 LA . -7.53 -2.76 35.61
C4 D12 LA . -7.71 -3.94 34.65
C5 D12 LA . -6.52 -4.14 33.72
C6 D12 LA . -6.70 -5.31 32.76
C7 D12 LA . -5.48 -5.56 31.88
C8 D12 LA . -5.72 -6.62 30.81
C9 D12 LA . -4.51 -6.85 29.91
C10 D12 LA . -4.79 -7.82 28.76
C11 D12 LA . -3.58 -8.05 27.86
C12 D12 LA . -3.88 -9.04 26.74
H11 D12 LA . -8.33 -0.54 37.00
H12 D12 LA . -9.33 -1.20 38.01
H13 D12 LA . -7.81 -1.55 38.08
H21 D12 LA . -8.96 -3.31 36.98
H22 D12 LA . -9.51 -2.33 35.93
H31 D12 LA . -7.33 -1.96 35.10
H32 D12 LA . -6.76 -2.92 36.17
H41 D12 LA . -7.86 -4.75 35.17
H42 D12 LA . -8.51 -3.80 34.12
H51 D12 LA . -6.37 -3.32 33.21
H52 D12 LA . -5.72 -4.28 34.24
H61 D12 LA . -6.90 -6.12 33.26
H62 D12 LA . -7.48 -5.15 32.20
H71 D12 LA . -5.22 -4.73 31.45
H72 D12 LA . -4.73 -5.82 32.43
H81 D12 LA . -5.96 -7.46 31.25
H82 D12 LA . -6.48 -6.37 30.27
H91 D12 LA . -4.21 -6.01 29.56
H92 D12 LA . -3.77 -7.20 30.44
H101 D12 LA . -5.09 -8.67 29.13
H102 D12 LA . -5.53 -7.48 28.24
H111 D12 LA . -3.30 -7.20 27.48
H112 D12 LA . -2.85 -8.37 28.39
H121 D12 LA . -3.10 -9.15 26.16
H122 D12 LA . -4.11 -9.91 27.09
H123 D12 LA . -4.61 -8.73 26.19
C1 D12 MA . 19.23 4.66 35.43
C2 D12 MA . 18.30 3.47 35.32
C3 D12 MA . 18.85 2.38 34.41
C4 D12 MA . 17.90 1.20 34.25
C5 D12 MA . 18.36 0.17 33.22
C6 D12 MA . 17.35 -0.96 33.03
C7 D12 MA . 17.71 -1.90 31.89
C8 D12 MA . 16.60 -2.89 31.57
C9 D12 MA . 16.95 -3.90 30.49
C10 D12 MA . 15.83 -4.88 30.18
C11 D12 MA . 16.19 -5.91 29.12
C12 D12 MA . 15.03 -6.85 28.81
H11 D12 MA . 19.38 5.07 34.57
H12 D12 MA . 18.88 5.35 36.02
H13 D12 MA . 20.11 4.40 35.77
H21 D12 MA . 18.13 3.11 36.19
H22 D12 MA . 17.43 3.76 34.98
H31 D12 MA . 19.05 2.75 33.54
H32 D12 MA . 19.70 2.06 34.76
H41 D12 MA . 17.77 0.76 35.11
H42 D12 MA . 17.02 1.53 34.00
H51 D12 MA . 18.52 0.60 32.38
H52 D12 MA . 19.21 -0.20 33.51
H61 D12 MA . 17.27 -1.46 33.85
H62 D12 MA . 16.48 -0.58 32.87
H71 D12 MA . 17.92 -1.39 31.09
H72 D12 MA . 18.52 -2.39 32.11
H81 D12 MA . 16.36 -3.37 32.38
H82 D12 MA . 15.80 -2.41 31.31
H91 D12 MA . 17.20 -3.43 29.68
H92 D12 MA . 17.75 -4.39 30.75
H101 D12 MA . 15.58 -5.33 30.99
H102 D12 MA . 15.05 -4.38 29.89
H111 D12 MA . 16.46 -5.45 28.31
H112 D12 MA . 16.96 -6.42 29.41
H121 D12 MA . 15.26 -7.49 28.11
H122 D12 MA . 14.77 -7.36 29.59
H123 D12 MA . 14.26 -6.36 28.52
C1 D12 NA . 19.34 2.99 27.41
C2 D12 NA . 19.39 1.64 28.09
C3 D12 NA . 19.20 0.47 27.13
C4 D12 NA . 17.75 0.06 26.95
C5 D12 NA . 17.60 -1.28 26.22
C6 D12 NA . 16.17 -1.77 26.16
C7 D12 NA . 16.02 -3.08 25.40
C8 D12 NA . 14.57 -3.57 25.31
C9 D12 NA . 14.42 -4.85 24.50
C10 D12 NA . 13.02 -5.43 24.58
C11 D12 NA . 12.81 -6.64 23.68
C12 D12 NA . 11.39 -7.20 23.77
H11 D12 NA . 20.05 3.08 26.75
H12 D12 NA . 18.50 3.14 26.96
H13 D12 NA . 19.46 3.71 28.05
H21 D12 NA . 20.24 1.53 28.56
H22 D12 NA . 18.70 1.59 28.78
H31 D12 NA . 19.57 0.72 26.26
H32 D12 NA . 19.73 -0.28 27.43
H41 D12 NA . 17.33 -0.01 27.82
H42 D12 NA . 17.27 0.75 26.47
H51 D12 NA . 17.95 -1.19 25.33
H52 D12 NA . 18.15 -1.94 26.67
H61 D12 NA . 15.81 -1.88 27.06
H62 D12 NA . 15.62 -1.10 25.74
H71 D12 NA . 16.38 -2.98 24.51
H72 D12 NA . 16.56 -3.76 25.82
H81 D12 NA . 14.23 -3.69 26.20
H82 D12 NA . 14.03 -2.87 24.90
H91 D12 NA . 14.65 -4.68 23.58
H92 D12 NA . 15.06 -5.51 24.82
H101 D12 NA . 12.80 -5.66 25.49
H102 D12 NA . 12.37 -4.74 24.32
H111 D12 NA . 13.01 -6.41 22.76
H112 D12 NA . 13.45 -7.34 23.94
H121 D12 NA . 11.17 -7.47 24.68
H122 D12 NA . 10.74 -6.55 23.49
H123 D12 NA . 11.29 -7.98 23.20
C1 D12 OA . 18.47 5.85 29.84
C2 D12 OA . 17.09 5.24 30.11
C3 D12 OA . 16.94 3.86 29.50
C4 D12 OA . 15.62 3.18 29.83
C5 D12 OA . 15.49 1.80 29.20
C6 D12 OA . 14.13 1.14 29.43
C7 D12 OA . 14.00 -0.21 28.75
C8 D12 OA . 12.62 -0.84 28.89
C9 D12 OA . 12.52 -2.22 28.26
C10 D12 OA . 11.09 -2.74 28.17
C11 D12 OA . 11.00 -4.17 27.63
C12 D12 OA . 9.57 -4.62 27.39
H11 D12 OA . 18.61 5.97 28.89
H12 D12 OA . 18.57 6.71 30.27
H13 D12 OA . 19.18 5.28 30.18
H21 D12 OA . 16.95 5.18 31.07
H22 D12 OA . 16.41 5.83 29.77
H31 D12 OA . 17.04 3.93 28.53
H32 D12 OA . 17.68 3.29 29.79
H41 D12 OA . 15.52 3.11 30.79
H42 D12 OA . 14.89 3.74 29.52
H51 D12 OA . 15.66 1.86 28.25
H52 D12 OA . 16.18 1.23 29.56
H61 D12 OA . 13.98 1.05 30.39
H62 D12 OA . 13.43 1.73 29.11
H71 D12 OA . 14.22 -0.13 27.82
H72 D12 OA . 14.66 -0.82 29.12
H81 D12 OA . 12.38 -0.89 29.83
H82 D12 OA . 11.96 -0.25 28.49
H91 D12 OA . 12.89 -2.19 27.36
H92 D12 OA . 13.05 -2.85 28.76
H101 D12 OA . 10.68 -2.72 29.05
H102 D12 OA . 10.56 -2.16 27.61
H111 D12 OA . 11.51 -4.22 26.80
H112 D12 OA . 11.44 -4.77 28.25
H121 D12 OA . 9.54 -5.48 26.94
H122 D12 OA . 9.09 -4.72 28.23
H123 D12 OA . 9.08 -3.99 26.85
C1 D12 PA . 33.16 3.54 8.60
C2 D12 PA . 32.74 2.77 9.84
C3 D12 PA . 31.54 1.86 9.59
C4 D12 PA . 31.20 0.97 10.78
C5 D12 PA . 30.02 0.04 10.53
C6 D12 PA . 29.75 -0.91 11.68
C7 D12 PA . 28.55 -1.82 11.44
C8 D12 PA . 28.15 -2.63 12.67
C9 D12 PA . 26.90 -3.47 12.46
C10 D12 PA . 26.35 -4.06 13.74
C11 D12 PA . 25.06 -4.86 13.55
C12 D12 PA . 24.42 -5.27 14.87
H11 D12 PA . 33.90 4.13 8.79
H12 D12 PA . 33.43 2.95 7.88
H13 D12 PA . 32.42 4.07 8.26
H21 D12 PA . 33.48 2.23 10.16
H22 D12 PA . 32.53 3.39 10.55
H31 D12 PA . 30.76 2.39 9.36
H32 D12 PA . 31.72 1.30 8.83
H41 D12 PA . 31.98 0.44 11.03
H42 D12 PA . 31.01 1.53 11.55
H51 D12 PA . 29.22 0.58 10.35
H52 D12 PA . 30.18 -0.46 9.72
H61 D12 PA . 30.53 -1.46 11.83
H62 D12 PA . 29.61 -0.41 12.50
H71 D12 PA . 27.79 -1.28 11.16
H72 D12 PA . 28.74 -2.42 10.71
H81 D12 PA . 28.88 -3.20 12.93
H82 D12 PA . 28.00 -2.03 13.41
H91 D12 PA . 26.22 -2.94 12.03
H92 D12 PA . 27.10 -4.20 11.84
H101 D12 PA . 27.02 -4.63 14.16
H102 D12 PA . 26.18 -3.34 14.38
H111 D12 PA . 24.43 -4.34 13.04
H112 D12 PA . 25.25 -5.65 13.02
H121 D12 PA . 23.61 -5.78 14.73
H122 D12 PA . 25.02 -5.82 15.40
H123 D12 PA . 24.19 -4.49 15.41
C1 D12 QA . 7.99 1.01 9.01
C2 D12 QA . 8.90 0.49 10.12
C3 D12 QA . 10.27 0.08 9.62
C4 D12 QA . 11.22 -0.34 10.73
C5 D12 QA . 12.52 -0.94 10.21
C6 D12 QA . 13.52 -1.22 11.32
C7 D12 QA . 14.88 -1.69 10.80
C8 D12 QA . 15.91 -1.93 11.89
C9 D12 QA . 17.24 -2.44 11.39
C10 D12 QA . 18.15 -2.94 12.51
C11 D12 QA . 19.47 -3.51 12.04
C12 D12 QA . 20.23 -4.19 13.17
H11 D12 QA . 7.86 0.34 8.32
H12 D12 QA . 7.13 1.28 9.34
H13 D12 QA . 8.40 1.79 8.58
H21 D12 QA . 8.99 1.17 10.81
H22 D12 QA . 8.47 -0.26 10.55
H31 D12 QA . 10.18 -0.63 8.97
H32 D12 QA . 10.66 0.83 9.13
H41 D12 QA . 11.41 0.41 11.31
H42 D12 QA . 10.77 -1.00 11.30
H51 D12 QA . 12.33 -1.75 9.73
H52 D12 QA . 12.92 -0.32 9.57
H61 D12 QA . 13.66 -0.43 11.86
H62 D12 QA . 13.17 -1.90 11.92
H71 D12 QA . 14.76 -2.52 10.30
H72 D12 QA . 15.23 -1.04 10.17
H81 D12 QA . 16.04 -1.10 12.38
H82 D12 QA . 15.54 -2.56 12.54
H91 D12 QA . 17.10 -3.16 10.76
H92 D12 QA . 17.70 -1.74 10.91
H101 D12 QA . 18.31 -2.21 13.14
H102 D12 QA . 17.67 -3.61 13.02
H111 D12 QA . 19.32 -4.13 11.33
H112 D12 QA . 20.02 -2.79 11.67
H121 D12 QA . 19.74 -4.94 13.53
H122 D12 QA . 20.42 -3.57 13.89
H123 D12 QA . 21.09 -4.53 12.85
C1 D12 RA . 27.86 -4.65 -19.58
C2 D12 RA . 28.40 -5.38 -18.35
C3 D12 RA . 27.29 -5.96 -17.49
C4 D12 RA . 27.81 -6.81 -16.33
C5 D12 RA . 26.70 -7.41 -15.49
C6 D12 RA . 27.21 -8.35 -14.40
C7 D12 RA . 26.11 -8.93 -13.53
C8 D12 RA . 26.64 -9.69 -12.32
C9 D12 RA . 25.54 -10.21 -11.40
C10 D12 RA . 26.06 -10.72 -10.07
C11 D12 RA . 24.96 -11.19 -9.12
C12 D12 RA . 25.48 -11.51 -7.72
H11 D12 RA . 28.58 -4.26 -20.10
H12 D12 RA . 27.39 -5.26 -20.17
H13 D12 RA . 27.26 -3.95 -19.34
H21 D12 RA . 29.00 -6.08 -18.62
H22 D12 RA . 28.92 -4.76 -17.82
H31 D12 RA . 26.73 -5.25 -17.14
H32 D12 RA . 26.71 -6.51 -18.05
H41 D12 RA . 28.38 -7.52 -16.68
H42 D12 RA . 28.38 -6.27 -15.77
H51 D12 RA . 26.18 -6.71 -15.08
H52 D12 RA . 26.10 -7.90 -16.07
H61 D12 RA . 27.71 -9.07 -14.81
H62 D12 RA . 27.84 -7.87 -13.84
H71 D12 RA . 25.53 -8.22 -13.23
H72 D12 RA . 25.56 -9.53 -14.06
H81 D12 RA . 27.18 -10.44 -12.61
H82 D12 RA . 27.24 -9.12 -11.81
H91 D12 RA . 24.89 -9.51 -11.24
H92 D12 RA . 25.06 -10.92 -11.85
H101 D12 RA . 26.67 -11.45 -10.22
H102 D12 RA . 26.57 -10.02 -9.63
H111 D12 RA . 24.27 -10.50 -9.06
H112 D12 RA . 24.53 -11.97 -9.49
H121 D12 RA . 24.76 -11.80 -7.13
H122 D12 RA . 26.14 -12.21 -7.75
H123 D12 RA . 25.88 -10.73 -7.32
C1 D12 SA . 11.98 -1.26 -0.21
C2 D12 SA . 13.28 -2.04 -0.08
C3 D12 SA . 13.69 -2.73 -1.37
C4 D12 SA . 15.04 -3.43 -1.29
C5 D12 SA . 15.35 -4.28 -2.51
C6 D12 SA . 16.75 -4.86 -2.51
C7 D12 SA . 17.11 -5.60 -3.78
C8 D12 SA . 18.55 -6.12 -3.79
C9 D12 SA . 18.90 -6.91 -5.04
C10 D12 SA . 20.22 -7.65 -4.92
C11 D12 SA . 20.58 -8.48 -6.14
C12 D12 SA . 21.78 -9.39 -5.87
H11 D12 SA . 11.25 -1.85 -0.45
H12 D12 SA . 11.73 -0.82 0.62
H13 D12 SA . 12.05 -0.58 -0.89
H21 D12 SA . 13.99 -1.43 0.20
H22 D12 SA . 13.19 -2.70 0.63
H31 D12 SA . 13.01 -3.37 -1.61
H32 D12 SA . 13.70 -2.08 -2.08
H41 D12 SA . 15.74 -2.76 -1.17
H42 D12 SA . 15.06 -3.99 -0.49
H51 D12 SA . 14.71 -5.00 -2.56
H52 D12 SA . 15.22 -3.74 -3.31
H61 D12 SA . 17.40 -4.14 -2.35
H62 D12 SA . 16.86 -5.46 -1.74
H71 D12 SA . 16.49 -6.34 -3.90
H72 D12 SA . 16.98 -5.02 -4.54
H81 D12 SA . 19.15 -5.37 -3.70
H82 D12 SA . 18.68 -6.68 -3.02
H91 D12 SA . 18.19 -7.53 -5.24
H92 D12 SA . 18.95 -6.30 -5.80
H101 D12 SA . 20.93 -7.01 -4.74
H102 D12 SA . 20.18 -8.23 -4.14
H111 D12 SA . 19.81 -9.02 -6.39
H112 D12 SA . 20.77 -7.90 -6.88
H121 D12 SA . 21.60 -10.02 -5.16
H122 D12 SA . 22.56 -8.87 -5.63
H123 D12 SA . 22.00 -9.91 -6.66
C1 D12 TA . 22.79 -1.32 30.96
C2 D12 TA . 21.71 -2.35 30.64
C3 D12 TA . 21.75 -2.82 29.19
C4 D12 TA . 20.68 -3.87 28.88
C5 D12 TA . 20.68 -4.29 27.41
C6 D12 TA . 19.63 -5.34 27.08
C7 D12 TA . 19.67 -5.82 25.63
C8 D12 TA . 18.51 -6.74 25.26
C9 D12 TA . 18.54 -7.19 23.82
C10 D12 TA . 17.31 -8.00 23.42
C11 D12 TA . 17.34 -8.46 21.96
C12 D12 TA . 16.11 -9.29 21.59
H11 D12 TA . 22.72 -0.55 30.38
H12 D12 TA . 22.73 -1.00 31.88
H13 D12 TA . 23.68 -1.70 30.85
H21 D12 TA . 21.79 -3.10 31.24
H22 D12 TA . 20.84 -1.95 30.83
H31 D12 TA . 21.64 -2.06 28.61
H32 D12 TA . 22.62 -3.19 29.01
H41 D12 TA . 20.82 -4.65 29.44
H42 D12 TA . 19.81 -3.52 29.11
H51 D12 TA . 20.55 -3.51 26.85
H52 D12 TA . 21.56 -4.64 27.18
H61 D12 TA . 19.73 -6.10 27.68
H62 D12 TA . 18.75 -4.97 27.27
H71 D12 TA . 19.66 -5.04 25.05
H72 D12 TA . 20.51 -6.27 25.47
H81 D12 TA . 18.53 -7.52 25.85
H82 D12 TA . 17.68 -6.29 25.45
H91 D12 TA . 18.62 -6.42 23.24
H92 D12 TA . 19.34 -7.73 23.66
H101 D12 TA . 17.24 -8.78 24.00
H102 D12 TA . 16.52 -7.47 23.58
H111 D12 TA . 17.39 -7.68 21.39
H112 D12 TA . 18.14 -8.97 21.80
H121 D12 TA . 16.13 -9.56 20.65
H122 D12 TA . 16.07 -10.10 22.12
H123 D12 TA . 15.30 -8.80 21.74
C1 D12 UA . 39.74 -1.79 8.05
C2 D12 UA . 38.84 -2.72 8.85
C3 D12 UA . 38.29 -3.87 8.00
C4 D12 UA . 37.34 -4.79 8.78
C5 D12 UA . 36.67 -5.84 7.91
C6 D12 UA . 35.67 -6.69 8.69
C7 D12 UA . 34.85 -7.63 7.82
C8 D12 UA . 33.73 -8.31 8.58
C9 D12 UA . 32.94 -9.32 7.75
C10 D12 UA . 31.82 -9.99 8.53
C11 D12 UA . 31.05 -11.02 7.73
C12 D12 UA . 29.91 -11.65 8.51
H11 D12 UA . 39.25 -1.38 7.33
H12 D12 UA . 40.09 -1.08 8.61
H13 D12 UA . 40.49 -2.27 7.67
H21 D12 UA . 39.33 -3.10 9.60
H22 D12 UA . 38.10 -2.23 9.22
H31 D12 UA . 37.83 -3.51 7.23
H32 D12 UA . 39.02 -4.39 7.64
H41 D12 UA . 37.84 -5.23 9.48
H42 D12 UA . 36.67 -4.25 9.22
H51 D12 UA . 36.22 -5.41 7.18
H52 D12 UA . 37.34 -6.41 7.51
H61 D12 UA . 36.15 -7.22 9.35
H62 D12 UA . 35.08 -6.11 9.19
H71 D12 UA . 34.48 -7.13 7.08
H72 D12 UA . 35.43 -8.30 7.42
H81 D12 UA . 34.11 -8.77 9.36
H82 D12 UA . 33.13 -7.65 8.94
H91 D12 UA . 32.57 -8.87 6.98
H92 D12 UA . 33.55 -10.00 7.40
H101 D12 UA . 32.19 -10.41 9.32
H102 D12 UA . 31.21 -9.31 8.86
H111 D12 UA . 30.69 -10.60 6.92
H112 D12 UA . 31.65 -11.71 7.41
H121 D12 UA . 29.41 -12.29 7.97
H122 D12 UA . 30.25 -12.13 9.29
H123 D12 UA . 29.29 -10.98 8.83
C1 D12 VA . 33.42 -3.01 2.99
C2 D12 VA . 33.70 -4.39 3.60
C3 D12 VA . 32.64 -5.42 3.27
C4 D12 VA . 31.52 -5.48 4.29
C5 D12 VA . 30.63 -6.70 4.13
C6 D12 VA . 29.57 -6.84 5.22
C7 D12 VA . 28.66 -8.04 5.02
C8 D12 VA . 27.59 -8.18 6.11
C9 D12 VA . 26.64 -9.34 5.89
C10 D12 VA . 25.71 -9.58 7.06
C11 D12 VA . 24.67 -10.67 6.81
C12 D12 VA . 23.76 -10.89 8.00
H11 D12 VA . 33.37 -3.06 2.02
H12 D12 VA . 32.58 -2.65 3.30
H13 D12 VA . 34.11 -2.38 3.22
H21 D12 VA . 34.57 -4.70 3.28
H22 D12 VA . 33.79 -4.30 4.56
H31 D12 VA . 32.26 -5.21 2.40
H32 D12 VA . 33.05 -6.29 3.18
H41 D12 VA . 31.90 -5.48 5.19
H42 D12 VA . 30.98 -4.67 4.24
H51 D12 VA . 30.18 -6.64 3.27
H52 D12 VA . 31.17 -7.50 4.10
H61 D12 VA . 30.02 -6.92 6.08
H62 D12 VA . 29.04 -6.04 5.26
H71 D12 VA . 28.23 -7.98 4.16
H72 D12 VA . 29.19 -8.85 4.99
H81 D12 VA . 28.02 -8.26 6.96
H82 D12 VA . 27.08 -7.35 6.15
H91 D12 VA . 26.12 -9.18 5.08
H92 D12 VA . 27.16 -10.14 5.71
H101 D12 VA . 26.23 -9.81 7.84
H102 D12 VA . 25.25 -8.76 7.27
H111 D12 VA . 24.16 -10.44 6.03
H112 D12 VA . 25.13 -11.50 6.60
H121 D12 VA . 24.25 -11.14 8.80
H122 D12 VA . 23.25 -10.09 8.21
H123 D12 VA . 23.11 -11.59 7.82
C1 D12 WA . 35.25 -0.16 4.82
C2 D12 WA . 34.49 -0.45 6.10
C3 D12 WA . 33.66 -1.72 6.02
C4 D12 WA . 32.95 -2.10 7.31
C5 D12 WA . 32.14 -3.39 7.21
C6 D12 WA . 31.34 -3.71 8.46
C7 D12 WA . 30.48 -4.96 8.31
C8 D12 WA . 29.61 -5.26 9.51
C9 D12 WA . 28.80 -6.54 9.37
C10 D12 WA . 27.74 -6.72 10.46
C11 D12 WA . 27.00 -8.06 10.37
C12 D12 WA . 25.85 -8.15 11.35
H11 D12 WA . 34.65 -0.04 4.07
H12 D12 WA . 35.80 0.63 4.90
H13 D12 WA . 35.84 -0.91 4.59
H21 D12 WA . 35.11 -0.53 6.85
H22 D12 WA . 33.91 0.29 6.32
H31 D12 WA . 33.01 -1.63 5.31
H32 D12 WA . 34.23 -2.46 5.75
H41 D12 WA . 33.60 -2.19 8.03
H42 D12 WA . 32.36 -1.37 7.58
H51 D12 WA . 31.53 -3.31 6.45
H52 D12 WA . 32.73 -4.12 7.00
H61 D12 WA . 31.95 -3.82 9.21
H62 D12 WA . 30.78 -2.97 8.69
H71 D12 WA . 29.93 -4.88 7.52
H72 D12 WA . 31.06 -5.72 8.14
H81 D12 WA . 30.15 -5.31 10.31
H82 D12 WA . 29.00 -4.52 9.66
H91 D12 WA . 28.37 -6.55 8.51
H92 D12 WA . 29.40 -7.30 9.39
H101 D12 WA . 28.16 -6.65 11.33
H102 D12 WA . 27.10 -6.00 10.41
H111 D12 WA . 26.68 -8.17 9.47
H112 D12 WA . 27.63 -8.78 10.53
H121 D12 WA . 25.32 -8.95 11.21
H122 D12 WA . 26.17 -8.18 12.27
H123 D12 WA . 25.25 -7.39 11.27
#